data_5M5X
#
_entry.id   5M5X
#
_cell.length_a   1.000
_cell.length_b   1.000
_cell.length_c   1.000
_cell.angle_alpha   90.00
_cell.angle_beta   90.00
_cell.angle_gamma   90.00
#
_symmetry.space_group_name_H-M   'P 1'
#
loop_
_entity.id
_entity.type
_entity.pdbx_description
1 polymer 'DNA-directed RNA polymerase I subunit RPA190'
2 polymer 'DNA-directed RNA polymerase I subunit RPA135'
3 polymer 'DNA-directed RNA polymerases I and III subunit RPAC1'
4 polymer 'DNA-directed RNA polymerase I subunit RPA14'
5 polymer 'DNA-directed RNA polymerases I, II, and III subunit RPABC1'
6 polymer 'DNA-directed RNA polymerases I, II, and III subunit RPABC2'
7 polymer 'DNA-directed RNA polymerase I subunit RPA43'
8 polymer 'DNA-directed RNA polymerases I, II, and III subunit RPABC3'
9 polymer 'DNA-directed RNA polymerase I subunit RPA12'
10 polymer 'DNA-directed RNA polymerases I, II, and III subunit RPABC5'
11 polymer 'DNA-directed RNA polymerases I and III subunit RPAC2'
12 polymer 'DNA-directed RNA polymerases I, II, and III subunit RPABC4'
13 polymer 'DNA-directed RNA polymerase I subunit RPA49'
14 polymer 'DNA-directed RNA polymerase I subunit RPA34'
15 polymer RNA
16 polymer 'Non-template DNA'
17 polymer 'Template DNA'
18 non-polymer 'ZINC ION'
#
loop_
_entity_poly.entity_id
_entity_poly.type
_entity_poly.pdbx_seq_one_letter_code
_entity_poly.pdbx_strand_id
1 'polypeptide(L)'
;MDISKPVGSEITSVDFGILTAKEIRNLSAKQITNPTVLDNLGHPVSGGLYDLALGAFLRNLCSTCGLDEKFCPGHQGHIE
LPVPCYNPLFFNQLYIYLRASCLFCHHFRLKSVEVHRYACKLRLLQYGLIDESYKLDEITLGSLNSSMYTDDEAIEDNED
EMDGEGSKQSKDISSTLLNELKSKRSEYVDMAIAKALSDGRTTERGSFTATVNDERKKLVHEFHKKLLSRGKCDNCGMFS
PKFRKDGFTKIFETALNEKQITNNRVKGFIRQDMIKKQKQAKKLDGSNEASANDEESFDVGRNPTTRPKTGSTYILSTEV
KNILDTVFRKEQCVLQYVFHSRPNLSRKLVKADSFFMDVLVVPPTRFRLPSKLGEEVHENSQNQLLSKVLTTSLLIRDLN
DDLSKLQKDKVSLEDRRVIFSRLMNAFVTIQNDVNAFIDSTKAQGRTSGKVPIPGVKQALEKKEGLFRKHMMGKRVNYAA
RSVISPDPNIETNEIGVPPVFAVKLTYPEPVTAYNIAELRQAVINGPDKWPGATQIQNEDGSLVSLIGMSVEQRKALANQ
LLTPSSNVSTHTLNKKVYRHIKNRDVVLMNRQPTLHKASMMGHKVRVLPNEKTLRLHYANTGAYNADFDGDEMNMHFPQN
ENARAEALNLANTDSQYLTPTSGSPVRGLIQDHISAGVWLTSKDSFFTREQYQQYIYGCIRPEDGHTTRSKIVTLPPTIF
KPYPLWTGKQIITTVLLNVTPPDMPGINLISKNKIKNEYWGKGSLENEVLFKDGALLCGILDKSQYGASKYGIVHSLHEV
YGPEVAAKVLSVLGRLFTNYITATAFTCGMDDLRLTAEGNKWRTDILKTSVDTGREAAAEVTNLDKDTPADDPELLKRLQ
EILRDNNKSGILDAVTSSKVNAITSQVVSKCVPDGTMKKFPCNSMQAMALSGAKGSNVNVSQIMCLLGQQALEGRRVPVM
VSGKTLPSFKPYETDAMAGGYVKGRFYSGIKPQEYYFHCMAGREGLIDTAVKTSRSGYLQRCLTKQLEGVHVSYDNSIRD
ADGTLVQFMYGGDAIDITKESHMTQFEFCLDNYYALLKKYNPSALIEHLDVESALKYSKKTLKYRKKHSKEPHYKQSVKY
DPVLAKYNPAKYLGSVSENFQDKLESFLDKNSKLFKSSDGVNEKKFRALMQLKYMRSLINPGEAVGIIASQSVGEPSTQM
TLNTFHFAGHGAANVTLGIPRLREIVMTASAAIKTPQMTLPIWNDVSDEQADTFCKSISKVLLSEVIDKVIVTETTGTSN
TAGGNAARSYVIHMRFFDNNEYSEEYDVSKEELQNVISNQFIHLLEAAIVKEIKKQKRTTGPDIGVAVPRLQTDVANSSS
NSKRLEEDNDEEQSHKKTKQAVSYDEPDEDEIETMREAEKSSDEEGIDSDKESDSDSEDEDVDMNEQINKSIVEANNNMN
KVQRDRQSAIISHHRFITKYNFDDESGKWCEFKLELAADTEKLLMVNIVEEICRKSIIRQIPHIDRCVHPEPENGKRVLV
TEGVNFQAMWDQEAFIDVDGITSNDVAAVLKTYGVEAARNTIVNEINNVFSRYAISVSFRHLDLIADMMTRQGTYLAFNR
QGMETSTSSFMKMSYETTCQFLTKAVLDNEREQLDSPSARIVVGKLNNVGTGSFDVLAKVPNAA
;
A
2 'polypeptide(L)'
;MSKVIKPPGQARTADFRTLERESRFINPPKDKSAFPLLQEAVQPHIGSFNALTEGPDGGLLNLGVKDIGEKVIFDGKPLN
SEDEISNSGYLGNKLSVSVEQVSIAKPMSNDGVSSAVERKVYPSESRQRLTSYRGKLLLKLKWSVNNGEENLFEVRDCGG
LPVMLQSNRCHLNKMSPYELVQHKEESDEIGGYFIVNGIEKLIRMLIVQRRNHPMAIIRPSFANRGASYSHYGIQIRSVR
PDQTSQTNVLHYLNDGQVTFRFSWRKNEYLVPVVMILKALCHTSDREIFDGIIGNDVKDSFLTDRLELLLRGFKKRYPHL
QNRTQVLQYLGDKFRVVFQASPDQSDLEVGQEVLDRIVLVHLGKDGSQDKFRMLLFMIRKLYSLVAGECSPDNPDATQHQ
EVLLGGFLYGMILKEKIDEYLQNIIAQVRMDINRGMAINFKDKRYMSRVLMRVNENIGSKMQYFLSTGNLVSQSGLDLQQ
VSGYTVVAEKINFYRFISHFRMVHRGSFFAQLKTTTVRKLLPESWGFLCPVHTPDGSPCGLLNHFAHKCRISTQQSDVSR
IPSILYSLGVAPASHTFAAGPSLCCVQIDGKIIGWVSHEQGKIIADTLRYWKVEGKTPGLPIDLEIGYVPPSTRGQYPGL
YLFGGHSRMLRPVRYLPLDKEDIVGPFEQVYMNIAVTPQEIQNNVHTHVEFTPTNILSILANLTPFSDFNQSPRNMYQCQ
MGKQTMGTPGVALCHRSDNKLYRLQTGQTPIVKANLYDDYGMDNFPNGFNAVVAVISYTGYDMDDAMIINKSADERGFGY
GTMYKTEKVDLALNRNRGDPITQHFGFGNDEWPKEWLEKLDEDGLPYIGTYVEEGDPICAYFDDTLNKTKIKTYHSSEPA
YIEEVNLIGDESNKFQELQTVSIKYRIRRTPQIGDKFSSRHGQKGVCSRKWPTIDMPFSETGIQPDIIINPHAFPSRMTI
GMFVESLAGKAGALHGIAQDSTPWIFNEDDTPADYFGEQLAKAGYNYHGNEPMYSGATGEELRADIYVGVVYYQRLRHMV
NDKFQVRSTGPVNSLTMQPVKGRKRHGGIRVGEMERDALIGHGTSFLLQDRLLNSSDYTQASVCRECGSILTTQQSVPRI
GSISTVCCRRCSMRFEDAKKLLTKSEDGEKIFIDDSQIWEDGQGNKFVGGNETTTVAIPFVLKYLDSELSAMGIRLRYNV
EPK
;
B
3 'polypeptide(L)'
;MSNIVGIEYNRVTNTTSTDFPGFSKDAENEWNVEKFKKDFEVNISSLDAREANFDLINIDTSIANAFRRIMISEVPSVAA
EYVYFFNNTSVIQDEVLAHRIGLVPLKVDPDMLTWVDSNLPDDEKFTDENTIVLSLNVKCTRNPDAPKGSTDPKELYNNA
HVYARDLKFEPQGRQSTTFADCPVVPADPDILLAKLRPGQEISLKAHCILGIGGDHAKFSPVSTASYRLLPQINILQPIK
GESARRFQKCFPPGVIGIDEGSDEAYVKDARKDTVSREVLRYEEFADKVKLGRVRNHFIFNVESAGAMTPEEIFFKSVRI
LKNKAEYLKNCPITQ
;
C
4 'polypeptide(L)'
;MMKGSRRTGNNTATTLNTPVVIHATQLPQHVSTDEVLQFLESFIDEKENIIDSTTMNTISGNAADADAAAVANTSLNIDT
NLSSSISQLKRIQRDFKGLPPAQDFSAAPIQVSTTEKKETSIGVSATGGKKTTFADE
;
D
5 'polypeptide(L)'
;MDQENERNISRLWRAFRTVKEMVKDRGYFITQEEVELPLEDFKAKYCDSMGRPQRKMMSFQANPTEESISKFPDMGSLWV
EFCDEPSVGVKTMKTFVIHIQEKNFQTGIFVYQNNITPSAMKLVPSIPPATIETFNEAALVVNITHHELVPKHIRLSSDE
KRELLKRYRLKESQLPRIQRADPVALYLGLKRGEVVKIIRKSETSGRYASYRICM
;
E
6 'polypeptide(L)'
;MSDYEEAFNDGNENFEDFDVEHFSDEETYEEKPQFKDGETTDANGKTIVTGGNGPEDFQQHEQIRRKTLKEKAIPKDQRA
TTPYMTKYERARILGTRALQISMNAPVFVDLEGETDPLRIAMKELAEKKIPLVIRRYLPDGSFEDWSVEELIVDL
;
F
7 'polypeptide(L)'
;MSQVKRANENRETARFIKKHKKQVTNPIDEKNGTSNCIVRVPIALYVSLAPMYLENPLQGVMKQHLNPLVMKYNNKVGGV
VLGYEGLKILDADPLSKEDTSEKLIKITPDTPFGFTWCHVNLYVWQPQVGDVLEGYIFIQSASHIGLLIHDAFNASIKKN
NIPVDWTFVHNDVEEDADVINTDENNGNNNNEDNKDSNGGSNSLGKFSFGNRSLGHWVDSNGEPIDGKLRFTVRNVHTTG
RVVSVDGTLISDADEEGNGYNSSRSQAESLPIVSNKKIVFDDEVSIENKESHKELDLPEVKEDNGSEIVYEENTSESNDG
ESSDSD
;
G
8 'polypeptide(L)'
;MSNTLFDDIFQVSEVDPGRYNKVCRIEAASTTQDQCKLTLDINVELFPVAAQDSLTVTIASSLNLEDTPANDSSATRSWR
PPQAGDRSLADDYDYVMYGTAYKFEEVSKDLIAVYYSFGGLLMRLEGNYRNLNNLKQENAYLLIRR
;
H
9 'polypeptide(L)'
;MSVVGSLIFCLDCGDLLENPNAVLGSNVECSQCKAIYPKSQFSNLKVVTTTADDAFPSSLRAKKSVVKTSLKKNELKDGA
TIKEKCPQCGNEEMNYHTLQLRSADEGATVFYTCTSCGYKFRTNN
;
I
10 'polypeptide(L)' MIVPVRCFSCGKVVGDKWESYLNLLQEDELDEGTALSRLGLKRYCCRRMILTHVDLIEKFLRYNPLEKRD J
11 'polypeptide(L)'
;MTEDIEQKKTATEVTPQEPKHIQEEEEQDVDMTGDEEQEEEPDREKIKLLTQATSEDGTSASFQIVEEDHTLGNALRYVI
MKNPDVEFCGYSIPHPSENLLNIRIQTYGETTAVDALQKGLKDLMDLCDVVESKFTEKIKSM
;
K
12 'polypeptide(L)' MSREGFQIPTNLDAAAAGTSQARTATLKYICAECSSKLSLSRTDAVRCKDCGHRILLKARTKRLVQFEAR L
13 'polypeptide(L)'
;MSVKRSVSEIEIESVQDQPSVAVGSFFKGFRAPSDTTFDLYKKKKSEKDEFVLHGENERLEYEGYTDSSSQASNQYVVGL
FNPEKKSIQLYKAPVLVSKVVSKSSKNLRGPKIKSKSDTRPSALRNALGEAFGTKKAKKAIADLERNRIDSDKLTDSAID
IVDSVRTASKDLPTRAQLDEITSNDRPTPLANIDATDVEQIYPIESIIPKKELQFIRVSSILKEADKEKKLELFPYQNNS
KYVAKKLDSLTQPSQMTKLQLLYYLSLLLGVYENRRVNNKTKLLERLNSPPEILVDGILSRFTVIKPGQFGRSKDRSYFI
DPQNEDKILCYILAIIMHLDNFIVEITPLAHELNLKPSKVVSLFRVLGAIVKGATVAQAEAFGIPKSTAASYKIATMKVP
FKLPEMTRRGRGPRR
;
M
14 'polypeptide(L)'
;MSKLSKDYVSDSDSDDEVISNEFSIPDGFKKCKHLKNFPLNGDNKKKAKQQQVWLIKFPSNVDISKLKSLPVDFESSTTM
TIDKHDYKIMDDTDIESSLTQDNLSNMTLLVPSESKESLKIASTAKDNAPLQFDKVFSVSETAKIPAIDYSKVRVPRKDV
PKVEGLKLEHFATGYDAEDFHVAEEVKENKKEPKKRSHHDDEEESSEKKKKKKEKREKREKKDKKDKKKKHRD
;
N
15 'polyribonucleotide' UAUAUGCAUAAAGACCAGGC R
16 'polydeoxyribonucleotide'
;(DG)(DG)(DC)(DA)(DG)(DT)(DA)(DC)(DT)(DA)(DG)(DT)(DA)(DA)(DA)(DC)(DT)(DA)(DG)(DT)
(DA)(DT)(DT)(DG)(DA)(DA)(DA)(DG)(DT)(DA)(DC)(DT)(DT)(DG)(DA)(DC)(DT)(DT)
;
S
17 'polydeoxyribonucleotide'
;(DA)(DA)(DG)(DT)(DC)(DA)(DA)(DG)(DT)(DA)(DC)(DT)(DT)(DA)(DC)(DG)(DC)(DC)(DT)(DG)
(DG)(DT)(DC)(DA)(DT)(DT)(DA)(DC)(DT)(DA)(DG)(DT)(DA)(DC)(DT)(DG)(DC)(DC)
;
T
#
loop_
_chem_comp.id
_chem_comp.type
_chem_comp.name
_chem_comp.formula
A RNA linking ADENOSINE-5'-MONOPHOSPHATE 'C10 H14 N5 O7 P'
C RNA linking CYTIDINE-5'-MONOPHOSPHATE 'C9 H14 N3 O8 P'
DA DNA linking 2'-DEOXYADENOSINE-5'-MONOPHOSPHATE 'C10 H14 N5 O6 P'
DC DNA linking 2'-DEOXYCYTIDINE-5'-MONOPHOSPHATE 'C9 H14 N3 O7 P'
DG DNA linking 2'-DEOXYGUANOSINE-5'-MONOPHOSPHATE 'C10 H14 N5 O7 P'
DT DNA linking THYMIDINE-5'-MONOPHOSPHATE 'C10 H15 N2 O8 P'
G RNA linking GUANOSINE-5'-MONOPHOSPHATE 'C10 H14 N5 O8 P'
U RNA linking URIDINE-5'-MONOPHOSPHATE 'C9 H13 N2 O9 P'
ZN non-polymer 'ZINC ION' 'Zn 2'
#
# COMPACT_ATOMS: atom_id res chain seq x y z
N MET A 1 -29.47 4.36 -13.67
CA MET A 1 -30.68 3.59 -13.94
C MET A 1 -31.93 4.37 -13.58
N ASP A 2 -32.94 4.28 -14.45
CA ASP A 2 -34.25 4.87 -14.19
C ASP A 2 -35.23 3.76 -13.87
N ILE A 3 -36.06 3.99 -12.86
CA ILE A 3 -37.03 2.99 -12.42
C ILE A 3 -38.28 3.08 -13.27
N SER A 4 -38.26 3.94 -14.29
CA SER A 4 -39.38 4.06 -15.20
C SER A 4 -39.37 3.02 -16.32
N LYS A 5 -38.24 2.34 -16.53
CA LYS A 5 -38.09 1.33 -17.58
C LYS A 5 -37.83 -0.02 -16.92
N PRO A 6 -38.88 -0.79 -16.65
CA PRO A 6 -38.67 -2.12 -16.03
C PRO A 6 -38.09 -3.10 -17.03
N VAL A 7 -37.25 -4.00 -16.52
CA VAL A 7 -36.65 -5.05 -17.33
C VAL A 7 -37.53 -6.28 -17.25
N GLY A 8 -37.98 -6.77 -18.42
CA GLY A 8 -38.94 -7.85 -18.50
C GLY A 8 -38.37 -9.25 -18.46
N SER A 9 -37.08 -9.42 -18.25
CA SER A 9 -36.48 -10.74 -18.23
C SER A 9 -35.22 -10.72 -17.37
N GLU A 10 -34.71 -11.90 -17.07
CA GLU A 10 -33.50 -12.07 -16.29
C GLU A 10 -32.68 -13.19 -16.92
N ILE A 11 -31.61 -13.61 -16.23
CA ILE A 11 -30.74 -14.70 -16.68
C ILE A 11 -30.56 -15.65 -15.51
N THR A 12 -31.15 -16.84 -15.61
CA THR A 12 -30.98 -17.84 -14.56
C THR A 12 -29.65 -18.59 -14.71
N SER A 13 -29.38 -19.11 -15.90
CA SER A 13 -28.17 -19.87 -16.16
C SER A 13 -27.49 -19.35 -17.42
N VAL A 14 -26.23 -19.74 -17.60
CA VAL A 14 -25.47 -19.45 -18.81
C VAL A 14 -24.72 -20.72 -19.20
N ASP A 15 -24.63 -20.97 -20.50
CA ASP A 15 -23.91 -22.12 -21.02
C ASP A 15 -22.97 -21.68 -22.13
N PHE A 16 -21.94 -22.48 -22.37
CA PHE A 16 -20.86 -22.13 -23.27
C PHE A 16 -21.07 -22.79 -24.64
N GLY A 17 -20.09 -22.62 -25.51
CA GLY A 17 -20.14 -23.21 -26.85
C GLY A 17 -18.89 -22.84 -27.60
N ILE A 18 -18.73 -23.47 -28.75
CA ILE A 18 -17.57 -23.25 -29.63
C ILE A 18 -18.08 -22.91 -31.03
N LEU A 19 -17.60 -21.81 -31.58
CA LEU A 19 -17.98 -21.42 -32.93
C LEU A 19 -17.49 -22.46 -33.94
N THR A 20 -18.35 -22.82 -34.87
CA THR A 20 -18.03 -23.78 -35.93
C THR A 20 -18.12 -23.06 -37.28
N ALA A 21 -18.00 -23.84 -38.36
CA ALA A 21 -17.90 -23.26 -39.69
C ALA A 21 -19.18 -22.50 -40.06
N LYS A 22 -20.31 -23.23 -40.16
CA LYS A 22 -21.52 -22.63 -40.71
C LYS A 22 -22.08 -21.53 -39.82
N GLU A 23 -21.82 -21.59 -38.51
CA GLU A 23 -22.31 -20.54 -37.62
C GLU A 23 -21.79 -19.18 -38.03
N ILE A 24 -20.47 -19.06 -38.25
CA ILE A 24 -19.88 -17.79 -38.67
C ILE A 24 -19.97 -17.57 -40.18
N ARG A 25 -20.40 -18.58 -40.94
CA ARG A 25 -20.68 -18.36 -42.36
C ARG A 25 -21.94 -17.52 -42.54
N ASN A 26 -22.90 -17.70 -41.64
CA ASN A 26 -24.17 -16.96 -41.68
C ASN A 26 -24.25 -15.89 -40.60
N LEU A 27 -23.24 -15.78 -39.74
CA LEU A 27 -23.28 -14.81 -38.65
C LEU A 27 -22.92 -13.41 -39.13
N SER A 28 -21.73 -13.26 -39.70
CA SER A 28 -21.24 -11.94 -40.08
C SER A 28 -22.02 -11.41 -41.28
N ALA A 29 -21.74 -10.15 -41.63
CA ALA A 29 -22.45 -9.47 -42.72
C ALA A 29 -21.67 -9.48 -44.02
N LYS A 30 -20.40 -9.08 -43.99
CA LYS A 30 -19.59 -8.99 -45.20
C LYS A 30 -18.22 -9.60 -44.96
N GLN A 31 -17.65 -10.15 -46.04
CA GLN A 31 -16.31 -10.72 -46.00
C GLN A 31 -15.29 -9.66 -46.40
N ILE A 32 -14.25 -9.51 -45.57
CA ILE A 32 -13.19 -8.53 -45.81
C ILE A 32 -11.89 -9.28 -46.08
N THR A 33 -11.16 -8.84 -47.09
CA THR A 33 -9.96 -9.56 -47.52
C THR A 33 -8.71 -8.70 -47.60
N ASN A 34 -8.83 -7.39 -48.00
CA ASN A 34 -7.55 -6.73 -48.20
C ASN A 34 -7.03 -6.13 -46.90
N PRO A 35 -5.65 -6.14 -46.71
CA PRO A 35 -5.04 -5.64 -45.47
C PRO A 35 -4.79 -4.13 -45.50
N THR A 36 -5.86 -3.37 -45.70
CA THR A 36 -5.79 -1.91 -45.74
C THR A 36 -6.64 -1.32 -44.63
N VAL A 37 -6.10 -0.30 -43.95
CA VAL A 37 -6.86 0.38 -42.91
C VAL A 37 -7.92 1.28 -43.52
N LEU A 38 -7.48 2.26 -44.31
CA LEU A 38 -8.37 3.13 -45.05
C LEU A 38 -7.56 3.89 -46.09
N ASP A 39 -8.17 4.14 -47.24
CA ASP A 39 -7.51 4.88 -48.30
C ASP A 39 -7.42 6.35 -47.93
N ASN A 40 -6.81 7.14 -48.82
CA ASN A 40 -6.64 8.56 -48.58
C ASN A 40 -7.98 9.27 -48.59
N LEU A 41 -7.93 10.57 -48.28
CA LEU A 41 -9.05 11.51 -48.18
C LEU A 41 -9.88 11.25 -46.93
N GLY A 42 -9.58 10.20 -46.16
CA GLY A 42 -10.24 9.97 -44.90
C GLY A 42 -11.66 9.43 -45.01
N HIS A 43 -11.81 8.24 -45.58
CA HIS A 43 -13.10 7.58 -45.66
C HIS A 43 -12.87 6.08 -45.59
N PRO A 44 -13.82 5.32 -45.02
CA PRO A 44 -13.62 3.87 -44.88
C PRO A 44 -13.52 3.19 -46.24
N VAL A 45 -12.60 2.24 -46.33
CA VAL A 45 -12.37 1.48 -47.55
C VAL A 45 -13.22 0.21 -47.51
N SER A 46 -13.71 -0.19 -48.67
CA SER A 46 -14.52 -1.40 -48.75
C SER A 46 -13.63 -2.64 -48.63
N GLY A 47 -14.11 -3.62 -47.86
CA GLY A 47 -13.36 -4.84 -47.65
C GLY A 47 -12.21 -4.73 -46.66
N GLY A 48 -12.07 -3.60 -45.99
CA GLY A 48 -11.01 -3.42 -45.02
C GLY A 48 -11.44 -3.79 -43.61
N LEU A 49 -10.48 -3.72 -42.69
CA LEU A 49 -10.76 -3.97 -41.28
C LEU A 49 -11.75 -2.95 -40.72
N TYR A 50 -11.79 -1.76 -41.30
CA TYR A 50 -12.72 -0.71 -40.91
C TYR A 50 -13.89 -0.61 -41.88
N ASP A 51 -14.37 -1.74 -42.37
CA ASP A 51 -15.47 -1.75 -43.33
C ASP A 51 -16.70 -1.06 -42.73
N LEU A 52 -17.37 -0.26 -43.57
CA LEU A 52 -18.50 0.54 -43.11
C LEU A 52 -19.67 -0.33 -42.67
N ALA A 53 -19.72 -1.59 -43.08
CA ALA A 53 -20.80 -2.49 -42.69
C ALA A 53 -20.60 -3.10 -41.31
N LEU A 54 -19.47 -2.83 -40.66
CA LEU A 54 -19.19 -3.35 -39.34
C LEU A 54 -19.52 -2.34 -38.24
N GLY A 55 -20.43 -1.41 -38.51
CA GLY A 55 -20.78 -0.38 -37.57
C GLY A 55 -20.29 0.99 -38.03
N ALA A 56 -20.92 2.03 -37.48
CA ALA A 56 -20.56 3.39 -37.82
C ALA A 56 -19.13 3.69 -37.40
N PHE A 57 -18.46 4.55 -38.18
CA PHE A 57 -17.06 4.86 -37.93
C PHE A 57 -16.77 6.27 -38.46
N LEU A 58 -16.31 7.14 -37.58
CA LEU A 58 -15.91 8.51 -37.92
C LEU A 58 -17.07 9.26 -38.59
N ARG A 59 -18.12 9.46 -37.77
CA ARG A 59 -19.32 10.21 -38.16
C ARG A 59 -19.86 9.79 -39.52
N ASN A 60 -19.67 8.52 -39.88
CA ASN A 60 -20.18 7.96 -41.13
C ASN A 60 -21.18 6.86 -40.78
N LEU A 61 -22.34 6.91 -41.43
CA LEU A 61 -23.41 5.96 -41.13
C LEU A 61 -23.01 4.54 -41.51
N CYS A 62 -23.44 3.58 -40.69
CA CYS A 62 -23.15 2.18 -40.96
C CYS A 62 -23.89 1.69 -42.20
N SER A 63 -23.36 0.62 -42.78
CA SER A 63 -23.94 0.01 -43.98
C SER A 63 -24.80 -1.19 -43.67
N THR A 64 -24.76 -1.72 -42.45
CA THR A 64 -25.57 -2.86 -42.05
C THR A 64 -26.84 -2.43 -41.32
N CYS A 65 -26.70 -1.59 -40.30
CA CYS A 65 -27.86 -1.12 -39.53
C CYS A 65 -28.45 0.16 -40.12
N GLY A 66 -27.62 1.11 -40.52
CA GLY A 66 -28.09 2.34 -41.12
C GLY A 66 -28.30 3.49 -40.16
N LEU A 67 -27.81 3.39 -38.93
CA LEU A 67 -27.98 4.42 -37.92
C LEU A 67 -26.64 5.10 -37.63
N ASP A 68 -26.66 6.04 -36.70
CA ASP A 68 -25.47 6.80 -36.34
C ASP A 68 -24.62 6.01 -35.36
N GLU A 69 -23.61 6.66 -34.78
CA GLU A 69 -22.70 5.97 -33.88
C GLU A 69 -23.36 5.65 -32.54
N LYS A 70 -24.30 6.49 -32.09
CA LYS A 70 -24.87 6.31 -30.76
C LYS A 70 -25.86 5.16 -30.70
N PHE A 71 -26.57 4.88 -31.80
CA PHE A 71 -27.61 3.86 -31.82
C PHE A 71 -27.18 2.58 -32.51
N CYS A 72 -25.97 2.52 -33.06
CA CYS A 72 -25.48 1.32 -33.70
C CYS A 72 -24.55 0.58 -32.74
N PRO A 73 -24.96 -0.56 -32.19
CA PRO A 73 -24.09 -1.31 -31.27
C PRO A 73 -22.98 -2.10 -31.95
N GLY A 74 -22.78 -1.93 -33.24
CA GLY A 74 -21.76 -2.67 -33.97
C GLY A 74 -22.30 -3.93 -34.61
N HIS A 75 -21.44 -4.55 -35.43
CA HIS A 75 -21.79 -5.77 -36.14
C HIS A 75 -20.57 -6.69 -36.19
N GLN A 76 -20.83 -7.99 -36.11
CA GLN A 76 -19.75 -8.97 -36.08
C GLN A 76 -19.16 -9.15 -37.48
N GLY A 77 -17.83 -9.29 -37.52
CA GLY A 77 -17.12 -9.50 -38.77
C GLY A 77 -16.44 -10.85 -38.80
N HIS A 78 -15.77 -11.11 -39.92
CA HIS A 78 -15.06 -12.38 -40.11
C HIS A 78 -14.09 -12.24 -41.27
N ILE A 79 -12.98 -12.98 -41.19
CA ILE A 79 -12.03 -13.08 -42.28
C ILE A 79 -11.87 -14.54 -42.65
N GLU A 80 -11.58 -14.80 -43.92
CA GLU A 80 -11.48 -16.15 -44.44
C GLU A 80 -10.03 -16.63 -44.43
N LEU A 81 -9.83 -17.87 -44.00
CA LEU A 81 -8.52 -18.50 -43.97
C LEU A 81 -8.42 -19.56 -45.07
N PRO A 82 -7.25 -19.71 -45.70
CA PRO A 82 -7.10 -20.71 -46.77
C PRO A 82 -7.17 -22.13 -46.25
N VAL A 83 -6.44 -22.42 -45.17
CA VAL A 83 -6.40 -23.76 -44.59
C VAL A 83 -6.78 -23.67 -43.12
N PRO A 84 -7.53 -24.64 -42.59
CA PRO A 84 -7.90 -24.60 -41.17
C PRO A 84 -6.73 -25.03 -40.28
N CYS A 85 -6.68 -24.43 -39.09
CA CYS A 85 -5.67 -24.75 -38.10
C CYS A 85 -6.30 -24.73 -36.72
N TYR A 86 -5.52 -25.13 -35.73
CA TYR A 86 -6.01 -25.24 -34.35
C TYR A 86 -5.91 -23.89 -33.64
N ASN A 87 -6.32 -23.89 -32.37
CA ASN A 87 -6.24 -22.73 -31.50
C ASN A 87 -5.14 -22.93 -30.46
N PRO A 88 -4.48 -21.85 -30.01
CA PRO A 88 -3.45 -22.00 -28.98
C PRO A 88 -4.00 -22.43 -27.63
N LEU A 89 -5.29 -22.24 -27.38
CA LEU A 89 -5.87 -22.64 -26.10
C LEU A 89 -6.14 -24.14 -26.04
N PHE A 90 -6.45 -24.76 -27.17
CA PHE A 90 -6.78 -26.18 -27.21
C PHE A 90 -5.62 -27.05 -27.68
N PHE A 91 -4.50 -26.47 -28.11
CA PHE A 91 -3.40 -27.25 -28.66
C PHE A 91 -2.83 -28.21 -27.62
N ASN A 92 -2.82 -27.81 -26.35
CA ASN A 92 -2.35 -28.70 -25.30
C ASN A 92 -3.27 -29.90 -25.14
N GLN A 93 -4.55 -29.75 -25.49
CA GLN A 93 -5.47 -30.88 -25.43
C GLN A 93 -5.40 -31.75 -26.69
N LEU A 94 -5.18 -31.15 -27.86
CA LEU A 94 -5.07 -31.93 -29.08
C LEU A 94 -3.78 -32.74 -29.12
N TYR A 95 -2.72 -32.26 -28.46
CA TYR A 95 -1.47 -33.01 -28.44
C TYR A 95 -1.64 -34.35 -27.74
N ILE A 96 -2.51 -34.41 -26.73
CA ILE A 96 -2.75 -35.67 -26.04
C ILE A 96 -3.53 -36.63 -26.93
N TYR A 97 -4.52 -36.13 -27.66
CA TYR A 97 -5.32 -36.98 -28.53
C TYR A 97 -4.62 -37.32 -29.84
N LEU A 98 -3.72 -36.47 -30.32
CA LEU A 98 -2.94 -36.81 -31.51
C LEU A 98 -1.88 -37.85 -31.21
N ARG A 99 -1.34 -37.84 -29.99
CA ARG A 99 -0.40 -38.86 -29.52
C ARG A 99 -1.12 -40.09 -28.98
N ALA A 100 -2.41 -40.24 -29.28
CA ALA A 100 -3.24 -41.29 -28.70
C ALA A 100 -3.78 -42.27 -29.73
N SER A 101 -4.41 -41.78 -30.78
CA SER A 101 -5.16 -42.64 -31.69
C SER A 101 -4.24 -43.44 -32.59
N CYS A 102 -4.73 -44.60 -33.02
CA CYS A 102 -4.01 -45.43 -33.98
C CYS A 102 -4.21 -44.90 -35.39
N LEU A 103 -3.13 -44.81 -36.14
CA LEU A 103 -3.18 -44.23 -37.48
C LEU A 103 -3.74 -45.20 -38.53
N PHE A 104 -4.00 -46.44 -38.17
CA PHE A 104 -4.51 -47.44 -39.12
C PHE A 104 -5.95 -47.85 -38.86
N CYS A 105 -6.32 -48.07 -37.60
CA CYS A 105 -7.69 -48.43 -37.25
C CYS A 105 -8.53 -47.23 -36.85
N HIS A 106 -7.91 -46.06 -36.64
CA HIS A 106 -8.58 -44.83 -36.25
C HIS A 106 -9.30 -44.95 -34.90
N HIS A 107 -8.89 -45.92 -34.08
CA HIS A 107 -9.36 -46.04 -32.72
C HIS A 107 -8.23 -45.63 -31.76
N PHE A 108 -8.52 -45.69 -30.47
CA PHE A 108 -7.48 -45.49 -29.47
C PHE A 108 -6.66 -46.77 -29.32
N ARG A 109 -5.46 -46.62 -28.78
CA ARG A 109 -4.56 -47.77 -28.62
C ARG A 109 -4.98 -48.71 -27.48
N LEU A 110 -6.10 -48.47 -26.81
CA LEU A 110 -6.61 -49.38 -25.81
C LEU A 110 -7.50 -50.43 -26.49
N LYS A 111 -8.19 -51.23 -25.69
CA LYS A 111 -9.23 -52.13 -26.18
C LYS A 111 -10.61 -51.59 -25.81
N SER A 112 -11.63 -52.14 -26.47
CA SER A 112 -12.96 -51.54 -26.41
C SER A 112 -13.62 -51.69 -25.04
N VAL A 113 -13.22 -52.66 -24.23
CA VAL A 113 -13.93 -52.92 -22.98
C VAL A 113 -13.61 -51.86 -21.94
N GLU A 114 -12.37 -51.39 -21.89
CA GLU A 114 -12.00 -50.40 -20.88
C GLU A 114 -12.38 -48.99 -21.31
N VAL A 115 -12.30 -48.70 -22.61
CA VAL A 115 -12.73 -47.40 -23.10
C VAL A 115 -14.24 -47.24 -22.93
N HIS A 116 -14.99 -48.29 -23.24
CA HIS A 116 -16.43 -48.26 -22.98
C HIS A 116 -16.74 -48.24 -21.50
N ARG A 117 -15.84 -48.79 -20.67
CA ARG A 117 -16.04 -48.73 -19.22
C ARG A 117 -15.94 -47.30 -18.71
N TYR A 118 -14.93 -46.56 -19.17
CA TYR A 118 -14.82 -45.15 -18.79
C TYR A 118 -15.95 -44.33 -19.39
N ALA A 119 -16.42 -44.70 -20.58
CA ALA A 119 -17.51 -43.99 -21.21
C ALA A 119 -18.81 -44.19 -20.44
N CYS A 120 -19.12 -45.43 -20.08
CA CYS A 120 -20.35 -45.71 -19.34
C CYS A 120 -20.24 -45.28 -17.88
N LYS A 121 -19.02 -45.12 -17.35
CA LYS A 121 -18.87 -44.59 -16.00
C LYS A 121 -19.12 -43.09 -15.98
N LEU A 122 -18.57 -42.35 -16.95
CA LEU A 122 -18.89 -40.94 -17.08
C LEU A 122 -20.37 -40.74 -17.43
N ARG A 123 -20.99 -41.74 -18.06
CA ARG A 123 -22.43 -41.69 -18.29
C ARG A 123 -23.18 -41.62 -16.96
N LEU A 124 -22.70 -42.33 -15.95
CA LEU A 124 -23.31 -42.23 -14.62
C LEU A 124 -22.90 -40.93 -13.93
N LEU A 125 -21.67 -40.47 -14.17
CA LEU A 125 -21.18 -39.27 -13.50
C LEU A 125 -21.82 -38.00 -14.03
N GLN A 126 -22.48 -38.05 -15.20
CA GLN A 126 -23.20 -36.89 -15.68
C GLN A 126 -24.34 -36.52 -14.75
N TYR A 127 -25.08 -37.52 -14.27
CA TYR A 127 -26.08 -37.29 -13.25
C TYR A 127 -25.42 -37.20 -11.88
N GLY A 128 -26.25 -36.94 -10.86
CA GLY A 128 -25.75 -36.84 -9.51
C GLY A 128 -25.64 -38.17 -8.80
N LEU A 129 -25.35 -39.22 -9.57
CA LEU A 129 -25.27 -40.58 -9.05
C LEU A 129 -23.81 -40.94 -8.81
N ILE A 130 -23.47 -41.29 -7.58
CA ILE A 130 -22.12 -41.72 -7.23
C ILE A 130 -22.09 -43.04 -6.49
N ASP A 131 -23.22 -43.51 -5.95
CA ASP A 131 -23.23 -44.74 -5.17
C ASP A 131 -22.92 -45.96 -6.02
N GLU A 132 -23.24 -45.92 -7.32
CA GLU A 132 -23.09 -47.06 -8.19
C GLU A 132 -21.96 -46.92 -9.20
N SER A 133 -21.25 -45.79 -9.21
CA SER A 133 -20.15 -45.61 -10.15
C SER A 133 -19.03 -46.62 -9.89
N TYR A 134 -18.79 -46.96 -8.62
CA TYR A 134 -17.78 -47.94 -8.28
C TYR A 134 -18.32 -49.37 -8.24
N LYS A 135 -19.64 -49.54 -8.12
CA LYS A 135 -20.22 -50.87 -8.22
C LYS A 135 -20.15 -51.40 -9.64
N LEU A 136 -20.18 -50.51 -10.64
CA LEU A 136 -20.04 -50.92 -12.02
C LEU A 136 -18.63 -51.38 -12.35
N ASP A 137 -17.62 -50.88 -11.63
CA ASP A 137 -16.25 -51.29 -11.88
C ASP A 137 -16.03 -52.76 -11.53
N GLU A 138 -16.76 -53.28 -10.55
CA GLU A 138 -16.59 -54.65 -10.10
C GLU A 138 -17.44 -55.64 -10.90
N ILE A 139 -17.91 -55.26 -12.08
CA ILE A 139 -18.74 -56.12 -12.92
C ILE A 139 -17.80 -56.75 -13.95
N THR A 140 -17.23 -57.90 -13.59
CA THR A 140 -16.36 -58.66 -14.48
C THR A 140 -16.66 -60.14 -14.37
N LEU A 141 -17.95 -60.48 -14.31
CA LEU A 141 -18.35 -61.87 -14.18
C LEU A 141 -18.39 -62.56 -15.54
N GLY A 142 -18.05 -63.84 -15.55
CA GLY A 142 -18.04 -64.62 -16.77
C GLY A 142 -16.81 -65.49 -16.92
N ASP A 172 -6.99 -64.19 -27.51
CA ASP A 172 -6.91 -64.18 -26.07
C ASP A 172 -8.30 -64.18 -25.45
N ILE A 173 -9.14 -63.25 -25.88
CA ILE A 173 -10.50 -63.09 -25.39
C ILE A 173 -11.44 -63.02 -26.58
N SER A 174 -12.48 -63.86 -26.56
CA SER A 174 -13.45 -63.87 -27.65
C SER A 174 -14.33 -62.62 -27.60
N SER A 175 -14.70 -62.13 -28.79
CA SER A 175 -15.53 -60.94 -28.87
C SER A 175 -16.97 -61.19 -28.45
N THR A 176 -17.38 -62.46 -28.32
CA THR A 176 -18.76 -62.76 -27.94
C THR A 176 -19.04 -62.31 -26.51
N LEU A 177 -18.22 -62.77 -25.55
CA LEU A 177 -18.41 -62.38 -24.16
C LEU A 177 -18.10 -60.91 -23.93
N LEU A 178 -17.33 -60.28 -24.82
CA LEU A 178 -17.07 -58.85 -24.71
C LEU A 178 -18.29 -58.03 -25.10
N ASN A 179 -18.93 -58.39 -26.23
CA ASN A 179 -20.16 -57.71 -26.62
C ASN A 179 -21.27 -57.97 -25.60
N GLU A 180 -21.34 -59.19 -25.06
CA GLU A 180 -22.30 -59.47 -24.00
C GLU A 180 -21.95 -58.72 -22.72
N LEU A 181 -20.67 -58.47 -22.48
CA LEU A 181 -20.27 -57.66 -21.33
C LEU A 181 -20.73 -56.22 -21.50
N LYS A 182 -20.58 -55.67 -22.71
CA LYS A 182 -21.12 -54.33 -22.98
C LYS A 182 -22.64 -54.33 -22.88
N SER A 183 -23.28 -55.47 -23.14
CA SER A 183 -24.73 -55.54 -23.02
C SER A 183 -25.17 -55.50 -21.56
N LYS A 184 -24.53 -56.29 -20.70
CA LYS A 184 -24.89 -56.28 -19.29
C LYS A 184 -24.51 -54.96 -18.63
N ARG A 185 -23.46 -54.30 -19.12
CA ARG A 185 -23.12 -52.97 -18.60
C ARG A 185 -24.15 -51.94 -19.04
N SER A 186 -24.66 -52.06 -20.26
CA SER A 186 -25.69 -51.14 -20.74
C SER A 186 -26.98 -51.30 -19.94
N GLU A 187 -27.40 -52.55 -19.74
CA GLU A 187 -28.59 -52.80 -18.92
C GLU A 187 -28.36 -52.37 -17.48
N TYR A 188 -27.12 -52.47 -16.99
CA TYR A 188 -26.83 -52.05 -15.63
C TYR A 188 -26.94 -50.53 -15.49
N VAL A 189 -26.36 -49.80 -16.44
CA VAL A 189 -26.44 -48.34 -16.40
C VAL A 189 -27.87 -47.87 -16.63
N ASP A 190 -28.57 -48.49 -17.58
CA ASP A 190 -29.95 -48.10 -17.86
C ASP A 190 -30.84 -48.35 -16.64
N MET A 191 -30.63 -49.47 -15.95
CA MET A 191 -31.39 -49.74 -14.73
C MET A 191 -31.02 -48.75 -13.62
N ALA A 192 -29.75 -48.39 -13.52
CA ALA A 192 -29.32 -47.43 -12.51
C ALA A 192 -29.97 -46.07 -12.71
N ILE A 193 -29.90 -45.55 -13.94
CA ILE A 193 -30.51 -44.26 -14.23
C ILE A 193 -32.03 -44.35 -14.13
N ALA A 194 -32.60 -45.52 -14.43
CA ALA A 194 -34.05 -45.68 -14.34
C ALA A 194 -34.53 -45.57 -12.90
N LYS A 195 -33.89 -46.27 -11.97
CA LYS A 195 -34.33 -46.24 -10.58
C LYS A 195 -33.95 -44.93 -9.90
N ALA A 196 -32.83 -44.32 -10.29
CA ALA A 196 -32.45 -43.04 -9.71
C ALA A 196 -33.42 -41.94 -10.10
N LEU A 197 -33.76 -41.87 -11.39
CA LEU A 197 -34.74 -40.91 -11.86
C LEU A 197 -36.15 -41.27 -11.41
N SER A 198 -36.39 -42.54 -11.07
CA SER A 198 -37.74 -42.97 -10.68
C SER A 198 -38.11 -42.42 -9.31
N ASP A 199 -37.22 -42.55 -8.33
CA ASP A 199 -37.55 -42.23 -6.94
C ASP A 199 -36.66 -41.09 -6.44
N GLY A 200 -37.07 -39.87 -6.74
CA GLY A 200 -36.62 -38.67 -6.03
C GLY A 200 -35.13 -38.41 -5.93
N ARG A 201 -34.29 -39.21 -6.57
CA ARG A 201 -32.84 -39.09 -6.37
C ARG A 201 -32.23 -38.03 -7.28
N THR A 202 -32.41 -38.18 -8.59
CA THR A 202 -31.78 -37.30 -9.57
C THR A 202 -32.84 -36.73 -10.50
N THR A 203 -32.77 -35.43 -10.74
CA THR A 203 -33.70 -34.77 -11.66
C THR A 203 -33.39 -35.18 -13.10
N GLU A 204 -34.37 -34.94 -13.98
CA GLU A 204 -34.21 -35.32 -15.38
C GLU A 204 -33.06 -34.55 -16.04
N ARG A 205 -32.79 -33.33 -15.58
CA ARG A 205 -31.67 -32.55 -16.11
C ARG A 205 -30.35 -32.89 -15.45
N GLY A 206 -30.32 -33.87 -14.56
CA GLY A 206 -29.10 -34.24 -13.88
C GLY A 206 -28.72 -33.29 -12.76
N SER A 207 -28.10 -33.81 -11.71
CA SER A 207 -27.67 -33.00 -10.58
C SER A 207 -26.24 -32.52 -10.79
N PHE A 208 -25.92 -31.38 -10.19
CA PHE A 208 -24.59 -30.80 -10.29
C PHE A 208 -24.18 -30.27 -8.92
N THR A 209 -23.07 -30.79 -8.39
CA THR A 209 -22.54 -30.36 -7.10
C THR A 209 -21.01 -30.27 -7.24
N ALA A 210 -20.34 -30.10 -6.11
CA ALA A 210 -18.88 -30.02 -6.09
C ALA A 210 -18.23 -31.40 -6.00
N THR A 211 -18.85 -32.33 -5.26
CA THR A 211 -18.24 -33.65 -5.08
C THR A 211 -18.31 -34.47 -6.37
N VAL A 212 -19.29 -34.22 -7.23
CA VAL A 212 -19.35 -34.93 -8.50
C VAL A 212 -18.32 -34.38 -9.47
N ASN A 213 -18.12 -33.05 -9.48
CA ASN A 213 -17.07 -32.46 -10.29
C ASN A 213 -15.68 -32.81 -9.80
N ASP A 214 -15.55 -33.23 -8.53
CA ASP A 214 -14.25 -33.67 -8.03
C ASP A 214 -13.82 -34.97 -8.70
N GLU A 215 -14.71 -35.96 -8.72
CA GLU A 215 -14.39 -37.25 -9.34
C GLU A 215 -14.45 -37.20 -10.85
N ARG A 216 -15.18 -36.25 -11.43
CA ARG A 216 -15.18 -36.10 -12.89
C ARG A 216 -13.88 -35.47 -13.37
N LYS A 217 -13.44 -34.38 -12.72
CA LYS A 217 -12.16 -33.78 -13.06
C LYS A 217 -10.99 -34.68 -12.68
N LYS A 218 -11.22 -35.69 -11.83
CA LYS A 218 -10.20 -36.67 -11.49
C LYS A 218 -10.18 -37.85 -12.45
N LEU A 219 -11.36 -38.35 -12.83
CA LEU A 219 -11.41 -39.48 -13.75
C LEU A 219 -11.01 -39.06 -15.16
N VAL A 220 -11.37 -37.84 -15.57
CA VAL A 220 -10.95 -37.34 -16.87
C VAL A 220 -9.45 -37.06 -16.85
N HIS A 221 -8.92 -36.57 -15.72
CA HIS A 221 -7.48 -36.43 -15.58
C HIS A 221 -6.78 -37.77 -15.62
N GLU A 222 -7.43 -38.82 -15.13
CA GLU A 222 -6.91 -40.18 -15.30
C GLU A 222 -7.05 -40.63 -16.76
N PHE A 223 -8.12 -40.18 -17.43
CA PHE A 223 -8.26 -40.43 -18.86
C PHE A 223 -7.20 -39.70 -19.68
N HIS A 224 -6.50 -38.73 -19.08
CA HIS A 224 -5.34 -38.12 -19.70
C HIS A 224 -4.02 -38.71 -19.18
N LYS A 225 -4.07 -39.48 -18.10
CA LYS A 225 -2.97 -40.34 -17.67
C LYS A 225 -3.01 -41.70 -18.37
N LYS A 226 -3.68 -41.72 -19.52
CA LYS A 226 -4.00 -42.90 -20.32
C LYS A 226 -2.81 -43.30 -21.19
N LEU A 227 -3.08 -44.01 -22.29
CA LEU A 227 -2.13 -44.69 -23.17
C LEU A 227 -0.79 -43.99 -23.38
N LEU A 228 -0.70 -42.68 -23.11
CA LEU A 228 0.53 -41.92 -23.25
C LEU A 228 1.76 -42.69 -22.76
N SER A 229 1.57 -43.58 -21.79
CA SER A 229 2.62 -44.48 -21.32
C SER A 229 2.40 -45.92 -21.79
N ARG A 230 1.81 -46.10 -22.97
CA ARG A 230 1.55 -47.42 -23.54
C ARG A 230 2.12 -47.49 -24.95
N GLY A 231 2.21 -48.71 -25.49
CA GLY A 231 2.80 -48.95 -26.78
C GLY A 231 1.82 -49.41 -27.85
N LYS A 232 1.94 -50.67 -28.26
CA LYS A 232 1.15 -51.19 -29.37
C LYS A 232 -0.34 -51.08 -29.10
N CYS A 233 -1.10 -50.77 -30.15
CA CYS A 233 -2.55 -50.71 -30.06
C CYS A 233 -3.12 -52.09 -29.73
N ASP A 234 -4.17 -52.11 -28.90
CA ASP A 234 -4.76 -53.36 -28.46
C ASP A 234 -5.87 -53.85 -29.39
N ASN A 235 -6.56 -52.94 -30.07
CA ASN A 235 -7.58 -53.36 -31.04
C ASN A 235 -6.95 -54.06 -32.22
N CYS A 236 -6.03 -53.38 -32.91
CA CYS A 236 -5.29 -53.95 -34.02
C CYS A 236 -3.81 -54.06 -33.64
N GLY A 237 -3.20 -55.20 -33.98
CA GLY A 237 -1.88 -55.51 -33.49
C GLY A 237 -0.72 -54.87 -34.24
N MET A 238 -0.55 -53.56 -34.08
CA MET A 238 0.62 -52.87 -34.61
C MET A 238 0.78 -51.55 -33.87
N PHE A 239 1.99 -51.00 -33.95
CA PHE A 239 2.32 -49.73 -33.30
C PHE A 239 1.85 -48.57 -34.18
N SER A 240 2.27 -47.36 -33.83
CA SER A 240 1.94 -46.16 -34.59
C SER A 240 3.03 -45.13 -34.35
N PRO A 241 3.37 -44.33 -35.36
CA PRO A 241 4.42 -43.31 -35.18
C PRO A 241 3.97 -42.22 -34.24
N LYS A 242 4.78 -41.96 -33.21
CA LYS A 242 4.46 -40.95 -32.23
C LYS A 242 4.77 -39.56 -32.76
N PHE A 243 4.19 -38.55 -32.11
CA PHE A 243 4.37 -37.16 -32.48
C PHE A 243 5.22 -36.45 -31.43
N ARG A 244 6.00 -35.48 -31.89
CA ARG A 244 6.88 -34.70 -31.02
C ARG A 244 6.55 -33.23 -31.17
N LYS A 245 6.08 -32.61 -30.09
CA LYS A 245 5.70 -31.20 -30.12
C LYS A 245 6.95 -30.33 -30.20
N ASP A 246 7.04 -29.50 -31.25
CA ASP A 246 8.15 -28.58 -31.38
C ASP A 246 7.83 -27.24 -30.74
N GLY A 247 7.37 -27.30 -29.49
CA GLY A 247 7.22 -26.15 -28.62
C GLY A 247 6.67 -24.87 -29.22
N PHE A 248 5.41 -24.85 -29.59
CA PHE A 248 4.81 -23.63 -30.09
C PHE A 248 4.96 -23.47 -31.59
N THR A 249 4.06 -24.14 -32.31
CA THR A 249 3.99 -24.10 -33.77
C THR A 249 4.68 -25.23 -34.52
N LYS A 250 3.84 -26.16 -34.97
CA LYS A 250 4.22 -27.29 -35.80
C LYS A 250 4.29 -28.69 -35.18
N ILE A 251 3.49 -29.04 -34.17
CA ILE A 251 3.66 -30.43 -33.76
C ILE A 251 4.21 -31.25 -34.92
N PHE A 252 5.26 -32.03 -34.66
CA PHE A 252 5.97 -32.78 -35.68
C PHE A 252 5.66 -34.27 -35.57
N GLU A 253 6.15 -35.02 -36.56
CA GLU A 253 6.01 -36.47 -36.60
C GLU A 253 7.38 -37.12 -36.53
N THR A 254 7.50 -38.14 -35.68
CA THR A 254 8.78 -38.78 -35.44
C THR A 254 9.01 -39.94 -36.41
N ALA A 255 10.29 -40.16 -36.74
CA ALA A 255 10.67 -41.25 -37.62
C ALA A 255 10.66 -42.57 -36.87
N LEU A 256 10.47 -43.65 -37.61
CA LEU A 256 10.40 -44.99 -37.03
C LEU A 256 11.78 -45.63 -37.01
N ASN A 257 11.90 -46.70 -36.23
CA ASN A 257 13.18 -47.36 -36.00
C ASN A 257 13.15 -48.80 -36.52
N GLU A 258 14.22 -49.53 -36.23
CA GLU A 258 14.40 -50.87 -36.81
C GLU A 258 13.41 -51.88 -36.23
N LYS A 259 13.25 -51.88 -34.90
CA LYS A 259 12.37 -52.85 -34.28
C LYS A 259 10.90 -52.58 -34.55
N GLN A 260 10.56 -51.54 -35.32
CA GLN A 260 9.18 -51.26 -35.69
C GLN A 260 8.92 -51.35 -37.19
N ILE A 261 9.93 -51.12 -38.03
CA ILE A 261 9.74 -51.35 -39.46
C ILE A 261 9.57 -52.83 -39.74
N THR A 262 10.19 -53.70 -38.92
CA THR A 262 9.90 -55.12 -39.02
C THR A 262 8.46 -55.41 -38.65
N ASN A 263 7.91 -54.64 -37.70
CA ASN A 263 6.49 -54.77 -37.39
C ASN A 263 5.62 -54.32 -38.56
N ASN A 264 6.10 -53.35 -39.36
CA ASN A 264 5.40 -52.97 -40.57
C ASN A 264 5.45 -54.08 -41.63
N ARG A 265 6.39 -55.01 -41.51
CA ARG A 265 6.48 -56.14 -42.43
C ARG A 265 5.76 -57.38 -41.92
N VAL A 266 5.43 -57.44 -40.64
CA VAL A 266 4.64 -58.55 -40.11
C VAL A 266 3.16 -58.20 -39.99
N LYS A 267 2.80 -56.91 -40.02
CA LYS A 267 1.39 -56.54 -40.07
C LYS A 267 0.76 -56.88 -41.41
N GLY A 268 1.56 -56.97 -42.47
CA GLY A 268 1.07 -57.48 -43.74
C GLY A 268 1.04 -58.98 -43.82
N PHE A 269 1.77 -59.67 -42.92
CA PHE A 269 1.72 -61.12 -42.88
C PHE A 269 0.35 -61.63 -42.46
N ILE A 270 -0.37 -60.86 -41.66
CA ILE A 270 -1.72 -61.23 -41.24
C ILE A 270 -2.72 -60.19 -41.72
N SER A 312 9.98 -35.03 -36.33
CA SER A 312 11.20 -35.25 -37.08
C SER A 312 11.01 -34.93 -38.56
N THR A 313 9.76 -34.66 -38.94
CA THR A 313 9.45 -34.36 -40.33
C THR A 313 8.17 -33.55 -40.39
N TYR A 314 8.28 -32.32 -40.93
CA TYR A 314 7.10 -31.52 -41.22
C TYR A 314 6.24 -32.26 -42.24
N ILE A 315 5.01 -32.60 -41.83
CA ILE A 315 4.18 -33.47 -42.66
C ILE A 315 3.13 -32.66 -43.41
N LEU A 316 2.19 -32.07 -42.68
CA LEU A 316 1.08 -31.32 -43.27
C LEU A 316 0.26 -30.76 -42.12
N SER A 317 -0.71 -29.91 -42.46
CA SER A 317 -1.61 -29.30 -41.47
C SER A 317 -3.02 -29.87 -41.52
N THR A 318 -3.63 -29.93 -42.71
CA THR A 318 -5.01 -30.40 -42.80
C THR A 318 -5.13 -31.90 -42.59
N GLU A 319 -4.05 -32.67 -42.74
CA GLU A 319 -4.12 -34.10 -42.49
C GLU A 319 -4.35 -34.41 -41.02
N VAL A 320 -4.01 -33.47 -40.11
CA VAL A 320 -4.36 -33.63 -38.71
C VAL A 320 -5.88 -33.68 -38.55
N LYS A 321 -6.59 -32.81 -39.29
CA LYS A 321 -8.04 -32.87 -39.29
C LYS A 321 -8.53 -34.16 -39.94
N ASN A 322 -7.86 -34.61 -41.00
CA ASN A 322 -8.24 -35.86 -41.64
C ASN A 322 -8.16 -37.04 -40.68
N ILE A 323 -7.18 -37.03 -39.77
CA ILE A 323 -7.07 -38.09 -38.78
C ILE A 323 -8.13 -37.92 -37.69
N LEU A 324 -8.22 -36.72 -37.11
CA LEU A 324 -9.15 -36.49 -36.00
C LEU A 324 -10.60 -36.64 -36.41
N ASP A 325 -10.91 -36.52 -37.71
CA ASP A 325 -12.29 -36.71 -38.15
C ASP A 325 -12.72 -38.17 -37.99
N THR A 326 -11.98 -39.10 -38.60
CA THR A 326 -12.33 -40.50 -38.48
C THR A 326 -12.13 -41.02 -37.06
N VAL A 327 -11.17 -40.47 -36.34
CA VAL A 327 -10.95 -40.89 -34.95
C VAL A 327 -12.13 -40.49 -34.07
N PHE A 328 -12.64 -39.27 -34.25
CA PHE A 328 -13.80 -38.81 -33.51
C PHE A 328 -15.11 -39.36 -34.04
N ARG A 329 -15.08 -40.11 -35.15
CA ARG A 329 -16.26 -40.80 -35.65
C ARG A 329 -16.35 -42.25 -35.19
N LYS A 330 -15.21 -42.92 -35.05
CA LYS A 330 -15.19 -44.30 -34.58
C LYS A 330 -15.26 -44.40 -33.07
N GLU A 331 -15.17 -43.28 -32.35
CA GLU A 331 -15.25 -43.24 -30.90
C GLU A 331 -16.17 -42.11 -30.46
N GLN A 332 -17.30 -41.95 -31.15
CA GLN A 332 -18.21 -40.85 -30.87
C GLN A 332 -18.86 -41.00 -29.49
N CYS A 333 -19.26 -42.22 -29.12
CA CYS A 333 -19.97 -42.42 -27.87
C CYS A 333 -19.07 -42.13 -26.66
N VAL A 334 -17.77 -42.28 -26.81
CA VAL A 334 -16.85 -42.03 -25.70
C VAL A 334 -16.70 -40.53 -25.46
N LEU A 335 -16.25 -39.79 -26.48
CA LEU A 335 -16.10 -38.35 -26.36
C LEU A 335 -17.42 -37.64 -26.14
N GLN A 336 -18.54 -38.29 -26.44
CA GLN A 336 -19.85 -37.70 -26.17
C GLN A 336 -20.02 -37.43 -24.68
N TYR A 337 -19.52 -38.33 -23.84
CA TYR A 337 -19.60 -38.16 -22.39
C TYR A 337 -18.37 -37.51 -21.79
N VAL A 338 -17.23 -37.57 -22.48
CA VAL A 338 -16.01 -36.97 -21.95
C VAL A 338 -16.08 -35.45 -22.02
N PHE A 339 -16.55 -34.92 -23.15
CA PHE A 339 -16.61 -33.48 -23.37
C PHE A 339 -17.93 -32.86 -22.92
N HIS A 340 -18.72 -33.58 -22.12
CA HIS A 340 -19.99 -33.07 -21.62
C HIS A 340 -20.08 -33.29 -20.12
N SER A 341 -20.34 -32.22 -19.38
CA SER A 341 -20.52 -32.28 -17.93
C SER A 341 -21.99 -32.28 -17.53
N ARG A 342 -22.88 -32.57 -18.48
CA ARG A 342 -24.32 -32.60 -18.22
C ARG A 342 -24.96 -33.52 -19.24
N PRO A 343 -26.13 -34.09 -18.93
CA PRO A 343 -26.79 -34.98 -19.90
C PRO A 343 -27.15 -34.23 -21.17
N ASN A 344 -26.69 -34.76 -22.30
CA ASN A 344 -26.91 -34.11 -23.59
C ASN A 344 -28.35 -34.30 -24.04
N LEU A 345 -29.19 -33.31 -23.76
CA LEU A 345 -30.60 -33.38 -24.15
C LEU A 345 -30.79 -33.11 -25.64
N SER A 346 -29.88 -32.36 -26.25
CA SER A 346 -30.02 -32.00 -27.66
C SER A 346 -29.52 -33.09 -28.60
N ARG A 347 -28.69 -34.01 -28.11
CA ARG A 347 -28.14 -35.10 -28.90
C ARG A 347 -27.39 -34.56 -30.12
N LYS A 348 -26.31 -33.83 -29.84
CA LYS A 348 -25.44 -33.30 -30.87
C LYS A 348 -24.15 -34.13 -30.95
N LEU A 349 -23.48 -34.02 -32.09
CA LEU A 349 -22.26 -34.77 -32.34
C LEU A 349 -21.06 -33.85 -32.23
N VAL A 350 -20.03 -34.31 -31.50
CA VAL A 350 -18.79 -33.56 -31.33
C VAL A 350 -17.76 -34.10 -32.30
N LYS A 351 -17.20 -33.22 -33.13
CA LYS A 351 -16.21 -33.63 -34.13
C LYS A 351 -14.98 -32.72 -34.07
N ALA A 352 -14.08 -32.89 -35.04
CA ALA A 352 -12.86 -32.08 -35.07
C ALA A 352 -13.08 -30.71 -35.69
N ASP A 353 -14.22 -30.48 -36.33
CA ASP A 353 -14.50 -29.19 -36.95
C ASP A 353 -14.85 -28.11 -35.94
N SER A 354 -15.11 -28.49 -34.68
CA SER A 354 -15.49 -27.51 -33.67
C SER A 354 -14.30 -26.64 -33.26
N PHE A 355 -13.24 -27.26 -32.72
CA PHE A 355 -12.09 -26.50 -32.26
C PHE A 355 -11.23 -26.01 -33.41
N PHE A 356 -11.17 -26.77 -34.50
CA PHE A 356 -10.40 -26.35 -35.67
C PHE A 356 -11.05 -25.12 -36.31
N MET A 357 -10.41 -23.97 -36.16
CA MET A 357 -10.95 -22.71 -36.67
C MET A 357 -10.62 -22.55 -38.14
N ASP A 358 -11.65 -22.31 -38.96
CA ASP A 358 -11.48 -22.06 -40.37
C ASP A 358 -11.74 -20.61 -40.76
N VAL A 359 -12.46 -19.85 -39.93
CA VAL A 359 -12.81 -18.47 -40.22
C VAL A 359 -12.62 -17.67 -38.93
N LEU A 360 -11.76 -16.66 -38.97
CA LEU A 360 -11.56 -15.81 -37.82
C LEU A 360 -12.76 -14.89 -37.60
N VAL A 361 -12.78 -14.23 -36.45
CA VAL A 361 -13.86 -13.33 -36.07
C VAL A 361 -13.25 -12.04 -35.54
N VAL A 362 -13.56 -10.92 -36.19
CA VAL A 362 -13.06 -9.63 -35.77
C VAL A 362 -14.17 -8.88 -35.04
N PRO A 363 -13.85 -8.14 -33.97
CA PRO A 363 -14.89 -7.43 -33.22
C PRO A 363 -15.40 -6.24 -34.00
N PRO A 364 -16.58 -5.72 -33.66
CA PRO A 364 -17.11 -4.55 -34.36
C PRO A 364 -16.19 -3.33 -34.20
N THR A 365 -16.40 -2.35 -35.07
CA THR A 365 -15.55 -1.16 -35.09
C THR A 365 -15.70 -0.32 -33.82
N ARG A 366 -16.78 -0.51 -33.06
CA ARG A 366 -16.93 0.21 -31.80
C ARG A 366 -15.83 -0.17 -30.81
N PHE A 367 -15.33 -1.40 -30.91
CA PHE A 367 -14.21 -1.85 -30.09
C PHE A 367 -12.88 -1.79 -30.86
N ARG A 368 -12.85 -1.05 -31.96
CA ARG A 368 -11.67 -0.95 -32.82
C ARG A 368 -11.39 0.49 -33.20
N LEU A 369 -11.65 1.42 -32.29
CA LEU A 369 -11.44 2.83 -32.59
C LEU A 369 -9.95 3.10 -32.81
N PRO A 370 -9.59 4.01 -33.73
CA PRO A 370 -8.17 4.24 -34.01
C PRO A 370 -7.44 4.96 -32.88
N SER A 371 -8.13 5.83 -32.15
CA SER A 371 -7.50 6.57 -31.06
C SER A 371 -8.53 7.04 -30.04
N HIS A 378 -2.74 6.25 -35.62
CA HIS A 378 -2.07 5.17 -34.91
C HIS A 378 -2.82 3.85 -35.07
N GLU A 379 -2.06 2.75 -34.99
CA GLU A 379 -2.66 1.41 -35.04
C GLU A 379 -2.95 0.91 -33.62
N ASN A 380 -3.76 1.71 -32.90
CA ASN A 380 -4.08 1.40 -31.52
C ASN A 380 -5.20 0.38 -31.42
N SER A 381 -5.01 -0.76 -32.08
CA SER A 381 -5.96 -1.87 -32.09
C SER A 381 -5.27 -3.06 -32.74
N GLN A 382 -6.03 -4.13 -32.96
CA GLN A 382 -5.53 -5.35 -33.58
C GLN A 382 -5.29 -5.21 -35.09
N ASN A 383 -5.37 -3.98 -35.63
CA ASN A 383 -5.24 -3.80 -37.08
C ASN A 383 -3.88 -4.27 -37.59
N GLN A 384 -2.80 -3.94 -36.87
CA GLN A 384 -1.47 -4.30 -37.34
C GLN A 384 -1.21 -5.80 -37.24
N LEU A 385 -2.12 -6.58 -36.64
CA LEU A 385 -2.02 -8.03 -36.64
C LEU A 385 -2.98 -8.68 -37.64
N LEU A 386 -4.22 -8.19 -37.71
CA LEU A 386 -5.15 -8.70 -38.72
C LEU A 386 -4.68 -8.39 -40.13
N SER A 387 -4.05 -7.22 -40.33
CA SER A 387 -3.50 -6.90 -41.64
C SER A 387 -2.35 -7.84 -41.99
N LYS A 388 -1.60 -8.31 -40.99
CA LYS A 388 -0.56 -9.29 -41.25
C LYS A 388 -1.15 -10.64 -41.62
N VAL A 389 -2.26 -11.02 -40.98
CA VAL A 389 -2.93 -12.27 -41.33
C VAL A 389 -3.51 -12.18 -42.74
N LEU A 390 -4.08 -11.02 -43.09
CA LEU A 390 -4.66 -10.86 -44.42
C LEU A 390 -3.58 -10.70 -45.48
N THR A 391 -2.41 -10.18 -45.11
CA THR A 391 -1.31 -10.07 -46.06
C THR A 391 -0.80 -11.46 -46.46
N THR A 392 -0.52 -12.30 -45.46
CA THR A 392 -0.14 -13.68 -45.75
C THR A 392 -1.28 -14.44 -46.42
N SER A 393 -2.52 -14.09 -46.09
CA SER A 393 -3.67 -14.75 -46.73
C SER A 393 -3.76 -14.38 -48.20
N LEU A 394 -3.47 -13.12 -48.54
CA LEU A 394 -3.48 -12.73 -49.95
C LEU A 394 -2.28 -13.31 -50.69
N LEU A 395 -1.13 -13.43 -50.01
CA LEU A 395 0.03 -14.04 -50.65
C LEU A 395 -0.19 -15.52 -50.91
N ILE A 396 -0.94 -16.19 -50.03
CA ILE A 396 -1.15 -17.63 -50.17
C ILE A 396 -2.33 -17.95 -51.09
N ARG A 397 -3.29 -17.04 -51.24
CA ARG A 397 -4.32 -17.24 -52.25
C ARG A 397 -3.84 -16.89 -53.65
N ASP A 398 -2.70 -16.23 -53.76
CA ASP A 398 -2.02 -16.08 -55.05
C ASP A 398 -1.07 -17.24 -55.33
N LEU A 399 -0.75 -18.04 -54.30
CA LEU A 399 0.09 -19.21 -54.51
C LEU A 399 -0.66 -20.29 -55.28
N ASN A 400 -1.79 -20.74 -54.74
CA ASN A 400 -2.60 -21.75 -55.43
C ASN A 400 -3.13 -21.23 -56.76
N ASP A 401 -3.20 -19.92 -56.95
CA ASP A 401 -3.52 -19.37 -58.26
C ASP A 401 -2.31 -19.40 -59.18
N ASP A 402 -1.11 -19.26 -58.62
CA ASP A 402 0.11 -19.42 -59.43
C ASP A 402 0.28 -20.86 -59.87
N LEU A 403 -0.05 -21.82 -59.00
CA LEU A 403 0.04 -23.24 -59.33
C LEU A 403 -1.14 -23.71 -60.18
N SER A 404 -2.12 -22.85 -60.44
CA SER A 404 -3.23 -23.25 -61.29
C SER A 404 -2.79 -23.39 -62.75
N LYS A 405 -1.98 -22.45 -63.23
CA LYS A 405 -1.42 -22.52 -64.58
C LYS A 405 -0.02 -23.12 -64.53
N LEU A 406 0.02 -24.39 -64.17
CA LEU A 406 1.29 -25.11 -64.04
C LEU A 406 1.69 -25.76 -65.37
N ARG A 417 11.99 -27.42 -55.77
CA ARG A 417 11.48 -26.14 -56.24
C ARG A 417 11.22 -25.19 -55.08
N VAL A 418 11.43 -23.89 -55.32
CA VAL A 418 11.22 -22.90 -54.26
C VAL A 418 9.75 -22.54 -54.09
N ILE A 419 8.91 -22.81 -55.09
CA ILE A 419 7.49 -22.50 -54.97
C ILE A 419 6.81 -23.40 -53.94
N PHE A 420 7.42 -24.54 -53.60
CA PHE A 420 6.91 -25.42 -52.56
C PHE A 420 7.45 -25.03 -51.19
N SER A 421 8.72 -24.62 -51.12
CA SER A 421 9.29 -24.22 -49.83
C SER A 421 8.64 -22.95 -49.30
N ARG A 422 8.32 -22.01 -50.19
CA ARG A 422 7.65 -20.79 -49.75
C ARG A 422 6.19 -21.03 -49.42
N LEU A 423 5.60 -22.12 -49.92
CA LEU A 423 4.26 -22.51 -49.50
C LEU A 423 4.28 -23.13 -48.11
N MET A 424 5.26 -24.01 -47.85
CA MET A 424 5.41 -24.57 -46.51
C MET A 424 5.69 -23.47 -45.49
N ASN A 425 6.59 -22.54 -45.83
CA ASN A 425 6.85 -21.42 -44.95
C ASN A 425 5.63 -20.51 -44.84
N ALA A 426 4.79 -20.47 -45.88
CA ALA A 426 3.55 -19.69 -45.79
C ALA A 426 2.60 -20.30 -44.78
N PHE A 427 2.47 -21.63 -44.77
CA PHE A 427 1.64 -22.30 -43.78
C PHE A 427 2.14 -22.02 -42.37
N VAL A 428 3.46 -22.09 -42.18
CA VAL A 428 4.07 -21.87 -40.88
C VAL A 428 3.96 -20.41 -40.41
N THR A 429 4.03 -19.47 -41.36
CA THR A 429 3.95 -18.06 -41.02
C THR A 429 2.52 -17.55 -40.91
N ILE A 430 1.55 -18.25 -41.49
CA ILE A 430 0.15 -17.84 -41.34
C ILE A 430 -0.47 -18.45 -40.08
N GLN A 431 -0.02 -19.65 -39.70
CA GLN A 431 -0.50 -20.24 -38.45
C GLN A 431 0.18 -19.58 -37.25
N ASN A 432 1.46 -19.23 -37.39
CA ASN A 432 2.12 -18.45 -36.35
C ASN A 432 1.54 -17.04 -36.28
N ASP A 433 0.98 -16.55 -37.39
CA ASP A 433 0.38 -15.21 -37.40
C ASP A 433 -0.90 -15.18 -36.59
N VAL A 434 -1.81 -16.12 -36.85
CA VAL A 434 -3.07 -16.18 -36.10
C VAL A 434 -2.80 -16.57 -34.65
N ASN A 435 -1.80 -17.42 -34.40
CA ASN A 435 -1.41 -17.72 -33.03
C ASN A 435 -0.82 -16.50 -32.35
N ALA A 436 -0.14 -15.64 -33.10
CA ALA A 436 0.33 -14.38 -32.53
C ALA A 436 -0.82 -13.42 -32.26
N PHE A 437 -1.91 -13.54 -33.02
CA PHE A 437 -3.07 -12.71 -32.77
C PHE A 437 -3.80 -13.13 -31.50
N ILE A 438 -3.90 -14.43 -31.25
CA ILE A 438 -4.64 -14.91 -30.09
C ILE A 438 -3.78 -14.88 -28.84
N ASP A 439 -2.54 -15.35 -28.93
CA ASP A 439 -1.64 -15.42 -27.80
C ASP A 439 -0.34 -14.70 -28.12
N SER A 440 0.44 -14.41 -27.07
CA SER A 440 1.70 -13.70 -27.21
C SER A 440 2.89 -14.53 -26.73
N THR A 441 2.72 -15.85 -26.63
CA THR A 441 3.81 -16.74 -26.21
C THR A 441 4.22 -17.71 -27.30
N LYS A 442 3.74 -17.51 -28.53
CA LYS A 442 4.02 -18.44 -29.62
C LYS A 442 4.59 -17.78 -30.86
N ALA A 443 4.66 -16.45 -30.91
CA ALA A 443 5.18 -15.76 -32.07
C ALA A 443 6.70 -15.78 -32.09
N GLN A 444 7.26 -15.84 -33.31
CA GLN A 444 8.71 -15.77 -33.45
C GLN A 444 9.25 -14.41 -33.04
N GLY A 445 8.52 -13.34 -33.38
CA GLY A 445 8.90 -12.01 -32.95
C GLY A 445 10.16 -11.49 -33.65
N ARG A 446 10.73 -10.48 -33.03
CA ARG A 446 11.93 -9.81 -33.54
C ARG A 446 12.63 -9.16 -32.35
N THR A 447 13.56 -8.23 -32.64
CA THR A 447 14.29 -7.50 -31.61
C THR A 447 13.35 -6.86 -30.59
N SER A 448 13.90 -6.50 -29.43
CA SER A 448 13.11 -6.06 -28.27
C SER A 448 12.04 -5.04 -28.66
N GLY A 449 10.78 -5.42 -28.50
CA GLY A 449 9.67 -4.58 -28.95
C GLY A 449 9.02 -3.60 -28.01
N LYS A 450 9.60 -3.44 -26.81
CA LYS A 450 9.11 -2.55 -25.76
C LYS A 450 7.73 -3.07 -25.38
N VAL A 451 7.56 -4.36 -25.66
CA VAL A 451 6.36 -5.12 -25.35
C VAL A 451 5.52 -5.24 -26.62
N PRO A 452 5.16 -6.45 -27.04
CA PRO A 452 4.23 -6.59 -28.17
C PRO A 452 2.83 -6.15 -27.79
N ILE A 453 2.05 -5.82 -28.81
CA ILE A 453 0.71 -5.27 -28.56
C ILE A 453 -0.20 -6.37 -28.03
N PRO A 454 -0.94 -6.12 -26.95
CA PRO A 454 -1.90 -7.14 -26.47
C PRO A 454 -3.12 -7.24 -27.36
N GLY A 455 -3.23 -8.32 -28.11
CA GLY A 455 -4.32 -8.43 -29.08
C GLY A 455 -5.68 -8.76 -28.51
N VAL A 456 -5.85 -9.96 -27.95
CA VAL A 456 -7.14 -10.36 -27.40
C VAL A 456 -7.01 -10.90 -25.99
N LYS A 457 -6.17 -11.93 -25.81
CA LYS A 457 -6.09 -12.61 -24.52
C LYS A 457 -5.27 -11.81 -23.51
N GLN A 458 -4.03 -11.48 -23.86
CA GLN A 458 -3.22 -10.63 -23.00
C GLN A 458 -3.79 -9.22 -22.90
N ALA A 459 -4.70 -8.85 -23.80
CA ALA A 459 -5.49 -7.64 -23.62
C ALA A 459 -6.62 -7.84 -22.62
N LEU A 460 -7.15 -9.06 -22.54
CA LEU A 460 -8.14 -9.43 -21.54
C LEU A 460 -7.53 -9.67 -20.16
N GLU A 461 -6.20 -9.61 -20.05
CA GLU A 461 -5.48 -9.73 -18.78
C GLU A 461 -4.38 -8.67 -18.79
N LYS A 462 -4.70 -7.46 -18.32
CA LYS A 462 -3.67 -6.43 -18.30
C LYS A 462 -2.64 -6.72 -17.22
N LYS A 463 -3.04 -6.64 -15.96
CA LYS A 463 -2.25 -7.17 -14.86
C LYS A 463 -2.88 -8.48 -14.36
N GLU A 464 -2.82 -9.50 -15.21
CA GLU A 464 -3.27 -10.84 -14.84
C GLU A 464 -4.75 -10.84 -14.43
N GLY A 465 -5.61 -10.72 -15.45
CA GLY A 465 -7.03 -10.58 -15.19
C GLY A 465 -7.60 -9.18 -15.17
N LEU A 466 -7.53 -8.51 -16.32
CA LEU A 466 -8.14 -7.22 -16.59
C LEU A 466 -9.55 -7.09 -16.02
N PHE A 467 -10.25 -8.22 -15.87
CA PHE A 467 -11.57 -8.23 -15.24
C PHE A 467 -11.64 -7.39 -13.98
N ARG A 468 -10.52 -7.24 -13.26
CA ARG A 468 -10.50 -6.44 -12.04
C ARG A 468 -10.69 -4.95 -12.31
N LYS A 469 -10.73 -4.52 -13.57
CA LYS A 469 -10.91 -3.11 -13.91
C LYS A 469 -12.35 -2.78 -14.30
N HIS A 470 -13.06 -3.70 -14.96
CA HIS A 470 -14.42 -3.42 -15.43
C HIS A 470 -15.43 -4.47 -15.00
N MET A 471 -15.04 -5.44 -14.17
CA MET A 471 -15.97 -6.44 -13.65
C MET A 471 -16.08 -6.39 -12.14
N MET A 472 -14.96 -6.41 -11.41
CA MET A 472 -15.00 -6.37 -9.96
C MET A 472 -15.18 -4.95 -9.45
N GLY A 473 -14.23 -4.07 -9.76
CA GLY A 473 -14.28 -2.69 -9.33
C GLY A 473 -14.59 -1.75 -10.48
N LYS A 474 -15.71 -1.05 -10.37
CA LYS A 474 -16.17 -0.15 -11.41
C LYS A 474 -15.86 1.30 -11.05
N ARG A 475 -15.92 2.15 -12.08
CA ARG A 475 -15.87 3.60 -11.89
C ARG A 475 -17.28 4.06 -11.56
N VAL A 476 -17.58 4.19 -10.27
CA VAL A 476 -18.94 4.52 -9.85
C VAL A 476 -19.24 5.98 -10.14
N ASN A 477 -20.52 6.28 -10.34
CA ASN A 477 -20.99 7.63 -10.63
C ASN A 477 -21.70 8.19 -9.41
N TYR A 478 -21.91 9.51 -9.42
CA TYR A 478 -22.56 10.23 -8.33
C TYR A 478 -21.81 10.02 -7.01
N ALA A 479 -20.56 10.46 -7.00
CA ALA A 479 -19.70 10.31 -5.83
C ALA A 479 -18.77 11.50 -5.72
N ALA A 480 -18.36 11.80 -4.49
CA ALA A 480 -17.45 12.89 -4.20
C ALA A 480 -16.23 12.37 -3.45
N ARG A 481 -15.22 13.22 -3.32
CA ARG A 481 -13.98 12.86 -2.63
C ARG A 481 -13.21 14.12 -2.31
N SER A 482 -12.80 14.25 -1.05
CA SER A 482 -12.05 15.41 -0.60
C SER A 482 -11.35 15.05 0.71
N VAL A 483 -10.66 16.03 1.29
CA VAL A 483 -9.97 15.85 2.56
C VAL A 483 -10.96 16.09 3.69
N ILE A 484 -10.78 15.37 4.79
CA ILE A 484 -11.67 15.45 5.92
C ILE A 484 -11.10 16.42 6.95
N SER A 485 -11.98 16.98 7.78
CA SER A 485 -11.62 17.90 8.84
C SER A 485 -12.52 17.65 10.05
N PRO A 486 -11.98 17.73 11.26
CA PRO A 486 -12.79 17.45 12.45
C PRO A 486 -13.88 18.49 12.65
N ASP A 487 -15.01 18.03 13.20
CA ASP A 487 -16.15 18.91 13.42
C ASP A 487 -17.02 18.38 14.55
N PRO A 488 -16.85 18.87 15.78
CA PRO A 488 -17.73 18.45 16.87
C PRO A 488 -19.14 19.01 16.71
N ASN A 489 -19.99 18.77 17.71
CA ASN A 489 -21.40 19.16 17.76
C ASN A 489 -22.25 18.37 16.76
N ILE A 490 -21.66 17.44 16.01
CA ILE A 490 -22.40 16.53 15.16
C ILE A 490 -22.62 15.24 15.93
N GLU A 491 -23.86 14.75 15.93
CA GLU A 491 -24.24 13.67 16.83
C GLU A 491 -23.85 12.29 16.31
N THR A 492 -22.58 12.13 15.94
CA THR A 492 -21.95 10.83 15.73
C THR A 492 -22.57 10.03 14.59
N ASN A 493 -23.61 10.57 13.95
CA ASN A 493 -24.27 9.87 12.86
C ASN A 493 -24.42 10.71 11.60
N GLU A 494 -24.17 12.02 11.66
CA GLU A 494 -24.24 12.90 10.51
C GLU A 494 -22.83 13.34 10.11
N ILE A 495 -22.75 14.07 9.01
CA ILE A 495 -21.50 14.61 8.50
C ILE A 495 -21.76 16.04 8.02
N GLY A 496 -20.70 16.68 7.52
CA GLY A 496 -20.82 18.00 6.96
C GLY A 496 -20.41 18.04 5.50
N VAL A 497 -21.32 18.48 4.64
CA VAL A 497 -21.07 18.50 3.20
C VAL A 497 -20.94 19.95 2.73
N PRO A 498 -19.91 20.25 1.94
CA PRO A 498 -19.74 21.63 1.45
C PRO A 498 -20.80 21.97 0.42
N PRO A 499 -21.04 23.26 0.18
CA PRO A 499 -21.97 23.64 -0.89
C PRO A 499 -21.51 23.21 -2.27
N VAL A 500 -20.20 23.13 -2.50
CA VAL A 500 -19.70 22.68 -3.80
C VAL A 500 -20.09 21.24 -4.06
N PHE A 501 -20.22 20.43 -2.99
CA PHE A 501 -20.76 19.09 -3.14
C PHE A 501 -22.29 19.08 -3.14
N ALA A 502 -22.91 20.11 -2.60
CA ALA A 502 -24.37 20.24 -2.60
C ALA A 502 -24.91 20.82 -3.90
N VAL A 503 -24.06 21.06 -4.89
CA VAL A 503 -24.49 21.58 -6.19
C VAL A 503 -24.27 20.55 -7.29
N LYS A 504 -23.17 19.79 -7.23
CA LYS A 504 -22.87 18.83 -8.28
C LYS A 504 -23.72 17.57 -8.15
N LEU A 505 -23.60 16.88 -7.01
CA LEU A 505 -24.35 15.64 -6.80
C LEU A 505 -25.85 15.91 -6.82
N THR A 506 -26.62 14.87 -7.12
CA THR A 506 -28.07 14.98 -7.19
C THR A 506 -28.69 13.61 -7.02
N TYR A 507 -30.02 13.56 -6.97
CA TYR A 507 -30.76 12.33 -6.72
C TYR A 507 -32.18 12.45 -7.27
N PRO A 508 -32.66 11.48 -8.04
CA PRO A 508 -34.01 11.60 -8.61
C PRO A 508 -35.09 11.35 -7.57
N GLU A 509 -36.17 12.11 -7.69
CA GLU A 509 -37.34 11.96 -6.83
C GLU A 509 -38.60 12.20 -7.65
N PRO A 510 -39.46 11.19 -7.81
CA PRO A 510 -40.69 11.39 -8.60
C PRO A 510 -41.66 12.33 -7.89
N VAL A 511 -42.26 13.23 -8.66
CA VAL A 511 -43.18 14.21 -8.10
C VAL A 511 -44.46 13.50 -7.67
N THR A 512 -44.94 13.82 -6.48
CA THR A 512 -46.12 13.19 -5.90
C THR A 512 -46.93 14.25 -5.17
N ALA A 513 -47.93 13.80 -4.41
CA ALA A 513 -48.78 14.71 -3.65
C ALA A 513 -48.13 15.18 -2.34
N TYR A 514 -47.03 14.56 -1.92
CA TYR A 514 -46.35 14.93 -0.69
C TYR A 514 -45.04 15.67 -0.97
N ASN A 515 -44.85 16.18 -2.18
CA ASN A 515 -43.67 16.96 -2.52
C ASN A 515 -44.01 18.22 -3.30
N ILE A 516 -45.30 18.55 -3.44
CA ILE A 516 -45.67 19.74 -4.20
C ILE A 516 -45.35 21.02 -3.44
N ALA A 517 -45.16 20.95 -2.13
CA ALA A 517 -44.87 22.14 -1.34
C ALA A 517 -43.38 22.39 -1.18
N GLU A 518 -42.56 21.34 -1.25
CA GLU A 518 -41.12 21.46 -1.03
C GLU A 518 -40.31 21.38 -2.31
N LEU A 519 -40.70 20.53 -3.26
CA LEU A 519 -39.92 20.38 -4.48
C LEU A 519 -40.09 21.57 -5.41
N ARG A 520 -41.23 22.27 -5.33
CA ARG A 520 -41.41 23.48 -6.12
C ARG A 520 -40.40 24.54 -5.73
N GLN A 521 -40.04 24.60 -4.44
CA GLN A 521 -38.98 25.50 -4.02
C GLN A 521 -37.65 25.13 -4.64
N ALA A 522 -37.44 23.84 -4.92
CA ALA A 522 -36.18 23.39 -5.51
C ALA A 522 -36.09 23.75 -6.99
N VAL A 523 -37.16 23.48 -7.76
CA VAL A 523 -37.14 23.78 -9.18
C VAL A 523 -37.10 25.29 -9.42
N ILE A 524 -37.68 26.08 -8.51
CA ILE A 524 -37.59 27.53 -8.61
C ILE A 524 -36.19 28.01 -8.26
N ASN A 525 -35.56 27.33 -7.28
CA ASN A 525 -34.24 27.76 -6.82
C ASN A 525 -33.19 27.57 -7.90
N GLY A 526 -33.02 26.34 -8.37
CA GLY A 526 -32.05 26.04 -9.40
C GLY A 526 -30.83 25.33 -8.85
N PRO A 527 -29.88 25.02 -9.74
CA PRO A 527 -28.71 24.21 -9.34
C PRO A 527 -27.73 24.95 -8.44
N ASP A 528 -27.46 26.21 -8.76
CA ASP A 528 -26.40 26.95 -8.07
C ASP A 528 -26.74 27.18 -6.60
N LYS A 529 -27.81 27.92 -6.35
CA LYS A 529 -28.19 28.26 -4.98
C LYS A 529 -28.91 27.09 -4.32
N TRP A 530 -28.48 26.74 -3.09
CA TRP A 530 -28.98 25.64 -2.27
C TRP A 530 -30.18 26.09 -1.44
N PRO A 531 -31.22 25.24 -1.33
CA PRO A 531 -31.35 23.96 -2.04
C PRO A 531 -32.19 24.08 -3.30
N GLY A 532 -31.83 23.37 -4.36
CA GLY A 532 -32.57 23.47 -5.60
C GLY A 532 -32.60 22.19 -6.41
N ALA A 533 -32.84 22.33 -7.71
CA ALA A 533 -32.90 21.21 -8.64
C ALA A 533 -32.05 21.51 -9.86
N THR A 534 -31.22 20.54 -10.26
CA THR A 534 -30.33 20.73 -11.40
C THR A 534 -30.90 20.20 -12.70
N GLN A 535 -31.65 19.10 -12.68
CA GLN A 535 -32.19 18.49 -13.88
C GLN A 535 -33.59 17.98 -13.60
N ILE A 536 -34.44 18.04 -14.63
CA ILE A 536 -35.81 17.52 -14.57
C ILE A 536 -35.95 16.45 -15.65
N GLN A 537 -36.33 15.26 -15.24
CA GLN A 537 -36.49 14.12 -16.14
C GLN A 537 -37.95 14.03 -16.58
N ASN A 538 -38.19 14.21 -17.87
CA ASN A 538 -39.55 14.21 -18.39
C ASN A 538 -40.15 12.81 -18.36
N GLU A 539 -41.45 12.74 -18.66
CA GLU A 539 -42.13 11.45 -18.73
C GLU A 539 -41.76 10.67 -19.99
N ASP A 540 -41.23 11.33 -21.01
CA ASP A 540 -40.89 10.70 -22.28
C ASP A 540 -39.43 10.28 -22.34
N GLY A 541 -38.69 10.35 -21.23
CA GLY A 541 -37.30 9.96 -21.20
C GLY A 541 -36.32 11.09 -21.39
N SER A 542 -36.69 12.11 -22.16
CA SER A 542 -35.79 13.23 -22.42
C SER A 542 -35.40 13.92 -21.11
N LEU A 543 -34.13 14.25 -20.99
CA LEU A 543 -33.57 14.84 -19.77
C LEU A 543 -33.35 16.33 -19.98
N VAL A 544 -34.04 17.14 -19.19
CA VAL A 544 -33.89 18.60 -19.21
C VAL A 544 -33.07 19.03 -18.01
N SER A 545 -32.29 20.09 -18.18
CA SER A 545 -31.46 20.64 -17.12
C SER A 545 -31.78 22.11 -16.94
N LEU A 546 -31.18 22.71 -15.91
CA LEU A 546 -31.37 24.12 -15.57
C LEU A 546 -30.03 24.82 -15.40
N ILE A 547 -29.07 24.50 -16.27
CA ILE A 547 -27.73 25.09 -16.15
C ILE A 547 -27.76 26.56 -16.52
N GLY A 548 -28.23 26.87 -17.73
CA GLY A 548 -28.23 28.24 -18.21
C GLY A 548 -29.62 28.81 -18.47
N MET A 549 -30.61 28.36 -17.70
CA MET A 549 -31.98 28.82 -17.86
C MET A 549 -32.29 29.89 -16.81
N SER A 550 -33.22 30.78 -17.16
CA SER A 550 -33.53 31.94 -16.34
C SER A 550 -34.55 31.61 -15.26
N VAL A 551 -34.79 32.58 -14.39
CA VAL A 551 -35.71 32.38 -13.27
C VAL A 551 -37.16 32.30 -13.77
N GLU A 552 -37.49 33.05 -14.81
CA GLU A 552 -38.84 32.99 -15.37
C GLU A 552 -39.10 31.62 -15.98
N GLN A 553 -38.08 31.01 -16.58
CA GLN A 553 -38.24 29.65 -17.10
C GLN A 553 -38.30 28.63 -15.98
N ARG A 554 -37.62 28.89 -14.86
CA ARG A 554 -37.73 28.00 -13.70
C ARG A 554 -39.15 28.02 -13.14
N LYS A 555 -39.76 29.21 -13.04
CA LYS A 555 -41.13 29.29 -12.57
C LYS A 555 -42.11 28.72 -13.60
N ALA A 556 -41.77 28.82 -14.89
CA ALA A 556 -42.63 28.22 -15.91
C ALA A 556 -42.68 26.71 -15.76
N LEU A 557 -41.53 26.08 -15.53
CA LEU A 557 -41.51 24.65 -15.25
C LEU A 557 -42.07 24.32 -13.87
N ALA A 558 -42.07 25.28 -12.95
CA ALA A 558 -42.62 25.03 -11.62
C ALA A 558 -44.14 24.93 -11.68
N ASN A 559 -44.79 25.89 -12.32
CA ASN A 559 -46.24 25.85 -12.47
C ASN A 559 -46.72 24.75 -13.40
N GLN A 560 -45.83 24.17 -14.19
CA GLN A 560 -46.14 23.06 -15.09
C GLN A 560 -45.34 21.82 -14.69
N LEU A 561 -45.27 21.56 -13.39
CA LEU A 561 -44.51 20.43 -12.85
C LEU A 561 -45.41 19.26 -12.46
N LEU A 562 -46.43 19.52 -11.64
CA LEU A 562 -47.38 18.48 -11.23
C LEU A 562 -48.58 18.57 -12.17
N THR A 563 -48.48 17.88 -13.30
CA THR A 563 -49.51 17.87 -14.33
C THR A 563 -49.68 16.45 -14.85
N PRO A 564 -50.87 16.10 -15.33
CA PRO A 564 -51.06 14.77 -15.92
C PRO A 564 -50.22 14.59 -17.17
N SER A 565 -49.96 13.33 -17.51
CA SER A 565 -49.12 13.01 -18.65
C SER A 565 -49.82 13.40 -19.96
N SER A 566 -49.06 13.28 -21.06
CA SER A 566 -49.57 13.68 -22.36
C SER A 566 -50.63 12.70 -22.87
N ASN A 567 -50.47 11.41 -22.58
CA ASN A 567 -51.38 10.40 -23.08
C ASN A 567 -51.54 9.30 -22.03
N VAL A 568 -52.29 8.26 -22.39
CA VAL A 568 -52.56 7.17 -21.45
C VAL A 568 -51.33 6.28 -21.31
N SER A 569 -50.61 6.05 -22.42
CA SER A 569 -49.44 5.18 -22.37
C SER A 569 -48.34 5.71 -21.48
N THR A 570 -48.35 7.01 -21.17
CA THR A 570 -47.38 7.62 -20.27
C THR A 570 -48.01 8.08 -18.97
N HIS A 571 -49.31 7.87 -18.78
CA HIS A 571 -50.01 8.29 -17.57
C HIS A 571 -49.55 7.55 -16.32
N THR A 572 -48.84 6.43 -16.48
CA THR A 572 -48.47 5.60 -15.33
C THR A 572 -47.43 6.27 -14.44
N LEU A 573 -46.65 7.21 -14.97
CA LEU A 573 -45.62 7.89 -14.19
C LEU A 573 -45.68 9.39 -14.44
N ASN A 574 -44.90 10.12 -13.65
CA ASN A 574 -44.76 11.57 -13.78
C ASN A 574 -43.27 11.94 -13.86
N LYS A 575 -42.97 13.23 -13.83
CA LYS A 575 -41.59 13.67 -13.91
C LYS A 575 -40.83 13.30 -12.63
N LYS A 576 -39.56 12.96 -12.79
CA LYS A 576 -38.67 12.63 -11.67
C LYS A 576 -37.65 13.76 -11.57
N VAL A 577 -37.99 14.79 -10.81
CA VAL A 577 -37.11 15.95 -10.66
C VAL A 577 -35.91 15.55 -9.81
N TYR A 578 -34.72 15.91 -10.29
CA TYR A 578 -33.50 15.62 -9.55
C TYR A 578 -33.33 16.61 -8.40
N ARG A 579 -32.77 16.11 -7.30
CA ARG A 579 -32.60 16.90 -6.07
C ARG A 579 -31.20 16.67 -5.55
N HIS A 580 -30.47 17.76 -5.28
CA HIS A 580 -29.05 17.65 -4.99
C HIS A 580 -28.77 16.88 -3.70
N ILE A 581 -29.15 17.44 -2.56
CA ILE A 581 -28.94 16.81 -1.26
C ILE A 581 -29.71 17.58 -0.20
N LYS A 582 -30.23 16.86 0.80
CA LYS A 582 -30.82 17.46 1.99
C LYS A 582 -30.48 16.60 3.19
N ASN A 583 -30.69 17.16 4.38
CA ASN A 583 -30.32 16.49 5.63
C ASN A 583 -31.11 15.22 5.89
N ARG A 584 -32.08 14.87 5.02
CA ARG A 584 -32.80 13.61 5.15
C ARG A 584 -32.22 12.51 4.27
N ASP A 585 -31.14 12.78 3.55
CA ASP A 585 -30.53 11.82 2.65
C ASP A 585 -29.39 11.07 3.34
N VAL A 586 -28.99 9.96 2.75
CA VAL A 586 -27.96 9.09 3.30
C VAL A 586 -26.74 9.15 2.39
N VAL A 587 -25.56 9.05 3.00
CA VAL A 587 -24.29 9.03 2.28
C VAL A 587 -23.36 8.05 2.98
N LEU A 588 -22.77 7.13 2.22
CA LEU A 588 -21.81 6.18 2.75
C LEU A 588 -20.40 6.71 2.60
N MET A 589 -19.62 6.62 3.67
CA MET A 589 -18.23 7.05 3.66
C MET A 589 -17.32 5.84 3.49
N ASN A 590 -16.30 5.98 2.65
CA ASN A 590 -15.36 4.91 2.38
C ASN A 590 -13.95 5.47 2.35
N ARG A 591 -12.99 4.64 2.76
CA ARG A 591 -11.59 5.04 2.78
C ARG A 591 -10.72 3.86 2.38
N GLN A 592 -9.88 4.08 1.38
CA GLN A 592 -8.91 3.06 0.98
C GLN A 592 -7.66 3.16 1.84
N PRO A 593 -7.09 2.03 2.27
CA PRO A 593 -7.62 0.69 1.98
C PRO A 593 -8.63 0.20 3.02
N THR A 594 -9.88 -0.02 2.59
CA THR A 594 -10.87 -0.61 3.47
C THR A 594 -10.52 -2.07 3.75
N LEU A 595 -10.63 -2.47 5.02
CA LEU A 595 -10.17 -3.78 5.44
C LEU A 595 -11.15 -4.54 6.33
N HIS A 596 -12.31 -3.98 6.63
CA HIS A 596 -13.26 -4.64 7.52
C HIS A 596 -14.67 -4.18 7.21
N LYS A 597 -15.64 -4.76 7.93
CA LYS A 597 -17.04 -4.48 7.69
C LYS A 597 -17.41 -3.05 8.08
N ALA A 598 -16.79 -2.53 9.15
CA ALA A 598 -17.11 -1.22 9.67
C ALA A 598 -16.41 -0.09 8.92
N SER A 599 -15.66 -0.39 7.87
CA SER A 599 -14.94 0.64 7.13
C SER A 599 -15.80 1.37 6.11
N MET A 600 -17.05 0.95 5.93
CA MET A 600 -17.98 1.61 5.01
C MET A 600 -19.33 1.71 5.71
N MET A 601 -19.57 2.83 6.38
CA MET A 601 -20.79 3.07 7.12
C MET A 601 -21.67 4.06 6.38
N GLY A 602 -22.98 3.95 6.60
CA GLY A 602 -23.94 4.87 6.04
C GLY A 602 -24.34 5.93 7.05
N HIS A 603 -24.05 7.19 6.72
CA HIS A 603 -24.28 8.30 7.62
C HIS A 603 -25.34 9.24 7.03
N LYS A 604 -25.93 10.04 7.91
CA LYS A 604 -26.75 11.15 7.48
C LYS A 604 -25.87 12.33 7.09
N VAL A 605 -26.47 13.32 6.45
CA VAL A 605 -25.73 14.48 5.96
C VAL A 605 -26.27 15.75 6.59
N ARG A 606 -25.46 16.79 6.53
CA ARG A 606 -25.82 18.10 7.06
C ARG A 606 -24.95 19.14 6.38
N VAL A 607 -25.57 20.05 5.63
CA VAL A 607 -24.80 21.04 4.86
C VAL A 607 -24.14 22.03 5.81
N LEU A 608 -22.97 22.51 5.40
CA LEU A 608 -22.21 23.50 6.16
C LEU A 608 -21.61 24.50 5.19
N PRO A 609 -22.26 25.65 4.98
CA PRO A 609 -21.69 26.66 4.06
C PRO A 609 -20.48 27.36 4.65
N ASN A 610 -19.40 26.62 4.86
CA ASN A 610 -18.21 27.19 5.47
C ASN A 610 -16.95 26.99 4.65
N GLU A 611 -16.79 25.85 3.99
CA GLU A 611 -15.57 25.54 3.25
C GLU A 611 -15.90 24.53 2.17
N LYS A 612 -14.87 23.95 1.55
CA LYS A 612 -15.02 22.96 0.50
C LYS A 612 -14.45 21.60 0.88
N THR A 613 -14.31 21.33 2.18
CA THR A 613 -13.76 20.09 2.67
C THR A 613 -14.80 19.33 3.50
N LEU A 614 -14.56 18.03 3.65
CA LEU A 614 -15.51 17.15 4.33
C LEU A 614 -15.32 17.23 5.84
N ARG A 615 -16.37 16.85 6.57
CA ARG A 615 -16.38 16.85 8.02
C ARG A 615 -16.47 15.42 8.54
N LEU A 616 -16.23 15.29 9.85
CA LEU A 616 -16.26 14.00 10.53
C LEU A 616 -16.26 14.24 12.03
N HIS A 617 -16.67 13.22 12.78
CA HIS A 617 -16.71 13.28 14.23
C HIS A 617 -15.47 12.60 14.81
N TYR A 618 -15.23 12.85 16.10
CA TYR A 618 -14.04 12.32 16.75
C TYR A 618 -14.12 10.81 16.92
N ALA A 619 -15.23 10.33 17.49
CA ALA A 619 -15.42 8.89 17.66
C ALA A 619 -15.67 8.17 16.35
N ASN A 620 -15.84 8.89 15.24
CA ASN A 620 -16.08 8.30 13.94
C ASN A 620 -14.78 7.96 13.22
N THR A 621 -13.76 8.82 13.34
CA THR A 621 -12.49 8.58 12.67
C THR A 621 -11.70 7.44 13.31
N GLY A 622 -12.12 6.95 14.48
CA GLY A 622 -11.44 5.82 15.09
C GLY A 622 -11.84 4.47 14.55
N ALA A 623 -13.01 4.39 13.90
CA ALA A 623 -13.43 3.14 13.28
C ALA A 623 -12.83 2.98 11.89
N TYR A 624 -12.74 4.07 11.14
CA TYR A 624 -12.14 4.04 9.81
C TYR A 624 -10.63 3.90 9.83
N ASN A 625 -10.00 3.88 11.01
CA ASN A 625 -8.55 3.82 11.15
C ASN A 625 -7.89 4.95 10.37
N ALA A 626 -8.47 6.15 10.47
CA ALA A 626 -8.02 7.32 9.74
C ALA A 626 -7.45 8.35 10.70
N ASP A 627 -6.81 9.36 10.11
CA ASP A 627 -6.23 10.48 10.86
C ASP A 627 -6.59 11.76 10.11
N PHE A 628 -5.97 12.86 10.52
CA PHE A 628 -6.23 14.17 9.92
C PHE A 628 -4.94 14.90 9.62
N ASP A 629 -3.94 14.17 9.12
CA ASP A 629 -2.69 14.75 8.65
C ASP A 629 -2.67 14.93 7.13
N GLY A 630 -3.84 15.07 6.53
CA GLY A 630 -3.98 15.10 5.10
C GLY A 630 -4.60 13.85 4.48
N ASP A 631 -5.32 13.06 5.27
CA ASP A 631 -5.90 11.82 4.77
C ASP A 631 -7.06 12.12 3.83
N GLU A 632 -7.07 11.45 2.68
CA GLU A 632 -8.10 11.61 1.66
C GLU A 632 -8.93 10.34 1.60
N MET A 633 -10.25 10.49 1.76
CA MET A 633 -11.18 9.37 1.69
C MET A 633 -12.31 9.72 0.74
N ASN A 634 -13.02 8.67 0.31
CA ASN A 634 -14.06 8.83 -0.70
C ASN A 634 -15.39 9.21 -0.05
N MET A 635 -16.41 9.37 -0.89
CA MET A 635 -17.75 9.70 -0.42
C MET A 635 -18.74 9.21 -1.47
N HIS A 636 -19.48 8.16 -1.14
CA HIS A 636 -20.45 7.59 -2.06
C HIS A 636 -21.84 8.17 -1.81
N PHE A 637 -22.75 7.90 -2.75
CA PHE A 637 -24.10 8.44 -2.68
C PHE A 637 -25.09 7.51 -3.37
N PRO A 638 -26.05 6.95 -2.65
CA PRO A 638 -27.00 6.01 -3.27
C PRO A 638 -27.92 6.71 -4.25
N GLN A 639 -28.46 5.91 -5.17
CA GLN A 639 -29.33 6.41 -6.24
C GLN A 639 -30.66 5.66 -6.27
N ASN A 640 -31.10 5.15 -5.12
CA ASN A 640 -32.35 4.41 -5.03
C ASN A 640 -32.94 4.60 -3.64
N GLU A 641 -34.27 4.63 -3.58
CA GLU A 641 -34.95 4.73 -2.28
C GLU A 641 -34.67 3.51 -1.42
N ASN A 642 -34.72 2.32 -2.03
CA ASN A 642 -34.37 1.10 -1.31
C ASN A 642 -32.90 1.12 -0.88
N ALA A 643 -32.04 1.71 -1.70
CA ALA A 643 -30.64 1.87 -1.30
C ALA A 643 -30.51 2.78 -0.10
N ARG A 644 -31.37 3.79 0.00
CA ARG A 644 -31.38 4.64 1.19
C ARG A 644 -31.83 3.89 2.42
N ALA A 645 -32.77 2.95 2.27
CA ALA A 645 -33.25 2.17 3.41
C ALA A 645 -32.17 1.25 3.95
N GLU A 646 -31.49 0.52 3.05
CA GLU A 646 -30.43 -0.37 3.48
C GLU A 646 -29.27 0.41 4.11
N ALA A 647 -28.95 1.58 3.56
CA ALA A 647 -27.85 2.39 4.08
C ALA A 647 -28.20 3.11 5.38
N LEU A 648 -29.50 3.27 5.68
CA LEU A 648 -29.92 3.96 6.89
C LEU A 648 -30.31 3.01 8.02
N ASN A 649 -30.70 1.78 7.70
CA ASN A 649 -31.14 0.82 8.71
C ASN A 649 -30.25 -0.40 8.85
N LEU A 650 -29.44 -0.72 7.85
CA LEU A 650 -28.55 -1.87 7.92
C LEU A 650 -27.08 -1.48 7.98
N ALA A 651 -26.63 -0.61 7.07
CA ALA A 651 -25.25 -0.13 7.08
C ALA A 651 -25.08 1.17 7.86
N ASN A 652 -26.01 1.46 8.78
CA ASN A 652 -25.92 2.68 9.56
C ASN A 652 -24.75 2.62 10.54
N THR A 653 -24.34 3.80 11.03
CA THR A 653 -23.16 3.86 11.89
C THR A 653 -23.48 3.44 13.32
N ASP A 654 -24.69 3.75 13.80
CA ASP A 654 -25.04 3.36 15.17
C ASP A 654 -25.25 1.86 15.27
N SER A 655 -25.79 1.23 14.22
CA SER A 655 -25.87 -0.22 14.19
C SER A 655 -24.51 -0.87 14.08
N GLN A 656 -23.51 -0.13 13.59
CA GLN A 656 -22.13 -0.60 13.50
C GLN A 656 -21.30 -0.23 14.72
N TYR A 657 -21.94 -0.04 15.87
CA TYR A 657 -21.21 0.32 17.08
C TYR A 657 -20.27 -0.80 17.52
N LEU A 658 -20.64 -2.05 17.25
CA LEU A 658 -19.86 -3.21 17.65
C LEU A 658 -19.33 -3.90 16.40
N THR A 659 -18.00 -4.17 16.38
CA THR A 659 -17.47 -4.85 15.19
C THR A 659 -17.52 -6.36 15.38
N PRO A 660 -17.98 -7.11 14.37
CA PRO A 660 -18.11 -8.57 14.47
C PRO A 660 -16.79 -9.32 14.36
N THR A 661 -15.80 -8.91 15.15
CA THR A 661 -14.50 -9.55 15.18
C THR A 661 -14.19 -10.19 16.53
N SER A 662 -14.26 -9.42 17.61
CA SER A 662 -13.98 -9.96 18.94
C SER A 662 -14.95 -9.47 20.02
N GLY A 663 -15.93 -8.63 19.68
CA GLY A 663 -16.85 -8.11 20.66
C GLY A 663 -16.46 -6.78 21.28
N SER A 664 -15.39 -6.15 20.80
CA SER A 664 -14.95 -4.87 21.36
C SER A 664 -15.53 -3.73 20.55
N PRO A 665 -16.16 -2.75 21.19
CA PRO A 665 -16.75 -1.62 20.45
C PRO A 665 -15.67 -0.70 19.89
N VAL A 666 -15.65 -0.55 18.57
CA VAL A 666 -14.72 0.37 17.91
C VAL A 666 -15.45 1.70 17.79
N ARG A 667 -15.41 2.48 18.87
CA ARG A 667 -16.05 3.78 18.97
C ARG A 667 -15.70 4.36 20.34
N GLY A 668 -15.83 5.68 20.45
CA GLY A 668 -15.51 6.35 21.70
C GLY A 668 -14.52 7.48 21.51
N LEU A 669 -14.69 8.55 22.29
CA LEU A 669 -13.79 9.69 22.20
C LEU A 669 -12.36 9.27 22.55
N ILE A 670 -11.39 9.95 21.94
CA ILE A 670 -10.02 9.44 21.92
C ILE A 670 -9.14 10.15 22.94
N GLN A 671 -8.92 11.45 22.76
CA GLN A 671 -7.96 12.18 23.58
C GLN A 671 -8.55 13.34 24.35
N ASP A 672 -9.28 14.24 23.68
CA ASP A 672 -9.69 15.49 24.32
C ASP A 672 -10.79 15.24 25.35
N HIS A 673 -11.89 14.62 24.93
CA HIS A 673 -13.04 14.45 25.81
C HIS A 673 -12.81 13.43 26.91
N ILE A 674 -11.72 12.66 26.85
CA ILE A 674 -11.38 11.77 27.95
C ILE A 674 -10.40 12.46 28.91
N SER A 675 -9.51 13.30 28.41
CA SER A 675 -8.63 14.07 29.27
C SER A 675 -9.39 15.08 30.11
N ALA A 676 -10.57 15.50 29.66
CA ALA A 676 -11.43 16.38 30.45
C ALA A 676 -12.31 15.61 31.42
N GLY A 677 -12.45 14.29 31.24
CA GLY A 677 -13.25 13.50 32.16
C GLY A 677 -12.57 13.30 33.50
N VAL A 678 -11.24 13.07 33.48
CA VAL A 678 -10.48 12.91 34.71
C VAL A 678 -10.59 14.15 35.59
N TRP A 679 -10.81 15.32 34.98
CA TRP A 679 -10.94 16.56 35.72
C TRP A 679 -12.38 16.90 36.04
N LEU A 680 -13.30 16.71 35.10
CA LEU A 680 -14.70 17.06 35.34
C LEU A 680 -15.32 16.16 36.41
N THR A 681 -15.17 14.85 36.25
CA THR A 681 -15.77 13.88 37.17
C THR A 681 -14.92 13.62 38.41
N SER A 682 -13.96 14.50 38.70
CA SER A 682 -13.10 14.33 39.85
C SER A 682 -13.75 14.92 41.10
N LYS A 683 -13.08 14.75 42.24
CA LYS A 683 -13.61 15.29 43.49
C LYS A 683 -13.25 16.76 43.69
N ASP A 684 -12.11 17.19 43.16
CA ASP A 684 -11.71 18.59 43.28
C ASP A 684 -12.35 19.43 42.19
N SER A 685 -13.68 19.36 42.08
CA SER A 685 -14.41 20.14 41.09
C SER A 685 -15.79 20.45 41.67
N PHE A 686 -15.92 21.63 42.26
CA PHE A 686 -17.17 22.08 42.88
C PHE A 686 -17.79 23.15 42.00
N PHE A 687 -18.81 22.77 41.23
CA PHE A 687 -19.53 23.73 40.41
C PHE A 687 -20.58 24.46 41.23
N THR A 688 -20.89 25.67 40.80
CA THR A 688 -21.84 26.52 41.50
C THR A 688 -23.18 26.51 40.77
N ARG A 689 -24.16 27.21 41.35
CA ARG A 689 -25.49 27.29 40.74
C ARG A 689 -25.47 27.99 39.40
N GLU A 690 -24.42 28.76 39.11
CA GLU A 690 -24.29 29.47 37.84
C GLU A 690 -23.68 28.60 36.76
N GLN A 691 -22.60 27.88 37.08
CA GLN A 691 -21.92 27.07 36.08
C GLN A 691 -22.64 25.75 35.83
N TYR A 692 -23.18 25.13 36.88
CA TYR A 692 -23.76 23.80 36.78
C TYR A 692 -24.85 23.74 35.70
N GLN A 693 -25.77 24.70 35.74
CA GLN A 693 -26.88 24.68 34.78
C GLN A 693 -26.40 25.02 33.37
N GLN A 694 -25.32 25.80 33.24
CA GLN A 694 -24.78 26.09 31.93
C GLN A 694 -24.10 24.87 31.33
N TYR A 695 -23.37 24.11 32.16
CA TYR A 695 -22.79 22.85 31.69
C TYR A 695 -23.84 21.79 31.41
N ILE A 696 -25.11 22.08 31.64
CA ILE A 696 -26.19 21.12 31.36
C ILE A 696 -26.88 21.44 30.04
N TYR A 697 -27.34 22.68 29.87
CA TYR A 697 -28.06 23.03 28.65
C TYR A 697 -27.15 23.06 27.43
N GLY A 698 -25.86 23.33 27.60
CA GLY A 698 -24.95 23.28 26.47
C GLY A 698 -24.74 21.89 25.90
N CYS A 699 -25.31 20.87 26.54
CA CYS A 699 -25.21 19.48 26.10
C CYS A 699 -26.56 18.88 25.75
N ILE A 700 -27.57 19.08 26.60
CA ILE A 700 -28.87 18.48 26.36
C ILE A 700 -29.54 19.09 25.14
N ARG A 701 -29.75 20.41 25.16
CA ARG A 701 -30.45 21.14 24.11
C ARG A 701 -31.80 20.49 23.81
N PRO A 702 -32.79 20.61 24.71
CA PRO A 702 -34.11 20.01 24.45
C PRO A 702 -34.80 20.57 23.21
N GLU A 703 -34.33 21.69 22.66
CA GLU A 703 -34.92 22.23 21.44
C GLU A 703 -34.66 21.30 20.26
N ASP A 704 -33.40 20.97 20.00
CA ASP A 704 -33.09 20.00 18.96
C ASP A 704 -33.61 18.62 19.31
N GLY A 705 -33.66 18.30 20.60
CA GLY A 705 -34.22 17.04 21.06
C GLY A 705 -33.16 16.01 21.42
N HIS A 706 -32.94 15.84 22.73
CA HIS A 706 -32.08 14.78 23.23
C HIS A 706 -32.62 14.12 24.48
N THR A 707 -33.78 14.55 24.98
CA THR A 707 -34.41 13.99 26.15
C THR A 707 -35.78 13.43 25.77
N THR A 708 -36.55 13.02 26.77
CA THR A 708 -37.86 12.40 26.54
C THR A 708 -39.00 13.11 27.24
N ARG A 709 -38.76 13.64 28.44
CA ARG A 709 -39.82 14.30 29.20
C ARG A 709 -40.16 15.69 28.66
N SER A 710 -39.40 16.20 27.70
CA SER A 710 -39.58 17.53 27.10
C SER A 710 -39.45 18.65 28.13
N LYS A 711 -38.98 18.36 29.33
CA LYS A 711 -38.76 19.38 30.35
C LYS A 711 -37.71 18.85 31.32
N ILE A 712 -36.49 19.38 31.23
CA ILE A 712 -35.38 18.87 32.01
C ILE A 712 -35.52 19.35 33.46
N VAL A 713 -35.18 18.46 34.40
CA VAL A 713 -35.30 18.74 35.82
C VAL A 713 -33.90 18.86 36.43
N THR A 714 -33.85 19.37 37.65
CA THR A 714 -32.60 19.54 38.39
C THR A 714 -32.57 18.58 39.57
N LEU A 715 -31.42 18.55 40.24
CA LEU A 715 -31.19 17.70 41.40
C LEU A 715 -30.74 18.53 42.58
N PRO A 716 -31.00 18.06 43.80
CA PRO A 716 -30.53 18.80 44.97
C PRO A 716 -29.01 18.86 44.99
N PRO A 717 -28.44 19.93 45.51
CA PRO A 717 -26.99 20.08 45.51
C PRO A 717 -26.33 19.15 46.53
N THR A 718 -25.02 18.99 46.38
CA THR A 718 -24.26 18.17 47.32
C THR A 718 -24.13 18.87 48.67
N ILE A 719 -24.00 20.20 48.66
CA ILE A 719 -23.82 20.98 49.87
C ILE A 719 -24.89 22.08 49.91
N PHE A 720 -25.44 22.32 51.09
CA PHE A 720 -26.44 23.37 51.27
C PHE A 720 -25.93 24.58 52.03
N LYS A 721 -25.00 24.41 52.96
CA LYS A 721 -24.45 25.50 53.75
C LYS A 721 -22.93 25.35 53.81
N PRO A 722 -22.19 26.47 53.82
CA PRO A 722 -22.70 27.84 53.79
C PRO A 722 -23.04 28.34 52.38
N TYR A 723 -22.73 27.53 51.36
CA TYR A 723 -22.99 27.92 49.99
C TYR A 723 -23.27 26.68 49.16
N PRO A 724 -24.27 26.72 48.29
CA PRO A 724 -24.60 25.54 47.48
C PRO A 724 -23.47 25.19 46.51
N LEU A 725 -23.06 23.93 46.52
CA LEU A 725 -22.02 23.42 45.63
C LEU A 725 -22.47 22.12 45.01
N TRP A 726 -21.71 21.66 44.02
CA TRP A 726 -22.03 20.43 43.30
C TRP A 726 -20.74 19.65 43.09
N THR A 727 -20.83 18.55 42.35
CA THR A 727 -19.69 17.68 42.11
C THR A 727 -19.79 17.11 40.70
N GLY A 728 -18.64 16.77 40.13
CA GLY A 728 -18.62 16.17 38.80
C GLY A 728 -19.40 14.88 38.72
N LYS A 729 -19.44 14.12 39.82
CA LYS A 729 -20.25 12.91 39.85
C LYS A 729 -21.73 13.22 39.68
N GLN A 730 -22.15 14.43 40.08
CA GLN A 730 -23.56 14.79 39.99
C GLN A 730 -23.92 15.40 38.64
N ILE A 731 -22.99 16.13 38.01
CA ILE A 731 -23.27 16.71 36.70
C ILE A 731 -23.39 15.61 35.64
N ILE A 732 -22.64 14.52 35.82
CA ILE A 732 -22.77 13.40 34.90
C ILE A 732 -23.90 12.48 35.32
N THR A 733 -24.29 12.52 36.60
CA THR A 733 -25.45 11.75 37.05
C THR A 733 -26.73 12.32 36.45
N THR A 734 -26.90 13.64 36.52
CA THR A 734 -28.12 14.25 36.00
C THR A 734 -28.16 14.23 34.47
N VAL A 735 -27.00 14.29 33.81
CA VAL A 735 -26.99 14.24 32.36
C VAL A 735 -27.26 12.82 31.87
N LEU A 736 -26.91 11.82 32.69
CA LEU A 736 -27.29 10.45 32.37
C LEU A 736 -28.75 10.19 32.68
N LEU A 737 -29.30 10.86 33.68
CA LEU A 737 -30.73 10.74 34.00
C LEU A 737 -31.59 11.51 33.00
N ASN A 738 -31.02 12.46 32.27
CA ASN A 738 -31.76 13.24 31.28
C ASN A 738 -31.75 12.61 29.90
N VAL A 739 -30.73 11.80 29.58
CA VAL A 739 -30.67 11.14 28.28
C VAL A 739 -31.41 9.82 28.25
N THR A 740 -31.90 9.34 29.42
CA THR A 740 -32.61 8.07 29.44
C THR A 740 -34.12 8.28 29.35
N PRO A 741 -34.82 7.40 28.66
CA PRO A 741 -36.28 7.51 28.58
C PRO A 741 -36.93 7.08 29.89
N PRO A 742 -38.17 7.50 30.15
CA PRO A 742 -38.83 7.11 31.40
C PRO A 742 -39.29 5.67 31.38
N ASP A 743 -40.02 5.26 32.43
CA ASP A 743 -40.62 3.93 32.59
C ASP A 743 -39.58 2.83 32.75
N MET A 744 -38.29 3.14 32.77
CA MET A 744 -37.24 2.15 32.93
C MET A 744 -36.34 2.57 34.09
N PRO A 745 -36.03 1.68 35.02
CA PRO A 745 -35.20 2.05 36.16
C PRO A 745 -33.77 2.38 35.74
N GLY A 746 -32.99 2.83 36.70
CA GLY A 746 -31.61 3.18 36.44
C GLY A 746 -30.73 1.96 36.24
N ILE A 747 -29.61 2.17 35.57
CA ILE A 747 -28.68 1.11 35.24
C ILE A 747 -27.71 0.92 36.40
N ASN A 748 -27.44 -0.32 36.76
CA ASN A 748 -26.54 -0.65 37.86
C ASN A 748 -25.24 -1.19 37.30
N LEU A 749 -24.12 -0.58 37.69
CA LEU A 749 -22.80 -0.96 37.20
C LEU A 749 -21.85 -1.17 38.37
N ILE A 750 -20.86 -2.03 38.13
CA ILE A 750 -19.74 -2.22 39.05
C ILE A 750 -18.51 -2.58 38.21
N SER A 751 -17.44 -1.80 38.35
CA SER A 751 -16.24 -2.00 37.55
C SER A 751 -15.07 -1.33 38.27
N LYS A 752 -13.89 -1.47 37.67
CA LYS A 752 -12.66 -0.87 38.20
C LYS A 752 -12.00 -0.04 37.12
N ASN A 753 -11.37 1.06 37.54
CA ASN A 753 -10.71 1.96 36.61
C ASN A 753 -9.31 1.44 36.30
N LYS A 754 -8.49 2.27 35.65
CA LYS A 754 -7.21 1.82 35.11
C LYS A 754 -6.00 2.38 35.82
N ILE A 755 -6.05 3.61 36.33
CA ILE A 755 -4.83 4.29 36.74
C ILE A 755 -4.20 3.60 37.95
N LYS A 756 -4.85 3.72 39.12
CA LYS A 756 -4.47 3.02 40.35
C LYS A 756 -5.37 3.44 41.49
N ASN A 757 -5.19 2.82 42.66
CA ASN A 757 -5.82 3.26 43.89
C ASN A 757 -4.88 4.10 44.77
N GLU A 758 -3.71 4.45 44.26
CA GLU A 758 -2.72 5.20 45.03
C GLU A 758 -2.41 6.58 44.48
N TYR A 759 -2.63 6.83 43.19
CA TYR A 759 -2.35 8.14 42.62
C TYR A 759 -3.21 9.23 43.24
N TRP A 760 -4.41 8.87 43.71
CA TRP A 760 -5.29 9.81 44.39
C TRP A 760 -5.04 9.90 45.88
N GLY A 761 -3.95 9.30 46.36
CA GLY A 761 -3.65 9.30 47.78
C GLY A 761 -4.01 8.02 48.48
N LYS A 762 -4.52 8.12 49.71
CA LYS A 762 -4.94 6.96 50.49
C LYS A 762 -6.44 7.04 50.72
N GLY A 763 -7.18 6.13 50.10
CA GLY A 763 -8.66 5.98 50.54
C GLY A 763 -9.09 6.97 49.46
N SER A 764 -8.69 6.75 48.23
CA SER A 764 -9.09 7.63 47.16
C SER A 764 -9.72 6.48 46.46
N LEU A 765 -10.81 6.02 47.05
CA LEU A 765 -11.47 4.82 46.52
C LEU A 765 -12.04 5.08 45.12
N GLU A 766 -11.31 5.86 44.32
CA GLU A 766 -11.78 6.27 43.01
C GLU A 766 -11.50 5.25 41.92
N ASN A 767 -10.98 4.08 42.27
CA ASN A 767 -10.69 3.05 41.27
C ASN A 767 -11.96 2.32 40.85
N GLU A 768 -12.86 2.06 41.78
CA GLU A 768 -14.09 1.35 41.48
C GLU A 768 -15.22 2.33 41.20
N VAL A 769 -16.05 2.01 40.20
CA VAL A 769 -17.20 2.81 39.83
C VAL A 769 -18.46 2.00 40.10
N LEU A 770 -19.45 2.64 40.73
CA LEU A 770 -20.70 1.98 41.08
C LEU A 770 -21.84 2.91 40.73
N PHE A 771 -22.55 2.60 39.63
CA PHE A 771 -23.73 3.35 39.22
C PHE A 771 -24.94 2.71 39.85
N LYS A 772 -25.64 3.45 40.71
CA LYS A 772 -26.83 2.95 41.38
C LYS A 772 -28.04 3.77 40.94
N ASP A 773 -29.01 3.10 40.31
CA ASP A 773 -30.24 3.75 39.85
C ASP A 773 -29.93 4.91 38.90
N GLY A 774 -29.00 4.67 37.98
CA GLY A 774 -28.62 5.70 37.03
C GLY A 774 -27.90 6.88 37.64
N ALA A 775 -27.15 6.65 38.72
CA ALA A 775 -26.47 7.73 39.43
C ALA A 775 -25.06 7.30 39.81
N LEU A 776 -24.09 8.16 39.54
CA LEU A 776 -22.70 7.92 39.91
C LEU A 776 -22.47 8.39 41.34
N LEU A 777 -21.98 7.49 42.19
CA LEU A 777 -21.72 7.81 43.59
C LEU A 777 -20.25 7.85 43.95
N CYS A 778 -19.40 7.15 43.20
CA CYS A 778 -17.97 7.11 43.49
C CYS A 778 -17.22 6.53 42.30
N GLY A 779 -16.05 7.09 42.01
CA GLY A 779 -15.17 6.60 40.97
C GLY A 779 -14.81 7.70 40.00
N ILE A 780 -14.41 7.29 38.80
CA ILE A 780 -13.98 8.22 37.76
C ILE A 780 -14.20 7.54 36.42
N LEU A 781 -14.39 8.35 35.38
CA LEU A 781 -14.52 7.85 34.01
C LEU A 781 -13.16 7.90 33.33
N ASP A 782 -12.87 6.88 32.53
CA ASP A 782 -11.57 6.74 31.90
C ASP A 782 -11.73 5.94 30.62
N LYS A 783 -10.59 5.51 30.06
CA LYS A 783 -10.62 4.72 28.82
C LYS A 783 -11.40 3.42 28.99
N SER A 784 -11.41 2.87 30.21
CA SER A 784 -12.12 1.60 30.43
C SER A 784 -13.63 1.79 30.34
N GLN A 785 -14.16 2.83 30.98
CA GLN A 785 -15.60 3.05 30.98
C GLN A 785 -16.06 3.77 29.71
N TYR A 786 -15.43 4.89 29.38
CA TYR A 786 -15.84 5.73 28.26
C TYR A 786 -14.70 5.79 27.25
N GLY A 787 -14.87 5.13 26.12
CA GLY A 787 -13.86 5.11 25.08
C GLY A 787 -13.94 3.81 24.30
N ALA A 788 -12.78 3.37 23.81
CA ALA A 788 -12.66 2.15 23.02
C ALA A 788 -12.27 1.01 23.95
N SER A 789 -13.27 0.46 24.64
CA SER A 789 -13.07 -0.62 25.57
C SER A 789 -14.38 -1.37 25.77
N LYS A 790 -14.32 -2.47 26.52
CA LYS A 790 -15.46 -3.31 26.79
C LYS A 790 -15.92 -3.13 28.24
N TYR A 791 -17.19 -3.48 28.47
CA TYR A 791 -17.79 -3.44 29.82
C TYR A 791 -17.76 -2.03 30.40
N GLY A 792 -18.03 -1.03 29.55
CA GLY A 792 -18.03 0.35 29.96
C GLY A 792 -19.43 0.89 30.21
N ILE A 793 -19.49 2.18 30.52
CA ILE A 793 -20.77 2.85 30.74
C ILE A 793 -21.62 2.81 29.48
N VAL A 794 -21.00 3.12 28.33
CA VAL A 794 -21.74 3.08 27.07
C VAL A 794 -22.01 1.63 26.66
N HIS A 795 -21.06 0.72 26.93
CA HIS A 795 -21.27 -0.68 26.58
C HIS A 795 -22.46 -1.28 27.34
N SER A 796 -22.76 -0.75 28.52
CA SER A 796 -23.95 -1.17 29.24
C SER A 796 -25.20 -0.45 28.73
N LEU A 797 -25.08 0.85 28.47
CA LEU A 797 -26.20 1.61 27.93
C LEU A 797 -26.54 1.18 26.52
N HIS A 798 -25.66 0.44 25.86
CA HIS A 798 -25.91 -0.01 24.49
C HIS A 798 -26.93 -1.16 24.47
N GLU A 799 -26.78 -2.12 25.38
CA GLU A 799 -27.65 -3.29 25.38
C GLU A 799 -28.81 -3.16 26.35
N VAL A 800 -28.66 -2.38 27.42
CA VAL A 800 -29.75 -2.23 28.38
C VAL A 800 -30.88 -1.39 27.79
N TYR A 801 -30.54 -0.34 27.06
CA TYR A 801 -31.53 0.55 26.47
C TYR A 801 -31.62 0.45 24.95
N GLY A 802 -30.49 0.45 24.25
CA GLY A 802 -30.50 0.36 22.81
C GLY A 802 -29.33 1.05 22.15
N PRO A 803 -29.03 0.66 20.91
CA PRO A 803 -27.92 1.32 20.19
C PRO A 803 -28.18 2.78 19.89
N GLU A 804 -29.44 3.17 19.73
CA GLU A 804 -29.74 4.58 19.52
C GLU A 804 -29.45 5.39 20.78
N VAL A 805 -29.70 4.81 21.95
CA VAL A 805 -29.36 5.48 23.20
C VAL A 805 -27.85 5.60 23.35
N ALA A 806 -27.11 4.57 22.93
CA ALA A 806 -25.65 4.63 22.98
C ALA A 806 -25.12 5.68 22.02
N ALA A 807 -25.68 5.75 20.81
CA ALA A 807 -25.28 6.79 19.87
C ALA A 807 -25.68 8.18 20.34
N LYS A 808 -26.68 8.27 21.21
CA LYS A 808 -27.09 9.57 21.74
C LYS A 808 -26.16 10.03 22.88
N VAL A 809 -25.81 9.11 23.77
CA VAL A 809 -24.96 9.48 24.90
C VAL A 809 -23.55 9.80 24.43
N LEU A 810 -23.14 9.29 23.27
CA LEU A 810 -21.86 9.67 22.69
C LEU A 810 -21.84 11.14 22.32
N SER A 811 -22.93 11.63 21.75
CA SER A 811 -23.00 13.04 21.36
C SER A 811 -23.20 13.94 22.58
N VAL A 812 -24.03 13.50 23.54
CA VAL A 812 -24.30 14.32 24.71
C VAL A 812 -23.03 14.50 25.53
N LEU A 813 -22.34 13.40 25.83
CA LEU A 813 -21.08 13.51 26.56
C LEU A 813 -19.99 14.13 25.71
N GLY A 814 -19.99 13.85 24.40
CA GLY A 814 -19.04 14.51 23.51
C GLY A 814 -19.10 16.03 23.62
N ARG A 815 -20.32 16.59 23.51
CA ARG A 815 -20.49 18.02 23.71
C ARG A 815 -20.33 18.44 25.15
N LEU A 816 -20.48 17.50 26.10
CA LEU A 816 -20.30 17.82 27.51
C LEU A 816 -18.86 18.20 27.79
N PHE A 817 -17.92 17.32 27.47
CA PHE A 817 -16.51 17.61 27.71
C PHE A 817 -16.01 18.75 26.82
N THR A 818 -16.62 18.93 25.65
CA THR A 818 -16.27 20.06 24.79
C THR A 818 -16.64 21.37 25.44
N ASN A 819 -17.88 21.48 25.92
CA ASN A 819 -18.31 22.69 26.61
C ASN A 819 -17.60 22.87 27.95
N TYR A 820 -17.01 21.81 28.50
CA TYR A 820 -16.20 21.94 29.69
C TYR A 820 -14.79 22.44 29.36
N ILE A 821 -14.28 22.10 28.18
CA ILE A 821 -12.94 22.54 27.80
C ILE A 821 -12.96 23.99 27.34
N THR A 822 -14.04 24.42 26.68
CA THR A 822 -14.14 25.82 26.27
C THR A 822 -14.25 26.77 27.45
N ALA A 823 -14.38 26.25 28.68
CA ALA A 823 -14.31 27.05 29.89
C ALA A 823 -13.22 26.59 30.83
N THR A 824 -12.59 25.44 30.57
CA THR A 824 -11.50 24.93 31.40
C THR A 824 -10.59 24.10 30.49
N ALA A 825 -9.50 24.71 30.02
CA ALA A 825 -8.67 24.12 28.98
C ALA A 825 -7.61 23.20 29.60
N PHE A 826 -7.48 22.00 29.03
CA PHE A 826 -6.41 21.09 29.39
C PHE A 826 -5.16 21.45 28.61
N THR A 827 -4.13 21.92 29.32
CA THR A 827 -2.93 22.46 28.68
C THR A 827 -1.70 21.75 29.21
N CYS A 828 -0.80 21.38 28.31
CA CYS A 828 0.48 20.79 28.67
C CYS A 828 1.51 21.91 28.88
N GLY A 829 2.75 21.51 29.13
CA GLY A 829 3.81 22.48 29.34
C GLY A 829 5.14 21.77 29.55
N MET A 830 6.20 22.57 29.46
CA MET A 830 7.54 22.04 29.67
C MET A 830 7.75 21.60 31.11
N ASP A 831 7.04 22.21 32.05
CA ASP A 831 7.16 21.83 33.45
C ASP A 831 6.51 20.47 33.74
N ASP A 832 5.75 19.92 32.80
CA ASP A 832 5.08 18.64 33.04
C ASP A 832 6.07 17.48 33.05
N LEU A 833 7.08 17.53 32.17
CA LEU A 833 8.03 16.44 32.02
C LEU A 833 9.34 16.69 32.75
N ARG A 834 9.32 17.50 33.81
CA ARG A 834 10.50 17.79 34.60
C ARG A 834 10.37 17.17 35.98
N LEU A 835 11.49 16.73 36.53
CA LEU A 835 11.54 16.09 37.84
C LEU A 835 12.42 16.92 38.79
N THR A 836 12.62 16.40 39.99
CA THR A 836 13.36 17.09 41.04
C THR A 836 14.78 16.57 41.13
N ALA A 837 15.53 17.11 42.10
CA ALA A 837 16.91 16.68 42.31
C ALA A 837 16.99 15.24 42.78
N GLU A 838 15.98 14.77 43.50
CA GLU A 838 15.96 13.36 43.91
C GLU A 838 15.77 12.44 42.71
N GLY A 839 15.00 12.88 41.72
CA GLY A 839 14.78 12.11 40.51
C GLY A 839 16.05 11.85 39.71
N ASN A 840 16.73 12.92 39.31
CA ASN A 840 17.92 12.76 38.47
C ASN A 840 19.10 12.22 39.26
N LYS A 841 19.12 12.42 40.59
CA LYS A 841 20.17 11.82 41.40
C LYS A 841 20.04 10.31 41.45
N TRP A 842 18.80 9.81 41.60
CA TRP A 842 18.58 8.38 41.51
C TRP A 842 18.91 7.87 40.11
N ARG A 843 18.67 8.69 39.09
CA ARG A 843 18.98 8.29 37.72
C ARG A 843 20.47 8.08 37.53
N THR A 844 21.27 9.11 37.81
CA THR A 844 22.72 8.97 37.66
C THR A 844 23.29 7.93 38.62
N ASP A 845 22.60 7.67 39.72
CA ASP A 845 23.01 6.57 40.60
C ASP A 845 22.88 5.23 39.88
N ILE A 846 21.80 5.03 39.14
CA ILE A 846 21.64 3.82 38.33
C ILE A 846 22.62 3.83 37.16
N LEU A 847 22.89 5.00 36.60
CA LEU A 847 23.83 5.09 35.48
C LEU A 847 25.24 4.70 35.90
N LYS A 848 25.59 4.88 37.18
CA LYS A 848 26.92 4.51 37.64
C LYS A 848 27.07 3.01 37.79
N THR A 849 26.02 2.34 38.28
CA THR A 849 26.05 0.90 38.47
C THR A 849 25.72 0.12 37.20
N SER A 850 25.56 0.80 36.07
CA SER A 850 25.27 0.15 34.80
C SER A 850 26.44 0.23 33.83
N VAL A 851 27.58 0.76 34.24
CA VAL A 851 28.74 0.85 33.35
C VAL A 851 29.47 -0.48 33.24
N ASP A 852 29.34 -1.35 34.24
CA ASP A 852 30.04 -2.63 34.25
C ASP A 852 29.15 -3.81 33.88
N THR A 853 27.83 -3.70 34.07
CA THR A 853 26.95 -4.84 33.84
C THR A 853 26.92 -5.25 32.38
N GLY A 854 27.20 -4.32 31.46
CA GLY A 854 27.34 -4.66 30.06
C GLY A 854 28.46 -5.66 29.82
N ARG A 855 29.67 -5.32 30.28
CA ARG A 855 30.79 -6.25 30.18
C ARG A 855 30.55 -7.51 30.99
N GLU A 856 29.76 -7.41 32.08
CA GLU A 856 29.45 -8.60 32.86
C GLU A 856 28.59 -9.57 32.07
N ALA A 857 27.55 -9.07 31.40
CA ALA A 857 26.73 -9.93 30.56
C ALA A 857 27.53 -10.51 29.40
N ALA A 858 28.38 -9.69 28.79
CA ALA A 858 29.26 -10.18 27.73
C ALA A 858 30.19 -11.27 28.25
N ALA A 859 30.56 -11.21 29.52
CA ALA A 859 31.38 -12.26 30.12
C ALA A 859 30.57 -13.50 30.46
N GLU A 860 29.26 -13.37 30.65
CA GLU A 860 28.43 -14.53 30.94
C GLU A 860 28.12 -15.35 29.69
N VAL A 861 28.08 -14.70 28.53
CA VAL A 861 27.81 -15.41 27.28
C VAL A 861 29.00 -16.29 26.90
N THR A 862 30.22 -15.81 27.16
CA THR A 862 31.43 -16.53 26.80
C THR A 862 31.88 -17.52 27.86
N ASN A 863 31.08 -17.71 28.92
CA ASN A 863 31.33 -18.65 30.02
C ASN A 863 32.52 -18.27 30.90
N LEU A 864 33.21 -17.17 30.61
CA LEU A 864 34.25 -16.70 31.50
C LEU A 864 33.64 -16.12 32.77
N ASP A 865 34.18 -16.52 33.92
CA ASP A 865 33.53 -16.19 35.19
C ASP A 865 33.72 -14.71 35.55
N LYS A 866 34.91 -14.30 35.94
CA LYS A 866 34.95 -12.89 36.31
C LYS A 866 36.25 -12.11 36.26
N ASP A 867 36.04 -10.81 36.21
CA ASP A 867 37.06 -9.78 36.25
C ASP A 867 37.91 -9.39 35.05
N THR A 868 37.69 -9.84 33.81
CA THR A 868 38.68 -9.25 32.92
C THR A 868 38.01 -8.35 31.90
N PRO A 869 38.63 -7.20 31.57
CA PRO A 869 38.08 -6.32 30.55
C PRO A 869 38.33 -6.83 29.13
N ALA A 870 37.98 -6.02 28.14
CA ALA A 870 38.10 -6.41 26.73
C ALA A 870 39.54 -6.27 26.24
N ASP A 871 40.44 -7.00 26.89
CA ASP A 871 41.84 -7.00 26.50
C ASP A 871 42.48 -8.38 26.55
N ASP A 872 41.71 -9.43 26.83
CA ASP A 872 42.30 -10.75 27.02
C ASP A 872 42.51 -11.45 25.67
N PRO A 873 43.64 -12.12 25.48
CA PRO A 873 43.80 -12.96 24.28
C PRO A 873 42.80 -14.10 24.22
N GLU A 874 42.41 -14.65 25.36
CA GLU A 874 41.41 -15.71 25.39
C GLU A 874 40.01 -15.15 25.14
N LEU A 875 39.71 -13.98 25.72
CA LEU A 875 38.38 -13.41 25.56
C LEU A 875 38.17 -12.89 24.14
N LEU A 876 39.22 -12.33 23.53
CA LEU A 876 39.05 -11.80 22.18
C LEU A 876 38.80 -12.90 21.16
N LYS A 877 39.33 -14.10 21.40
CA LYS A 877 39.03 -15.22 20.51
C LYS A 877 37.57 -15.64 20.62
N ARG A 878 36.90 -15.33 21.74
CA ARG A 878 35.52 -15.74 21.93
C ARG A 878 34.56 -14.74 21.29
N LEU A 879 34.71 -13.46 21.61
CA LEU A 879 33.80 -12.46 21.04
C LEU A 879 34.11 -12.14 19.58
N GLN A 880 35.22 -12.63 19.04
CA GLN A 880 35.49 -12.46 17.62
C GLN A 880 34.73 -13.46 16.77
N GLU A 881 34.40 -14.62 17.33
CA GLU A 881 33.61 -15.63 16.63
C GLU A 881 32.13 -15.59 16.97
N ILE A 882 31.76 -14.89 18.05
CA ILE A 882 30.35 -14.72 18.39
C ILE A 882 29.65 -13.72 17.49
N LEU A 883 30.41 -12.93 16.73
CA LEU A 883 29.86 -11.92 15.83
C LEU A 883 30.00 -12.32 14.37
N ARG A 884 30.46 -13.54 14.08
CA ARG A 884 30.67 -13.98 12.71
C ARG A 884 29.40 -14.54 12.09
N ASP A 885 28.80 -15.53 12.75
CA ASP A 885 27.61 -16.20 12.22
C ASP A 885 26.35 -15.71 12.94
N ASN A 886 25.24 -15.74 12.22
CA ASN A 886 23.97 -15.33 12.80
C ASN A 886 23.55 -16.24 13.94
N ASN A 887 23.92 -17.52 13.87
CA ASN A 887 23.61 -18.43 14.96
C ASN A 887 24.30 -18.01 16.25
N LYS A 888 25.54 -17.51 16.14
CA LYS A 888 26.24 -17.00 17.32
C LYS A 888 25.78 -15.60 17.70
N SER A 889 25.15 -14.87 16.78
CA SER A 889 24.67 -13.53 17.07
C SER A 889 23.26 -13.52 17.67
N GLY A 890 22.57 -14.65 17.65
CA GLY A 890 21.23 -14.75 18.20
C GLY A 890 21.15 -15.17 19.64
N ILE A 891 22.28 -15.45 20.28
CA ILE A 891 22.29 -15.88 21.69
C ILE A 891 22.70 -14.77 22.64
N LEU A 892 23.13 -13.62 22.13
CA LEU A 892 23.52 -12.50 22.98
C LEU A 892 22.50 -11.37 23.01
N ASP A 893 21.75 -11.17 21.92
CA ASP A 893 20.74 -10.13 21.86
C ASP A 893 19.53 -10.42 22.74
N ALA A 894 19.48 -11.57 23.40
CA ALA A 894 18.42 -11.91 24.32
C ALA A 894 18.81 -11.69 25.77
N VAL A 895 20.00 -12.14 26.17
CA VAL A 895 20.45 -11.95 27.55
C VAL A 895 20.82 -10.49 27.79
N THR A 896 21.49 -9.86 26.82
CA THR A 896 21.88 -8.46 26.97
C THR A 896 20.66 -7.55 27.00
N SER A 897 19.73 -7.75 26.06
CA SER A 897 18.54 -6.92 26.01
C SER A 897 17.65 -7.15 27.23
N SER A 898 17.62 -8.37 27.76
CA SER A 898 16.80 -8.63 28.95
C SER A 898 17.40 -7.94 30.17
N LYS A 899 18.72 -7.99 30.32
CA LYS A 899 19.36 -7.28 31.42
C LYS A 899 19.17 -5.78 31.29
N VAL A 900 19.31 -5.25 30.07
CA VAL A 900 19.10 -3.82 29.84
C VAL A 900 17.65 -3.46 30.10
N ASN A 901 16.70 -4.29 29.64
CA ASN A 901 15.30 -4.03 29.94
C ASN A 901 15.01 -4.11 31.43
N ALA A 902 15.79 -4.91 32.16
CA ALA A 902 15.65 -4.93 33.62
C ALA A 902 16.19 -3.66 34.24
N ILE A 903 17.22 -3.06 33.61
CA ILE A 903 17.77 -1.80 34.12
C ILE A 903 16.75 -0.67 33.98
N THR A 904 16.25 -0.49 32.75
CA THR A 904 15.25 0.55 32.52
C THR A 904 13.94 0.26 33.24
N SER A 905 13.68 -1.01 33.57
CA SER A 905 12.52 -1.33 34.40
C SER A 905 12.72 -0.80 35.82
N GLN A 906 13.94 -0.87 36.34
CA GLN A 906 14.22 -0.30 37.66
C GLN A 906 14.11 1.22 37.62
N VAL A 907 14.56 1.85 36.54
CA VAL A 907 14.49 3.30 36.42
C VAL A 907 13.02 3.76 36.40
N VAL A 908 12.21 3.13 35.55
CA VAL A 908 10.82 3.54 35.42
C VAL A 908 10.00 3.15 36.65
N SER A 909 10.47 2.20 37.45
CA SER A 909 9.75 1.80 38.64
C SER A 909 10.11 2.64 39.87
N LYS A 910 11.30 3.26 39.88
CA LYS A 910 11.75 4.04 41.02
C LYS A 910 11.56 5.55 40.83
N CYS A 911 11.80 6.06 39.62
CA CYS A 911 11.73 7.50 39.39
C CYS A 911 10.28 7.98 39.33
N VAL A 912 9.52 7.48 38.35
CA VAL A 912 8.14 7.89 38.16
C VAL A 912 7.23 6.89 38.88
N PRO A 913 6.19 7.34 39.60
CA PRO A 913 5.81 8.73 39.84
C PRO A 913 6.25 9.28 41.20
N ASP A 914 7.50 9.05 41.57
CA ASP A 914 8.01 9.49 42.87
C ASP A 914 9.01 10.64 42.77
N GLY A 915 9.94 10.59 41.83
CA GLY A 915 10.93 11.63 41.67
C GLY A 915 10.51 12.83 40.84
N THR A 916 9.31 12.81 40.27
CA THR A 916 8.87 13.89 39.41
C THR A 916 8.58 15.15 40.23
N MET A 917 8.64 16.29 39.54
CA MET A 917 8.34 17.57 40.18
C MET A 917 6.83 17.82 40.23
N LYS A 918 6.17 17.70 39.10
CA LYS A 918 4.71 17.78 39.01
C LYS A 918 4.18 16.38 38.77
N LYS A 919 3.28 15.93 39.64
CA LYS A 919 2.81 14.56 39.65
C LYS A 919 1.30 14.52 39.38
N PHE A 920 0.76 13.30 39.39
CA PHE A 920 -0.67 13.12 39.16
C PHE A 920 -1.46 13.74 40.32
N PRO A 921 -2.59 14.39 40.03
CA PRO A 921 -3.16 14.57 38.69
C PRO A 921 -2.72 15.85 37.99
N CYS A 922 -2.15 16.79 38.74
CA CYS A 922 -1.83 18.11 38.19
C CYS A 922 -0.81 18.03 37.05
N ASN A 923 -0.06 16.93 36.95
CA ASN A 923 0.87 16.74 35.85
C ASN A 923 0.10 16.49 34.56
N SER A 924 0.08 17.49 33.67
CA SER A 924 -0.71 17.39 32.45
C SER A 924 -0.23 16.27 31.54
N MET A 925 1.08 16.01 31.50
CA MET A 925 1.61 14.98 30.61
C MET A 925 1.33 13.58 31.16
N GLN A 926 1.63 13.34 32.43
CA GLN A 926 1.47 12.00 32.98
C GLN A 926 0.00 11.65 33.15
N ALA A 927 -0.83 12.61 33.58
CA ALA A 927 -2.26 12.35 33.73
C ALA A 927 -2.95 12.09 32.40
N MET A 928 -2.27 12.33 31.28
CA MET A 928 -2.81 12.05 29.95
C MET A 928 -2.27 10.74 29.38
N ALA A 929 -0.97 10.52 29.48
CA ALA A 929 -0.35 9.29 28.97
C ALA A 929 -0.54 8.10 29.88
N LEU A 930 -1.13 8.29 31.07
CA LEU A 930 -1.47 7.18 31.95
C LEU A 930 -2.96 6.90 32.00
N SER A 931 -3.81 7.89 31.71
CA SER A 931 -5.25 7.73 31.65
C SER A 931 -5.72 7.09 30.35
N GLY A 932 -4.81 6.54 29.56
CA GLY A 932 -5.18 5.93 28.30
C GLY A 932 -5.75 6.88 27.27
N ALA A 933 -5.49 8.18 27.41
CA ALA A 933 -5.95 9.14 26.39
C ALA A 933 -5.14 8.97 25.11
N LYS A 934 -3.82 9.05 25.21
CA LYS A 934 -2.95 8.81 24.07
C LYS A 934 -1.56 8.47 24.60
N GLY A 935 -1.02 7.34 24.16
CA GLY A 935 0.27 6.90 24.65
C GLY A 935 0.20 6.27 26.02
N SER A 936 1.13 5.37 26.31
CA SER A 936 1.18 4.65 27.57
C SER A 936 2.46 5.03 28.32
N ASN A 937 2.72 4.32 29.44
CA ASN A 937 3.89 4.59 30.24
C ASN A 937 5.19 4.35 29.49
N VAL A 938 5.15 3.56 28.40
CA VAL A 938 6.35 3.31 27.62
C VAL A 938 6.85 4.56 26.91
N ASN A 939 5.98 5.54 26.68
CA ASN A 939 6.37 6.78 26.01
C ASN A 939 6.93 7.80 26.99
N VAL A 940 6.24 8.06 28.09
CA VAL A 940 6.74 9.00 29.09
C VAL A 940 7.99 8.46 29.78
N SER A 941 8.21 7.15 29.74
CA SER A 941 9.47 6.60 30.24
C SER A 941 10.64 7.05 29.36
N GLN A 942 10.41 7.15 28.04
CA GLN A 942 11.44 7.62 27.14
C GLN A 942 11.63 9.13 27.24
N ILE A 943 10.53 9.87 27.46
CA ILE A 943 10.62 11.32 27.52
C ILE A 943 11.20 11.76 28.86
N MET A 944 10.80 11.13 29.96
CA MET A 944 11.19 11.55 31.29
C MET A 944 12.35 10.73 31.86
N CYS A 945 12.24 9.41 31.84
CA CYS A 945 13.19 8.57 32.57
C CYS A 945 14.35 8.10 31.71
N LEU A 946 14.06 7.36 30.63
CA LEU A 946 15.11 6.79 29.80
C LEU A 946 14.52 6.23 28.52
N LEU A 947 15.16 6.50 27.37
CA LEU A 947 14.63 6.06 26.09
C LEU A 947 14.62 4.55 25.98
N GLY A 948 15.77 3.91 26.17
CA GLY A 948 15.85 2.47 26.20
C GLY A 948 16.98 1.97 25.31
N GLN A 949 16.85 0.73 24.87
CA GLN A 949 17.82 0.10 24.00
C GLN A 949 17.24 -0.01 22.60
N GLN A 950 18.00 0.46 21.61
CA GLN A 950 17.56 0.39 20.21
C GLN A 950 17.54 -1.07 19.78
N ALA A 951 16.35 -1.66 19.74
CA ALA A 951 16.17 -3.07 19.47
C ALA A 951 15.61 -3.27 18.07
N LEU A 952 16.34 -4.01 17.24
CA LEU A 952 15.82 -4.41 15.95
C LEU A 952 14.73 -5.46 16.11
N GLU A 953 14.16 -5.89 14.99
CA GLU A 953 13.15 -6.95 15.02
C GLU A 953 13.85 -8.27 15.32
N GLY A 954 13.87 -8.65 16.58
CA GLY A 954 14.58 -9.84 16.99
C GLY A 954 16.08 -9.74 16.92
N ARG A 955 16.63 -8.53 16.98
CA ARG A 955 18.07 -8.31 16.87
C ARG A 955 18.40 -6.97 17.50
N ARG A 956 19.63 -6.50 17.27
CA ARG A 956 20.11 -5.25 17.84
C ARG A 956 20.88 -4.52 16.74
N VAL A 957 21.64 -3.50 17.13
CA VAL A 957 22.41 -2.66 16.20
C VAL A 957 23.27 -3.55 15.29
N PRO A 958 23.20 -3.37 13.98
CA PRO A 958 23.97 -4.23 13.07
C PRO A 958 25.46 -3.97 13.19
N VAL A 959 26.23 -5.05 13.25
CA VAL A 959 27.68 -4.98 13.31
C VAL A 959 28.24 -5.16 11.90
N MET A 960 29.33 -4.46 11.60
CA MET A 960 29.96 -4.52 10.29
C MET A 960 30.93 -5.70 10.23
N VAL A 961 31.13 -6.22 9.02
CA VAL A 961 32.05 -7.34 8.80
C VAL A 961 33.50 -6.98 9.11
N SER A 962 33.79 -5.71 9.33
CA SER A 962 35.13 -5.26 9.70
C SER A 962 35.47 -5.53 11.16
N GLY A 963 34.65 -6.30 11.86
CA GLY A 963 34.90 -6.59 13.27
C GLY A 963 34.68 -5.40 14.18
N LYS A 964 33.69 -4.56 13.88
CA LYS A 964 33.40 -3.40 14.71
C LYS A 964 31.95 -3.00 14.50
N THR A 965 31.29 -2.60 15.59
CA THR A 965 29.90 -2.21 15.51
C THR A 965 29.74 -0.78 15.00
N LEU A 966 30.62 0.13 15.42
CA LEU A 966 30.50 1.54 15.09
C LEU A 966 31.87 2.13 14.82
N PRO A 967 32.04 2.86 13.71
CA PRO A 967 33.38 3.42 13.39
C PRO A 967 33.87 4.47 14.37
N SER A 968 33.06 4.88 15.35
CA SER A 968 33.44 5.94 16.27
C SER A 968 33.96 5.43 17.61
N PHE A 969 33.90 4.12 17.85
CA PHE A 969 34.34 3.54 19.11
C PHE A 969 35.59 2.68 18.90
N LYS A 970 36.24 2.35 20.00
CA LYS A 970 37.46 1.57 19.95
C LYS A 970 37.16 0.15 19.47
N PRO A 971 38.10 -0.48 18.76
CA PRO A 971 37.87 -1.85 18.29
C PRO A 971 37.70 -2.82 19.45
N TYR A 972 36.88 -3.85 19.22
CA TYR A 972 36.58 -4.86 20.22
C TYR A 972 36.00 -4.23 21.49
N GLU A 973 34.82 -3.64 21.32
CA GLU A 973 34.13 -2.95 22.39
C GLU A 973 33.30 -3.91 23.22
N THR A 974 33.17 -3.61 24.52
CA THR A 974 32.31 -4.35 25.43
C THR A 974 31.55 -3.31 26.27
N ASP A 975 30.39 -2.90 25.78
CA ASP A 975 29.59 -1.90 26.46
C ASP A 975 28.17 -1.94 25.90
N ALA A 976 27.19 -2.04 26.80
CA ALA A 976 25.80 -1.99 26.36
C ALA A 976 25.45 -0.64 25.76
N MET A 977 25.99 0.44 26.33
CA MET A 977 25.77 1.77 25.77
C MET A 977 26.30 1.86 24.35
N ALA A 978 27.43 1.21 24.06
CA ALA A 978 27.96 1.21 22.71
C ALA A 978 27.12 0.36 21.77
N GLY A 979 26.53 -0.73 22.27
CA GLY A 979 25.77 -1.62 21.44
C GLY A 979 24.28 -1.34 21.40
N GLY A 980 23.91 -0.14 20.95
CA GLY A 980 22.53 0.23 20.73
C GLY A 980 21.81 0.89 21.89
N TYR A 981 22.09 0.45 23.12
CA TYR A 981 21.43 1.03 24.29
C TYR A 981 21.88 2.47 24.48
N VAL A 982 20.93 3.34 24.79
CA VAL A 982 21.20 4.77 24.91
C VAL A 982 21.23 5.15 26.39
N LYS A 983 21.98 6.20 26.69
CA LYS A 983 22.02 6.78 28.03
C LYS A 983 21.40 8.16 28.10
N GLY A 984 21.14 8.79 26.95
CA GLY A 984 20.52 10.11 26.93
C GLY A 984 19.00 10.01 26.87
N ARG A 985 18.34 10.83 27.69
CA ARG A 985 16.89 10.85 27.75
C ARG A 985 16.33 11.69 26.61
N PHE A 986 15.03 11.96 26.68
CA PHE A 986 14.37 12.91 25.79
C PHE A 986 13.97 14.17 26.57
N TYR A 987 14.85 14.61 27.45
CA TYR A 987 14.69 15.89 28.13
C TYR A 987 15.91 16.79 27.98
N SER A 988 17.11 16.23 27.97
CA SER A 988 18.34 17.00 27.91
C SER A 988 19.26 16.50 26.80
N GLY A 989 18.67 16.10 25.68
CA GLY A 989 19.43 15.68 24.52
C GLY A 989 20.01 14.29 24.67
N ILE A 990 20.51 13.77 23.55
CA ILE A 990 21.10 12.44 23.49
C ILE A 990 22.50 12.54 22.88
N LYS A 991 23.23 11.44 22.96
CA LYS A 991 24.57 11.34 22.41
C LYS A 991 24.49 11.05 20.91
N PRO A 992 25.36 11.66 20.09
CA PRO A 992 25.25 11.46 18.64
C PRO A 992 25.40 10.00 18.21
N GLN A 993 26.23 9.22 18.88
CA GLN A 993 26.38 7.82 18.52
C GLN A 993 25.14 7.00 18.81
N GLU A 994 24.27 7.50 19.69
CA GLU A 994 23.00 6.83 19.99
C GLU A 994 21.87 7.34 19.11
N TYR A 995 21.89 8.64 18.75
CA TYR A 995 20.94 9.15 17.79
C TYR A 995 21.12 8.49 16.42
N TYR A 996 22.37 8.16 16.08
CA TYR A 996 22.66 7.44 14.84
C TYR A 996 22.05 6.05 14.83
N PHE A 997 21.81 5.47 16.01
CA PHE A 997 21.14 4.17 16.11
C PHE A 997 19.63 4.32 16.12
N HIS A 998 19.11 5.35 16.78
CA HIS A 998 17.67 5.59 16.77
C HIS A 998 17.17 5.93 15.37
N CYS A 999 18.05 6.47 14.52
CA CYS A 999 17.68 6.71 13.12
C CYS A 999 17.47 5.40 12.39
N MET A 1000 18.30 4.39 12.70
CA MET A 1000 18.11 3.07 12.09
C MET A 1000 16.79 2.46 12.52
N ALA A 1001 16.56 2.35 13.82
CA ALA A 1001 15.33 1.73 14.33
C ALA A 1001 14.09 2.43 13.79
N GLY A 1002 14.12 3.76 13.76
CA GLY A 1002 13.01 4.49 13.15
C GLY A 1002 12.84 4.19 11.68
N ARG A 1003 13.94 3.96 10.97
CA ARG A 1003 13.86 3.65 9.55
C ARG A 1003 13.20 2.29 9.31
N GLU A 1004 13.69 1.25 10.01
CA GLU A 1004 13.07 -0.06 9.88
C GLU A 1004 11.62 -0.05 10.33
N GLY A 1005 11.29 0.83 11.29
CA GLY A 1005 9.89 1.00 11.66
C GLY A 1005 9.04 1.47 10.50
N LEU A 1006 9.51 2.50 9.79
CA LEU A 1006 8.79 2.99 8.61
C LEU A 1006 8.76 1.94 7.51
N ILE A 1007 9.80 1.11 7.41
CA ILE A 1007 9.82 0.05 6.41
C ILE A 1007 8.74 -0.98 6.72
N ASP A 1008 8.71 -1.48 7.95
CA ASP A 1008 7.67 -2.43 8.34
C ASP A 1008 6.28 -1.83 8.19
N THR A 1009 6.15 -0.52 8.43
CA THR A 1009 4.88 0.16 8.20
C THR A 1009 4.50 0.14 6.73
N ALA A 1010 5.49 0.26 5.84
CA ALA A 1010 5.23 0.27 4.41
C ALA A 1010 5.00 -1.12 3.82
N VAL A 1011 5.26 -2.18 4.59
CA VAL A 1011 5.09 -3.55 4.09
C VAL A 1011 3.87 -4.18 4.75
N LYS A 1012 3.54 -3.73 5.97
CA LYS A 1012 2.44 -4.34 6.70
C LYS A 1012 1.11 -4.14 5.98
N THR A 1013 0.96 -3.02 5.27
CA THR A 1013 -0.25 -2.81 4.47
C THR A 1013 -0.23 -3.64 3.20
N SER A 1014 0.97 -3.99 2.71
CA SER A 1014 1.08 -4.77 1.48
C SER A 1014 0.82 -6.26 1.71
N ARG A 1015 1.16 -6.77 2.89
CA ARG A 1015 0.99 -8.18 3.18
C ARG A 1015 -0.43 -8.55 3.60
N SER A 1016 -1.35 -7.59 3.63
CA SER A 1016 -2.73 -7.85 4.02
C SER A 1016 -3.71 -7.80 2.85
N GLY A 1017 -3.37 -7.07 1.78
CA GLY A 1017 -4.28 -6.99 0.64
C GLY A 1017 -4.52 -8.33 -0.01
N TYR A 1018 -3.44 -9.05 -0.32
CA TYR A 1018 -3.59 -10.38 -0.91
C TYR A 1018 -4.20 -11.36 0.08
N LEU A 1019 -3.96 -11.16 1.37
CA LEU A 1019 -4.56 -12.01 2.39
C LEU A 1019 -6.08 -11.87 2.38
N GLN A 1020 -6.58 -10.67 2.09
CA GLN A 1020 -8.02 -10.44 2.06
C GLN A 1020 -8.66 -11.14 0.86
N ARG A 1021 -8.23 -10.76 -0.36
CA ARG A 1021 -8.93 -11.20 -1.56
C ARG A 1021 -8.81 -12.71 -1.77
N CYS A 1022 -7.68 -13.31 -1.38
CA CYS A 1022 -7.44 -14.71 -1.71
C CYS A 1022 -8.46 -15.63 -1.05
N LEU A 1023 -8.86 -15.34 0.18
CA LEU A 1023 -9.84 -16.16 0.88
C LEU A 1023 -11.23 -15.54 0.92
N THR A 1024 -11.36 -14.24 0.68
CA THR A 1024 -12.69 -13.63 0.59
C THR A 1024 -13.43 -14.13 -0.64
N LYS A 1025 -12.70 -14.39 -1.72
CA LYS A 1025 -13.32 -14.94 -2.93
C LYS A 1025 -13.98 -16.28 -2.65
N GLN A 1026 -13.36 -17.10 -1.81
CA GLN A 1026 -13.94 -18.40 -1.48
C GLN A 1026 -15.12 -18.25 -0.52
N LEU A 1027 -14.96 -17.44 0.52
CA LEU A 1027 -15.99 -17.24 1.53
C LEU A 1027 -17.03 -16.18 1.12
N GLU A 1028 -17.08 -15.80 -0.16
CA GLU A 1028 -18.01 -14.76 -0.58
C GLU A 1028 -19.45 -15.24 -0.63
N GLY A 1029 -19.69 -16.55 -0.60
CA GLY A 1029 -21.02 -17.07 -0.81
C GLY A 1029 -21.65 -17.75 0.40
N VAL A 1030 -20.83 -18.26 1.31
CA VAL A 1030 -21.35 -18.97 2.47
C VAL A 1030 -22.09 -18.00 3.39
N HIS A 1031 -23.25 -18.42 3.88
CA HIS A 1031 -24.11 -17.57 4.69
C HIS A 1031 -25.11 -18.45 5.42
N VAL A 1032 -25.83 -17.86 6.36
CA VAL A 1032 -26.86 -18.56 7.13
C VAL A 1032 -28.15 -18.59 6.30
N SER A 1033 -28.80 -19.74 6.29
CA SER A 1033 -30.07 -19.93 5.60
C SER A 1033 -31.21 -19.97 6.62
N TYR A 1034 -32.43 -20.16 6.10
CA TYR A 1034 -33.60 -20.22 6.97
C TYR A 1034 -33.69 -21.53 7.73
N ASP A 1035 -32.98 -22.57 7.29
CA ASP A 1035 -32.86 -23.81 8.04
C ASP A 1035 -31.84 -23.71 9.16
N ASN A 1036 -31.33 -22.52 9.44
CA ASN A 1036 -30.31 -22.30 10.46
C ASN A 1036 -29.07 -23.16 10.21
N SER A 1037 -28.45 -22.92 9.06
CA SER A 1037 -27.28 -23.69 8.66
C SER A 1037 -26.50 -22.89 7.61
N ILE A 1038 -25.18 -22.81 7.79
CA ILE A 1038 -24.33 -22.09 6.84
C ILE A 1038 -24.00 -23.01 5.68
N ARG A 1039 -24.15 -22.49 4.46
CA ARG A 1039 -23.90 -23.28 3.27
C ARG A 1039 -23.47 -22.35 2.13
N ASP A 1040 -22.91 -22.95 1.08
CA ASP A 1040 -22.33 -22.21 -0.02
C ASP A 1040 -23.44 -21.67 -0.93
N ALA A 1041 -23.05 -21.10 -2.07
CA ALA A 1041 -24.02 -20.45 -2.95
C ALA A 1041 -24.90 -21.49 -3.64
N ASP A 1042 -24.30 -22.50 -4.25
CA ASP A 1042 -25.07 -23.47 -5.02
C ASP A 1042 -26.05 -24.23 -4.13
N GLY A 1043 -25.68 -24.50 -2.89
CA GLY A 1043 -26.57 -25.20 -1.98
C GLY A 1043 -25.87 -26.21 -1.10
N THR A 1044 -24.60 -26.50 -1.41
CA THR A 1044 -23.86 -27.47 -0.63
C THR A 1044 -23.54 -26.91 0.75
N LEU A 1045 -23.54 -27.79 1.75
CA LEU A 1045 -23.45 -27.39 3.14
C LEU A 1045 -21.99 -27.25 3.58
N VAL A 1046 -21.78 -26.38 4.57
CA VAL A 1046 -20.48 -26.21 5.22
C VAL A 1046 -20.53 -26.70 6.66
N GLN A 1047 -21.41 -26.10 7.48
CA GLN A 1047 -21.63 -26.54 8.85
C GLN A 1047 -23.12 -26.45 9.13
N PHE A 1048 -23.63 -27.38 9.95
CA PHE A 1048 -25.06 -27.44 10.21
C PHE A 1048 -25.55 -26.28 11.06
N MET A 1049 -24.65 -25.54 11.71
CA MET A 1049 -25.04 -24.41 12.54
C MET A 1049 -23.83 -23.54 12.81
N TYR A 1050 -24.05 -22.23 12.82
CA TYR A 1050 -22.96 -21.27 13.00
C TYR A 1050 -22.36 -21.40 14.40
N GLY A 1051 -21.14 -21.93 14.47
CA GLY A 1051 -20.45 -22.10 15.74
C GLY A 1051 -21.21 -22.92 16.76
N GLY A 1052 -22.16 -23.74 16.29
CA GLY A 1052 -22.99 -24.54 17.17
C GLY A 1052 -24.13 -23.80 17.84
N ASP A 1053 -24.09 -22.48 17.88
CA ASP A 1053 -25.14 -21.70 18.54
C ASP A 1053 -25.82 -20.68 17.64
N ALA A 1054 -25.21 -20.31 16.51
CA ALA A 1054 -25.79 -19.34 15.57
C ALA A 1054 -26.08 -18.00 16.24
N ILE A 1055 -25.25 -17.60 17.20
CA ILE A 1055 -25.36 -16.31 17.86
C ILE A 1055 -24.26 -15.39 17.34
N ASP A 1056 -24.58 -14.12 17.23
CA ASP A 1056 -23.65 -13.15 16.66
C ASP A 1056 -22.73 -12.59 17.74
N ILE A 1057 -21.50 -12.26 17.33
CA ILE A 1057 -20.53 -11.70 18.26
C ILE A 1057 -20.96 -10.31 18.73
N THR A 1058 -21.72 -9.59 17.89
CA THR A 1058 -22.18 -8.25 18.26
C THR A 1058 -23.23 -8.26 19.36
N LYS A 1059 -23.70 -9.43 19.79
CA LYS A 1059 -24.72 -9.51 20.82
C LYS A 1059 -24.40 -10.46 21.97
N GLU A 1060 -23.33 -11.25 21.87
CA GLU A 1060 -22.96 -12.15 22.97
C GLU A 1060 -21.97 -11.48 23.92
N SER A 1061 -22.34 -10.31 24.42
CA SER A 1061 -21.52 -9.56 25.37
C SER A 1061 -22.05 -9.67 26.79
N HIS A 1062 -23.34 -9.40 26.99
CA HIS A 1062 -23.99 -9.53 28.29
C HIS A 1062 -24.58 -10.91 28.51
N MET A 1063 -24.29 -11.88 27.63
CA MET A 1063 -24.82 -13.22 27.80
C MET A 1063 -24.23 -13.92 29.02
N THR A 1064 -23.03 -13.54 29.45
CA THR A 1064 -22.38 -14.12 30.61
C THR A 1064 -22.31 -13.14 31.78
N GLN A 1065 -23.01 -12.01 31.70
CA GLN A 1065 -23.04 -11.04 32.80
C GLN A 1065 -24.25 -11.31 33.68
N PHE A 1066 -24.18 -12.42 34.40
CA PHE A 1066 -25.30 -12.85 35.23
C PHE A 1066 -25.56 -11.85 36.36
N GLU A 1067 -24.50 -11.36 37.01
CA GLU A 1067 -24.68 -10.42 38.10
C GLU A 1067 -25.14 -9.05 37.59
N PHE A 1068 -24.73 -8.68 36.37
CA PHE A 1068 -25.15 -7.40 35.82
C PHE A 1068 -26.62 -7.42 35.43
N CYS A 1069 -27.04 -8.43 34.66
CA CYS A 1069 -28.44 -8.51 34.25
C CYS A 1069 -29.36 -8.73 35.44
N LEU A 1070 -28.89 -9.41 36.48
CA LEU A 1070 -29.71 -9.58 37.68
C LEU A 1070 -29.90 -8.25 38.40
N ASP A 1071 -28.88 -7.39 38.38
CA ASP A 1071 -29.01 -6.08 39.00
C ASP A 1071 -29.91 -5.16 38.20
N ASN A 1072 -30.01 -5.39 36.89
CA ASN A 1072 -30.85 -4.55 36.03
C ASN A 1072 -31.94 -5.39 35.38
N TYR A 1073 -32.59 -6.25 36.17
CA TYR A 1073 -33.60 -7.15 35.63
C TYR A 1073 -34.84 -6.41 35.16
N TYR A 1074 -35.20 -5.31 35.82
CA TYR A 1074 -36.45 -4.62 35.50
C TYR A 1074 -36.39 -3.97 34.12
N ALA A 1075 -35.27 -3.31 33.79
CA ALA A 1075 -35.17 -2.66 32.50
C ALA A 1075 -35.10 -3.67 31.37
N LEU A 1076 -34.41 -4.79 31.57
CA LEU A 1076 -34.36 -5.82 30.55
C LEU A 1076 -35.73 -6.42 30.30
N LEU A 1077 -36.49 -6.70 31.36
CA LEU A 1077 -37.85 -7.17 31.20
C LEU A 1077 -38.73 -6.12 30.52
N LYS A 1078 -38.37 -4.84 30.67
CA LYS A 1078 -39.16 -3.77 30.07
C LYS A 1078 -38.92 -3.67 28.57
N LYS A 1079 -37.70 -3.93 28.11
CA LYS A 1079 -37.39 -3.79 26.69
C LYS A 1079 -37.51 -5.10 25.92
N TYR A 1080 -37.23 -6.24 26.57
CA TYR A 1080 -37.47 -7.52 25.92
C TYR A 1080 -38.96 -7.82 25.81
N ASN A 1081 -39.75 -7.41 26.80
CA ASN A 1081 -41.19 -7.61 26.86
C ASN A 1081 -41.54 -9.09 26.69
N PRO A 1082 -41.20 -9.94 27.68
CA PRO A 1082 -41.57 -11.36 27.55
C PRO A 1082 -43.07 -11.61 27.57
N SER A 1083 -43.86 -10.66 28.05
CA SER A 1083 -45.30 -10.82 28.11
C SER A 1083 -45.96 -10.84 26.73
N ALA A 1084 -45.24 -10.45 25.69
CA ALA A 1084 -45.75 -10.47 24.32
C ALA A 1084 -45.06 -11.52 23.45
N LEU A 1085 -44.25 -12.39 24.05
CA LEU A 1085 -43.51 -13.42 23.32
C LEU A 1085 -43.95 -14.81 23.77
N ILE A 1086 -45.24 -15.01 23.95
CA ILE A 1086 -45.79 -16.32 24.27
C ILE A 1086 -46.71 -16.86 23.20
N GLU A 1087 -47.28 -15.99 22.34
CA GLU A 1087 -48.26 -16.44 21.36
C GLU A 1087 -47.64 -17.41 20.36
N HIS A 1088 -46.67 -16.96 19.58
CA HIS A 1088 -46.02 -17.80 18.59
C HIS A 1088 -44.74 -18.41 19.14
N LEU A 1089 -44.82 -19.07 20.29
CA LEU A 1089 -43.65 -19.68 20.91
C LEU A 1089 -44.09 -20.87 21.76
N ASP A 1090 -43.25 -21.90 21.78
CA ASP A 1090 -43.43 -23.05 22.65
C ASP A 1090 -42.38 -23.01 23.76
N VAL A 1091 -42.81 -23.29 24.99
CA VAL A 1091 -41.98 -23.14 26.18
C VAL A 1091 -41.56 -24.50 26.74
N GLU A 1092 -42.53 -25.34 27.12
CA GLU A 1092 -42.22 -26.56 27.84
C GLU A 1092 -41.60 -27.63 26.95
N SER A 1093 -41.74 -27.51 25.62
CA SER A 1093 -41.24 -28.55 24.73
C SER A 1093 -39.72 -28.70 24.85
N ALA A 1094 -39.00 -27.58 24.83
CA ALA A 1094 -37.55 -27.62 24.93
C ALA A 1094 -37.08 -27.78 26.38
N LEU A 1095 -37.89 -27.34 27.34
CA LEU A 1095 -37.50 -27.45 28.75
C LEU A 1095 -37.44 -28.90 29.20
N LYS A 1096 -38.35 -29.74 28.68
CA LYS A 1096 -38.33 -31.16 29.03
C LYS A 1096 -37.06 -31.83 28.50
N TYR A 1097 -36.75 -31.61 27.22
CA TYR A 1097 -35.55 -32.22 26.64
C TYR A 1097 -34.29 -31.69 27.30
N SER A 1098 -34.26 -30.41 27.65
CA SER A 1098 -33.11 -29.85 28.34
C SER A 1098 -32.98 -30.45 29.74
N LYS A 1099 -34.10 -30.76 30.39
CA LYS A 1099 -34.05 -31.40 31.70
C LYS A 1099 -33.49 -32.81 31.60
N LYS A 1100 -33.84 -33.54 30.54
CA LYS A 1100 -33.35 -34.90 30.38
C LYS A 1100 -31.87 -34.92 30.04
N THR A 1101 -31.44 -34.02 29.16
CA THR A 1101 -30.01 -33.96 28.80
C THR A 1101 -29.16 -33.57 30.01
N LEU A 1102 -29.60 -32.55 30.75
CA LEU A 1102 -28.89 -32.17 31.97
C LEU A 1102 -28.91 -33.29 33.01
N LYS A 1103 -29.93 -34.14 32.98
CA LYS A 1103 -30.00 -35.25 33.91
C LYS A 1103 -28.92 -36.28 33.63
N TYR A 1104 -28.80 -36.70 32.37
CA TYR A 1104 -27.84 -37.76 32.04
C TYR A 1104 -26.40 -37.23 32.06
N ARG A 1105 -26.22 -35.94 31.74
CA ARG A 1105 -24.88 -35.36 31.78
C ARG A 1105 -24.26 -35.48 33.16
N LYS A 1106 -24.97 -35.01 34.19
CA LYS A 1106 -24.51 -35.16 35.56
C LYS A 1106 -24.67 -36.58 36.07
N LYS A 1107 -25.36 -37.45 35.33
CA LYS A 1107 -25.51 -38.83 35.77
C LYS A 1107 -24.24 -39.64 35.51
N HIS A 1108 -23.53 -39.37 34.42
CA HIS A 1108 -22.31 -40.09 34.10
C HIS A 1108 -21.05 -39.31 34.50
N SER A 1109 -20.84 -38.14 33.88
CA SER A 1109 -19.80 -37.19 34.30
C SER A 1109 -18.44 -37.84 34.52
N LYS A 1110 -18.18 -38.97 33.86
CA LYS A 1110 -16.99 -39.76 34.17
C LYS A 1110 -16.06 -39.94 32.98
N GLU A 1111 -16.59 -40.19 31.78
CA GLU A 1111 -15.76 -40.55 30.66
C GLU A 1111 -16.10 -39.70 29.44
N PRO A 1112 -15.10 -39.32 28.63
CA PRO A 1112 -15.39 -38.55 27.42
C PRO A 1112 -16.14 -39.34 26.36
N HIS A 1113 -16.37 -38.73 25.19
CA HIS A 1113 -17.29 -39.25 24.20
C HIS A 1113 -16.86 -40.55 23.55
N TYR A 1114 -15.64 -41.03 23.81
CA TYR A 1114 -15.23 -42.29 23.20
C TYR A 1114 -15.95 -43.50 23.80
N LYS A 1115 -16.65 -43.32 24.92
CA LYS A 1115 -17.52 -44.35 25.47
C LYS A 1115 -18.87 -43.78 25.92
N GLN A 1116 -19.29 -42.66 25.34
CA GLN A 1116 -20.54 -42.00 25.69
C GLN A 1116 -21.55 -42.20 24.58
N SER A 1117 -22.81 -42.42 24.96
CA SER A 1117 -23.87 -42.62 23.99
C SER A 1117 -24.32 -41.28 23.41
N VAL A 1118 -24.92 -41.35 22.22
CA VAL A 1118 -25.36 -40.17 21.49
C VAL A 1118 -26.89 -40.09 21.42
N LYS A 1119 -27.59 -40.77 22.33
CA LYS A 1119 -29.05 -40.79 22.29
C LYS A 1119 -29.66 -39.43 22.62
N TYR A 1120 -28.90 -38.53 23.25
CA TYR A 1120 -29.37 -37.19 23.57
C TYR A 1120 -28.47 -36.17 22.86
N ASP A 1121 -28.95 -35.65 21.73
CA ASP A 1121 -28.26 -34.59 21.02
C ASP A 1121 -28.43 -33.27 21.75
N PRO A 1122 -27.73 -32.22 21.32
CA PRO A 1122 -28.02 -30.88 21.88
C PRO A 1122 -29.48 -30.52 21.69
N VAL A 1123 -30.02 -29.78 22.67
CA VAL A 1123 -31.45 -29.50 22.73
C VAL A 1123 -31.85 -28.48 21.65
N LEU A 1124 -30.86 -27.99 20.89
CA LEU A 1124 -31.11 -27.03 19.84
C LEU A 1124 -31.21 -27.68 18.45
N ALA A 1125 -30.63 -28.86 18.28
CA ALA A 1125 -30.59 -29.50 16.96
C ALA A 1125 -31.99 -29.93 16.52
N LYS A 1126 -32.64 -30.81 17.28
CA LYS A 1126 -33.94 -31.35 16.89
C LYS A 1126 -35.08 -30.35 17.06
N TYR A 1127 -34.82 -29.17 17.61
CA TYR A 1127 -35.86 -28.18 17.85
C TYR A 1127 -35.56 -26.91 17.07
N ASN A 1128 -36.58 -26.07 16.93
CA ASN A 1128 -36.42 -24.80 16.23
C ASN A 1128 -35.77 -23.78 17.16
N PRO A 1129 -34.69 -23.10 16.74
CA PRO A 1129 -33.98 -22.19 17.65
C PRO A 1129 -34.80 -20.97 18.04
N ALA A 1130 -35.38 -20.27 17.06
CA ALA A 1130 -36.07 -19.02 17.29
C ALA A 1130 -37.58 -19.18 17.46
N LYS A 1131 -38.03 -20.39 17.80
CA LYS A 1131 -39.47 -20.62 17.99
C LYS A 1131 -39.75 -21.29 19.32
N TYR A 1132 -38.80 -22.10 19.80
CA TYR A 1132 -38.98 -22.88 21.02
C TYR A 1132 -38.16 -22.27 22.14
N LEU A 1133 -38.83 -21.81 23.19
CA LEU A 1133 -38.15 -21.23 24.34
C LEU A 1133 -37.52 -22.33 25.19
N GLY A 1134 -36.40 -21.98 25.84
CA GLY A 1134 -35.67 -22.91 26.67
C GLY A 1134 -34.61 -23.71 25.94
N SER A 1135 -34.69 -23.80 24.62
CA SER A 1135 -33.69 -24.53 23.84
C SER A 1135 -32.42 -23.69 23.77
N VAL A 1136 -31.46 -24.00 24.64
CA VAL A 1136 -30.24 -23.21 24.76
C VAL A 1136 -29.03 -24.10 24.50
N SER A 1137 -27.83 -23.51 24.58
CA SER A 1137 -26.60 -24.25 24.37
C SER A 1137 -26.24 -25.01 25.65
N GLU A 1138 -25.03 -25.57 25.69
CA GLU A 1138 -24.60 -26.40 26.81
C GLU A 1138 -23.81 -25.61 27.85
N ASN A 1139 -22.73 -24.94 27.44
CA ASN A 1139 -21.93 -24.17 28.38
C ASN A 1139 -22.72 -23.02 28.98
N PHE A 1140 -23.67 -22.47 28.23
CA PHE A 1140 -24.50 -21.39 28.76
C PHE A 1140 -25.33 -21.86 29.94
N GLN A 1141 -25.89 -23.08 29.85
CA GLN A 1141 -26.63 -23.64 30.97
C GLN A 1141 -25.72 -24.13 32.09
N ASP A 1142 -24.52 -24.59 31.74
CA ASP A 1142 -23.58 -25.06 32.77
C ASP A 1142 -23.16 -23.92 33.68
N LYS A 1143 -23.00 -22.72 33.13
CA LYS A 1143 -22.68 -21.56 33.96
C LYS A 1143 -23.93 -20.89 34.52
N LEU A 1144 -25.09 -21.11 33.91
CA LEU A 1144 -26.34 -20.57 34.44
C LEU A 1144 -26.69 -21.23 35.77
N GLU A 1145 -26.82 -22.56 35.76
CA GLU A 1145 -27.16 -23.28 36.99
C GLU A 1145 -26.05 -23.20 38.02
N SER A 1146 -24.80 -23.01 37.60
CA SER A 1146 -23.71 -22.83 38.55
C SER A 1146 -23.82 -21.47 39.24
N PHE A 1147 -24.14 -20.43 38.46
CA PHE A 1147 -24.34 -19.10 39.05
C PHE A 1147 -25.53 -19.11 40.01
N LEU A 1148 -26.60 -19.83 39.65
CA LEU A 1148 -27.75 -19.95 40.54
C LEU A 1148 -27.40 -20.75 41.79
N ASP A 1149 -26.54 -21.76 41.66
CA ASP A 1149 -26.16 -22.58 42.80
C ASP A 1149 -25.27 -21.82 43.79
N LYS A 1150 -24.61 -20.76 43.35
CA LYS A 1150 -23.66 -20.02 44.18
C LYS A 1150 -24.24 -18.71 44.69
N ASN A 1151 -25.56 -18.59 44.79
CA ASN A 1151 -26.19 -17.40 45.34
C ASN A 1151 -27.62 -17.73 45.75
N SER A 1152 -28.20 -16.83 46.54
CA SER A 1152 -29.61 -16.93 46.93
C SER A 1152 -30.14 -15.51 47.12
N LYS A 1153 -30.74 -14.98 46.04
CA LYS A 1153 -31.29 -13.63 46.07
C LYS A 1153 -32.61 -13.56 45.31
N GLY A 1160 -35.96 -7.86 45.00
CA GLY A 1160 -36.51 -9.17 45.32
C GLY A 1160 -37.21 -9.83 44.14
N VAL A 1161 -36.43 -10.34 43.20
CA VAL A 1161 -36.94 -10.99 42.01
C VAL A 1161 -36.87 -12.51 42.21
N ASN A 1162 -37.89 -13.21 41.75
CA ASN A 1162 -37.93 -14.66 41.86
C ASN A 1162 -36.99 -15.28 40.82
N GLU A 1163 -36.94 -16.61 40.81
CA GLU A 1163 -36.02 -17.35 39.95
C GLU A 1163 -36.66 -17.80 38.64
N LYS A 1164 -37.89 -18.32 38.69
CA LYS A 1164 -38.53 -18.83 37.48
C LYS A 1164 -38.76 -17.74 36.45
N LYS A 1165 -38.83 -16.47 36.86
CA LYS A 1165 -38.91 -15.37 35.91
C LYS A 1165 -37.54 -14.87 35.48
N PHE A 1166 -36.53 -14.98 36.35
CA PHE A 1166 -35.19 -14.56 35.97
C PHE A 1166 -34.60 -15.47 34.89
N ARG A 1167 -34.73 -16.79 35.07
CA ARG A 1167 -34.26 -17.72 34.05
C ARG A 1167 -35.13 -17.69 32.80
N ALA A 1168 -36.38 -17.26 32.91
CA ALA A 1168 -37.21 -17.09 31.73
C ALA A 1168 -36.74 -15.90 30.89
N LEU A 1169 -36.44 -14.78 31.56
CA LEU A 1169 -35.88 -13.63 30.84
C LEU A 1169 -34.46 -13.93 30.35
N MET A 1170 -33.73 -14.79 31.06
CA MET A 1170 -32.39 -15.15 30.63
C MET A 1170 -32.43 -16.01 29.37
N GLN A 1171 -33.23 -17.06 29.38
CA GLN A 1171 -33.37 -17.90 28.20
C GLN A 1171 -33.99 -17.14 27.04
N LEU A 1172 -34.90 -16.22 27.34
CA LEU A 1172 -35.44 -15.36 26.28
C LEU A 1172 -34.36 -14.46 25.70
N LYS A 1173 -33.44 -13.99 26.55
CA LYS A 1173 -32.32 -13.19 26.05
C LYS A 1173 -31.44 -14.01 25.13
N TYR A 1174 -31.25 -15.30 25.44
CA TYR A 1174 -30.50 -16.17 24.55
C TYR A 1174 -31.26 -16.47 23.27
N MET A 1175 -32.59 -16.49 23.34
CA MET A 1175 -33.41 -16.75 22.16
C MET A 1175 -33.61 -15.51 21.30
N ARG A 1176 -33.19 -14.33 21.77
CA ARG A 1176 -33.27 -13.10 21.00
C ARG A 1176 -31.88 -12.54 20.69
N SER A 1177 -30.86 -13.41 20.67
CA SER A 1177 -29.51 -13.02 20.32
C SER A 1177 -28.92 -13.88 19.21
N LEU A 1178 -29.77 -14.61 18.49
CA LEU A 1178 -29.31 -15.44 17.39
C LEU A 1178 -28.87 -14.59 16.21
N ILE A 1179 -28.14 -15.22 15.28
CA ILE A 1179 -27.79 -14.56 14.04
C ILE A 1179 -29.02 -14.48 13.15
N ASN A 1180 -29.26 -13.30 12.58
CA ASN A 1180 -30.38 -13.12 11.68
C ASN A 1180 -30.20 -14.01 10.45
N PRO A 1181 -31.21 -14.81 10.08
CA PRO A 1181 -31.05 -15.67 8.89
C PRO A 1181 -30.88 -14.86 7.62
N GLY A 1182 -29.69 -14.91 7.04
CA GLY A 1182 -29.40 -14.14 5.84
C GLY A 1182 -28.11 -13.36 5.94
N GLU A 1183 -27.59 -13.21 7.17
CA GLU A 1183 -26.37 -12.46 7.39
C GLU A 1183 -25.22 -13.01 6.57
N ALA A 1184 -24.48 -12.12 5.91
CA ALA A 1184 -23.28 -12.49 5.17
C ALA A 1184 -22.21 -12.90 6.17
N VAL A 1185 -21.98 -14.21 6.29
CA VAL A 1185 -21.10 -14.73 7.33
C VAL A 1185 -19.67 -14.91 6.82
N GLY A 1186 -19.50 -15.43 5.61
CA GLY A 1186 -18.17 -15.66 5.09
C GLY A 1186 -17.37 -14.40 4.87
N ILE A 1187 -18.04 -13.30 4.50
CA ILE A 1187 -17.34 -12.04 4.33
C ILE A 1187 -16.82 -11.54 5.67
N ILE A 1188 -17.64 -11.66 6.72
CA ILE A 1188 -17.19 -11.27 8.06
C ILE A 1188 -16.04 -12.16 8.51
N ALA A 1189 -16.11 -13.46 8.21
CA ALA A 1189 -15.02 -14.36 8.55
C ALA A 1189 -13.76 -14.05 7.75
N SER A 1190 -13.90 -13.46 6.57
CA SER A 1190 -12.74 -13.13 5.74
C SER A 1190 -12.10 -11.83 6.18
N GLN A 1191 -12.90 -10.86 6.64
CA GLN A 1191 -12.37 -9.57 7.04
C GLN A 1191 -11.94 -9.53 8.50
N SER A 1192 -12.59 -10.30 9.37
CA SER A 1192 -12.20 -10.32 10.77
C SER A 1192 -10.91 -11.09 11.00
N VAL A 1193 -10.50 -11.92 10.04
CA VAL A 1193 -9.23 -12.66 10.16
C VAL A 1193 -8.08 -11.95 9.49
N GLY A 1194 -8.35 -10.90 8.70
CA GLY A 1194 -7.31 -10.17 8.02
C GLY A 1194 -7.12 -8.77 8.53
N GLU A 1195 -8.14 -8.24 9.22
CA GLU A 1195 -8.02 -6.91 9.83
C GLU A 1195 -6.93 -6.86 10.90
N PRO A 1196 -6.85 -7.79 11.86
CA PRO A 1196 -5.72 -7.74 12.79
C PRO A 1196 -4.40 -8.14 12.18
N SER A 1197 -4.41 -8.79 11.00
CA SER A 1197 -3.17 -9.15 10.34
C SER A 1197 -2.38 -7.91 9.93
N THR A 1198 -3.08 -6.83 9.59
CA THR A 1198 -2.39 -5.58 9.29
C THR A 1198 -1.71 -4.99 10.52
N GLN A 1199 -2.28 -5.24 11.70
CA GLN A 1199 -1.74 -4.66 12.93
C GLN A 1199 -0.42 -5.32 13.33
N MET A 1200 -0.26 -6.61 13.05
CA MET A 1200 0.87 -7.39 13.56
C MET A 1200 1.61 -8.07 12.42
N THR A 1201 1.93 -7.31 11.37
CA THR A 1201 2.73 -7.82 10.26
C THR A 1201 4.17 -7.41 10.53
N LEU A 1202 4.91 -8.26 11.25
CA LEU A 1202 6.31 -8.03 11.56
C LEU A 1202 7.02 -9.37 11.60
N ASN A 1203 8.26 -9.36 12.10
CA ASN A 1203 9.11 -10.56 12.04
C ASN A 1203 8.88 -11.48 13.23
N THR A 1204 9.12 -10.98 14.45
CA THR A 1204 9.07 -11.82 15.65
C THR A 1204 8.54 -11.01 16.82
N PHE A 1205 7.95 -11.70 17.78
CA PHE A 1205 7.48 -11.09 19.02
C PHE A 1205 7.37 -12.13 20.12
N ASN A 1214 11.14 -18.80 18.68
CA ASN A 1214 11.03 -20.25 18.86
C ASN A 1214 10.61 -20.93 17.55
N VAL A 1215 9.66 -20.31 16.85
CA VAL A 1215 9.12 -20.86 15.61
C VAL A 1215 8.62 -19.69 14.76
N THR A 1216 8.43 -19.95 13.47
CA THR A 1216 7.87 -18.94 12.59
C THR A 1216 6.51 -18.49 13.08
N LEU A 1217 6.23 -17.20 12.94
CA LEU A 1217 5.02 -16.62 13.51
C LEU A 1217 4.63 -15.39 12.70
N GLY A 1218 3.33 -15.11 12.67
CA GLY A 1218 2.81 -13.96 11.95
C GLY A 1218 2.16 -14.32 10.63
N ILE A 1219 2.16 -13.36 9.70
CA ILE A 1219 1.54 -13.56 8.38
C ILE A 1219 2.34 -14.52 7.49
N PRO A 1220 3.66 -14.69 7.66
CA PRO A 1220 4.33 -15.74 6.86
C PRO A 1220 3.81 -17.14 7.15
N ARG A 1221 3.32 -17.39 8.35
CA ARG A 1221 2.74 -18.68 8.70
C ARG A 1221 1.23 -18.70 8.53
N LEU A 1222 0.56 -17.59 8.90
CA LEU A 1222 -0.90 -17.53 8.74
C LEU A 1222 -1.31 -17.68 7.29
N ARG A 1223 -0.54 -17.09 6.37
CA ARG A 1223 -0.82 -17.27 4.95
C ARG A 1223 -0.38 -18.65 4.47
N GLU A 1224 0.65 -19.22 5.09
CA GLU A 1224 1.15 -20.52 4.66
C GLU A 1224 0.14 -21.62 4.94
N ILE A 1225 -0.55 -21.56 6.08
CA ILE A 1225 -1.50 -22.61 6.44
C ILE A 1225 -2.70 -22.60 5.49
N VAL A 1226 -3.09 -21.43 4.99
CA VAL A 1226 -4.32 -21.30 4.23
C VAL A 1226 -4.06 -21.35 2.73
N MET A 1227 -2.99 -20.71 2.25
CA MET A 1227 -2.76 -20.56 0.82
C MET A 1227 -1.85 -21.62 0.22
N THR A 1228 -0.77 -21.99 0.91
CA THR A 1228 0.29 -22.78 0.30
C THR A 1228 -0.05 -24.26 0.17
N ALA A 1229 -1.29 -24.67 0.37
CA ALA A 1229 -1.70 -26.07 0.27
C ALA A 1229 -0.83 -26.96 1.16
N SER A 1230 -1.01 -26.74 2.46
CA SER A 1230 -0.13 -27.22 3.52
C SER A 1230 0.38 -28.63 3.25
N ALA A 1231 1.70 -28.76 3.25
CA ALA A 1231 2.40 -30.02 2.98
C ALA A 1231 3.55 -30.10 3.99
N ALA A 1232 4.51 -30.98 3.72
CA ALA A 1232 5.74 -31.02 4.52
C ALA A 1232 6.26 -29.62 4.73
N ILE A 1233 6.30 -29.19 6.00
CA ILE A 1233 6.43 -27.78 6.35
C ILE A 1233 7.85 -27.51 6.82
N LYS A 1234 8.18 -26.22 6.94
CA LYS A 1234 9.52 -25.81 7.33
C LYS A 1234 9.84 -26.20 8.77
N THR A 1235 8.82 -26.29 9.62
CA THR A 1235 9.00 -26.58 11.04
C THR A 1235 8.01 -27.65 11.49
N PRO A 1236 8.37 -28.92 11.39
CA PRO A 1236 7.46 -29.99 11.83
C PRO A 1236 7.36 -30.05 13.35
N GLN A 1237 6.21 -29.66 13.89
CA GLN A 1237 5.98 -29.62 15.32
C GLN A 1237 5.04 -30.75 15.74
N MET A 1238 5.27 -31.27 16.94
CA MET A 1238 4.39 -32.27 17.53
C MET A 1238 4.52 -32.20 19.05
N THR A 1239 3.39 -32.02 19.73
CA THR A 1239 3.36 -31.90 21.19
C THR A 1239 3.01 -33.24 21.81
N LEU A 1240 3.81 -33.66 22.79
CA LEU A 1240 3.64 -34.96 23.44
C LEU A 1240 3.35 -34.75 24.92
N PRO A 1241 2.15 -35.09 25.41
CA PRO A 1241 1.93 -35.11 26.86
C PRO A 1241 2.72 -36.23 27.50
N ILE A 1242 3.45 -35.90 28.56
CA ILE A 1242 4.35 -36.85 29.20
C ILE A 1242 3.57 -37.66 30.23
N TRP A 1243 4.14 -38.81 30.60
CA TRP A 1243 3.54 -39.67 31.61
C TRP A 1243 3.76 -39.09 33.01
N ASN A 1244 2.97 -39.57 33.96
CA ASN A 1244 3.05 -39.04 35.32
C ASN A 1244 4.16 -39.69 36.12
N ASP A 1245 4.33 -41.02 36.00
CA ASP A 1245 5.34 -41.72 36.78
C ASP A 1245 6.75 -41.43 36.31
N VAL A 1246 6.94 -41.01 35.06
CA VAL A 1246 8.27 -40.71 34.54
C VAL A 1246 8.75 -39.39 35.11
N SER A 1247 10.04 -39.11 34.98
CA SER A 1247 10.64 -37.92 35.57
C SER A 1247 11.62 -37.32 34.56
N ASP A 1248 12.44 -36.38 35.04
CA ASP A 1248 13.41 -35.72 34.17
C ASP A 1248 14.42 -36.71 33.62
N GLU A 1249 14.97 -37.57 34.49
CA GLU A 1249 15.91 -38.59 34.05
C GLU A 1249 15.26 -39.67 33.19
N GLN A 1250 13.93 -39.66 33.08
CA GLN A 1250 13.24 -40.55 32.15
C GLN A 1250 12.92 -39.89 30.82
N ALA A 1251 12.89 -38.55 30.78
CA ALA A 1251 12.61 -37.82 29.55
C ALA A 1251 13.89 -37.49 28.78
N ASP A 1252 15.00 -37.21 29.47
CA ASP A 1252 16.24 -36.92 28.78
C ASP A 1252 16.77 -38.14 28.05
N THR A 1253 16.53 -39.34 28.60
CA THR A 1253 16.91 -40.56 27.88
C THR A 1253 16.07 -40.74 26.63
N PHE A 1254 14.84 -40.21 26.62
CA PHE A 1254 13.98 -40.32 25.46
C PHE A 1254 14.41 -39.34 24.37
N CYS A 1255 14.74 -38.10 24.74
CA CYS A 1255 15.17 -37.12 23.76
C CYS A 1255 16.51 -37.52 23.16
N LYS A 1256 17.42 -38.04 23.98
CA LYS A 1256 18.71 -38.51 23.46
C LYS A 1256 18.54 -39.73 22.57
N SER A 1257 17.43 -40.48 22.74
CA SER A 1257 17.22 -41.68 21.94
C SER A 1257 16.72 -41.35 20.54
N ILE A 1258 15.80 -40.39 20.42
CA ILE A 1258 15.24 -40.07 19.12
C ILE A 1258 16.09 -39.05 18.38
N SER A 1259 16.77 -38.14 19.10
CA SER A 1259 17.57 -37.10 18.47
C SER A 1259 18.57 -37.71 17.50
N LYS A 1260 18.38 -37.40 16.21
CA LYS A 1260 19.23 -37.97 15.18
C LYS A 1260 20.66 -37.48 15.31
N VAL A 1261 21.60 -38.31 14.86
CA VAL A 1261 23.02 -37.98 14.86
C VAL A 1261 23.60 -38.46 13.52
N LEU A 1262 24.08 -37.53 12.72
CA LEU A 1262 24.73 -37.91 11.48
C LEU A 1262 26.16 -38.38 11.76
N LEU A 1263 26.78 -38.97 10.73
CA LEU A 1263 28.16 -39.43 10.87
C LEU A 1263 29.12 -38.29 11.14
N SER A 1264 28.74 -37.05 10.78
CA SER A 1264 29.61 -35.90 10.96
C SER A 1264 29.72 -35.47 12.41
N GLU A 1265 28.74 -35.81 13.26
CA GLU A 1265 28.76 -35.37 14.64
C GLU A 1265 29.77 -36.13 15.50
N VAL A 1266 30.39 -37.18 14.97
CA VAL A 1266 31.34 -37.97 15.74
C VAL A 1266 32.79 -37.74 15.31
N ILE A 1267 33.02 -37.18 14.13
CA ILE A 1267 34.38 -36.98 13.62
C ILE A 1267 34.96 -35.71 14.24
N ASP A 1268 36.18 -35.82 14.75
CA ASP A 1268 36.92 -34.66 15.27
C ASP A 1268 38.01 -34.19 14.33
N LYS A 1269 38.62 -35.08 13.56
CA LYS A 1269 39.70 -34.72 12.66
C LYS A 1269 39.87 -35.82 11.62
N VAL A 1270 40.06 -35.42 10.36
CA VAL A 1270 40.27 -36.35 9.26
C VAL A 1270 41.61 -36.02 8.61
N ILE A 1271 42.50 -36.99 8.59
CA ILE A 1271 43.81 -36.85 7.94
C ILE A 1271 43.83 -37.83 6.77
N VAL A 1272 43.47 -37.35 5.59
CA VAL A 1272 43.49 -38.16 4.38
C VAL A 1272 44.86 -37.97 3.72
N THR A 1273 45.65 -39.04 3.68
CA THR A 1273 46.99 -39.02 3.11
C THR A 1273 46.98 -39.86 1.83
N GLU A 1274 46.83 -39.18 0.70
CA GLU A 1274 46.78 -39.86 -0.59
C GLU A 1274 48.17 -40.29 -1.01
N THR A 1275 48.32 -41.57 -1.36
CA THR A 1275 49.58 -42.14 -1.80
C THR A 1275 49.42 -42.74 -3.19
N THR A 1276 50.52 -42.79 -3.93
CA THR A 1276 50.52 -43.36 -5.28
C THR A 1276 51.92 -43.86 -5.59
N GLY A 1277 52.00 -45.12 -6.03
CA GLY A 1277 53.28 -45.72 -6.37
C GLY A 1277 53.16 -46.90 -7.32
N ALA A 1287 49.09 -46.79 -9.45
CA ALA A 1287 48.01 -47.27 -8.60
C ALA A 1287 47.63 -46.23 -7.55
N ARG A 1288 46.46 -45.64 -7.73
CA ARG A 1288 45.97 -44.64 -6.79
C ARG A 1288 45.58 -45.29 -5.47
N SER A 1289 45.82 -44.56 -4.39
CA SER A 1289 45.54 -45.07 -3.04
C SER A 1289 45.09 -43.93 -2.16
N TYR A 1290 44.24 -44.26 -1.19
CA TYR A 1290 43.73 -43.28 -0.22
C TYR A 1290 43.71 -43.93 1.15
N VAL A 1291 44.61 -43.50 2.03
CA VAL A 1291 44.67 -44.01 3.40
C VAL A 1291 43.78 -43.10 4.24
N ILE A 1292 42.53 -43.53 4.43
CA ILE A 1292 41.56 -42.73 5.18
C ILE A 1292 41.83 -42.88 6.66
N HIS A 1293 41.84 -41.75 7.38
CA HIS A 1293 42.08 -41.72 8.82
C HIS A 1293 41.15 -40.69 9.43
N MET A 1294 40.14 -41.15 10.17
CA MET A 1294 39.12 -40.29 10.76
C MET A 1294 39.18 -40.41 12.27
N ARG A 1295 39.59 -39.33 12.93
CA ARG A 1295 39.62 -39.30 14.39
C ARG A 1295 38.23 -39.03 14.95
N PHE A 1296 37.98 -39.56 16.15
CA PHE A 1296 36.72 -39.38 16.84
C PHE A 1296 36.93 -38.51 18.07
N PHE A 1297 35.83 -38.20 18.76
CA PHE A 1297 35.88 -37.47 20.01
C PHE A 1297 36.07 -38.44 21.16
N ASP A 1298 36.02 -37.94 22.39
CA ASP A 1298 36.15 -38.79 23.57
C ASP A 1298 34.91 -39.65 23.72
N ASN A 1299 35.11 -40.93 24.04
CA ASN A 1299 33.98 -41.84 24.23
C ASN A 1299 33.07 -41.32 25.34
N ASN A 1300 33.64 -40.85 26.44
CA ASN A 1300 32.84 -40.29 27.52
C ASN A 1300 32.12 -39.02 27.11
N GLU A 1301 32.50 -38.41 25.99
CA GLU A 1301 31.88 -37.16 25.56
C GLU A 1301 30.57 -37.43 24.78
N TYR A 1302 30.66 -38.21 23.71
CA TYR A 1302 29.50 -38.41 22.85
C TYR A 1302 28.70 -39.67 23.17
N SER A 1303 29.19 -40.52 24.08
CA SER A 1303 28.34 -41.62 24.54
C SER A 1303 27.28 -41.14 25.52
N GLU A 1304 27.42 -39.93 26.06
CA GLU A 1304 26.39 -39.30 26.86
C GLU A 1304 25.70 -38.16 26.13
N GLU A 1305 26.43 -37.46 25.26
CA GLU A 1305 25.81 -36.41 24.46
C GLU A 1305 24.91 -36.98 23.38
N TYR A 1306 25.28 -38.13 22.81
CA TYR A 1306 24.51 -38.76 21.75
C TYR A 1306 23.91 -40.10 22.12
N ASP A 1307 24.46 -40.80 23.12
CA ASP A 1307 24.01 -42.13 23.51
C ASP A 1307 24.10 -43.11 22.33
N VAL A 1308 25.23 -43.05 21.62
CA VAL A 1308 25.50 -43.93 20.48
C VAL A 1308 26.71 -44.78 20.82
N SER A 1309 26.55 -46.09 20.73
CA SER A 1309 27.61 -47.02 21.08
C SER A 1309 28.47 -47.34 19.86
N LYS A 1310 29.60 -48.02 20.11
CA LYS A 1310 30.50 -48.41 19.04
C LYS A 1310 29.89 -49.46 18.11
N GLU A 1311 28.93 -50.24 18.61
CA GLU A 1311 28.30 -51.25 17.76
C GLU A 1311 27.34 -50.61 16.77
N GLU A 1312 26.51 -49.68 17.25
CA GLU A 1312 25.61 -48.96 16.35
C GLU A 1312 26.39 -48.14 15.33
N LEU A 1313 27.50 -47.53 15.75
CA LEU A 1313 28.36 -46.83 14.82
C LEU A 1313 29.03 -47.78 13.84
N GLN A 1314 29.28 -49.02 14.27
CA GLN A 1314 29.94 -49.99 13.40
C GLN A 1314 29.00 -50.44 12.27
N ASN A 1315 27.78 -50.84 12.63
CA ASN A 1315 26.83 -51.30 11.62
C ASN A 1315 26.45 -50.19 10.64
N VAL A 1316 26.44 -48.93 11.11
CA VAL A 1316 26.10 -47.83 10.23
C VAL A 1316 27.17 -47.62 9.16
N ILE A 1317 28.44 -47.60 9.59
CA ILE A 1317 29.53 -47.46 8.63
C ILE A 1317 29.56 -48.65 7.67
N SER A 1318 29.20 -49.84 8.17
CA SER A 1318 29.23 -51.03 7.33
C SER A 1318 28.07 -51.07 6.34
N ASN A 1319 26.95 -50.41 6.64
CA ASN A 1319 25.76 -50.50 5.82
C ASN A 1319 25.40 -49.23 5.08
N GLN A 1320 25.72 -48.06 5.62
CA GLN A 1320 25.28 -46.80 5.01
C GLN A 1320 26.43 -45.89 4.61
N PHE A 1321 27.47 -45.76 5.43
CA PHE A 1321 28.55 -44.82 5.12
C PHE A 1321 29.39 -45.33 3.96
N ILE A 1322 29.86 -46.58 4.05
CA ILE A 1322 30.71 -47.13 3.00
C ILE A 1322 29.91 -47.33 1.72
N HIS A 1323 28.64 -47.70 1.85
CA HIS A 1323 27.81 -47.94 0.66
C HIS A 1323 27.50 -46.64 -0.08
N LEU A 1324 27.03 -45.62 0.65
CA LEU A 1324 26.75 -44.33 0.03
C LEU A 1324 28.02 -43.63 -0.45
N LEU A 1325 29.18 -44.02 0.07
CA LEU A 1325 30.45 -43.44 -0.37
C LEU A 1325 30.80 -43.85 -1.79
N GLU A 1326 30.22 -44.94 -2.30
CA GLU A 1326 30.53 -45.40 -3.65
C GLU A 1326 29.65 -44.76 -4.71
N ALA A 1327 28.39 -44.47 -4.39
CA ALA A 1327 27.51 -43.83 -5.36
C ALA A 1327 28.02 -42.43 -5.73
N ALA A 1328 28.63 -41.73 -4.77
CA ALA A 1328 29.18 -40.41 -5.05
C ALA A 1328 30.47 -40.50 -5.84
N ILE A 1329 31.31 -41.49 -5.55
CA ILE A 1329 32.56 -41.65 -6.28
C ILE A 1329 32.28 -42.06 -7.73
N VAL A 1330 31.38 -43.02 -7.92
CA VAL A 1330 31.01 -43.43 -9.27
C VAL A 1330 30.39 -42.27 -10.03
N LYS A 1331 29.56 -41.47 -9.35
CA LYS A 1331 29.02 -40.26 -9.97
C LYS A 1331 30.13 -39.31 -10.39
N GLU A 1332 31.15 -39.15 -9.55
CA GLU A 1332 32.27 -38.29 -9.89
C GLU A 1332 33.05 -38.85 -11.08
N ILE A 1333 33.24 -40.17 -11.12
CA ILE A 1333 33.97 -40.78 -12.22
C ILE A 1333 33.18 -40.63 -13.52
N LYS A 1334 31.86 -40.75 -13.45
CA LYS A 1334 31.05 -40.67 -14.67
C LYS A 1334 30.99 -39.25 -15.22
N LYS A 1335 30.67 -38.27 -14.36
CA LYS A 1335 30.55 -36.90 -14.83
C LYS A 1335 31.90 -36.28 -15.15
N GLN A 1336 33.00 -36.83 -14.63
CA GLN A 1336 34.32 -36.36 -15.03
C GLN A 1336 34.65 -36.81 -16.44
N LYS A 1337 34.12 -37.95 -16.88
CA LYS A 1337 34.30 -38.42 -18.24
C LYS A 1337 33.32 -37.76 -19.22
N ARG A 1338 32.24 -37.18 -18.71
CA ARG A 1338 31.26 -36.50 -19.55
C ARG A 1338 31.86 -35.26 -20.20
N ASN A 1438 48.65 -55.99 12.70
CA ASN A 1438 48.14 -56.62 13.91
C ASN A 1438 46.62 -56.48 13.99
N MET A 1439 45.91 -57.59 13.82
CA MET A 1439 44.46 -57.58 13.86
C MET A 1439 43.98 -58.97 14.25
N ASN A 1440 43.00 -59.03 15.15
CA ASN A 1440 42.48 -60.30 15.62
C ASN A 1440 41.58 -60.94 14.56
N LYS A 1441 41.31 -62.23 14.76
CA LYS A 1441 40.58 -63.00 13.75
C LYS A 1441 39.12 -62.58 13.67
N VAL A 1442 38.55 -62.07 14.76
CA VAL A 1442 37.16 -61.63 14.72
C VAL A 1442 36.99 -60.43 13.80
N GLN A 1443 38.00 -59.56 13.75
CA GLN A 1443 37.99 -58.44 12.81
C GLN A 1443 38.47 -58.85 11.43
N ARG A 1444 39.19 -59.96 11.31
CA ARG A 1444 39.53 -60.49 9.99
C ARG A 1444 38.28 -60.99 9.28
N ASP A 1445 37.41 -61.71 10.00
CA ASP A 1445 36.12 -62.09 9.43
C ASP A 1445 35.27 -60.87 9.13
N ARG A 1446 35.32 -59.87 10.02
CA ARG A 1446 34.63 -58.61 9.76
C ARG A 1446 35.25 -57.90 8.56
N GLN A 1447 36.56 -58.07 8.35
CA GLN A 1447 37.22 -57.45 7.21
C GLN A 1447 36.80 -58.12 5.90
N SER A 1448 36.86 -59.45 5.86
CA SER A 1448 36.47 -60.17 4.65
C SER A 1448 34.98 -60.04 4.36
N ALA A 1449 34.16 -59.82 5.40
CA ALA A 1449 32.74 -59.62 5.19
C ALA A 1449 32.46 -58.37 4.37
N ILE A 1450 33.28 -57.33 4.54
CA ILE A 1450 33.11 -56.12 3.74
C ILE A 1450 33.59 -56.35 2.32
N ILE A 1451 34.66 -57.14 2.15
CA ILE A 1451 35.16 -57.47 0.82
C ILE A 1451 34.13 -58.26 0.03
N SER A 1452 33.20 -58.94 0.71
CA SER A 1452 32.20 -59.74 0.02
C SER A 1452 31.30 -58.87 -0.84
N HIS A 1453 30.70 -57.84 -0.26
CA HIS A 1453 29.73 -56.99 -0.96
C HIS A 1453 30.30 -55.62 -1.32
N HIS A 1454 31.61 -55.42 -1.21
CA HIS A 1454 32.26 -54.21 -1.69
C HIS A 1454 33.42 -54.59 -2.60
N ARG A 1455 33.80 -53.64 -3.47
CA ARG A 1455 34.77 -53.90 -4.52
C ARG A 1455 35.92 -52.89 -4.54
N PHE A 1456 36.09 -52.09 -3.49
CA PHE A 1456 37.10 -51.04 -3.52
C PHE A 1456 38.01 -51.08 -2.29
N ILE A 1457 37.48 -51.58 -1.17
CA ILE A 1457 38.25 -51.60 0.06
C ILE A 1457 39.24 -52.77 0.04
N THR A 1458 40.30 -52.64 0.83
CA THR A 1458 41.29 -53.70 0.95
C THR A 1458 41.55 -54.02 2.43
N LYS A 1459 41.34 -53.03 3.30
CA LYS A 1459 41.59 -53.20 4.72
C LYS A 1459 40.72 -52.22 5.49
N TYR A 1460 40.14 -52.67 6.59
CA TYR A 1460 39.25 -51.85 7.41
C TYR A 1460 39.55 -52.11 8.87
N ASN A 1461 39.98 -51.08 9.59
CA ASN A 1461 40.30 -51.17 11.01
C ASN A 1461 39.53 -50.11 11.78
N PHE A 1462 38.98 -50.51 12.93
CA PHE A 1462 38.17 -49.63 13.75
C PHE A 1462 38.57 -49.78 15.21
N ASP A 1463 38.65 -48.66 15.92
CA ASP A 1463 39.00 -48.65 17.34
C ASP A 1463 37.80 -49.14 18.15
N ASP A 1464 37.94 -50.31 18.77
CA ASP A 1464 36.87 -50.90 19.56
C ASP A 1464 37.12 -50.85 21.06
N GLU A 1465 38.37 -50.74 21.51
CA GLU A 1465 38.64 -50.70 22.94
C GLU A 1465 38.37 -49.33 23.54
N SER A 1466 38.56 -48.26 22.76
CA SER A 1466 38.30 -46.91 23.26
C SER A 1466 37.40 -46.15 22.30
N GLY A 1467 37.48 -46.48 21.01
CA GLY A 1467 36.65 -45.84 20.02
C GLY A 1467 36.96 -44.37 19.80
N LYS A 1468 38.18 -44.08 19.35
CA LYS A 1468 38.59 -42.71 19.11
C LYS A 1468 39.17 -42.48 17.71
N TRP A 1469 39.18 -43.50 16.85
CA TRP A 1469 39.74 -43.35 15.51
C TRP A 1469 39.23 -44.49 14.64
N CYS A 1470 39.43 -44.33 13.34
CA CYS A 1470 39.07 -45.36 12.36
C CYS A 1470 39.94 -45.16 11.13
N GLU A 1471 40.57 -46.24 10.67
CA GLU A 1471 41.48 -46.19 9.54
C GLU A 1471 41.18 -47.35 8.61
N PHE A 1472 40.91 -47.05 7.34
CA PHE A 1472 40.68 -48.07 6.34
C PHE A 1472 41.35 -47.66 5.03
N LYS A 1473 41.84 -48.66 4.30
CA LYS A 1473 42.57 -48.44 3.06
C LYS A 1473 41.61 -48.39 1.89
N LEU A 1474 42.02 -47.68 0.83
CA LEU A 1474 41.20 -47.51 -0.36
C LEU A 1474 42.12 -47.45 -1.57
N GLU A 1475 41.73 -48.14 -2.65
CA GLU A 1475 42.56 -48.28 -3.83
C GLU A 1475 41.76 -48.01 -5.09
N LEU A 1476 42.42 -47.46 -6.10
CA LEU A 1476 41.82 -47.27 -7.42
C LEU A 1476 42.87 -47.52 -8.49
N ALA A 1477 42.43 -47.52 -9.75
CA ALA A 1477 43.30 -47.72 -10.88
C ALA A 1477 43.78 -46.36 -11.40
N ALA A 1478 44.44 -46.35 -12.56
CA ALA A 1478 44.97 -45.12 -13.14
C ALA A 1478 43.94 -44.37 -14.00
N ASP A 1479 42.78 -44.97 -14.26
CA ASP A 1479 41.75 -44.29 -15.03
C ASP A 1479 41.06 -43.18 -14.25
N THR A 1480 41.32 -43.08 -12.94
CA THR A 1480 40.74 -42.08 -12.05
C THR A 1480 41.84 -41.39 -11.25
N GLU A 1481 42.88 -40.94 -11.97
CA GLU A 1481 44.06 -40.38 -11.33
C GLU A 1481 43.72 -39.27 -10.34
N LYS A 1482 43.09 -38.20 -10.81
CA LYS A 1482 42.77 -37.06 -9.97
C LYS A 1482 41.36 -37.18 -9.42
N LEU A 1483 41.22 -36.90 -8.12
CA LEU A 1483 39.94 -37.00 -7.43
C LEU A 1483 40.02 -36.24 -6.12
N LEU A 1484 39.04 -35.40 -5.85
CA LEU A 1484 38.96 -34.72 -4.56
C LEU A 1484 38.58 -35.72 -3.47
N MET A 1485 39.32 -35.68 -2.36
CA MET A 1485 39.16 -36.68 -1.31
C MET A 1485 38.48 -36.16 -0.05
N VAL A 1486 38.44 -34.84 0.15
CA VAL A 1486 37.85 -34.29 1.36
C VAL A 1486 36.37 -33.97 1.16
N ASN A 1487 36.04 -33.23 0.11
CA ASN A 1487 34.65 -32.84 -0.11
C ASN A 1487 33.75 -34.04 -0.37
N ILE A 1488 34.26 -35.04 -1.09
CA ILE A 1488 33.45 -36.21 -1.40
C ILE A 1488 33.14 -37.03 -0.16
N VAL A 1489 33.95 -36.90 0.89
CA VAL A 1489 33.68 -37.59 2.15
C VAL A 1489 32.84 -36.72 3.09
N GLU A 1490 33.06 -35.41 3.07
CA GLU A 1490 32.28 -34.51 3.92
C GLU A 1490 30.80 -34.54 3.53
N GLU A 1491 30.51 -34.68 2.24
CA GLU A 1491 29.13 -34.78 1.79
C GLU A 1491 28.47 -36.04 2.33
N ILE A 1492 29.19 -37.16 2.28
CA ILE A 1492 28.65 -38.42 2.78
C ILE A 1492 28.49 -38.37 4.30
N CYS A 1493 29.41 -37.68 4.99
CA CYS A 1493 29.28 -37.51 6.43
C CYS A 1493 28.03 -36.72 6.79
N ARG A 1494 27.64 -35.77 5.95
CA ARG A 1494 26.40 -35.02 6.14
C ARG A 1494 25.18 -35.75 5.60
N LYS A 1495 25.33 -37.00 5.18
CA LYS A 1495 24.21 -37.77 4.64
C LYS A 1495 24.08 -39.11 5.36
N SER A 1496 25.18 -39.62 5.89
CA SER A 1496 25.16 -40.88 6.63
C SER A 1496 24.51 -40.67 7.98
N ILE A 1497 23.60 -41.57 8.35
CA ILE A 1497 22.79 -41.44 9.54
C ILE A 1497 23.14 -42.56 10.51
N ILE A 1498 23.18 -42.24 11.80
CA ILE A 1498 23.45 -43.26 12.82
C ILE A 1498 22.16 -43.84 13.36
N ARG A 1499 21.13 -43.00 13.52
CA ARG A 1499 19.82 -43.45 13.98
C ARG A 1499 18.81 -42.35 13.67
N GLN A 1500 17.86 -42.63 12.79
CA GLN A 1500 16.86 -41.65 12.39
C GLN A 1500 15.48 -42.31 12.42
N ILE A 1501 14.72 -42.04 13.49
CA ILE A 1501 13.31 -42.45 13.48
C ILE A 1501 12.60 -41.70 12.36
N PRO A 1502 11.71 -42.33 11.60
CA PRO A 1502 11.18 -41.69 10.40
C PRO A 1502 10.44 -40.38 10.71
N HIS A 1503 10.71 -39.37 9.87
CA HIS A 1503 9.98 -38.10 9.85
C HIS A 1503 10.10 -37.32 11.17
N ILE A 1504 11.12 -37.60 11.97
CA ILE A 1504 11.37 -36.87 13.20
C ILE A 1504 12.87 -36.59 13.30
N ASP A 1505 13.23 -35.34 13.62
CA ASP A 1505 14.63 -34.92 13.65
C ASP A 1505 15.22 -34.95 15.06
N ARG A 1506 14.62 -34.21 15.99
CA ARG A 1506 15.18 -34.10 17.33
C ARG A 1506 14.07 -33.75 18.30
N CYS A 1507 13.98 -34.52 19.39
CA CYS A 1507 12.96 -34.28 20.42
C CYS A 1507 13.50 -33.31 21.46
N VAL A 1508 12.68 -32.31 21.80
CA VAL A 1508 13.05 -31.27 22.76
C VAL A 1508 12.07 -31.33 23.93
N HIS A 1509 12.58 -31.11 25.14
CA HIS A 1509 11.80 -31.13 26.36
C HIS A 1509 11.86 -29.75 27.02
N PRO A 1510 11.04 -28.81 26.57
CA PRO A 1510 11.03 -27.46 27.17
C PRO A 1510 10.29 -27.47 28.50
N GLU A 1511 10.15 -26.29 29.08
CA GLU A 1511 9.41 -26.14 30.33
C GLU A 1511 7.92 -26.34 30.09
N PRO A 1512 7.19 -26.84 31.09
CA PRO A 1512 5.75 -27.07 30.91
C PRO A 1512 5.00 -25.76 30.75
N GLU A 1513 3.96 -25.80 29.91
CA GLU A 1513 3.13 -24.64 29.63
C GLU A 1513 1.73 -24.87 30.21
N ASN A 1514 1.24 -23.89 30.96
CA ASN A 1514 -0.09 -23.92 31.56
C ASN A 1514 -0.26 -25.09 32.52
N GLY A 1515 0.85 -25.57 33.09
CA GLY A 1515 0.81 -26.61 34.09
C GLY A 1515 1.10 -28.00 33.56
N LYS A 1516 0.62 -28.31 32.35
CA LYS A 1516 0.85 -29.62 31.76
C LYS A 1516 2.25 -29.70 31.16
N ARG A 1517 2.92 -30.83 31.39
CA ARG A 1517 4.26 -31.00 30.88
C ARG A 1517 4.22 -31.28 29.39
N VAL A 1518 4.94 -30.48 28.62
CA VAL A 1518 4.89 -30.51 27.16
C VAL A 1518 6.22 -31.04 26.64
N LEU A 1519 6.14 -31.86 25.60
CA LEU A 1519 7.31 -32.46 24.96
C LEU A 1519 7.21 -32.18 23.46
N VAL A 1520 7.89 -31.14 22.99
CA VAL A 1520 7.82 -30.70 21.60
C VAL A 1520 8.99 -31.31 20.84
N THR A 1521 8.68 -32.15 19.87
CA THR A 1521 9.70 -32.76 19.02
C THR A 1521 9.72 -32.09 17.65
N GLU A 1522 10.86 -32.21 16.98
CA GLU A 1522 11.06 -31.62 15.65
C GLU A 1522 10.76 -32.64 14.56
N GLY A 1523 9.49 -33.04 14.48
CA GLY A 1523 9.06 -33.99 13.49
C GLY A 1523 7.62 -34.41 13.66
N VAL A 1524 7.03 -34.99 12.61
CA VAL A 1524 5.63 -35.41 12.60
C VAL A 1524 5.60 -36.87 12.16
N ASN A 1525 5.38 -37.78 13.11
CA ASN A 1525 5.31 -39.20 12.79
C ASN A 1525 4.53 -39.89 13.92
N PHE A 1526 3.31 -40.33 13.61
CA PHE A 1526 2.48 -41.00 14.60
C PHE A 1526 2.70 -42.50 14.65
N GLN A 1527 3.06 -43.13 13.53
CA GLN A 1527 3.21 -44.57 13.49
C GLN A 1527 4.33 -45.04 14.42
N ALA A 1528 5.52 -44.48 14.25
CA ALA A 1528 6.66 -44.86 15.07
C ALA A 1528 6.56 -44.36 16.50
N MET A 1529 5.59 -43.49 16.79
CA MET A 1529 5.41 -42.94 18.14
C MET A 1529 4.35 -43.68 18.94
N TRP A 1530 3.37 -44.30 18.27
CA TRP A 1530 2.35 -45.06 18.97
C TRP A 1530 2.93 -46.25 19.74
N ASP A 1531 4.15 -46.67 19.41
CA ASP A 1531 4.81 -47.78 20.07
C ASP A 1531 5.55 -47.36 21.34
N GLN A 1532 5.25 -46.19 21.88
CA GLN A 1532 5.90 -45.67 23.08
C GLN A 1532 4.86 -45.28 24.12
N GLU A 1533 3.90 -46.16 24.35
CA GLU A 1533 2.83 -45.91 25.31
C GLU A 1533 3.30 -45.95 26.76
N ALA A 1534 4.51 -46.44 27.02
CA ALA A 1534 4.98 -46.56 28.39
C ALA A 1534 5.21 -45.20 29.04
N PHE A 1535 5.49 -44.17 28.24
CA PHE A 1535 5.76 -42.84 28.78
C PHE A 1535 5.09 -41.72 28.02
N ILE A 1536 4.32 -42.01 26.97
CA ILE A 1536 3.65 -40.98 26.16
C ILE A 1536 2.20 -41.38 26.01
N ASP A 1537 1.29 -40.49 26.39
CA ASP A 1537 -0.14 -40.72 26.20
C ASP A 1537 -0.46 -40.61 24.71
N VAL A 1538 -0.90 -41.72 24.12
CA VAL A 1538 -1.22 -41.77 22.70
C VAL A 1538 -2.57 -41.16 22.39
N ASP A 1539 -3.29 -40.64 23.38
CA ASP A 1539 -4.60 -40.04 23.19
C ASP A 1539 -4.58 -38.53 23.30
N GLY A 1540 -3.42 -37.92 23.55
CA GLY A 1540 -3.36 -36.48 23.72
C GLY A 1540 -2.28 -35.80 22.91
N ILE A 1541 -1.57 -36.57 22.07
CA ILE A 1541 -0.53 -35.99 21.23
C ILE A 1541 -1.17 -35.24 20.07
N THR A 1542 -0.67 -34.05 19.79
CA THR A 1542 -1.14 -33.22 18.69
C THR A 1542 0.03 -32.85 17.78
N SER A 1543 -0.32 -32.38 16.58
CA SER A 1543 0.67 -32.01 15.58
C SER A 1543 0.29 -30.68 14.95
N ASN A 1544 1.25 -30.10 14.24
CA ASN A 1544 1.05 -28.83 13.54
C ASN A 1544 0.73 -29.01 12.06
N ASP A 1545 1.33 -30.01 11.42
CA ASP A 1545 1.04 -30.28 10.01
C ASP A 1545 -0.40 -30.78 9.86
N VAL A 1546 -0.92 -30.65 8.64
CA VAL A 1546 -2.27 -31.08 8.34
C VAL A 1546 -2.31 -32.35 7.50
N ALA A 1547 -1.22 -32.71 6.82
CA ALA A 1547 -1.25 -33.88 5.94
C ALA A 1547 -1.19 -35.18 6.73
N ALA A 1548 -0.39 -35.23 7.80
CA ALA A 1548 -0.26 -36.46 8.57
C ALA A 1548 -1.48 -36.71 9.44
N VAL A 1549 -2.02 -35.65 10.05
CA VAL A 1549 -3.19 -35.82 10.90
C VAL A 1549 -4.43 -36.12 10.06
N LEU A 1550 -4.48 -35.59 8.83
CA LEU A 1550 -5.58 -35.93 7.93
C LEU A 1550 -5.46 -37.37 7.42
N LYS A 1551 -4.23 -37.88 7.35
CA LYS A 1551 -3.99 -39.22 6.83
C LYS A 1551 -4.09 -40.30 7.90
N THR A 1552 -3.83 -39.96 9.16
CA THR A 1552 -3.81 -40.95 10.23
C THR A 1552 -4.87 -40.75 11.29
N TYR A 1553 -5.63 -39.64 11.26
CA TYR A 1553 -6.64 -39.39 12.28
C TYR A 1553 -7.96 -38.90 11.69
N GLY A 1554 -8.22 -39.13 10.42
CA GLY A 1554 -9.48 -38.73 9.82
C GLY A 1554 -9.52 -37.25 9.47
N VAL A 1555 -10.74 -36.75 9.28
CA VAL A 1555 -10.96 -35.40 8.78
C VAL A 1555 -11.08 -34.39 9.91
N GLU A 1556 -11.99 -34.62 10.85
CA GLU A 1556 -12.25 -33.64 11.90
C GLU A 1556 -11.03 -33.41 12.80
N ALA A 1557 -10.11 -34.37 12.87
CA ALA A 1557 -8.87 -34.14 13.60
C ALA A 1557 -8.02 -33.08 12.90
N ALA A 1558 -7.88 -33.19 11.57
CA ALA A 1558 -7.18 -32.16 10.83
C ALA A 1558 -7.93 -30.84 10.84
N ARG A 1559 -9.26 -30.89 11.03
CA ARG A 1559 -10.05 -29.67 11.10
C ARG A 1559 -9.80 -28.95 12.42
N ASN A 1560 -9.73 -29.69 13.52
CA ASN A 1560 -9.58 -29.11 14.85
C ASN A 1560 -8.14 -29.05 15.31
N THR A 1561 -7.18 -29.44 14.47
CA THR A 1561 -5.76 -29.30 14.81
C THR A 1561 -5.16 -28.00 14.29
N ILE A 1562 -5.90 -27.24 13.49
CA ILE A 1562 -5.45 -25.94 13.03
C ILE A 1562 -6.18 -24.79 13.69
N VAL A 1563 -7.38 -25.02 14.24
CA VAL A 1563 -8.11 -23.96 14.92
C VAL A 1563 -7.31 -23.44 16.10
N ASN A 1564 -6.63 -24.34 16.83
CA ASN A 1564 -5.77 -23.91 17.91
C ASN A 1564 -4.46 -23.30 17.42
N GLU A 1565 -4.06 -23.58 16.18
CA GLU A 1565 -2.87 -22.97 15.62
C GLU A 1565 -3.12 -21.52 15.20
N ILE A 1566 -4.20 -21.30 14.43
CA ILE A 1566 -4.60 -19.95 14.10
C ILE A 1566 -5.05 -19.19 15.34
N ASN A 1567 -5.45 -19.91 16.39
CA ASN A 1567 -5.67 -19.28 17.69
C ASN A 1567 -4.35 -18.93 18.38
N ASN A 1568 -3.33 -19.75 18.19
CA ASN A 1568 -2.05 -19.51 18.86
C ASN A 1568 -1.39 -18.23 18.33
N VAL A 1569 -1.36 -18.06 17.01
CA VAL A 1569 -0.72 -16.87 16.43
C VAL A 1569 -1.44 -15.62 16.88
N PHE A 1570 -2.78 -15.67 16.95
CA PHE A 1570 -3.54 -14.51 17.39
C PHE A 1570 -3.45 -14.32 18.90
N SER A 1571 -3.30 -15.42 19.66
CA SER A 1571 -3.24 -15.30 21.12
C SER A 1571 -1.92 -14.72 21.58
N ARG A 1572 -0.85 -14.92 20.83
CA ARG A 1572 0.46 -14.38 21.18
C ARG A 1572 0.58 -12.88 20.90
N TYR A 1573 -0.50 -12.23 20.46
CA TYR A 1573 -0.49 -10.80 20.16
C TYR A 1573 -1.45 -10.01 21.04
N ALA A 1574 -2.00 -10.64 22.09
CA ALA A 1574 -2.95 -10.03 23.02
C ALA A 1574 -4.25 -9.61 22.36
N ILE A 1575 -4.44 -9.91 21.08
CA ILE A 1575 -5.68 -9.63 20.37
C ILE A 1575 -6.50 -10.91 20.32
N SER A 1576 -7.82 -10.76 20.43
CA SER A 1576 -8.73 -11.89 20.49
C SER A 1576 -9.61 -11.94 19.26
N VAL A 1577 -10.24 -13.09 19.06
CA VAL A 1577 -11.18 -13.30 17.96
C VAL A 1577 -12.05 -14.49 18.33
N SER A 1578 -13.33 -14.42 17.95
CA SER A 1578 -14.25 -15.49 18.25
C SER A 1578 -13.89 -16.76 17.49
N PHE A 1579 -14.11 -17.91 18.13
CA PHE A 1579 -13.83 -19.20 17.51
C PHE A 1579 -14.77 -19.51 16.36
N ARG A 1580 -15.79 -18.70 16.13
CA ARG A 1580 -16.75 -18.97 15.06
C ARG A 1580 -16.17 -18.69 13.69
N HIS A 1581 -15.46 -17.58 13.53
CA HIS A 1581 -14.81 -17.29 12.25
C HIS A 1581 -13.71 -18.30 11.95
N LEU A 1582 -12.92 -18.64 12.97
CA LEU A 1582 -11.87 -19.64 12.80
C LEU A 1582 -12.45 -21.04 12.56
N ASP A 1583 -13.68 -21.28 13.00
CA ASP A 1583 -14.35 -22.52 12.65
C ASP A 1583 -14.83 -22.50 11.20
N LEU A 1584 -15.14 -21.31 10.68
CA LEU A 1584 -15.55 -21.20 9.27
C LEU A 1584 -14.39 -21.45 8.33
N ILE A 1585 -13.23 -20.84 8.62
CA ILE A 1585 -12.06 -21.05 7.78
C ILE A 1585 -11.62 -22.50 7.81
N ALA A 1586 -11.68 -23.12 9.00
CA ALA A 1586 -11.30 -24.52 9.11
C ALA A 1586 -12.28 -25.43 8.39
N ASP A 1587 -13.58 -25.19 8.56
CA ASP A 1587 -14.59 -26.03 7.93
C ASP A 1587 -14.50 -25.94 6.41
N MET A 1588 -14.29 -24.74 5.87
CA MET A 1588 -14.18 -24.58 4.43
C MET A 1588 -12.84 -25.11 3.91
N MET A 1589 -11.82 -25.13 4.76
CA MET A 1589 -10.51 -25.61 4.33
C MET A 1589 -10.51 -27.13 4.11
N THR A 1590 -11.22 -27.86 4.97
CA THR A 1590 -11.34 -29.31 4.85
C THR A 1590 -12.73 -29.75 4.44
N ARG A 1591 -13.45 -28.91 3.69
CA ARG A 1591 -14.83 -29.22 3.32
C ARG A 1591 -14.88 -30.37 2.33
N GLN A 1592 -14.11 -30.30 1.24
CA GLN A 1592 -14.12 -31.32 0.20
C GLN A 1592 -13.25 -32.52 0.58
N GLY A 1593 -13.63 -33.16 1.68
CA GLY A 1593 -13.01 -34.40 2.10
C GLY A 1593 -11.64 -34.27 2.73
N THR A 1594 -10.62 -33.92 1.93
CA THR A 1594 -9.24 -33.96 2.39
C THR A 1594 -8.71 -32.59 2.79
N TYR A 1595 -8.70 -31.64 1.86
CA TYR A 1595 -8.05 -30.35 2.12
C TYR A 1595 -8.32 -29.40 0.96
N LEU A 1596 -8.37 -28.11 1.27
CA LEU A 1596 -8.46 -27.06 0.27
C LEU A 1596 -7.45 -25.96 0.62
N ALA A 1597 -7.06 -25.19 -0.39
CA ALA A 1597 -6.07 -24.15 -0.21
C ALA A 1597 -6.52 -22.77 -0.68
N PHE A 1598 -7.78 -22.63 -1.12
CA PHE A 1598 -8.37 -21.38 -1.56
C PHE A 1598 -7.67 -20.77 -2.76
N ASN A 1599 -6.70 -21.47 -3.35
CA ASN A 1599 -6.01 -21.03 -4.54
C ASN A 1599 -6.61 -21.74 -5.76
N ARG A 1600 -6.02 -21.50 -6.93
CA ARG A 1600 -6.58 -22.07 -8.16
C ARG A 1600 -6.44 -23.59 -8.18
N GLN A 1601 -5.44 -24.14 -7.51
CA GLN A 1601 -5.26 -25.59 -7.48
C GLN A 1601 -6.28 -26.27 -6.56
N GLY A 1602 -6.83 -25.56 -5.59
CA GLY A 1602 -7.87 -26.10 -4.74
C GLY A 1602 -9.24 -25.67 -5.20
N MET A 1603 -9.29 -24.62 -6.02
CA MET A 1603 -10.53 -24.10 -6.57
C MET A 1603 -10.97 -24.82 -7.84
N GLU A 1604 -10.12 -25.68 -8.41
CA GLU A 1604 -10.48 -26.40 -9.62
C GLU A 1604 -11.72 -27.26 -9.42
N THR A 1605 -12.02 -27.63 -8.17
CA THR A 1605 -13.24 -28.37 -7.85
C THR A 1605 -14.28 -27.35 -7.39
N SER A 1606 -15.09 -26.87 -8.34
CA SER A 1606 -16.11 -25.89 -8.05
C SER A 1606 -17.25 -26.05 -9.04
N THR A 1607 -18.32 -25.29 -8.81
CA THR A 1607 -19.50 -25.31 -9.67
C THR A 1607 -19.57 -24.10 -10.59
N SER A 1608 -19.46 -22.90 -10.03
CA SER A 1608 -19.51 -21.69 -10.84
C SER A 1608 -18.17 -21.46 -11.54
N SER A 1609 -18.26 -20.92 -12.76
CA SER A 1609 -17.08 -20.67 -13.58
C SER A 1609 -16.56 -19.24 -13.45
N PHE A 1610 -17.45 -18.25 -13.47
CA PHE A 1610 -17.02 -16.85 -13.39
C PHE A 1610 -16.29 -16.56 -12.09
N MET A 1611 -16.64 -17.26 -11.01
CA MET A 1611 -15.93 -17.07 -9.75
C MET A 1611 -14.46 -17.48 -9.88
N LYS A 1612 -14.18 -18.50 -10.69
CA LYS A 1612 -12.80 -18.90 -10.93
C LYS A 1612 -12.11 -17.99 -11.94
N MET A 1613 -12.87 -17.37 -12.84
CA MET A 1613 -12.27 -16.48 -13.84
C MET A 1613 -11.79 -15.19 -13.20
N SER A 1614 -12.53 -14.67 -12.22
CA SER A 1614 -12.23 -13.36 -11.65
C SER A 1614 -10.93 -13.35 -10.85
N TYR A 1615 -10.47 -14.51 -10.37
CA TYR A 1615 -9.29 -14.53 -9.50
C TYR A 1615 -8.01 -14.40 -10.31
N GLU A 1616 -7.72 -15.38 -11.17
CA GLU A 1616 -6.51 -15.41 -11.98
C GLU A 1616 -6.59 -16.62 -12.87
N THR A 1617 -5.66 -16.69 -13.83
CA THR A 1617 -5.53 -17.82 -14.75
C THR A 1617 -6.87 -18.11 -15.45
N THR A 1618 -7.55 -17.04 -15.87
CA THR A 1618 -8.84 -17.20 -16.52
C THR A 1618 -8.75 -17.82 -17.90
N CYS A 1619 -7.58 -17.74 -18.54
CA CYS A 1619 -7.41 -18.36 -19.85
C CYS A 1619 -7.41 -19.88 -19.73
N GLN A 1620 -6.57 -20.42 -18.84
CA GLN A 1620 -6.57 -21.86 -18.62
C GLN A 1620 -7.90 -22.36 -18.08
N PHE A 1621 -8.57 -21.54 -17.26
CA PHE A 1621 -9.89 -21.91 -16.78
C PHE A 1621 -10.93 -21.86 -17.89
N LEU A 1622 -10.78 -20.92 -18.84
CA LEU A 1622 -11.69 -20.88 -19.98
C LEU A 1622 -11.53 -22.13 -20.85
N THR A 1623 -10.31 -22.65 -20.95
CA THR A 1623 -10.09 -23.88 -21.71
C THR A 1623 -10.86 -25.04 -21.09
N LYS A 1624 -10.64 -25.30 -19.81
CA LYS A 1624 -11.30 -26.41 -19.13
C LYS A 1624 -12.79 -26.16 -18.89
N ALA A 1625 -13.27 -24.94 -19.10
CA ALA A 1625 -14.69 -24.64 -18.92
C ALA A 1625 -15.50 -24.91 -20.19
N VAL A 1626 -14.99 -24.46 -21.34
CA VAL A 1626 -15.70 -24.69 -22.60
C VAL A 1626 -15.40 -26.08 -23.17
N LEU A 1627 -14.27 -26.69 -22.78
CA LEU A 1627 -13.97 -28.03 -23.26
C LEU A 1627 -14.95 -29.06 -22.73
N ASP A 1628 -15.42 -28.88 -21.49
CA ASP A 1628 -16.38 -29.78 -20.88
C ASP A 1628 -17.81 -29.29 -21.04
N ASN A 1629 -18.02 -28.19 -21.76
CA ASN A 1629 -19.36 -27.62 -22.00
C ASN A 1629 -20.05 -27.31 -20.67
N GLU A 1630 -19.46 -26.39 -19.92
CA GLU A 1630 -19.96 -26.04 -18.60
C GLU A 1630 -21.18 -25.14 -18.70
N ARG A 1631 -22.20 -25.44 -17.90
CA ARG A 1631 -23.43 -24.66 -17.82
C ARG A 1631 -23.63 -24.27 -16.36
N GLU A 1632 -23.21 -23.07 -16.01
CA GLU A 1632 -23.27 -22.58 -14.64
C GLU A 1632 -24.51 -21.72 -14.43
N GLN A 1633 -25.10 -21.83 -13.23
CA GLN A 1633 -26.32 -21.13 -12.90
C GLN A 1633 -26.06 -19.77 -12.25
N LEU A 1634 -24.83 -19.27 -12.33
CA LEU A 1634 -24.42 -17.98 -11.76
C LEU A 1634 -24.98 -17.78 -10.34
N ASP A 1635 -24.55 -18.68 -9.46
CA ASP A 1635 -24.98 -18.65 -8.06
C ASP A 1635 -23.98 -17.97 -7.14
N SER A 1636 -22.68 -18.08 -7.44
CA SER A 1636 -21.67 -17.42 -6.63
C SER A 1636 -21.73 -15.91 -6.85
N PRO A 1637 -21.46 -15.12 -5.80
CA PRO A 1637 -21.53 -13.66 -5.96
C PRO A 1637 -20.57 -13.11 -7.01
N SER A 1638 -19.41 -13.73 -7.19
CA SER A 1638 -18.51 -13.32 -8.25
C SER A 1638 -19.12 -13.53 -9.63
N ALA A 1639 -20.05 -14.49 -9.73
CA ALA A 1639 -20.82 -14.67 -10.96
C ALA A 1639 -22.10 -13.86 -10.99
N ARG A 1640 -22.61 -13.47 -9.81
CA ARG A 1640 -23.79 -12.61 -9.73
C ARG A 1640 -23.44 -11.14 -9.80
N ILE A 1641 -22.18 -10.80 -10.10
CA ILE A 1641 -21.79 -9.43 -10.37
C ILE A 1641 -21.50 -9.20 -11.86
N VAL A 1642 -21.18 -10.26 -12.62
CA VAL A 1642 -21.01 -10.13 -14.05
C VAL A 1642 -22.31 -9.68 -14.70
N VAL A 1643 -23.39 -10.42 -14.45
CA VAL A 1643 -24.73 -9.98 -14.85
C VAL A 1643 -25.60 -9.85 -13.61
N GLY A 1644 -25.87 -10.98 -12.94
CA GLY A 1644 -26.56 -10.96 -11.67
C GLY A 1644 -27.99 -10.47 -11.72
N LYS A 1645 -28.75 -10.66 -10.62
CA LYS A 1645 -30.02 -9.98 -10.47
C LYS A 1645 -30.00 -9.01 -9.29
N LEU A 1646 -29.77 -9.48 -8.08
CA LEU A 1646 -29.28 -8.61 -7.02
C LEU A 1646 -28.02 -9.19 -6.41
N ASN A 1647 -28.16 -10.39 -5.83
CA ASN A 1647 -27.09 -11.17 -5.20
C ASN A 1647 -27.71 -12.44 -4.62
N ASN A 1648 -26.90 -13.33 -4.08
CA ASN A 1648 -27.41 -14.50 -3.37
C ASN A 1648 -27.48 -14.31 -1.87
N VAL A 1649 -26.45 -13.74 -1.26
CA VAL A 1649 -26.38 -13.58 0.19
C VAL A 1649 -27.15 -12.34 0.62
N GLY A 1650 -27.42 -12.22 1.91
CA GLY A 1650 -28.06 -11.02 2.44
C GLY A 1650 -29.51 -10.94 2.02
N THR A 1651 -29.91 -9.75 1.55
CA THR A 1651 -31.27 -9.51 1.11
C THR A 1651 -31.53 -10.02 -0.31
N GLY A 1652 -30.61 -10.77 -0.89
CA GLY A 1652 -30.77 -11.34 -2.20
C GLY A 1652 -31.24 -12.77 -2.23
N SER A 1653 -31.41 -13.40 -1.07
CA SER A 1653 -31.88 -14.78 -1.02
C SER A 1653 -33.40 -14.86 -1.23
N PHE A 1654 -34.15 -14.17 -0.37
CA PHE A 1654 -35.60 -14.19 -0.46
C PHE A 1654 -36.09 -13.18 -1.50
N ASP A 1655 -37.40 -13.16 -1.73
CA ASP A 1655 -38.03 -12.27 -2.69
C ASP A 1655 -39.20 -11.56 -2.02
N VAL A 1656 -39.89 -10.73 -2.80
CA VAL A 1656 -40.97 -9.88 -2.30
C VAL A 1656 -42.23 -10.17 -3.10
N LEU A 1657 -43.30 -10.55 -2.40
CA LEU A 1657 -44.63 -10.69 -2.97
C LEU A 1657 -45.57 -9.67 -2.36
N ALA A 1658 -46.68 -9.41 -3.06
CA ALA A 1658 -47.63 -8.38 -2.63
C ALA A 1658 -49.04 -8.91 -2.80
N LYS A 1659 -49.79 -8.96 -1.70
CA LYS A 1659 -51.19 -9.36 -1.76
C LYS A 1659 -52.05 -8.28 -2.39
N VAL A 1660 -53.03 -8.71 -3.18
CA VAL A 1660 -54.00 -7.80 -3.78
C VAL A 1660 -55.40 -8.28 -3.41
N PRO A 1661 -56.30 -7.39 -2.97
CA PRO A 1661 -57.61 -7.85 -2.51
C PRO A 1661 -58.49 -8.39 -3.62
N ASN A 1662 -58.36 -7.88 -4.84
CA ASN A 1662 -59.21 -8.29 -5.95
C ASN A 1662 -58.52 -9.34 -6.80
N ALA A 1663 -59.32 -10.22 -7.40
CA ALA A 1663 -58.81 -11.29 -8.23
C ALA A 1663 -58.23 -10.74 -9.53
N THR B 13 25.60 33.21 21.27
CA THR B 13 26.51 34.11 20.54
C THR B 13 26.44 33.88 19.03
N ALA B 14 25.21 33.81 18.52
CA ALA B 14 24.95 33.65 17.09
C ALA B 14 24.11 34.83 16.64
N ASP B 15 24.78 35.88 16.18
CA ASP B 15 24.12 37.11 15.76
C ASP B 15 23.67 36.98 14.31
N PHE B 16 22.38 37.15 14.07
CA PHE B 16 21.85 37.23 12.71
C PHE B 16 21.89 38.69 12.26
N ARG B 17 22.43 38.93 11.07
CA ARG B 17 22.69 40.28 10.60
C ARG B 17 21.56 40.75 9.68
N THR B 18 21.34 42.05 9.70
CA THR B 18 20.43 42.72 8.79
C THR B 18 21.13 43.77 7.94
N LEU B 19 22.06 44.53 8.53
CA LEU B 19 22.80 45.52 7.75
C LEU B 19 23.66 44.85 6.68
N GLU B 20 24.30 43.73 7.03
CA GLU B 20 25.20 43.07 6.08
C GLU B 20 24.42 42.41 4.94
N ARG B 21 23.40 41.62 5.29
CA ARG B 21 22.64 40.92 4.26
C ARG B 21 21.85 41.88 3.39
N GLU B 22 21.44 43.03 3.93
CA GLU B 22 20.83 44.05 3.10
C GLU B 22 21.87 44.77 2.24
N SER B 23 23.10 44.88 2.74
CA SER B 23 24.16 45.48 1.94
C SER B 23 24.48 44.62 0.72
N ARG B 24 24.58 43.30 0.90
CA ARG B 24 24.76 42.40 -0.23
C ARG B 24 23.61 42.52 -1.22
N PHE B 25 22.42 42.85 -0.74
CA PHE B 25 21.29 43.10 -1.64
C PHE B 25 21.46 44.43 -2.37
N ILE B 26 22.05 45.43 -1.71
CA ILE B 26 22.22 46.74 -2.33
C ILE B 26 23.20 46.65 -3.51
N ASN B 27 24.44 46.28 -3.22
CA ASN B 27 25.45 46.11 -4.26
C ASN B 27 25.94 44.68 -4.28
N PRO B 28 25.76 43.95 -5.38
CA PRO B 28 26.21 42.56 -5.44
C PRO B 28 27.72 42.46 -5.37
N PRO B 29 28.26 41.27 -5.11
CA PRO B 29 29.73 41.12 -5.05
C PRO B 29 30.38 41.20 -6.41
N LYS B 30 30.69 42.42 -6.87
CA LYS B 30 31.40 42.59 -8.14
C LYS B 30 32.72 41.82 -8.15
N ASP B 31 33.31 41.59 -6.98
CA ASP B 31 34.50 40.76 -6.86
C ASP B 31 34.09 39.29 -6.85
N LYS B 32 35.01 38.40 -6.44
CA LYS B 32 34.68 36.99 -6.31
C LYS B 32 33.40 36.80 -5.49
N SER B 33 32.62 35.80 -5.86
CA SER B 33 31.29 35.62 -5.29
C SER B 33 31.37 35.36 -3.78
N ALA B 34 30.32 35.76 -3.07
CA ALA B 34 30.24 35.56 -1.63
C ALA B 34 29.68 34.18 -1.33
N PHE B 35 29.54 33.87 -0.03
CA PHE B 35 29.12 32.57 0.46
C PHE B 35 29.98 31.47 -0.14
N PRO B 36 31.27 31.40 0.21
CA PRO B 36 32.16 30.43 -0.45
C PRO B 36 32.00 29.03 0.11
N LEU B 37 30.77 28.57 0.30
CA LEU B 37 30.48 27.21 0.71
C LEU B 37 29.37 26.56 -0.09
N LEU B 38 28.49 27.35 -0.73
CA LEU B 38 27.43 26.81 -1.57
C LEU B 38 27.97 26.14 -2.83
N GLN B 39 29.26 26.31 -3.14
CA GLN B 39 29.84 25.67 -4.31
C GLN B 39 29.80 24.15 -4.21
N GLU B 40 29.63 23.60 -3.01
CA GLU B 40 29.49 22.15 -2.85
C GLU B 40 28.18 21.62 -3.40
N ALA B 41 27.28 22.48 -3.87
CA ALA B 41 26.01 22.03 -4.43
C ALA B 41 26.23 21.26 -5.73
N VAL B 42 26.84 21.90 -6.72
CA VAL B 42 27.03 21.30 -8.03
C VAL B 42 28.52 21.10 -8.30
N GLN B 43 29.32 20.99 -7.24
CA GLN B 43 30.74 20.71 -7.43
C GLN B 43 31.00 19.40 -8.16
N PRO B 44 30.32 18.28 -7.87
CA PRO B 44 30.54 17.08 -8.70
C PRO B 44 29.97 17.21 -10.11
N HIS B 45 28.86 17.93 -10.28
CA HIS B 45 28.30 18.11 -11.61
C HIS B 45 29.21 18.97 -12.48
N ILE B 46 29.56 20.16 -11.99
CA ILE B 46 30.43 21.05 -12.75
C ILE B 46 31.79 20.40 -12.99
N GLY B 47 32.34 19.74 -11.96
CA GLY B 47 33.64 19.11 -12.12
C GLY B 47 33.62 17.97 -13.13
N SER B 48 32.50 17.25 -13.21
CA SER B 48 32.40 16.14 -14.16
C SER B 48 32.45 16.65 -15.59
N PHE B 49 31.63 17.64 -15.92
CA PHE B 49 31.63 18.17 -17.28
C PHE B 49 32.84 19.07 -17.54
N ASN B 50 33.48 19.58 -16.49
CA ASN B 50 34.68 20.39 -16.67
C ASN B 50 35.93 19.55 -16.90
N ALA B 51 35.92 18.28 -16.47
CA ALA B 51 37.09 17.43 -16.60
C ALA B 51 37.24 16.80 -17.97
N LEU B 52 36.15 16.73 -18.75
CA LEU B 52 36.21 16.09 -20.06
C LEU B 52 36.83 16.98 -21.13
N THR B 53 37.12 18.24 -20.82
CA THR B 53 37.80 19.14 -21.75
C THR B 53 39.06 19.75 -21.18
N GLU B 54 39.07 20.09 -19.90
CA GLU B 54 40.24 20.68 -19.27
C GLU B 54 41.27 19.59 -18.95
N GLY B 55 42.35 19.98 -18.29
CA GLY B 55 43.42 19.07 -17.98
C GLY B 55 44.21 18.68 -19.21
N PRO B 56 45.29 17.92 -19.02
CA PRO B 56 46.12 17.52 -20.15
C PRO B 56 45.39 16.53 -21.06
N ASP B 57 45.86 16.47 -22.31
CA ASP B 57 45.33 15.56 -23.33
C ASP B 57 43.85 15.80 -23.60
N GLY B 58 43.41 17.05 -23.49
CA GLY B 58 42.04 17.40 -23.82
C GLY B 58 40.98 16.76 -22.95
N GLY B 59 41.34 16.31 -21.76
CA GLY B 59 40.33 15.76 -20.85
C GLY B 59 39.97 14.34 -21.21
N LEU B 60 38.67 14.07 -21.29
CA LEU B 60 38.16 12.71 -21.52
C LEU B 60 37.84 12.44 -22.98
N LEU B 61 37.07 13.32 -23.62
CA LEU B 61 36.58 13.06 -24.97
C LEU B 61 37.72 12.75 -25.94
N ASN B 62 38.84 13.45 -25.80
CA ASN B 62 39.99 13.17 -26.67
C ASN B 62 40.58 11.79 -26.38
N LEU B 63 40.54 11.34 -25.12
CA LEU B 63 41.03 10.00 -24.81
C LEU B 63 40.08 8.93 -25.32
N GLY B 64 38.78 9.21 -25.37
CA GLY B 64 37.84 8.23 -25.87
C GLY B 64 37.91 8.08 -27.38
N VAL B 65 38.05 9.20 -28.10
CA VAL B 65 38.15 9.15 -29.55
C VAL B 65 39.51 8.61 -29.98
N LYS B 66 40.55 8.85 -29.18
CA LYS B 66 41.88 8.34 -29.50
C LYS B 66 41.90 6.82 -29.54
N ASP B 67 41.06 6.17 -28.74
CA ASP B 67 41.00 4.70 -28.68
C ASP B 67 39.59 4.27 -29.11
N ILE B 68 39.41 4.15 -30.42
CA ILE B 68 38.19 3.57 -30.99
C ILE B 68 38.59 2.44 -31.91
N GLY B 69 39.81 2.52 -32.45
CA GLY B 69 40.30 1.53 -33.39
C GLY B 69 40.04 1.92 -34.83
N GLU B 70 41.07 1.83 -35.67
CA GLU B 70 40.92 2.14 -37.08
C GLU B 70 40.06 1.09 -37.76
N LYS B 71 38.87 1.51 -38.20
CA LYS B 71 37.91 0.61 -38.83
C LYS B 71 38.05 0.72 -40.35
N VAL B 72 38.35 -0.41 -40.99
CA VAL B 72 38.63 -0.44 -42.41
C VAL B 72 37.53 -1.24 -43.13
N ILE B 73 37.56 -1.18 -44.46
CA ILE B 73 36.61 -1.90 -45.29
C ILE B 73 37.22 -2.05 -46.67
N PHE B 74 36.75 -3.04 -47.42
CA PHE B 74 37.29 -3.35 -48.74
C PHE B 74 36.22 -3.19 -49.82
N ASP B 75 36.67 -3.15 -51.07
CA ASP B 75 35.81 -3.02 -52.23
C ASP B 75 36.05 -4.18 -53.19
N GLY B 76 35.05 -4.44 -54.03
CA GLY B 76 35.10 -5.52 -54.99
C GLY B 76 35.91 -5.28 -56.25
N LYS B 77 36.59 -4.14 -56.36
CA LYS B 77 37.38 -3.88 -57.56
C LYS B 77 38.67 -4.70 -57.54
N PRO B 78 39.08 -5.25 -58.67
CA PRO B 78 40.29 -6.07 -58.69
C PRO B 78 41.54 -5.23 -58.52
N LEU B 79 42.67 -5.93 -58.28
CA LEU B 79 43.94 -5.26 -58.07
C LEU B 79 44.51 -4.72 -59.37
N ASN B 80 44.79 -5.62 -60.32
CA ASN B 80 45.35 -5.22 -61.62
C ASN B 80 45.14 -6.32 -62.66
N ILE B 85 45.62 -16.07 -59.33
CA ILE B 85 44.94 -16.41 -58.08
C ILE B 85 45.41 -15.48 -56.97
N SER B 86 46.71 -15.18 -56.96
CA SER B 86 47.26 -14.29 -55.94
C SER B 86 46.74 -12.86 -56.11
N ASN B 87 46.53 -12.43 -57.36
CA ASN B 87 46.00 -11.08 -57.60
C ASN B 87 44.51 -11.02 -57.26
N SER B 88 43.75 -12.02 -57.72
CA SER B 88 42.33 -12.07 -57.43
C SER B 88 42.03 -12.42 -55.98
N GLY B 89 43.02 -12.84 -55.21
CA GLY B 89 42.78 -13.16 -53.81
C GLY B 89 42.56 -11.94 -52.96
N TYR B 90 43.26 -10.85 -53.26
CA TYR B 90 43.06 -9.60 -52.54
C TYR B 90 41.76 -8.94 -52.98
N LEU B 91 41.01 -8.41 -52.00
CA LEU B 91 39.74 -7.78 -52.31
C LEU B 91 39.93 -6.54 -53.19
N GLY B 92 40.84 -5.67 -52.80
CA GLY B 92 41.10 -4.45 -53.55
C GLY B 92 41.54 -3.35 -52.62
N ASN B 93 41.43 -2.11 -53.11
CA ASN B 93 41.76 -0.95 -52.30
C ASN B 93 40.84 -0.88 -51.09
N LYS B 94 41.42 -0.65 -49.92
CA LYS B 94 40.69 -0.68 -48.65
C LYS B 94 40.49 0.74 -48.14
N LEU B 95 39.26 1.03 -47.71
CA LEU B 95 38.95 2.32 -47.09
C LEU B 95 39.32 2.28 -45.62
N SER B 96 39.78 3.41 -45.10
CA SER B 96 40.16 3.53 -43.69
C SER B 96 39.44 4.75 -43.11
N VAL B 97 38.45 4.50 -42.26
CA VAL B 97 37.66 5.57 -41.64
C VAL B 97 37.88 5.52 -40.14
N SER B 98 37.97 6.71 -39.53
CA SER B 98 38.16 6.85 -38.09
C SER B 98 37.96 8.32 -37.75
N VAL B 99 37.96 8.61 -36.45
CA VAL B 99 37.86 9.97 -35.93
C VAL B 99 39.08 10.25 -35.08
N GLU B 100 39.66 11.43 -35.24
CA GLU B 100 40.90 11.79 -34.56
C GLU B 100 40.74 12.87 -33.51
N GLN B 101 39.72 13.73 -33.61
CA GLN B 101 39.55 14.80 -32.63
C GLN B 101 38.11 15.28 -32.67
N VAL B 102 37.53 15.45 -31.48
CA VAL B 102 36.18 16.01 -31.33
C VAL B 102 36.28 17.21 -30.41
N SER B 103 35.45 18.22 -30.68
CA SER B 103 35.49 19.44 -29.89
C SER B 103 34.19 20.22 -30.08
N ILE B 104 33.66 20.74 -28.98
CA ILE B 104 32.55 21.69 -28.99
C ILE B 104 33.14 23.08 -28.81
N ALA B 105 32.86 23.99 -29.73
CA ALA B 105 33.46 25.32 -29.66
C ALA B 105 32.74 26.20 -28.64
N LYS B 106 31.46 26.52 -28.91
CA LYS B 106 30.66 27.35 -28.03
C LYS B 106 29.22 27.40 -28.56
N PRO B 107 28.22 27.52 -27.69
CA PRO B 107 26.85 27.73 -28.18
C PRO B 107 26.70 29.12 -28.81
N MET B 108 26.28 29.14 -30.07
CA MET B 108 26.15 30.38 -30.82
C MET B 108 24.86 30.34 -31.64
N SER B 109 24.40 31.52 -32.04
CA SER B 109 23.20 31.67 -32.84
C SER B 109 23.15 33.08 -33.40
N ASN B 110 22.84 33.20 -34.68
CA ASN B 110 22.76 34.49 -35.36
C ASN B 110 21.97 34.26 -36.66
N ASP B 111 21.89 35.30 -37.49
CA ASP B 111 21.20 35.22 -38.76
C ASP B 111 21.89 34.26 -39.72
N VAL B 117 30.92 35.79 -38.39
CA VAL B 117 30.76 36.00 -36.96
C VAL B 117 29.34 35.62 -36.54
N GLU B 118 29.22 35.03 -35.34
CA GLU B 118 27.95 34.59 -34.80
C GLU B 118 27.66 35.35 -33.50
N ARG B 119 26.38 35.48 -33.18
CA ARG B 119 25.94 36.23 -32.02
C ARG B 119 25.92 35.33 -30.78
N LYS B 120 26.25 35.92 -29.64
CA LYS B 120 26.29 35.19 -28.38
C LYS B 120 24.89 35.08 -27.79
N VAL B 121 24.55 33.89 -27.29
CA VAL B 121 23.25 33.61 -26.71
C VAL B 121 23.46 33.09 -25.29
N TYR B 122 22.65 33.60 -24.34
CA TYR B 122 22.77 33.23 -22.94
C TYR B 122 21.69 32.22 -22.54
N PRO B 123 21.97 31.40 -21.51
CA PRO B 123 20.98 30.36 -21.15
C PRO B 123 19.67 30.92 -20.63
N SER B 124 19.71 31.99 -19.83
CA SER B 124 18.47 32.59 -19.35
C SER B 124 17.67 33.21 -20.49
N GLU B 125 18.35 33.64 -21.56
CA GLU B 125 17.64 34.07 -22.75
C GLU B 125 17.05 32.88 -23.50
N SER B 126 17.69 31.70 -23.39
CA SER B 126 17.16 30.49 -23.97
C SER B 126 15.97 29.93 -23.20
N ARG B 127 15.81 30.32 -21.94
CA ARG B 127 14.66 29.86 -21.16
C ARG B 127 13.38 30.54 -21.62
N GLN B 128 13.45 31.86 -21.87
CA GLN B 128 12.32 32.56 -22.46
C GLN B 128 12.17 32.27 -23.95
N ARG B 129 13.05 31.44 -24.51
CA ARG B 129 13.02 31.10 -25.93
C ARG B 129 12.26 29.81 -26.20
N LEU B 130 11.97 29.02 -25.16
CA LEU B 130 11.27 27.73 -25.28
C LEU B 130 12.05 26.74 -26.13
N THR B 131 13.36 26.93 -26.26
CA THR B 131 14.22 25.99 -26.94
C THR B 131 15.32 25.53 -25.98
N SER B 132 15.99 24.45 -26.34
CA SER B 132 17.03 23.87 -25.49
C SER B 132 18.35 24.61 -25.69
N TYR B 133 18.95 25.05 -24.59
CA TYR B 133 20.26 25.68 -24.63
C TYR B 133 21.30 24.65 -25.05
N ARG B 134 21.78 24.76 -26.29
CA ARG B 134 22.64 23.75 -26.89
C ARG B 134 23.83 24.41 -27.57
N GLY B 135 24.96 23.72 -27.52
CA GLY B 135 26.17 24.13 -28.21
C GLY B 135 26.18 23.67 -29.65
N LYS B 136 27.38 23.47 -30.17
CA LYS B 136 27.56 22.94 -31.53
C LYS B 136 28.73 21.98 -31.53
N LEU B 137 28.47 20.74 -31.95
CA LEU B 137 29.46 19.67 -31.93
C LEU B 137 30.23 19.66 -33.24
N LEU B 138 31.55 19.65 -33.16
CA LEU B 138 32.43 19.62 -34.32
C LEU B 138 33.36 18.42 -34.24
N LEU B 139 33.59 17.78 -35.38
CA LEU B 139 34.49 16.64 -35.47
C LEU B 139 35.32 16.73 -36.75
N LYS B 140 36.54 16.23 -36.67
CA LYS B 140 37.42 16.12 -37.84
C LYS B 140 37.70 14.65 -38.10
N LEU B 141 37.59 14.24 -39.36
CA LEU B 141 37.75 12.85 -39.76
C LEU B 141 39.08 12.66 -40.47
N LYS B 142 39.80 11.61 -40.08
CA LYS B 142 41.09 11.27 -40.69
C LYS B 142 40.85 10.10 -41.64
N TRP B 143 40.60 10.42 -42.90
CA TRP B 143 40.35 9.41 -43.92
C TRP B 143 41.67 8.89 -44.49
N SER B 144 41.67 7.62 -44.89
CA SER B 144 42.85 6.99 -45.44
C SER B 144 42.44 5.83 -46.34
N VAL B 145 43.33 5.46 -47.24
CA VAL B 145 43.14 4.31 -48.13
C VAL B 145 44.45 3.55 -48.24
N ASN B 146 44.35 2.22 -48.25
CA ASN B 146 45.49 1.33 -48.39
C ASN B 146 46.56 1.63 -47.34
N ASN B 147 46.13 1.54 -46.07
CA ASN B 147 47.00 1.76 -44.92
C ASN B 147 47.63 3.16 -44.96
N GLY B 148 46.78 4.17 -45.15
CA GLY B 148 47.23 5.56 -45.08
C GLY B 148 48.12 6.02 -46.22
N GLU B 149 47.82 5.61 -47.45
CA GLU B 149 48.57 6.14 -48.59
C GLU B 149 48.32 7.63 -48.76
N GLU B 150 47.10 8.09 -48.47
CA GLU B 150 46.77 9.51 -48.50
C GLU B 150 45.79 9.79 -47.37
N ASN B 151 46.04 10.87 -46.62
CA ASN B 151 45.22 11.24 -45.48
C ASN B 151 44.37 12.44 -45.86
N LEU B 152 43.05 12.23 -45.91
CA LEU B 152 42.09 13.27 -46.29
C LEU B 152 41.35 13.72 -45.03
N PHE B 153 41.47 15.01 -44.71
CA PHE B 153 40.82 15.59 -43.55
C PHE B 153 39.54 16.32 -43.95
N GLU B 154 38.55 16.26 -43.07
CA GLU B 154 37.27 16.89 -43.32
C GLU B 154 36.56 17.12 -42.00
N VAL B 155 36.17 18.37 -41.75
CA VAL B 155 35.53 18.77 -40.50
C VAL B 155 34.05 19.05 -40.78
N ARG B 156 33.18 18.51 -39.93
CA ARG B 156 31.75 18.71 -40.06
C ARG B 156 31.11 18.73 -38.68
N ASP B 157 29.93 19.35 -38.61
CA ASP B 157 29.16 19.41 -37.38
C ASP B 157 28.12 18.29 -37.35
N CYS B 158 27.58 18.05 -36.15
CA CYS B 158 26.61 16.98 -35.95
C CYS B 158 25.38 17.44 -35.17
N GLY B 159 25.12 18.73 -35.12
CA GLY B 159 23.93 19.25 -34.46
C GLY B 159 24.28 19.98 -33.18
N GLY B 160 23.24 20.28 -32.41
CA GLY B 160 23.38 21.03 -31.18
C GLY B 160 23.20 20.19 -29.93
N LEU B 161 24.29 19.99 -29.19
CA LEU B 161 24.25 19.22 -27.95
C LEU B 161 23.92 20.13 -26.77
N PRO B 162 22.94 19.78 -25.95
CA PRO B 162 22.60 20.63 -24.79
C PRO B 162 23.73 20.64 -23.77
N VAL B 163 24.10 21.84 -23.33
CA VAL B 163 25.20 22.05 -22.39
C VAL B 163 24.64 22.63 -21.11
N MET B 164 25.23 22.25 -19.98
CA MET B 164 24.83 22.75 -18.68
C MET B 164 25.40 24.15 -18.45
N LEU B 165 25.05 24.75 -17.31
CA LEU B 165 25.44 26.11 -16.98
C LEU B 165 26.65 26.11 -16.06
N GLN B 166 27.38 27.23 -16.09
CA GLN B 166 28.56 27.46 -15.25
C GLN B 166 29.59 26.34 -15.43
N SER B 167 30.01 26.15 -16.68
CA SER B 167 30.96 25.12 -17.02
C SER B 167 31.86 25.64 -18.15
N ASN B 168 32.68 24.73 -18.71
CA ASN B 168 33.63 25.14 -19.74
C ASN B 168 32.91 25.54 -21.02
N ARG B 169 31.93 24.74 -21.45
CA ARG B 169 31.26 24.94 -22.73
C ARG B 169 30.06 25.86 -22.63
N CYS B 170 30.00 26.72 -21.61
CA CYS B 170 28.96 27.73 -21.53
C CYS B 170 29.59 29.11 -21.30
N HIS B 171 28.75 30.12 -21.06
CA HIS B 171 29.23 31.49 -20.95
C HIS B 171 29.32 32.01 -19.52
N LEU B 172 28.69 31.33 -18.56
CA LEU B 172 28.64 31.79 -17.18
C LEU B 172 29.68 31.11 -16.30
N ASN B 173 30.83 30.75 -16.86
CA ASN B 173 31.87 30.10 -16.07
C ASN B 173 32.61 31.10 -15.20
N LYS B 174 33.29 32.07 -15.82
CA LYS B 174 34.03 33.10 -15.11
C LYS B 174 33.20 34.35 -14.86
N MET B 175 31.88 34.23 -14.85
CA MET B 175 30.99 35.38 -14.72
C MET B 175 30.83 35.75 -13.26
N SER B 176 31.12 37.01 -12.93
CA SER B 176 30.91 37.50 -11.57
C SER B 176 29.41 37.55 -11.26
N PRO B 177 29.03 37.40 -9.99
CA PRO B 177 27.60 37.49 -9.64
C PRO B 177 26.98 38.84 -9.99
N TYR B 178 27.77 39.92 -9.92
CA TYR B 178 27.26 41.21 -10.38
C TYR B 178 27.03 41.21 -11.88
N GLU B 179 27.93 40.56 -12.63
CA GLU B 179 27.72 40.40 -14.07
C GLU B 179 26.53 39.50 -14.36
N LEU B 180 26.20 38.59 -13.44
CA LEU B 180 24.98 37.81 -13.58
C LEU B 180 23.75 38.67 -13.39
N VAL B 181 23.87 39.77 -12.64
CA VAL B 181 22.77 40.72 -12.52
C VAL B 181 22.66 41.58 -13.78
N GLN B 182 23.80 41.94 -14.37
CA GLN B 182 23.79 42.78 -15.57
C GLN B 182 23.27 42.00 -16.78
N HIS B 183 23.72 40.76 -16.95
CA HIS B 183 23.24 39.91 -18.03
C HIS B 183 21.84 39.35 -17.78
N LYS B 184 21.18 39.82 -16.71
CA LYS B 184 19.79 39.49 -16.41
C LYS B 184 19.59 37.98 -16.20
N GLU B 185 20.26 37.47 -15.17
CA GLU B 185 20.03 36.13 -14.65
C GLU B 185 19.69 36.23 -13.17
N GLU B 186 19.57 35.07 -12.52
CA GLU B 186 19.35 35.06 -11.08
C GLU B 186 20.64 35.42 -10.35
N SER B 187 20.48 35.97 -9.15
CA SER B 187 21.63 36.51 -8.41
C SER B 187 22.67 35.43 -8.12
N ASP B 188 22.28 34.41 -7.38
CA ASP B 188 23.19 33.35 -6.95
C ASP B 188 22.78 31.99 -7.50
N GLU B 189 22.38 31.96 -8.77
CA GLU B 189 22.00 30.71 -9.41
C GLU B 189 23.24 29.99 -9.93
N ILE B 190 23.42 28.75 -9.51
CA ILE B 190 24.52 27.93 -9.98
C ILE B 190 23.99 26.93 -10.99
N GLY B 191 24.92 26.29 -11.72
CA GLY B 191 24.54 25.38 -12.79
C GLY B 191 24.29 23.97 -12.32
N GLY B 192 24.93 23.00 -12.98
CA GLY B 192 24.79 21.61 -12.62
C GLY B 192 23.63 20.88 -13.27
N TYR B 193 22.74 21.59 -13.95
CA TYR B 193 21.58 20.99 -14.58
C TYR B 193 21.52 21.38 -16.06
N PHE B 194 20.77 20.59 -16.82
CA PHE B 194 20.61 20.81 -18.25
C PHE B 194 19.34 21.61 -18.53
N ILE B 195 19.17 21.97 -19.80
CA ILE B 195 18.01 22.76 -20.24
C ILE B 195 17.41 22.08 -21.45
N VAL B 196 16.13 21.72 -21.35
CA VAL B 196 15.37 21.15 -22.46
C VAL B 196 14.33 22.18 -22.88
N ASN B 197 13.93 22.11 -24.16
CA ASN B 197 13.09 23.13 -24.80
C ASN B 197 11.95 23.62 -23.92
N GLY B 198 11.27 22.71 -23.23
CA GLY B 198 10.11 23.10 -22.46
C GLY B 198 10.39 23.35 -21.00
N ILE B 199 11.27 22.54 -20.40
CA ILE B 199 11.59 22.64 -18.99
C ILE B 199 13.08 22.35 -18.80
N GLU B 200 13.64 22.89 -17.73
CA GLU B 200 15.01 22.54 -17.35
C GLU B 200 15.01 21.15 -16.72
N LYS B 201 15.99 20.34 -17.10
CA LYS B 201 16.11 18.97 -16.62
C LYS B 201 17.41 18.80 -15.86
N LEU B 202 17.61 17.60 -15.31
CA LEU B 202 18.74 17.33 -14.44
C LEU B 202 19.06 15.84 -14.50
N ILE B 203 20.26 15.51 -14.96
CA ILE B 203 20.68 14.11 -14.99
C ILE B 203 20.92 13.64 -13.56
N ARG B 204 20.19 12.60 -13.16
CA ARG B 204 20.21 12.14 -11.77
C ARG B 204 21.37 11.18 -11.56
N MET B 205 22.01 11.29 -10.40
CA MET B 205 23.15 10.44 -10.06
C MET B 205 22.70 8.99 -9.88
N LEU B 206 23.69 8.11 -9.71
CA LEU B 206 23.41 6.69 -9.58
C LEU B 206 24.59 6.02 -8.88
N ILE B 207 24.35 5.46 -7.69
CA ILE B 207 25.39 4.69 -7.02
C ILE B 207 25.60 3.39 -7.77
N VAL B 208 26.87 2.97 -7.87
CA VAL B 208 27.25 1.83 -8.70
C VAL B 208 28.36 1.06 -7.99
N GLN B 209 28.65 -0.13 -8.51
CA GLN B 209 29.68 -0.98 -7.93
C GLN B 209 31.05 -0.29 -7.97
N ARG B 210 31.95 -0.77 -7.11
CA ARG B 210 33.28 -0.15 -6.99
C ARG B 210 34.08 -0.32 -8.27
N ARG B 211 34.74 0.76 -8.68
CA ARG B 211 35.62 0.75 -9.84
C ARG B 211 37.05 0.43 -9.42
N ASN B 212 37.76 -0.29 -10.28
CA ASN B 212 39.19 -0.55 -10.12
C ASN B 212 39.48 -1.31 -8.83
N HIS B 213 38.68 -2.35 -8.57
CA HIS B 213 38.86 -3.17 -7.38
C HIS B 213 38.09 -4.47 -7.56
N PRO B 214 38.62 -5.60 -7.12
CA PRO B 214 37.88 -6.87 -7.24
C PRO B 214 36.89 -7.04 -6.09
N MET B 215 35.68 -7.46 -6.43
CA MET B 215 34.64 -7.75 -5.44
C MET B 215 34.35 -9.25 -5.43
N ALA B 216 33.89 -9.73 -4.28
CA ALA B 216 33.53 -11.14 -4.09
C ALA B 216 32.12 -11.19 -3.50
N ILE B 217 31.16 -11.63 -4.31
CA ILE B 217 29.75 -11.66 -3.93
C ILE B 217 29.28 -13.11 -3.91
N ILE B 218 28.52 -13.47 -2.88
CA ILE B 218 27.88 -14.78 -2.79
C ILE B 218 26.39 -14.57 -2.64
N ARG B 219 25.61 -15.27 -3.48
CA ARG B 219 24.16 -15.18 -3.47
C ARG B 219 23.57 -16.27 -4.35
N PRO B 220 22.35 -16.73 -4.07
CA PRO B 220 21.71 -17.77 -4.91
C PRO B 220 21.15 -17.24 -6.22
N SER B 221 21.96 -16.44 -6.93
CA SER B 221 21.57 -15.88 -8.21
C SER B 221 22.34 -16.47 -9.38
N PHE B 222 23.41 -17.23 -9.13
CA PHE B 222 24.19 -17.86 -10.19
C PHE B 222 23.74 -19.30 -10.46
N ALA B 223 22.48 -19.62 -10.17
CA ALA B 223 21.95 -20.95 -10.38
C ALA B 223 20.94 -21.02 -11.52
N ASN B 224 20.50 -19.88 -12.06
CA ASN B 224 19.58 -19.92 -13.19
C ASN B 224 20.23 -20.57 -14.41
N ARG B 225 21.42 -20.09 -14.79
CA ARG B 225 22.23 -20.75 -15.81
C ARG B 225 23.15 -21.79 -15.20
N GLY B 226 22.87 -22.24 -13.98
CA GLY B 226 23.74 -23.14 -13.26
C GLY B 226 23.99 -24.48 -13.92
N ALA B 227 25.25 -24.72 -14.29
CA ALA B 227 25.72 -26.02 -14.77
C ALA B 227 26.80 -26.45 -13.80
N SER B 228 26.40 -27.10 -12.71
CA SER B 228 27.27 -27.42 -11.58
C SER B 228 27.86 -26.15 -10.96
N TYR B 229 27.11 -25.04 -11.02
CA TYR B 229 27.57 -23.78 -10.45
C TYR B 229 27.38 -23.80 -8.93
N SER B 230 28.28 -23.12 -8.23
CA SER B 230 28.25 -23.05 -6.79
C SER B 230 27.63 -21.73 -6.34
N HIS B 231 27.59 -21.53 -5.03
CA HIS B 231 27.01 -20.33 -4.42
C HIS B 231 28.00 -19.18 -4.31
N TYR B 232 29.23 -19.36 -4.79
CA TYR B 232 30.25 -18.31 -4.70
C TYR B 232 30.10 -17.36 -5.88
N GLY B 233 31.06 -16.46 -6.05
CA GLY B 233 31.02 -15.50 -7.14
C GLY B 233 31.96 -14.33 -6.96
N ILE B 234 32.45 -13.78 -8.08
CA ILE B 234 33.36 -12.65 -8.06
C ILE B 234 33.05 -11.75 -9.24
N GLN B 235 33.05 -10.44 -9.01
CA GLN B 235 32.76 -9.47 -10.04
C GLN B 235 33.72 -8.30 -9.93
N ILE B 236 34.30 -7.88 -11.05
CA ILE B 236 35.17 -6.72 -11.11
C ILE B 236 34.67 -5.79 -12.22
N ARG B 237 34.65 -4.50 -11.94
CA ARG B 237 34.19 -3.49 -12.89
C ARG B 237 35.40 -2.71 -13.39
N SER B 238 36.03 -3.22 -14.44
CA SER B 238 37.10 -2.49 -15.09
C SER B 238 36.53 -1.31 -15.87
N VAL B 239 37.28 -0.22 -15.91
CA VAL B 239 36.81 1.03 -16.49
C VAL B 239 37.90 1.61 -17.40
N ARG B 240 37.53 1.93 -18.64
CA ARG B 240 38.47 2.55 -19.56
C ARG B 240 38.91 3.91 -19.03
N PRO B 241 40.06 4.40 -19.48
CA PRO B 241 40.47 5.77 -19.10
C PRO B 241 39.44 6.83 -19.45
N ASP B 242 38.60 6.58 -20.45
CA ASP B 242 37.52 7.49 -20.80
C ASP B 242 36.22 7.11 -20.08
N GLN B 243 36.31 7.00 -18.75
CA GLN B 243 35.18 6.81 -17.83
C GLN B 243 34.14 5.82 -18.34
N THR B 244 34.58 4.81 -19.09
CA THR B 244 33.70 3.78 -19.63
C THR B 244 34.08 2.44 -19.01
N SER B 245 33.11 1.73 -18.47
CA SER B 245 33.35 0.50 -17.75
C SER B 245 32.79 -0.69 -18.53
N GLN B 246 32.92 -1.87 -17.92
CA GLN B 246 32.31 -3.11 -18.39
C GLN B 246 32.42 -4.14 -17.27
N THR B 247 31.50 -5.10 -17.27
CA THR B 247 31.41 -6.09 -16.21
C THR B 247 32.22 -7.33 -16.56
N ASN B 248 33.11 -7.72 -15.64
CA ASN B 248 33.88 -8.96 -15.76
C ASN B 248 33.56 -9.83 -14.56
N VAL B 249 32.96 -10.99 -14.80
CA VAL B 249 32.44 -11.85 -13.75
C VAL B 249 33.24 -13.15 -13.72
N LEU B 250 33.42 -13.68 -12.51
CA LEU B 250 34.08 -14.96 -12.28
C LEU B 250 33.22 -15.82 -11.37
N HIS B 251 33.16 -17.11 -11.67
CA HIS B 251 32.34 -18.06 -10.92
C HIS B 251 33.22 -19.17 -10.36
N TYR B 252 32.56 -20.16 -9.74
CA TYR B 252 33.23 -21.31 -9.15
C TYR B 252 32.41 -22.55 -9.45
N LEU B 253 32.97 -23.49 -10.20
CA LEU B 253 32.30 -24.73 -10.53
C LEU B 253 32.60 -25.78 -9.47
N ASN B 254 31.60 -26.63 -9.19
CA ASN B 254 31.77 -27.67 -8.18
C ASN B 254 32.77 -28.74 -8.62
N ASP B 255 33.10 -28.80 -9.92
CA ASP B 255 34.05 -29.80 -10.40
C ASP B 255 35.50 -29.39 -10.15
N GLY B 256 35.78 -28.09 -10.10
CA GLY B 256 37.13 -27.63 -9.88
C GLY B 256 37.61 -26.67 -10.95
N GLN B 257 36.68 -26.13 -11.73
CA GLN B 257 36.99 -25.25 -12.84
C GLN B 257 36.49 -23.83 -12.54
N VAL B 258 37.23 -22.84 -13.03
CA VAL B 258 36.81 -21.45 -13.01
C VAL B 258 36.71 -20.97 -14.45
N THR B 259 35.84 -19.99 -14.68
CA THR B 259 35.52 -19.55 -16.03
C THR B 259 35.31 -18.04 -16.06
N PHE B 260 35.98 -17.37 -17.01
CA PHE B 260 35.77 -15.95 -17.20
C PHE B 260 34.43 -15.71 -17.90
N ARG B 261 33.71 -14.69 -17.43
CA ARG B 261 32.40 -14.34 -17.97
C ARG B 261 32.35 -12.84 -18.26
N PHE B 262 31.82 -12.50 -19.42
CA PHE B 262 31.59 -11.11 -19.79
C PHE B 262 30.41 -11.04 -20.72
N SER B 263 29.68 -9.92 -20.66
CA SER B 263 28.44 -9.75 -21.41
C SER B 263 28.62 -8.66 -22.46
N TRP B 264 28.27 -8.99 -23.70
CA TRP B 264 28.25 -8.03 -24.79
C TRP B 264 26.86 -7.41 -24.88
N ARG B 265 26.56 -6.75 -26.01
CA ARG B 265 25.27 -6.10 -26.22
C ARG B 265 24.10 -6.96 -25.73
N LYS B 266 24.02 -8.20 -26.22
CA LYS B 266 22.99 -9.14 -25.77
C LYS B 266 23.53 -10.53 -25.45
N ASN B 267 24.68 -10.92 -25.97
CA ASN B 267 25.19 -12.28 -25.81
C ASN B 267 26.32 -12.29 -24.79
N GLU B 268 26.19 -13.16 -23.79
CA GLU B 268 27.26 -13.40 -22.83
C GLU B 268 28.11 -14.57 -23.31
N TYR B 269 29.42 -14.46 -23.08
CA TYR B 269 30.38 -15.44 -23.59
C TYR B 269 31.05 -16.17 -22.43
N LEU B 270 31.05 -17.50 -22.49
CA LEU B 270 31.65 -18.34 -21.46
C LEU B 270 33.03 -18.76 -21.96
N VAL B 271 34.06 -18.08 -21.47
CA VAL B 271 35.44 -18.27 -21.90
C VAL B 271 36.24 -18.84 -20.74
N PRO B 272 37.00 -19.92 -20.93
CA PRO B 272 37.78 -20.48 -19.82
C PRO B 272 38.88 -19.53 -19.37
N VAL B 273 39.53 -19.91 -18.27
CA VAL B 273 40.50 -19.03 -17.63
C VAL B 273 41.86 -19.10 -18.31
N VAL B 274 42.30 -20.31 -18.68
CA VAL B 274 43.63 -20.46 -19.27
C VAL B 274 43.66 -19.87 -20.68
N MET B 275 42.55 -19.92 -21.40
CA MET B 275 42.53 -19.37 -22.75
C MET B 275 42.79 -17.87 -22.75
N ILE B 276 42.31 -17.18 -21.72
CA ILE B 276 42.56 -15.74 -21.60
C ILE B 276 43.88 -15.47 -20.90
N LEU B 277 44.33 -16.36 -20.01
CA LEU B 277 45.51 -16.09 -19.20
C LEU B 277 46.78 -16.10 -20.05
N LYS B 278 46.95 -17.12 -20.88
CA LYS B 278 48.17 -17.29 -21.64
C LYS B 278 48.12 -16.61 -23.01
N ALA B 279 46.98 -16.03 -23.38
CA ALA B 279 46.87 -15.31 -24.65
C ALA B 279 47.35 -13.86 -24.55
N LEU B 280 47.78 -13.42 -23.37
CA LEU B 280 48.20 -12.04 -23.16
C LEU B 280 49.67 -11.85 -23.52
N CYS B 281 50.55 -12.64 -22.90
CA CYS B 281 51.98 -12.56 -23.16
C CYS B 281 52.56 -13.97 -23.01
N HIS B 282 53.88 -14.06 -22.97
CA HIS B 282 54.57 -15.35 -22.89
C HIS B 282 54.44 -15.87 -21.46
N THR B 283 53.28 -16.48 -21.16
CA THR B 283 52.99 -17.06 -19.85
C THR B 283 52.55 -18.50 -20.07
N SER B 284 53.52 -19.41 -20.16
CA SER B 284 53.28 -20.85 -20.19
C SER B 284 54.32 -21.47 -19.28
N ASP B 285 53.98 -21.58 -18.00
CA ASP B 285 54.92 -21.98 -16.96
C ASP B 285 54.13 -22.18 -15.67
N ARG B 286 54.84 -22.56 -14.60
CA ARG B 286 54.25 -22.62 -13.27
C ARG B 286 53.83 -21.25 -12.76
N GLU B 287 54.13 -20.18 -13.49
CA GLU B 287 53.71 -18.84 -13.08
C GLU B 287 52.21 -18.73 -12.92
N ILE B 288 51.45 -19.50 -13.72
CA ILE B 288 50.01 -19.57 -13.51
C ILE B 288 49.69 -20.23 -12.18
N PHE B 289 50.49 -21.23 -11.79
CA PHE B 289 50.36 -21.90 -10.51
C PHE B 289 51.05 -21.15 -9.39
N ASP B 290 51.75 -20.05 -9.68
CA ASP B 290 52.58 -19.36 -8.72
C ASP B 290 51.91 -18.15 -8.07
N GLY B 291 51.05 -17.45 -8.81
CA GLY B 291 50.29 -16.35 -8.22
C GLY B 291 49.43 -16.82 -7.07
N ILE B 292 48.59 -17.82 -7.34
CA ILE B 292 47.92 -18.54 -6.27
C ILE B 292 49.00 -19.20 -5.40
N ILE B 293 48.61 -19.57 -4.17
CA ILE B 293 49.52 -19.72 -3.03
C ILE B 293 50.84 -20.38 -3.42
N GLY B 294 51.94 -19.69 -3.12
CA GLY B 294 53.27 -20.07 -3.57
C GLY B 294 54.12 -20.77 -2.53
N ASN B 295 55.03 -20.01 -1.91
CA ASN B 295 56.00 -20.55 -0.97
C ASN B 295 55.37 -21.49 0.06
N ASP B 296 54.11 -21.23 0.44
CA ASP B 296 53.39 -22.13 1.34
C ASP B 296 52.88 -23.33 0.55
N VAL B 297 53.83 -24.16 0.11
CA VAL B 297 53.50 -25.35 -0.65
C VAL B 297 52.82 -26.40 0.21
N LYS B 298 52.89 -26.26 1.54
CA LYS B 298 52.27 -27.21 2.45
C LYS B 298 50.74 -27.18 2.40
N ASP B 299 50.15 -26.28 1.62
CA ASP B 299 48.70 -26.22 1.47
C ASP B 299 48.24 -27.11 0.34
N SER B 300 47.11 -27.78 0.54
CA SER B 300 46.57 -28.70 -0.46
C SER B 300 45.13 -28.40 -0.87
N PHE B 301 44.38 -27.63 -0.08
CA PHE B 301 43.01 -27.28 -0.49
C PHE B 301 43.00 -26.53 -1.80
N LEU B 302 43.97 -25.64 -2.01
CA LEU B 302 44.08 -24.89 -3.25
C LEU B 302 44.87 -25.64 -4.32
N THR B 303 45.79 -26.51 -3.91
CA THR B 303 46.59 -27.26 -4.88
C THR B 303 45.75 -28.31 -5.60
N ASP B 304 44.85 -28.98 -4.87
CA ASP B 304 44.02 -30.01 -5.50
C ASP B 304 43.00 -29.40 -6.44
N ARG B 305 42.33 -28.33 -6.00
CA ARG B 305 41.32 -27.68 -6.85
C ARG B 305 41.97 -27.05 -8.08
N LEU B 306 43.10 -26.37 -7.90
CA LEU B 306 43.80 -25.79 -9.04
C LEU B 306 44.37 -26.86 -9.96
N GLU B 307 44.65 -28.04 -9.41
CA GLU B 307 45.08 -29.16 -10.26
C GLU B 307 43.97 -29.57 -11.21
N LEU B 308 42.75 -29.73 -10.68
CA LEU B 308 41.60 -29.99 -11.54
C LEU B 308 41.31 -28.83 -12.47
N LEU B 309 41.75 -27.62 -12.12
CA LEU B 309 41.61 -26.47 -13.02
C LEU B 309 42.53 -26.61 -14.21
N LEU B 310 43.79 -26.99 -13.98
CA LEU B 310 44.73 -27.18 -15.07
C LEU B 310 44.32 -28.36 -15.95
N ARG B 311 43.97 -29.49 -15.31
CA ARG B 311 43.52 -30.65 -16.06
C ARG B 311 42.22 -30.36 -16.80
N GLY B 312 41.38 -29.47 -16.25
CA GLY B 312 40.16 -29.07 -16.94
C GLY B 312 40.39 -28.38 -18.27
N PHE B 313 41.62 -27.98 -18.56
CA PHE B 313 41.98 -27.36 -19.83
C PHE B 313 42.90 -28.24 -20.68
N LYS B 314 43.81 -28.97 -20.05
CA LYS B 314 44.68 -29.87 -20.80
C LYS B 314 43.91 -31.04 -21.39
N LYS B 315 42.94 -31.58 -20.64
CA LYS B 315 42.13 -32.68 -21.15
C LYS B 315 41.24 -32.25 -22.30
N ARG B 316 40.94 -30.95 -22.42
CA ARG B 316 40.09 -30.46 -23.50
C ARG B 316 40.89 -30.06 -24.72
N TYR B 317 41.97 -29.30 -24.53
CA TYR B 317 42.76 -28.78 -25.65
C TYR B 317 44.21 -29.25 -25.54
N PRO B 318 44.61 -30.29 -26.28
CA PRO B 318 46.03 -30.65 -26.33
C PRO B 318 46.84 -29.74 -27.23
N HIS B 319 46.21 -29.04 -28.16
CA HIS B 319 46.89 -28.10 -29.03
C HIS B 319 47.04 -26.76 -28.32
N LEU B 320 47.37 -25.71 -29.07
CA LEU B 320 47.53 -24.36 -28.53
C LEU B 320 48.69 -24.30 -27.54
N GLN B 321 49.82 -24.87 -27.96
CA GLN B 321 51.00 -24.92 -27.10
C GLN B 321 51.57 -23.52 -26.84
N ASN B 322 51.76 -22.75 -27.90
CA ASN B 322 52.34 -21.42 -27.80
C ASN B 322 51.25 -20.42 -27.36
N ARG B 323 51.58 -19.13 -27.43
CA ARG B 323 50.63 -18.08 -27.09
C ARG B 323 49.95 -17.46 -28.31
N THR B 324 50.63 -17.44 -29.46
CA THR B 324 50.05 -16.81 -30.64
C THR B 324 48.94 -17.65 -31.27
N GLN B 325 48.99 -18.98 -31.11
CA GLN B 325 47.90 -19.82 -31.60
C GLN B 325 46.71 -19.83 -30.66
N VAL B 326 46.94 -19.67 -29.35
CA VAL B 326 45.84 -19.36 -28.44
C VAL B 326 45.18 -18.06 -28.85
N LEU B 327 45.98 -17.10 -29.30
CA LEU B 327 45.42 -15.86 -29.84
C LEU B 327 44.67 -16.12 -31.13
N GLN B 328 45.14 -17.07 -31.94
CA GLN B 328 44.44 -17.44 -33.16
C GLN B 328 43.07 -18.03 -32.86
N TYR B 329 43.03 -19.06 -32.01
CA TYR B 329 41.78 -19.73 -31.70
C TYR B 329 40.83 -18.81 -30.94
N LEU B 330 41.38 -17.95 -30.07
CA LEU B 330 40.53 -17.00 -29.36
C LEU B 330 39.89 -16.01 -30.32
N GLY B 331 40.62 -15.60 -31.35
CA GLY B 331 40.05 -14.72 -32.36
C GLY B 331 39.09 -15.42 -33.29
N ASP B 332 39.27 -16.73 -33.47
CA ASP B 332 38.35 -17.49 -34.32
C ASP B 332 36.97 -17.58 -33.68
N LYS B 333 36.91 -17.83 -32.36
CA LYS B 333 35.63 -17.87 -31.67
C LYS B 333 34.96 -16.51 -31.59
N PHE B 334 35.74 -15.43 -31.69
CA PHE B 334 35.23 -14.07 -31.65
C PHE B 334 35.44 -13.35 -32.97
N ARG B 335 35.27 -14.07 -34.08
CA ARG B 335 35.55 -13.51 -35.39
C ARG B 335 34.34 -12.80 -35.98
N VAL B 336 33.13 -13.30 -35.71
CA VAL B 336 31.93 -12.81 -36.38
C VAL B 336 31.27 -11.67 -35.62
N VAL B 337 31.26 -11.73 -34.29
CA VAL B 337 30.47 -10.76 -33.52
C VAL B 337 31.15 -9.39 -33.50
N PHE B 338 32.48 -9.35 -33.45
CA PHE B 338 33.18 -8.08 -33.36
C PHE B 338 33.11 -7.29 -34.67
N GLN B 339 32.79 -7.95 -35.79
CA GLN B 339 32.63 -7.28 -37.08
C GLN B 339 33.88 -6.53 -37.49
N ALA B 340 35.05 -7.10 -37.20
CA ALA B 340 36.32 -6.52 -37.63
C ALA B 340 36.68 -6.97 -39.04
N SER B 341 35.76 -6.75 -39.97
CA SER B 341 35.89 -7.19 -41.35
C SER B 341 36.47 -6.07 -42.21
N PRO B 342 36.95 -6.40 -43.42
CA PRO B 342 37.10 -7.71 -44.06
C PRO B 342 38.51 -8.31 -43.92
N ASP B 343 39.52 -7.47 -43.70
CA ASP B 343 40.88 -7.96 -43.56
C ASP B 343 40.97 -9.00 -42.44
N GLN B 344 40.67 -8.57 -41.20
CA GLN B 344 40.46 -9.45 -40.06
C GLN B 344 41.62 -10.44 -39.88
N SER B 345 42.78 -9.87 -39.57
CA SER B 345 43.93 -10.68 -39.20
C SER B 345 43.79 -11.13 -37.75
N ASP B 346 43.94 -12.43 -37.52
CA ASP B 346 43.76 -12.96 -36.16
C ASP B 346 44.81 -12.40 -35.20
N LEU B 347 45.98 -12.04 -35.70
CA LEU B 347 46.96 -11.36 -34.86
C LEU B 347 46.49 -9.96 -34.46
N GLU B 348 45.60 -9.35 -35.26
CA GLU B 348 45.01 -8.07 -34.90
C GLU B 348 43.78 -8.23 -34.03
N VAL B 349 42.90 -9.19 -34.37
CA VAL B 349 41.68 -9.39 -33.59
C VAL B 349 41.99 -9.87 -32.18
N GLY B 350 43.12 -10.56 -32.00
CA GLY B 350 43.51 -11.05 -30.69
C GLY B 350 43.66 -9.96 -29.66
N GLN B 351 44.57 -9.00 -29.92
CA GLN B 351 44.71 -7.88 -29.01
C GLN B 351 43.51 -6.94 -29.09
N GLU B 352 42.81 -6.92 -30.22
CA GLU B 352 41.62 -6.09 -30.34
C GLU B 352 40.51 -6.56 -29.41
N VAL B 353 40.46 -7.85 -29.12
CA VAL B 353 39.46 -8.39 -28.21
C VAL B 353 39.95 -8.33 -26.76
N LEU B 354 41.21 -8.70 -26.52
CA LEU B 354 41.75 -8.70 -25.16
C LEU B 354 41.78 -7.30 -24.57
N ASP B 355 42.42 -6.36 -25.27
CA ASP B 355 42.54 -5.00 -24.78
C ASP B 355 41.22 -4.24 -24.79
N ARG B 356 40.13 -4.88 -25.18
CA ARG B 356 38.82 -4.25 -25.20
C ARG B 356 37.80 -4.95 -24.29
N ILE B 357 38.11 -6.15 -23.81
CA ILE B 357 37.17 -6.90 -22.98
C ILE B 357 37.74 -7.15 -21.60
N VAL B 358 38.87 -7.85 -21.54
CA VAL B 358 39.43 -8.31 -20.26
C VAL B 358 40.39 -7.26 -19.72
N LEU B 359 40.10 -6.80 -18.50
CA LEU B 359 40.96 -5.86 -17.75
C LEU B 359 41.35 -4.66 -18.62
N VAL B 360 40.33 -3.88 -19.00
CA VAL B 360 40.56 -2.71 -19.85
C VAL B 360 41.08 -1.51 -19.08
N HIS B 361 40.99 -1.53 -17.74
CA HIS B 361 41.36 -0.34 -16.97
C HIS B 361 42.87 -0.13 -16.92
N LEU B 362 43.67 -1.19 -17.09
CA LEU B 362 45.11 -1.03 -17.13
C LEU B 362 45.57 -0.37 -18.43
N GLY B 363 44.79 -0.49 -19.49
CA GLY B 363 45.12 0.12 -20.76
C GLY B 363 45.90 -0.82 -21.68
N LYS B 364 46.08 -0.36 -22.91
CA LYS B 364 46.85 -1.11 -23.89
C LYS B 364 48.33 -1.16 -23.50
N ASP B 365 49.04 -2.13 -24.06
CA ASP B 365 50.46 -2.34 -23.78
C ASP B 365 50.72 -2.54 -22.30
N GLY B 366 49.78 -3.18 -21.60
CA GLY B 366 49.91 -3.40 -20.18
C GLY B 366 50.01 -4.87 -19.82
N SER B 367 50.27 -5.71 -20.82
CA SER B 367 50.29 -7.17 -20.62
C SER B 367 51.36 -7.62 -19.63
N GLN B 368 52.29 -6.75 -19.24
CA GLN B 368 53.29 -7.14 -18.25
C GLN B 368 52.68 -7.27 -16.87
N ASP B 369 51.80 -6.34 -16.49
CA ASP B 369 51.10 -6.38 -15.21
C ASP B 369 49.60 -6.62 -15.39
N LYS B 370 49.20 -7.16 -16.53
CA LYS B 370 47.78 -7.39 -16.81
C LYS B 370 47.31 -8.77 -16.34
N PHE B 371 48.13 -9.80 -16.52
CA PHE B 371 47.81 -11.14 -16.06
C PHE B 371 48.04 -11.32 -14.57
N ARG B 372 48.33 -10.24 -13.84
CA ARG B 372 48.58 -10.32 -12.41
C ARG B 372 47.29 -10.39 -11.60
N MET B 373 46.37 -9.45 -11.79
CA MET B 373 45.18 -9.37 -10.96
C MET B 373 44.03 -10.26 -11.43
N LEU B 374 44.15 -10.89 -12.60
CA LEU B 374 43.16 -11.90 -12.97
C LEU B 374 43.49 -13.24 -12.35
N LEU B 375 44.74 -13.68 -12.47
CA LEU B 375 45.17 -14.91 -11.82
C LEU B 375 45.18 -14.74 -10.30
N PHE B 376 45.37 -13.50 -9.83
CA PHE B 376 45.26 -13.24 -8.39
C PHE B 376 43.81 -13.12 -7.95
N MET B 377 42.91 -12.75 -8.87
CA MET B 377 41.49 -12.77 -8.54
C MET B 377 40.99 -14.19 -8.35
N ILE B 378 41.54 -15.14 -9.12
CA ILE B 378 41.28 -16.55 -8.85
C ILE B 378 41.85 -16.95 -7.50
N ARG B 379 42.98 -16.36 -7.12
CA ARG B 379 43.54 -16.61 -5.79
C ARG B 379 42.58 -16.14 -4.70
N LYS B 380 41.99 -14.95 -4.87
CA LYS B 380 41.00 -14.49 -3.91
C LYS B 380 39.74 -15.36 -3.97
N LEU B 381 39.40 -15.85 -5.16
CA LEU B 381 38.28 -16.78 -5.27
C LEU B 381 38.54 -18.03 -4.45
N TYR B 382 39.75 -18.59 -4.56
CA TYR B 382 40.11 -19.73 -3.72
C TYR B 382 40.22 -19.34 -2.25
N SER B 383 40.50 -18.06 -1.98
CA SER B 383 40.55 -17.58 -0.61
C SER B 383 39.17 -17.43 0.01
N LEU B 384 38.10 -17.53 -0.79
CA LEU B 384 36.74 -17.42 -0.29
C LEU B 384 35.97 -18.73 -0.32
N VAL B 385 36.30 -19.63 -1.24
CA VAL B 385 35.59 -20.91 -1.30
C VAL B 385 36.02 -21.82 -0.16
N ALA B 386 37.23 -21.63 0.37
CA ALA B 386 37.72 -22.41 1.50
C ALA B 386 37.32 -21.81 2.83
N GLY B 387 36.64 -20.65 2.84
CA GLY B 387 36.14 -20.07 4.06
C GLY B 387 37.18 -19.45 4.96
N GLU B 388 37.90 -18.44 4.47
CA GLU B 388 38.78 -17.65 5.32
C GLU B 388 38.71 -16.15 5.04
N CYS B 389 37.87 -15.71 4.10
CA CYS B 389 37.70 -14.30 3.79
C CYS B 389 36.21 -13.98 3.76
N SER B 390 35.82 -12.93 4.48
CA SER B 390 34.42 -12.57 4.55
C SER B 390 33.93 -12.04 3.19
N PRO B 391 32.72 -12.39 2.78
CA PRO B 391 32.19 -11.88 1.51
C PRO B 391 31.78 -10.42 1.60
N ASP B 392 31.64 -9.80 0.44
CA ASP B 392 31.24 -8.41 0.35
C ASP B 392 29.72 -8.29 0.23
N ASN B 393 29.18 -7.22 0.80
CA ASN B 393 27.74 -6.95 0.76
C ASN B 393 27.48 -5.80 -0.19
N PRO B 394 26.74 -6.01 -1.28
CA PRO B 394 26.46 -4.90 -2.20
C PRO B 394 25.53 -3.84 -1.63
N ASP B 395 24.81 -4.14 -0.55
CA ASP B 395 23.92 -3.15 0.04
C ASP B 395 24.67 -2.16 0.92
N ALA B 396 25.91 -2.48 1.29
CA ALA B 396 26.72 -1.58 2.10
C ALA B 396 27.22 -0.41 1.27
N THR B 397 28.00 0.46 1.89
CA THR B 397 28.63 1.59 1.22
C THR B 397 30.16 1.43 1.16
N GLN B 398 30.64 0.18 1.23
CA GLN B 398 32.07 -0.06 1.24
C GLN B 398 32.67 -0.09 -0.16
N HIS B 399 31.90 -0.53 -1.15
CA HIS B 399 32.36 -0.66 -2.53
C HIS B 399 31.38 0.01 -3.49
N GLN B 400 30.94 1.21 -3.13
CA GLN B 400 29.90 1.92 -3.88
C GLN B 400 30.39 3.32 -4.24
N GLU B 401 30.35 3.64 -5.53
CA GLU B 401 30.76 4.94 -6.04
C GLU B 401 29.63 5.56 -6.85
N VAL B 402 29.52 6.88 -6.77
CA VAL B 402 28.41 7.61 -7.37
C VAL B 402 28.80 8.05 -8.78
N LEU B 403 27.93 7.76 -9.76
CA LEU B 403 28.09 8.30 -11.09
C LEU B 403 27.66 9.77 -11.08
N LEU B 404 28.55 10.65 -11.53
CA LEU B 404 28.33 12.09 -11.42
C LEU B 404 27.25 12.61 -12.37
N GLY B 405 26.64 11.76 -13.17
CA GLY B 405 25.61 12.18 -14.12
C GLY B 405 26.16 12.70 -15.43
N GLY B 406 27.21 13.53 -15.36
CA GLY B 406 27.84 14.01 -16.57
C GLY B 406 28.65 12.97 -17.30
N PHE B 407 29.00 11.86 -16.63
CA PHE B 407 29.71 10.78 -17.28
C PHE B 407 28.78 9.91 -18.12
N LEU B 408 27.50 9.81 -17.76
CA LEU B 408 26.53 9.21 -18.66
C LEU B 408 26.34 10.05 -19.91
N TYR B 409 26.40 11.39 -19.75
CA TYR B 409 26.41 12.28 -20.90
C TYR B 409 27.73 12.21 -21.66
N GLY B 410 28.77 11.64 -21.05
CA GLY B 410 30.04 11.42 -21.72
C GLY B 410 30.09 10.07 -22.41
N MET B 411 29.57 9.04 -21.74
CA MET B 411 29.52 7.72 -22.36
C MET B 411 28.61 7.69 -23.57
N ILE B 412 27.55 8.49 -23.57
CA ILE B 412 26.70 8.56 -24.75
C ILE B 412 27.46 9.20 -25.91
N LEU B 413 28.40 10.09 -25.62
CA LEU B 413 29.29 10.60 -26.66
C LEU B 413 30.30 9.53 -27.09
N LYS B 414 30.67 8.65 -26.17
CA LYS B 414 31.67 7.63 -26.49
C LYS B 414 31.07 6.53 -27.38
N GLU B 415 29.79 6.20 -27.17
CA GLU B 415 29.18 5.10 -27.90
C GLU B 415 28.33 5.53 -29.08
N LYS B 416 27.77 6.75 -29.06
CA LYS B 416 27.02 7.24 -30.21
C LYS B 416 27.92 7.85 -31.28
N ILE B 417 29.19 8.13 -30.96
CA ILE B 417 30.13 8.58 -31.98
C ILE B 417 30.46 7.45 -32.94
N ASP B 418 30.21 6.20 -32.55
CA ASP B 418 30.46 5.04 -33.39
C ASP B 418 29.19 4.50 -34.02
N GLU B 419 28.04 5.13 -33.77
CA GLU B 419 26.79 4.70 -34.39
C GLU B 419 26.76 5.08 -35.86
N TYR B 420 26.87 6.37 -36.16
CA TYR B 420 26.94 6.81 -37.55
C TYR B 420 28.25 6.39 -38.21
N LEU B 421 29.28 6.08 -37.42
CA LEU B 421 30.52 5.57 -37.99
C LEU B 421 30.29 4.17 -38.56
N GLN B 422 29.55 3.33 -37.83
CA GLN B 422 29.13 2.05 -38.39
C GLN B 422 28.05 2.22 -39.46
N ASN B 423 27.33 3.35 -39.45
CA ASN B 423 26.34 3.59 -40.48
C ASN B 423 27.00 3.88 -41.82
N ILE B 424 28.07 4.68 -41.84
CA ILE B 424 28.77 4.95 -43.08
C ILE B 424 29.61 3.77 -43.53
N ILE B 425 30.01 2.89 -42.60
CA ILE B 425 30.69 1.66 -42.99
C ILE B 425 29.71 0.71 -43.66
N ALA B 426 28.53 0.52 -43.05
CA ALA B 426 27.46 -0.25 -43.68
C ALA B 426 26.90 0.45 -44.91
N GLN B 427 27.18 1.74 -45.09
CA GLN B 427 26.73 2.46 -46.27
C GLN B 427 27.69 2.32 -47.45
N VAL B 428 29.00 2.34 -47.18
CA VAL B 428 29.97 2.16 -48.27
C VAL B 428 30.05 0.72 -48.73
N ARG B 429 29.60 -0.24 -47.92
CA ARG B 429 29.49 -1.63 -48.36
C ARG B 429 28.09 -1.97 -48.85
N MET B 430 27.18 -1.00 -48.86
CA MET B 430 25.87 -1.18 -49.49
C MET B 430 25.93 -0.86 -50.98
N ASP B 431 26.67 0.18 -51.35
CA ASP B 431 26.81 0.55 -52.75
C ASP B 431 27.73 -0.39 -53.51
N ILE B 432 28.65 -1.09 -52.82
CA ILE B 432 29.52 -2.03 -53.51
C ILE B 432 28.73 -3.22 -54.02
N ASN B 433 27.59 -3.53 -53.38
CA ASN B 433 26.72 -4.57 -53.91
C ASN B 433 25.80 -4.04 -54.99
N ARG B 434 25.48 -2.74 -54.95
CA ARG B 434 24.68 -2.11 -55.99
C ARG B 434 25.49 -1.76 -57.22
N GLY B 435 26.81 -1.88 -57.16
CA GLY B 435 27.66 -1.49 -58.26
C GLY B 435 27.68 0.03 -58.43
N MET B 436 28.21 0.44 -59.59
CA MET B 436 28.32 1.86 -59.94
C MET B 436 29.06 2.65 -58.87
N ALA B 437 30.04 2.02 -58.23
CA ALA B 437 30.78 2.62 -57.14
C ALA B 437 32.10 3.17 -57.66
N ILE B 438 32.18 4.50 -57.78
CA ILE B 438 33.42 5.13 -58.20
C ILE B 438 34.46 5.03 -57.08
N ASN B 439 35.72 5.23 -57.46
CA ASN B 439 36.81 5.15 -56.50
C ASN B 439 36.65 6.23 -55.42
N PHE B 440 37.26 5.97 -54.27
CA PHE B 440 37.13 6.84 -53.10
C PHE B 440 38.27 7.86 -53.00
N LYS B 441 39.11 7.98 -54.03
CA LYS B 441 40.14 9.00 -54.05
C LYS B 441 39.59 10.39 -54.38
N ASP B 442 38.31 10.50 -54.66
CA ASP B 442 37.68 11.77 -55.01
C ASP B 442 36.97 12.36 -53.80
N LYS B 443 37.00 13.70 -53.71
CA LYS B 443 36.32 14.39 -52.62
C LYS B 443 34.82 14.51 -52.88
N ARG B 444 34.40 14.49 -54.14
CA ARG B 444 32.99 14.66 -54.46
C ARG B 444 32.17 13.48 -53.99
N TYR B 445 32.59 12.26 -54.34
CA TYR B 445 31.86 11.07 -53.90
C TYR B 445 31.88 10.93 -52.39
N MET B 446 32.94 11.39 -51.73
CA MET B 446 32.94 11.42 -50.27
C MET B 446 31.88 12.36 -49.73
N SER B 447 31.67 13.49 -50.40
CA SER B 447 30.61 14.41 -50.02
C SER B 447 29.23 13.94 -50.44
N ARG B 448 29.12 12.77 -51.07
CA ARG B 448 27.84 12.19 -51.46
C ARG B 448 27.42 11.06 -50.55
N VAL B 449 28.33 10.13 -50.25
CA VAL B 449 27.99 9.00 -49.40
C VAL B 449 27.97 9.40 -47.93
N LEU B 450 28.75 10.41 -47.55
CA LEU B 450 28.78 10.86 -46.16
C LEU B 450 27.69 11.89 -45.86
N MET B 451 27.14 12.53 -46.90
CA MET B 451 26.09 13.52 -46.67
C MET B 451 24.72 12.87 -46.51
N ARG B 452 24.45 11.81 -47.28
CA ARG B 452 23.14 11.18 -47.24
C ARG B 452 22.87 10.48 -45.92
N VAL B 453 23.90 10.03 -45.22
CA VAL B 453 23.69 9.37 -43.93
C VAL B 453 23.19 10.39 -42.91
N ASN B 454 22.61 9.88 -41.83
CA ASN B 454 22.03 10.72 -40.78
C ASN B 454 23.12 11.01 -39.75
N GLU B 455 23.82 12.12 -39.94
CA GLU B 455 24.86 12.56 -39.01
C GLU B 455 24.31 13.36 -37.84
N ASN B 456 22.99 13.48 -37.73
CA ASN B 456 22.39 14.28 -36.66
C ASN B 456 22.47 13.53 -35.34
N ILE B 457 23.12 14.14 -34.36
CA ILE B 457 23.24 13.56 -33.03
C ILE B 457 22.66 14.45 -31.94
N GLY B 458 22.49 15.75 -32.18
CA GLY B 458 21.91 16.61 -31.16
C GLY B 458 20.46 16.28 -30.87
N SER B 459 19.68 16.00 -31.91
CA SER B 459 18.27 15.63 -31.71
C SER B 459 18.13 14.24 -31.09
N LYS B 460 19.17 13.41 -31.17
CA LYS B 460 19.11 12.10 -30.53
C LYS B 460 19.43 12.20 -29.05
N MET B 461 20.50 12.92 -28.69
CA MET B 461 20.79 13.15 -27.29
C MET B 461 19.75 14.04 -26.63
N GLN B 462 19.09 14.89 -27.42
CA GLN B 462 17.94 15.63 -26.91
C GLN B 462 16.83 14.68 -26.47
N TYR B 463 16.60 13.62 -27.24
CA TYR B 463 15.65 12.59 -26.86
C TYR B 463 16.13 11.83 -25.63
N PHE B 464 17.44 11.68 -25.48
CA PHE B 464 17.99 10.98 -24.31
C PHE B 464 17.68 11.74 -23.03
N LEU B 465 17.90 13.06 -23.02
CA LEU B 465 17.61 13.85 -21.84
C LEU B 465 16.13 14.19 -21.72
N SER B 466 15.36 14.08 -22.80
CA SER B 466 13.94 14.40 -22.76
C SER B 466 13.13 13.27 -22.12
N THR B 467 13.17 12.09 -22.74
CA THR B 467 12.42 10.95 -22.21
C THR B 467 13.13 10.31 -21.02
N GLY B 468 14.46 10.33 -21.01
CA GLY B 468 15.22 9.78 -19.90
C GLY B 468 15.83 8.43 -20.19
N ASN B 469 15.10 7.57 -20.92
CA ASN B 469 15.63 6.25 -21.25
C ASN B 469 16.69 6.35 -22.34
N LEU B 470 17.69 5.48 -22.24
CA LEU B 470 18.79 5.44 -23.19
C LEU B 470 18.56 4.32 -24.20
N VAL B 471 18.61 4.66 -25.48
CA VAL B 471 18.55 3.68 -26.56
C VAL B 471 19.98 3.49 -27.02
N SER B 472 20.67 2.54 -26.42
CA SER B 472 22.08 2.29 -26.68
C SER B 472 22.26 0.98 -27.43
N GLN B 473 23.23 0.97 -28.34
CA GLN B 473 23.54 -0.24 -29.09
C GLN B 473 24.41 -1.19 -28.28
N SER B 474 25.41 -0.66 -27.59
CA SER B 474 26.38 -1.51 -26.89
C SER B 474 25.79 -2.19 -25.66
N GLY B 475 24.65 -1.72 -25.16
CA GLY B 475 24.11 -2.29 -23.93
C GLY B 475 25.04 -2.07 -22.76
N LEU B 476 25.23 -0.81 -22.38
CA LEU B 476 26.29 -0.41 -21.47
C LEU B 476 26.03 -0.94 -20.06
N ASP B 477 26.94 -0.60 -19.15
CA ASP B 477 27.17 -1.39 -17.95
C ASP B 477 25.94 -1.47 -17.04
N LEU B 478 25.32 -0.34 -16.74
CA LEU B 478 24.26 -0.31 -15.74
C LEU B 478 23.12 -1.23 -16.13
N GLN B 479 22.41 -1.73 -15.12
CA GLN B 479 21.41 -2.77 -15.35
C GLN B 479 20.07 -2.19 -15.80
N GLN B 480 19.64 -1.07 -15.21
CA GLN B 480 18.36 -0.49 -15.57
C GLN B 480 18.43 0.13 -16.96
N VAL B 481 17.27 0.54 -17.47
CA VAL B 481 17.17 1.06 -18.83
C VAL B 481 16.48 2.43 -18.80
N SER B 482 15.86 2.75 -17.67
CA SER B 482 15.15 4.02 -17.52
C SER B 482 15.50 4.64 -16.18
N GLY B 483 14.92 5.80 -15.90
CA GLY B 483 15.14 6.48 -14.64
C GLY B 483 16.52 7.08 -14.50
N TYR B 484 16.85 8.05 -15.36
CA TYR B 484 18.13 8.74 -15.30
C TYR B 484 18.01 10.25 -15.15
N THR B 485 16.96 10.85 -15.69
CA THR B 485 16.74 12.28 -15.53
C THR B 485 15.58 12.51 -14.57
N VAL B 486 15.60 13.68 -13.93
CA VAL B 486 14.58 14.06 -12.94
C VAL B 486 14.12 15.48 -13.25
N VAL B 487 12.80 15.64 -13.39
CA VAL B 487 12.23 16.96 -13.66
C VAL B 487 12.40 17.81 -12.39
N ALA B 488 13.31 18.77 -12.44
CA ALA B 488 13.55 19.66 -11.30
C ALA B 488 12.41 20.67 -11.25
N GLU B 489 11.49 20.47 -10.29
CA GLU B 489 10.36 21.38 -10.16
C GLU B 489 10.79 22.77 -9.69
N LYS B 490 11.91 22.87 -8.98
CA LYS B 490 12.45 24.16 -8.54
C LYS B 490 11.43 24.94 -7.71
N ILE B 491 10.87 24.25 -6.72
CA ILE B 491 9.80 24.84 -5.91
C ILE B 491 10.35 25.53 -4.67
N ASN B 492 11.34 24.93 -4.01
CA ASN B 492 11.96 25.53 -2.83
C ASN B 492 13.44 25.21 -2.84
N PHE B 493 14.24 26.13 -2.29
CA PHE B 493 15.69 25.98 -2.32
C PHE B 493 16.16 24.69 -1.68
N TYR B 494 15.36 24.08 -0.81
CA TYR B 494 15.68 22.76 -0.30
C TYR B 494 15.52 21.69 -1.38
N ARG B 495 14.55 21.88 -2.28
CA ARG B 495 14.44 20.99 -3.44
C ARG B 495 15.52 21.31 -4.47
N PHE B 496 16.00 22.56 -4.49
CA PHE B 496 17.14 22.89 -5.33
C PHE B 496 18.37 22.06 -4.95
N ILE B 497 18.75 22.10 -3.67
CA ILE B 497 19.97 21.42 -3.23
C ILE B 497 19.77 19.92 -3.17
N SER B 498 18.52 19.46 -2.97
CA SER B 498 18.28 18.02 -2.87
C SER B 498 18.63 17.29 -4.16
N HIS B 499 18.26 17.87 -5.30
CA HIS B 499 18.57 17.25 -6.59
C HIS B 499 20.06 17.34 -6.93
N PHE B 500 20.80 18.23 -6.28
CA PHE B 500 22.23 18.38 -6.53
C PHE B 500 23.08 17.48 -5.64
N ARG B 501 22.51 16.95 -4.55
CA ARG B 501 23.18 16.00 -3.67
C ARG B 501 22.42 14.68 -3.66
N MET B 502 21.94 14.26 -4.83
CA MET B 502 21.05 13.11 -4.95
C MET B 502 21.84 11.82 -5.10
N VAL B 503 21.37 10.78 -4.41
CA VAL B 503 21.91 9.43 -4.52
C VAL B 503 20.75 8.47 -4.74
N HIS B 504 20.88 7.58 -5.72
CA HIS B 504 19.83 6.61 -6.02
C HIS B 504 20.46 5.24 -6.22
N ARG B 505 19.89 4.22 -5.58
CA ARG B 505 20.39 2.87 -5.73
C ARG B 505 20.07 2.30 -7.12
N GLY B 506 18.92 2.64 -7.66
CA GLY B 506 18.51 2.12 -8.96
C GLY B 506 17.03 1.80 -9.02
N SER B 507 16.37 2.18 -10.11
CA SER B 507 14.95 1.90 -10.27
C SER B 507 14.65 0.42 -10.39
N PHE B 508 15.66 -0.43 -10.59
CA PHE B 508 15.42 -1.86 -10.65
C PHE B 508 15.15 -2.45 -9.27
N PHE B 509 15.79 -1.92 -8.23
CA PHE B 509 15.57 -2.43 -6.88
C PHE B 509 14.18 -2.09 -6.35
N ALA B 510 13.47 -1.16 -7.00
CA ALA B 510 12.10 -0.87 -6.59
C ALA B 510 11.17 -2.04 -6.87
N GLN B 511 11.49 -2.87 -7.87
CA GLN B 511 10.68 -4.05 -8.16
C GLN B 511 11.05 -5.22 -7.26
N LEU B 512 12.32 -5.34 -6.90
CA LEU B 512 12.75 -6.41 -6.00
C LEU B 512 12.17 -6.17 -4.62
N LYS B 513 11.82 -7.26 -3.94
CA LYS B 513 11.07 -7.21 -2.69
C LYS B 513 11.88 -7.77 -1.52
N THR B 514 13.15 -7.39 -1.44
CA THR B 514 13.99 -7.76 -0.30
C THR B 514 13.99 -6.62 0.72
N THR B 515 14.52 -6.93 1.90
CA THR B 515 14.61 -5.98 3.01
C THR B 515 16.02 -5.96 3.58
N THR B 516 17.01 -5.90 2.70
CA THR B 516 18.41 -5.84 3.09
C THR B 516 19.15 -4.65 2.52
N VAL B 517 18.57 -3.93 1.57
CA VAL B 517 19.22 -2.77 0.96
C VAL B 517 18.60 -1.49 1.52
N ARG B 518 17.34 -1.59 1.95
CA ARG B 518 16.64 -0.44 2.51
C ARG B 518 17.06 -0.14 3.95
N LYS B 519 17.93 -0.95 4.54
CA LYS B 519 18.38 -0.75 5.91
C LYS B 519 19.68 0.04 5.93
N LEU B 520 19.75 1.00 6.85
CA LEU B 520 20.95 1.81 6.99
C LEU B 520 22.05 1.01 7.67
N LEU B 521 23.29 1.24 7.23
CA LEU B 521 24.43 0.48 7.71
C LEU B 521 25.43 1.42 8.39
N PRO B 522 26.05 0.99 9.49
CA PRO B 522 26.90 1.92 10.27
C PRO B 522 28.10 2.48 9.50
N GLU B 523 28.58 1.79 8.47
CA GLU B 523 29.68 2.34 7.68
C GLU B 523 29.28 3.58 6.91
N SER B 524 27.99 3.88 6.81
CA SER B 524 27.50 5.10 6.19
C SER B 524 27.60 6.31 7.11
N TRP B 525 28.36 6.20 8.20
CA TRP B 525 28.53 7.27 9.17
C TRP B 525 29.32 8.41 8.53
N GLY B 526 28.62 9.49 8.15
CA GLY B 526 29.24 10.68 7.64
C GLY B 526 29.04 10.94 6.16
N PHE B 527 28.45 10.00 5.42
CA PHE B 527 28.25 10.15 3.99
C PHE B 527 26.77 10.22 3.60
N LEU B 528 25.98 9.23 3.99
CA LEU B 528 24.56 9.20 3.65
C LEU B 528 23.75 9.50 4.90
N CYS B 529 22.98 10.58 4.85
CA CYS B 529 22.15 11.00 5.97
C CYS B 529 21.11 9.93 6.28
N PRO B 530 21.13 9.32 7.47
CA PRO B 530 20.15 8.29 7.81
C PRO B 530 18.76 8.83 8.13
N VAL B 531 18.55 10.13 8.03
CA VAL B 531 17.27 10.74 8.36
C VAL B 531 16.62 11.42 7.16
N HIS B 532 17.40 12.11 6.33
CA HIS B 532 16.87 12.80 5.15
C HIS B 532 16.59 11.75 4.08
N THR B 533 15.42 11.13 4.18
CA THR B 533 15.00 10.06 3.30
C THR B 533 13.47 10.07 3.26
N PRO B 534 12.87 10.05 2.08
CA PRO B 534 11.40 10.06 1.99
C PRO B 534 10.79 8.81 2.59
N ASP B 535 9.46 8.82 2.69
CA ASP B 535 8.69 7.73 3.27
C ASP B 535 7.99 6.95 2.17
N GLY B 536 7.86 5.64 2.37
CA GLY B 536 7.19 4.80 1.40
C GLY B 536 8.12 3.87 0.64
N SER B 537 7.90 3.77 -0.67
CA SER B 537 8.70 2.91 -1.53
C SER B 537 10.16 3.38 -1.66
N PRO B 538 10.44 4.70 -1.83
CA PRO B 538 11.83 5.11 -1.99
C PRO B 538 12.65 5.09 -0.71
N CYS B 539 12.12 4.47 0.35
CA CYS B 539 12.86 4.36 1.60
C CYS B 539 14.14 3.55 1.41
N GLY B 540 15.23 4.04 1.99
CA GLY B 540 16.50 3.34 1.95
C GLY B 540 17.31 3.62 0.70
N LEU B 541 16.65 3.64 -0.46
CA LEU B 541 17.34 3.84 -1.73
C LEU B 541 17.49 5.31 -2.06
N LEU B 542 16.42 6.09 -1.93
CA LEU B 542 16.44 7.52 -2.25
C LEU B 542 17.01 8.27 -1.04
N ASN B 543 18.33 8.34 -1.00
CA ASN B 543 19.06 9.06 0.03
C ASN B 543 19.90 10.17 -0.59
N HIS B 544 20.44 11.04 0.26
CA HIS B 544 21.20 12.19 -0.18
C HIS B 544 22.56 12.21 0.51
N PHE B 545 23.44 13.07 0.01
CA PHE B 545 24.78 13.20 0.56
C PHE B 545 24.72 13.91 1.91
N ALA B 546 25.90 14.03 2.54
CA ALA B 546 26.03 14.70 3.82
C ALA B 546 26.24 16.20 3.61
N HIS B 547 26.62 16.90 4.67
CA HIS B 547 26.80 18.35 4.59
C HIS B 547 28.05 18.72 3.80
N LYS B 548 29.22 18.30 4.28
CA LYS B 548 30.49 18.70 3.72
C LYS B 548 31.27 17.49 3.21
N CYS B 549 30.60 16.59 2.51
CA CYS B 549 31.25 15.41 1.94
C CYS B 549 31.67 15.74 0.50
N ARG B 550 32.97 15.77 0.25
CA ARG B 550 33.49 16.11 -1.05
C ARG B 550 33.33 14.92 -2.02
N ILE B 551 33.48 15.22 -3.31
CA ILE B 551 33.47 14.22 -4.36
C ILE B 551 34.62 14.56 -5.29
N SER B 552 35.72 13.83 -5.18
CA SER B 552 36.90 14.10 -6.01
C SER B 552 36.55 13.94 -7.49
N THR B 553 36.82 14.99 -8.26
CA THR B 553 36.47 15.01 -9.67
C THR B 553 37.67 15.16 -10.61
N GLN B 554 38.81 15.64 -10.12
CA GLN B 554 40.02 15.76 -10.92
C GLN B 554 41.05 14.81 -10.33
N GLN B 555 41.33 13.72 -11.04
CA GLN B 555 42.09 12.61 -10.49
C GLN B 555 43.59 12.88 -10.53
N SER B 556 44.28 12.45 -9.47
CA SER B 556 45.72 12.36 -9.49
C SER B 556 46.14 11.05 -10.15
N ASP B 557 47.40 10.99 -10.57
CA ASP B 557 47.84 9.93 -11.46
C ASP B 557 49.20 9.39 -11.01
N VAL B 558 49.82 8.61 -11.88
CA VAL B 558 51.01 7.81 -11.60
C VAL B 558 52.24 8.71 -11.42
N SER B 559 52.04 10.03 -11.50
CA SER B 559 53.13 11.00 -11.47
C SER B 559 54.19 10.69 -10.41
N ARG B 560 53.79 10.68 -9.14
CA ARG B 560 54.73 10.41 -8.07
C ARG B 560 54.21 9.46 -6.99
N ILE B 561 52.97 8.98 -7.10
CA ILE B 561 52.40 8.12 -6.07
C ILE B 561 53.14 6.79 -6.01
N PRO B 562 53.30 6.05 -7.11
CA PRO B 562 54.11 4.82 -7.02
C PRO B 562 55.60 5.09 -6.91
N SER B 563 56.03 6.33 -7.05
CA SER B 563 57.45 6.64 -6.95
C SER B 563 57.93 6.58 -5.51
N ILE B 564 57.23 7.26 -4.61
CA ILE B 564 57.64 7.26 -3.21
C ILE B 564 56.99 6.10 -2.45
N LEU B 565 55.87 5.58 -2.95
CA LEU B 565 55.29 4.37 -2.34
C LEU B 565 56.19 3.17 -2.56
N TYR B 566 56.87 3.10 -3.71
CA TYR B 566 57.85 2.05 -3.93
C TYR B 566 59.18 2.35 -3.23
N SER B 567 59.52 3.63 -3.08
CA SER B 567 60.69 4.00 -2.30
C SER B 567 60.51 3.67 -0.84
N LEU B 568 59.27 3.41 -0.40
CA LEU B 568 59.03 2.98 0.97
C LEU B 568 59.69 1.64 1.26
N GLY B 569 59.83 0.78 0.25
CA GLY B 569 60.46 -0.51 0.44
C GLY B 569 59.60 -1.66 -0.03
N VAL B 570 58.47 -1.36 -0.65
CA VAL B 570 57.57 -2.40 -1.14
C VAL B 570 58.23 -3.13 -2.29
N ALA B 571 58.06 -4.46 -2.32
CA ALA B 571 58.63 -5.26 -3.39
C ALA B 571 57.92 -4.97 -4.70
N PRO B 572 58.63 -5.07 -5.83
CA PRO B 572 57.99 -4.83 -7.12
C PRO B 572 56.94 -5.90 -7.43
N ALA B 573 56.06 -5.56 -8.38
CA ALA B 573 55.00 -6.48 -8.76
C ALA B 573 55.51 -7.67 -9.55
N SER B 574 56.74 -7.60 -10.08
CA SER B 574 57.32 -8.68 -10.86
C SER B 574 58.26 -9.56 -10.06
N HIS B 575 58.50 -9.23 -8.78
CA HIS B 575 59.41 -10.01 -7.95
C HIS B 575 58.77 -10.42 -6.63
N THR B 576 57.43 -10.42 -6.57
CA THR B 576 56.75 -10.81 -5.34
C THR B 576 56.69 -12.33 -5.19
N PHE B 577 56.10 -13.02 -6.18
CA PHE B 577 56.00 -14.48 -6.18
C PHE B 577 55.35 -15.00 -4.90
N ALA B 578 54.38 -14.25 -4.39
CA ALA B 578 53.70 -14.63 -3.16
C ALA B 578 52.34 -13.95 -3.10
N ALA B 579 51.41 -14.57 -2.39
CA ALA B 579 50.07 -14.03 -2.20
C ALA B 579 49.47 -14.69 -0.97
N GLY B 580 48.20 -14.38 -0.71
CA GLY B 580 47.49 -14.92 0.42
C GLY B 580 47.43 -13.96 1.58
N PRO B 581 46.86 -14.41 2.71
CA PRO B 581 46.78 -13.54 3.89
C PRO B 581 48.11 -13.32 4.58
N SER B 582 49.19 -13.84 4.00
CA SER B 582 50.51 -13.70 4.60
C SER B 582 51.08 -12.30 4.40
N LEU B 583 51.27 -11.90 3.15
CA LEU B 583 51.78 -10.58 2.83
C LEU B 583 50.62 -9.60 2.63
N CYS B 584 50.92 -8.31 2.76
CA CYS B 584 49.92 -7.28 2.54
C CYS B 584 49.80 -6.97 1.06
N CYS B 585 48.56 -6.75 0.62
CA CYS B 585 48.24 -6.54 -0.79
C CYS B 585 48.00 -5.06 -1.03
N VAL B 586 49.01 -4.38 -1.58
CA VAL B 586 48.94 -2.95 -1.84
C VAL B 586 48.39 -2.72 -3.25
N GLN B 587 47.23 -2.07 -3.34
CA GLN B 587 46.58 -1.82 -4.63
C GLN B 587 46.25 -0.34 -4.74
N ILE B 588 46.90 0.35 -5.68
CA ILE B 588 46.45 1.67 -6.12
C ILE B 588 45.32 1.42 -7.12
N ASP B 589 44.59 2.48 -7.48
CA ASP B 589 43.43 2.33 -8.34
C ASP B 589 43.80 1.64 -9.65
N GLY B 590 43.20 0.47 -9.88
CA GLY B 590 43.40 -0.27 -11.11
C GLY B 590 44.58 -1.22 -11.10
N LYS B 591 45.80 -0.68 -11.10
CA LYS B 591 46.99 -1.50 -11.19
C LYS B 591 47.44 -1.95 -9.80
N ILE B 592 48.34 -2.93 -9.79
CA ILE B 592 48.81 -3.57 -8.56
C ILE B 592 50.29 -3.22 -8.37
N ILE B 593 50.63 -2.75 -7.17
CA ILE B 593 52.02 -2.48 -6.84
C ILE B 593 52.74 -3.74 -6.41
N GLY B 594 52.09 -4.57 -5.59
CA GLY B 594 52.68 -5.83 -5.18
C GLY B 594 52.39 -6.22 -3.76
N TRP B 595 53.33 -6.94 -3.13
CA TRP B 595 53.14 -7.47 -1.79
C TRP B 595 54.44 -7.31 -1.01
N VAL B 596 54.30 -6.91 0.26
CA VAL B 596 55.42 -6.73 1.18
C VAL B 596 54.96 -7.17 2.56
N SER B 597 55.87 -7.08 3.54
CA SER B 597 55.62 -7.55 4.90
C SER B 597 54.36 -6.95 5.50
N HIS B 598 53.77 -7.65 6.48
CA HIS B 598 52.50 -7.24 7.06
C HIS B 598 52.65 -6.02 7.96
N GLU B 599 53.47 -6.15 9.01
CA GLU B 599 53.60 -5.07 9.99
C GLU B 599 54.09 -3.79 9.36
N GLN B 600 54.90 -3.89 8.29
CA GLN B 600 55.32 -2.69 7.57
C GLN B 600 54.12 -1.92 7.04
N GLY B 601 53.05 -2.63 6.70
CA GLY B 601 51.82 -1.96 6.30
C GLY B 601 51.16 -1.21 7.43
N LYS B 602 51.42 -1.63 8.68
CA LYS B 602 50.82 -0.97 9.83
C LYS B 602 51.54 0.33 10.16
N ILE B 603 52.86 0.36 10.04
CA ILE B 603 53.60 1.60 10.24
C ILE B 603 53.20 2.63 9.19
N ILE B 604 53.15 2.22 7.92
CA ILE B 604 52.75 3.12 6.86
C ILE B 604 51.25 3.39 6.85
N ALA B 605 50.47 2.63 7.64
CA ALA B 605 49.05 2.93 7.78
C ALA B 605 48.82 4.27 8.46
N ASP B 606 49.84 4.82 9.11
CA ASP B 606 49.81 6.17 9.64
C ASP B 606 50.95 7.04 9.13
N THR B 607 52.05 6.44 8.67
CA THR B 607 53.14 7.22 8.11
C THR B 607 52.72 7.88 6.80
N LEU B 608 52.13 7.11 5.89
CA LEU B 608 51.63 7.68 4.64
C LEU B 608 50.51 8.69 4.88
N ARG B 609 49.80 8.58 6.00
CA ARG B 609 48.86 9.64 6.39
C ARG B 609 49.59 10.89 6.81
N TYR B 610 50.79 10.76 7.38
CA TYR B 610 51.56 11.93 7.77
C TYR B 610 52.19 12.61 6.56
N TRP B 611 52.51 11.83 5.52
CA TRP B 611 53.09 12.41 4.31
C TRP B 611 52.03 13.21 3.55
N LYS B 612 50.80 12.71 3.49
CA LYS B 612 49.75 13.40 2.75
C LYS B 612 49.22 14.62 3.51
N VAL B 613 49.21 14.57 4.84
CA VAL B 613 48.77 15.73 5.60
C VAL B 613 49.83 16.84 5.59
N GLU B 614 51.10 16.47 5.43
CA GLU B 614 52.17 17.45 5.35
C GLU B 614 52.28 17.99 3.93
N GLY B 615 52.51 19.29 3.83
CA GLY B 615 52.61 19.93 2.53
C GLY B 615 54.02 19.94 1.98
N LYS B 616 54.75 18.84 2.19
CA LYS B 616 56.13 18.73 1.72
C LYS B 616 56.19 18.21 0.29
N THR B 617 55.59 17.05 0.04
CA THR B 617 55.67 16.41 -1.27
C THR B 617 54.57 16.95 -2.17
N PRO B 618 54.91 17.62 -3.28
CA PRO B 618 53.87 18.12 -4.19
C PRO B 618 53.34 17.08 -5.17
N GLY B 619 53.99 15.91 -5.27
CA GLY B 619 53.54 14.90 -6.21
C GLY B 619 52.38 14.06 -5.71
N LEU B 620 52.15 14.03 -4.40
CA LEU B 620 51.02 13.33 -3.81
C LEU B 620 50.10 14.34 -3.16
N PRO B 621 48.95 14.66 -3.75
CA PRO B 621 48.08 15.70 -3.16
C PRO B 621 47.43 15.25 -1.87
N ILE B 622 46.71 16.16 -1.22
CA ILE B 622 46.02 15.81 0.02
C ILE B 622 44.90 14.82 -0.26
N ASP B 623 44.22 14.96 -1.39
CA ASP B 623 43.09 14.10 -1.74
C ASP B 623 43.58 12.75 -2.25
N LEU B 624 44.29 12.03 -1.37
CA LEU B 624 44.79 10.69 -1.64
C LEU B 624 44.31 9.79 -0.51
N GLU B 625 43.11 9.24 -0.67
CA GLU B 625 42.56 8.35 0.35
C GLU B 625 43.31 7.02 0.33
N ILE B 626 43.48 6.44 1.52
CA ILE B 626 44.23 5.19 1.67
C ILE B 626 43.64 4.37 2.81
N GLY B 627 43.24 3.14 2.51
CA GLY B 627 42.61 2.29 3.49
C GLY B 627 43.39 1.03 3.81
N TYR B 628 43.66 0.80 5.09
CA TYR B 628 44.41 -0.37 5.54
C TYR B 628 43.45 -1.45 6.01
N VAL B 629 43.69 -2.69 5.57
CA VAL B 629 42.83 -3.82 5.91
C VAL B 629 43.67 -4.91 6.58
N PRO B 630 43.53 -5.12 7.88
CA PRO B 630 44.29 -6.17 8.55
C PRO B 630 43.70 -7.55 8.28
N PRO B 631 44.50 -8.60 8.39
CA PRO B 631 43.97 -9.97 8.21
C PRO B 631 43.35 -10.53 9.47
N SER B 632 43.06 -9.67 10.44
CA SER B 632 42.65 -10.11 11.78
C SER B 632 41.22 -10.66 11.74
N THR B 633 41.09 -11.96 12.00
CA THR B 633 39.81 -12.62 12.26
C THR B 633 38.83 -12.47 11.09
N ARG B 634 39.22 -13.09 9.98
CA ARG B 634 38.31 -13.31 8.85
C ARG B 634 37.71 -12.02 8.34
N GLY B 635 38.54 -10.98 8.22
CA GLY B 635 38.13 -9.76 7.57
C GLY B 635 38.10 -9.92 6.06
N GLN B 636 38.00 -8.78 5.38
CA GLN B 636 38.17 -8.79 3.94
C GLN B 636 39.62 -9.14 3.61
N TYR B 637 39.90 -9.29 2.32
CA TYR B 637 41.24 -9.70 1.90
C TYR B 637 42.27 -8.73 2.46
N PRO B 638 43.36 -9.22 3.05
CA PRO B 638 44.29 -8.32 3.74
C PRO B 638 45.01 -7.39 2.78
N GLY B 639 45.66 -6.38 3.36
CA GLY B 639 46.46 -5.47 2.59
C GLY B 639 46.10 -4.01 2.76
N LEU B 640 46.10 -3.26 1.66
CA LEU B 640 45.87 -1.83 1.70
C LEU B 640 45.50 -1.36 0.31
N TYR B 641 44.49 -0.50 0.21
CA TYR B 641 43.97 -0.04 -1.06
C TYR B 641 43.97 1.49 -1.08
N LEU B 642 44.68 2.07 -2.05
CA LEU B 642 44.73 3.51 -2.19
C LEU B 642 43.56 4.00 -3.06
N PHE B 643 43.51 5.30 -3.30
CA PHE B 643 42.46 5.90 -4.12
C PHE B 643 43.09 7.02 -4.94
N GLY B 644 42.24 7.82 -5.58
CA GLY B 644 42.73 8.94 -6.37
C GLY B 644 41.99 9.14 -7.68
N GLY B 645 41.13 8.20 -8.03
CA GLY B 645 40.40 8.27 -9.29
C GLY B 645 39.21 9.20 -9.27
N HIS B 646 38.12 8.77 -9.90
CA HIS B 646 36.90 9.55 -10.01
C HIS B 646 35.73 8.74 -9.47
N SER B 647 34.58 9.39 -9.36
CA SER B 647 33.31 8.84 -8.88
C SER B 647 33.34 8.47 -7.41
N ARG B 648 34.46 8.68 -6.71
CA ARG B 648 34.57 8.28 -5.32
C ARG B 648 33.91 9.30 -4.40
N MET B 649 33.69 8.88 -3.15
CA MET B 649 33.10 9.72 -2.13
C MET B 649 34.13 10.04 -1.07
N LEU B 650 34.19 11.30 -0.66
CA LEU B 650 35.19 11.76 0.30
C LEU B 650 34.52 12.68 1.32
N ARG B 651 35.27 12.98 2.40
CA ARG B 651 34.86 13.93 3.42
C ARG B 651 36.05 14.28 4.30
N PRO B 652 36.19 15.54 4.70
CA PRO B 652 37.32 15.93 5.56
C PRO B 652 37.14 15.44 7.00
N VAL B 653 38.28 15.24 7.66
CA VAL B 653 38.30 14.83 9.06
C VAL B 653 39.54 15.44 9.71
N ARG B 654 39.37 15.94 10.92
CA ARG B 654 40.47 16.60 11.61
C ARG B 654 41.46 15.58 12.17
N TYR B 655 42.75 15.91 12.08
CA TYR B 655 43.83 15.04 12.50
C TYR B 655 44.54 15.68 13.69
N LEU B 656 44.78 14.90 14.74
CA LEU B 656 45.35 15.47 15.95
C LEU B 656 46.86 15.71 15.85
N PRO B 657 47.70 14.72 15.47
CA PRO B 657 49.14 15.00 15.39
C PRO B 657 49.46 16.04 14.33
N LEU B 658 50.01 17.19 14.74
CA LEU B 658 50.20 18.35 13.87
C LEU B 658 48.85 18.77 13.26
N ASP B 659 47.98 19.23 14.15
CA ASP B 659 46.56 19.42 13.89
C ASP B 659 46.31 20.12 12.55
N LYS B 660 45.65 19.40 11.64
CA LYS B 660 45.36 19.88 10.30
C LYS B 660 44.08 19.19 9.82
N GLU B 661 43.79 19.33 8.52
CA GLU B 661 42.59 18.77 7.92
C GLU B 661 42.97 17.64 6.98
N ASP B 662 42.38 16.47 7.21
CA ASP B 662 42.58 15.31 6.35
C ASP B 662 41.40 15.15 5.39
N ILE B 663 41.39 14.06 4.63
CA ILE B 663 40.28 13.72 3.76
C ILE B 663 40.23 12.19 3.65
N VAL B 664 39.07 11.62 3.97
CA VAL B 664 38.89 10.18 3.98
C VAL B 664 37.62 9.83 3.21
N GLY B 665 37.41 8.53 3.01
CA GLY B 665 36.25 8.04 2.31
C GLY B 665 35.56 6.91 3.05
N PRO B 666 34.67 6.20 2.36
CA PRO B 666 33.93 5.12 3.02
C PRO B 666 34.79 3.93 3.37
N PHE B 667 35.83 3.64 2.58
CA PHE B 667 36.70 2.50 2.82
C PHE B 667 37.72 2.74 3.93
N GLU B 668 37.66 3.89 4.60
CA GLU B 668 38.56 4.20 5.71
C GLU B 668 37.91 3.96 7.07
N GLN B 669 36.61 4.21 7.20
CA GLN B 669 35.91 4.06 8.46
C GLN B 669 35.71 2.60 8.88
N VAL B 670 36.25 1.64 8.12
CA VAL B 670 36.03 0.23 8.44
C VAL B 670 36.87 -0.18 9.65
N TYR B 671 38.15 0.20 9.66
CA TYR B 671 39.07 -0.22 10.71
C TYR B 671 39.58 0.93 11.56
N MET B 672 39.86 2.10 10.97
CA MET B 672 40.44 3.19 11.72
C MET B 672 39.42 3.79 12.69
N ASN B 673 39.94 4.28 13.82
CA ASN B 673 39.11 4.84 14.88
C ASN B 673 39.00 6.35 14.73
N ILE B 674 37.80 6.88 14.90
CA ILE B 674 37.54 8.31 14.83
C ILE B 674 36.62 8.69 15.99
N ALA B 675 36.54 10.00 16.23
CA ALA B 675 35.65 10.56 17.24
C ALA B 675 34.80 11.67 16.62
N VAL B 676 33.70 11.99 17.29
CA VAL B 676 32.74 12.95 16.75
C VAL B 676 32.87 14.29 17.47
N THR B 677 33.30 14.26 18.73
CA THR B 677 33.42 15.45 19.55
C THR B 677 34.75 15.43 20.28
N PRO B 678 35.40 16.58 20.46
CA PRO B 678 36.73 16.58 21.09
C PRO B 678 36.69 16.44 22.60
N GLN B 679 35.87 15.52 23.10
CA GLN B 679 35.91 15.12 24.49
C GLN B 679 35.82 13.60 24.69
N GLU B 680 35.42 12.85 23.67
CA GLU B 680 35.44 11.39 23.72
C GLU B 680 36.77 10.81 23.28
N ILE B 681 37.82 11.63 23.19
CA ILE B 681 39.12 11.16 22.75
C ILE B 681 39.85 10.52 23.92
N GLN B 682 40.50 9.39 23.65
CA GLN B 682 41.33 8.73 24.64
C GLN B 682 42.66 8.32 24.00
N ASN B 683 43.69 8.22 24.82
CA ASN B 683 45.05 8.08 24.31
C ASN B 683 45.27 6.70 23.71
N ASN B 684 46.05 6.68 22.63
CA ASN B 684 46.59 5.49 21.96
C ASN B 684 45.53 4.64 21.26
N VAL B 685 44.26 5.03 21.29
CA VAL B 685 43.22 4.28 20.61
C VAL B 685 42.39 5.20 19.73
N HIS B 686 42.84 6.45 19.58
CA HIS B 686 42.17 7.42 18.72
C HIS B 686 43.20 8.34 18.10
N THR B 687 43.12 8.54 16.80
CA THR B 687 44.04 9.40 16.07
C THR B 687 43.37 10.41 15.16
N HIS B 688 42.11 10.22 14.79
CA HIS B 688 41.36 11.14 13.95
C HIS B 688 40.06 11.51 14.66
N VAL B 689 39.62 12.76 14.48
CA VAL B 689 38.39 13.24 15.07
C VAL B 689 37.66 14.11 14.06
N GLU B 690 36.33 14.06 14.09
CA GLU B 690 35.50 14.93 13.25
C GLU B 690 35.36 16.27 13.96
N PHE B 691 35.93 17.32 13.36
CA PHE B 691 35.93 18.64 13.98
C PHE B 691 34.54 19.28 14.07
N THR B 692 33.51 18.63 13.52
CA THR B 692 32.15 19.14 13.62
C THR B 692 31.17 17.97 13.70
N PRO B 693 30.41 17.86 14.80
CA PRO B 693 29.42 16.78 14.91
C PRO B 693 28.14 17.05 14.14
N THR B 694 27.98 18.22 13.54
CA THR B 694 26.75 18.57 12.85
C THR B 694 26.77 18.27 11.36
N ASN B 695 27.95 18.04 10.78
CA ASN B 695 28.04 17.79 9.35
C ASN B 695 27.55 16.41 8.96
N ILE B 696 27.29 15.52 9.94
CA ILE B 696 26.80 14.19 9.63
C ILE B 696 25.41 14.27 8.98
N LEU B 697 24.59 15.20 9.45
CA LEU B 697 23.25 15.36 8.92
C LEU B 697 23.30 16.07 7.56
N SER B 698 22.21 15.97 6.82
CA SER B 698 22.13 16.54 5.48
C SER B 698 21.93 18.05 5.56
N ILE B 699 21.75 18.69 4.40
CA ILE B 699 21.46 20.12 4.39
C ILE B 699 20.09 20.40 5.01
N LEU B 700 19.15 19.47 4.85
CA LEU B 700 17.83 19.61 5.44
C LEU B 700 17.85 19.23 6.92
N ALA B 701 18.54 18.14 7.26
CA ALA B 701 18.53 17.66 8.64
C ALA B 701 19.39 18.52 9.55
N ASN B 702 20.52 19.01 9.04
CA ASN B 702 21.36 19.92 9.84
C ASN B 702 20.73 21.30 9.99
N LEU B 703 19.54 21.52 9.42
CA LEU B 703 18.86 22.80 9.51
C LEU B 703 17.73 22.82 10.53
N THR B 704 17.21 21.66 10.92
CA THR B 704 16.12 21.63 11.89
C THR B 704 16.67 21.95 13.28
N PRO B 705 15.90 22.68 14.11
CA PRO B 705 16.40 23.04 15.44
C PRO B 705 16.23 21.88 16.42
N PHE B 706 17.28 21.64 17.20
CA PHE B 706 17.29 20.59 18.23
C PHE B 706 16.99 19.22 17.64
N SER B 707 17.82 18.80 16.68
CA SER B 707 17.66 17.50 16.06
C SER B 707 17.91 16.36 17.03
N ASP B 708 18.67 16.61 18.10
CA ASP B 708 18.91 15.58 19.12
C ASP B 708 17.70 15.36 20.01
N PHE B 709 16.68 16.22 19.93
CA PHE B 709 15.50 16.10 20.77
C PHE B 709 14.34 15.42 20.05
N ASN B 710 14.03 15.85 18.83
CA ASN B 710 12.90 15.30 18.10
C ASN B 710 13.13 13.83 17.77
N GLN B 711 12.03 13.08 17.70
CA GLN B 711 12.11 11.66 17.38
C GLN B 711 12.51 11.48 15.92
N SER B 712 13.39 10.51 15.68
CA SER B 712 13.92 10.33 14.33
C SER B 712 12.85 10.02 13.28
N PRO B 713 11.83 9.21 13.54
CA PRO B 713 10.72 9.12 12.56
C PRO B 713 10.12 10.47 12.21
N ARG B 714 9.81 11.30 13.21
CA ARG B 714 9.30 12.62 12.93
C ARG B 714 10.33 13.48 12.21
N ASN B 715 11.61 13.22 12.42
CA ASN B 715 12.64 13.92 11.66
C ASN B 715 12.65 13.45 10.21
N MET B 716 12.38 12.16 9.97
CA MET B 716 12.30 11.66 8.60
C MET B 716 11.06 12.19 7.89
N TYR B 717 9.95 12.37 8.62
CA TYR B 717 8.82 13.08 8.04
C TYR B 717 9.16 14.54 7.79
N GLN B 718 9.92 15.16 8.70
CA GLN B 718 10.34 16.55 8.52
C GLN B 718 11.21 16.73 7.29
N CYS B 719 11.86 15.67 6.81
CA CYS B 719 12.59 15.73 5.55
C CYS B 719 11.65 16.10 4.41
N GLN B 720 10.54 15.38 4.27
CA GLN B 720 9.55 15.73 3.26
C GLN B 720 8.88 17.04 3.59
N MET B 721 8.62 17.31 4.87
CA MET B 721 8.10 18.60 5.28
C MET B 721 9.07 19.74 5.03
N GLY B 722 10.32 19.44 4.69
CA GLY B 722 11.31 20.45 4.39
C GLY B 722 11.42 20.78 2.92
N LYS B 723 11.40 19.75 2.06
CA LYS B 723 11.59 19.93 0.62
C LYS B 723 10.28 19.77 -0.14
N GLN B 724 9.15 20.06 0.49
CA GLN B 724 7.84 20.05 -0.17
C GLN B 724 7.05 21.28 0.25
N THR B 725 7.74 22.41 0.43
CA THR B 725 7.13 23.63 0.93
C THR B 725 6.88 24.63 -0.18
N MET B 726 6.17 25.70 0.16
CA MET B 726 5.89 26.79 -0.75
C MET B 726 6.90 27.93 -0.62
N GLY B 727 8.11 27.61 -0.18
CA GLY B 727 9.14 28.62 -0.04
C GLY B 727 9.49 29.29 -1.35
N THR B 728 10.17 30.43 -1.24
CA THR B 728 10.60 31.17 -2.41
C THR B 728 11.67 30.40 -3.16
N PRO B 729 11.42 29.99 -4.40
CA PRO B 729 12.45 29.25 -5.16
C PRO B 729 13.69 30.10 -5.42
N GLY B 730 13.49 31.25 -6.04
CA GLY B 730 14.57 32.16 -6.36
C GLY B 730 14.04 33.37 -7.11
N VAL B 731 14.77 34.47 -7.11
CA VAL B 731 14.31 35.66 -7.80
C VAL B 731 14.70 35.57 -9.26
N ALA B 732 13.92 34.81 -10.05
CA ALA B 732 14.08 34.71 -11.49
C ALA B 732 12.72 34.63 -12.17
N LEU B 733 11.68 35.17 -11.54
CA LEU B 733 10.32 34.94 -12.00
C LEU B 733 10.07 35.49 -13.40
N CYS B 734 10.79 36.54 -13.78
CA CYS B 734 10.62 37.10 -15.11
C CYS B 734 11.20 36.20 -16.20
N HIS B 735 12.08 35.27 -15.84
CA HIS B 735 12.74 34.39 -16.81
C HIS B 735 12.11 33.00 -16.85
N ARG B 736 11.99 32.34 -15.69
CA ARG B 736 11.59 30.95 -15.64
C ARG B 736 10.19 30.73 -16.20
N SER B 737 10.11 30.03 -17.33
CA SER B 737 8.84 29.70 -17.98
C SER B 737 8.32 28.32 -17.59
N ASP B 738 8.66 27.85 -16.39
CA ASP B 738 8.23 26.53 -15.94
C ASP B 738 6.71 26.43 -15.92
N ASN B 739 6.21 25.20 -16.08
CA ASN B 739 4.77 24.99 -16.22
C ASN B 739 4.02 25.43 -14.97
N LYS B 740 4.56 25.16 -13.79
CA LYS B 740 3.90 25.50 -12.54
C LYS B 740 4.94 25.86 -11.49
N LEU B 741 4.64 26.88 -10.69
CA LEU B 741 5.57 27.35 -9.67
C LEU B 741 4.78 27.84 -8.47
N TYR B 742 5.41 27.76 -7.30
CA TYR B 742 4.82 28.20 -6.04
C TYR B 742 5.78 29.17 -5.35
N ARG B 743 5.21 30.18 -4.68
CA ARG B 743 6.03 31.17 -3.99
C ARG B 743 5.18 31.89 -2.94
N LEU B 744 5.81 32.23 -1.82
CA LEU B 744 5.19 33.05 -0.79
C LEU B 744 5.92 34.37 -0.67
N GLN B 745 5.37 35.27 0.15
CA GLN B 745 5.91 36.62 0.31
C GLN B 745 6.41 36.90 1.72
N THR B 746 5.67 36.48 2.74
CA THR B 746 5.97 36.85 4.12
C THR B 746 7.03 35.95 4.76
N GLY B 747 7.81 35.23 3.96
CA GLY B 747 8.87 34.38 4.48
C GLY B 747 9.85 35.10 5.38
N GLN B 748 10.01 34.61 6.59
CA GLN B 748 10.92 35.21 7.57
C GLN B 748 11.99 34.20 7.99
N THR B 749 13.11 34.72 8.48
CA THR B 749 14.21 33.89 8.93
C THR B 749 13.88 33.26 10.29
N PRO B 750 14.33 32.04 10.54
CA PRO B 750 14.10 31.42 11.86
C PRO B 750 14.93 32.10 12.93
N ILE B 751 14.27 32.49 14.02
CA ILE B 751 14.98 33.06 15.15
C ILE B 751 15.94 32.04 15.76
N VAL B 752 15.50 30.79 15.86
CA VAL B 752 16.34 29.70 16.35
C VAL B 752 16.77 28.93 15.11
N LYS B 753 17.95 29.27 14.58
CA LYS B 753 18.47 28.67 13.37
C LYS B 753 19.85 28.08 13.64
N ALA B 754 20.19 27.02 12.91
CA ALA B 754 21.49 26.40 13.04
C ALA B 754 22.57 27.35 12.52
N ASN B 755 23.81 27.11 12.98
CA ASN B 755 24.93 27.92 12.54
C ASN B 755 25.20 27.75 11.05
N LEU B 756 24.70 26.68 10.43
CA LEU B 756 24.87 26.44 9.00
C LEU B 756 23.75 27.04 8.16
N TYR B 757 22.67 27.51 8.79
CA TYR B 757 21.61 28.17 8.05
C TYR B 757 22.11 29.46 7.40
N ASP B 758 23.06 30.13 8.04
CA ASP B 758 23.62 31.37 7.52
C ASP B 758 24.77 31.15 6.55
N ASP B 759 25.38 29.96 6.55
CA ASP B 759 26.51 29.70 5.68
C ASP B 759 26.10 29.72 4.22
N TYR B 760 25.10 28.91 3.85
CA TYR B 760 24.62 28.92 2.47
C TYR B 760 23.85 30.19 2.15
N GLY B 761 23.27 30.82 3.16
CA GLY B 761 22.53 32.06 2.95
C GLY B 761 21.08 31.85 2.59
N MET B 762 20.39 30.98 3.35
CA MET B 762 18.96 30.78 3.14
C MET B 762 18.14 32.04 3.44
N ASP B 763 18.76 33.06 4.05
CA ASP B 763 18.06 34.33 4.23
C ASP B 763 17.67 34.94 2.89
N ASN B 764 18.40 34.62 1.82
CA ASN B 764 18.01 35.08 0.50
C ASN B 764 16.68 34.46 0.07
N PHE B 765 16.47 33.18 0.36
CA PHE B 765 15.26 32.45 -0.01
C PHE B 765 14.58 31.97 1.25
N PRO B 766 13.75 32.82 1.88
CA PRO B 766 13.09 32.41 3.13
C PRO B 766 12.00 31.38 2.85
N ASN B 767 12.03 30.28 3.59
CA ASN B 767 11.06 29.21 3.40
C ASN B 767 9.75 29.52 4.12
N GLY B 768 9.79 29.64 5.44
CA GLY B 768 8.60 29.93 6.21
C GLY B 768 8.73 31.17 7.07
N PHE B 769 8.18 31.13 8.28
CA PHE B 769 8.17 32.28 9.17
C PHE B 769 7.86 31.80 10.58
N ASN B 770 7.69 32.74 11.50
CA ASN B 770 7.39 32.45 12.90
C ASN B 770 5.94 32.78 13.21
N ALA B 771 5.43 32.16 14.27
CA ALA B 771 4.05 32.37 14.69
C ALA B 771 3.91 31.98 16.15
N VAL B 772 3.11 32.75 16.89
CA VAL B 772 2.86 32.46 18.29
C VAL B 772 2.00 31.21 18.40
N VAL B 773 2.50 30.22 19.14
CA VAL B 773 1.83 28.92 19.26
C VAL B 773 1.72 28.55 20.73
N ALA B 774 0.52 28.13 21.14
CA ALA B 774 0.26 27.70 22.50
C ALA B 774 -0.35 26.30 22.47
N VAL B 775 0.15 25.41 23.30
CA VAL B 775 -0.33 24.03 23.32
C VAL B 775 -1.56 23.94 24.21
N ILE B 776 -2.73 24.21 23.61
CA ILE B 776 -3.97 24.30 24.37
C ILE B 776 -5.00 23.38 23.74
N SER B 777 -5.90 22.85 24.57
CA SER B 777 -7.04 22.09 24.09
C SER B 777 -8.32 22.92 24.04
N TYR B 778 -8.26 24.17 24.51
CA TYR B 778 -9.41 25.08 24.61
C TYR B 778 -10.33 25.04 23.39
N THR B 779 -9.74 24.98 22.19
CA THR B 779 -10.54 25.00 20.98
C THR B 779 -11.46 23.79 20.90
N GLY B 780 -10.88 22.59 20.91
CA GLY B 780 -11.63 21.36 20.80
C GLY B 780 -11.82 20.88 19.38
N TYR B 781 -11.94 21.80 18.42
CA TYR B 781 -12.08 21.40 17.02
C TYR B 781 -10.84 20.66 16.52
N ASP B 782 -9.66 20.99 17.07
CA ASP B 782 -8.43 20.30 16.74
C ASP B 782 -8.23 19.13 17.69
N MET B 783 -7.90 17.96 17.15
CA MET B 783 -7.68 16.78 17.97
C MET B 783 -6.68 15.85 17.29
N ASP B 784 -5.54 15.67 17.96
CA ASP B 784 -4.51 14.64 17.74
C ASP B 784 -3.75 14.79 16.42
N ASP B 785 -4.21 15.63 15.51
CA ASP B 785 -3.35 16.00 14.38
C ASP B 785 -3.56 17.46 13.98
N ALA B 786 -4.71 18.00 14.33
CA ALA B 786 -5.20 19.22 13.67
C ALA B 786 -4.54 20.46 14.26
N MET B 787 -4.96 21.61 13.72
CA MET B 787 -4.36 22.89 14.05
C MET B 787 -5.36 23.98 13.70
N ILE B 788 -5.26 25.11 14.39
CA ILE B 788 -6.17 26.23 14.14
C ILE B 788 -5.35 27.45 13.76
N ILE B 789 -6.00 28.36 13.04
CA ILE B 789 -5.41 29.64 12.64
C ILE B 789 -6.40 30.75 12.99
N ASN B 790 -5.90 31.81 13.61
CA ASN B 790 -6.75 32.94 13.96
C ASN B 790 -7.31 33.58 12.71
N LYS B 791 -8.55 34.06 12.80
CA LYS B 791 -9.18 34.70 11.65
C LYS B 791 -8.47 35.99 11.28
N SER B 792 -8.04 36.78 12.27
CA SER B 792 -7.31 38.00 11.99
C SER B 792 -5.89 37.72 11.51
N ALA B 793 -5.37 36.52 11.74
CA ALA B 793 -4.02 36.18 11.29
C ALA B 793 -3.97 36.14 9.76
N ASP B 794 -4.72 35.21 9.16
CA ASP B 794 -4.75 35.12 7.70
C ASP B 794 -5.49 36.30 7.07
N GLU B 795 -6.25 37.05 7.87
CA GLU B 795 -6.88 38.28 7.39
C GLU B 795 -5.87 39.37 7.09
N ARG B 796 -4.61 39.19 7.50
CA ARG B 796 -3.57 40.20 7.31
C ARG B 796 -2.39 39.66 6.52
N GLY B 797 -2.48 38.43 5.99
CA GLY B 797 -1.41 37.88 5.17
C GLY B 797 -0.55 36.84 5.88
N PHE B 798 -1.19 35.99 6.69
CA PHE B 798 -0.49 34.93 7.39
C PHE B 798 -0.32 33.74 6.44
N GLY B 799 0.93 33.45 6.08
CA GLY B 799 1.19 32.36 5.14
C GLY B 799 0.60 32.57 3.77
N TYR B 800 0.60 33.80 3.28
CA TYR B 800 0.10 34.09 1.95
C TYR B 800 1.01 33.48 0.89
N GLY B 801 0.41 33.08 -0.22
CA GLY B 801 1.17 32.47 -1.30
C GLY B 801 0.40 32.51 -2.60
N THR B 802 1.15 32.41 -3.70
CA THR B 802 0.58 32.45 -5.03
C THR B 802 1.24 31.40 -5.91
N MET B 803 0.53 31.01 -6.97
CA MET B 803 1.03 30.09 -7.96
C MET B 803 1.37 30.83 -9.24
N TYR B 804 2.01 30.12 -10.17
CA TYR B 804 2.35 30.67 -11.47
C TYR B 804 2.30 29.55 -12.49
N LYS B 805 1.29 29.58 -13.37
CA LYS B 805 1.04 28.53 -14.34
C LYS B 805 1.29 29.08 -15.74
N THR B 806 2.37 28.61 -16.36
CA THR B 806 2.73 29.05 -17.71
C THR B 806 2.10 28.13 -18.75
N GLU B 807 1.48 28.73 -19.75
CA GLU B 807 0.87 27.99 -20.86
C GLU B 807 1.60 28.33 -22.15
N LYS B 808 1.75 27.32 -23.02
CA LYS B 808 2.43 27.47 -24.30
C LYS B 808 1.43 27.15 -25.41
N VAL B 809 1.01 28.17 -26.14
CA VAL B 809 0.06 28.02 -27.24
C VAL B 809 0.83 28.08 -28.56
N ASP B 810 0.59 27.10 -29.42
CA ASP B 810 1.18 27.04 -30.75
C ASP B 810 0.06 27.06 -31.78
N LEU B 811 0.15 28.00 -32.71
CA LEU B 811 -0.91 28.20 -33.69
C LEU B 811 -0.63 27.42 -34.97
N ALA B 812 -1.64 27.34 -35.84
CA ALA B 812 -1.55 26.65 -37.12
C ALA B 812 -1.19 25.17 -36.93
N LEU B 813 -1.92 24.53 -36.01
CA LEU B 813 -1.74 23.11 -35.67
C LEU B 813 -0.28 22.67 -35.62
N ASP B 819 3.75 24.64 -47.20
CA ASP B 819 2.99 24.79 -45.96
C ASP B 819 2.62 26.25 -45.71
N PRO B 820 1.59 26.74 -46.41
CA PRO B 820 1.18 28.14 -46.23
C PRO B 820 0.45 28.33 -44.91
N ILE B 821 0.89 29.33 -44.14
CA ILE B 821 0.25 29.64 -42.87
C ILE B 821 -1.10 30.26 -43.12
N THR B 822 -2.10 29.84 -42.34
CA THR B 822 -3.46 30.34 -42.47
C THR B 822 -4.06 30.89 -41.19
N GLN B 823 -3.54 30.54 -40.03
CA GLN B 823 -4.06 31.02 -38.75
C GLN B 823 -3.16 32.13 -38.25
N HIS B 824 -3.69 33.34 -38.19
CA HIS B 824 -2.95 34.52 -37.75
C HIS B 824 -3.62 35.12 -36.52
N PHE B 825 -2.79 35.58 -35.58
CA PHE B 825 -3.31 36.17 -34.36
C PHE B 825 -4.00 37.49 -34.66
N GLY B 826 -5.20 37.67 -34.08
CA GLY B 826 -5.96 38.88 -34.29
C GLY B 826 -7.31 38.62 -34.93
N PHE B 827 -7.87 39.65 -35.58
CA PHE B 827 -9.17 39.58 -36.22
C PHE B 827 -9.02 39.75 -37.73
N GLY B 828 -10.16 39.76 -38.43
CA GLY B 828 -10.18 39.92 -39.87
C GLY B 828 -11.00 41.11 -40.31
N ASN B 829 -11.99 40.88 -41.17
CA ASN B 829 -12.80 41.95 -41.73
C ASN B 829 -14.29 41.71 -41.72
N ASP B 830 -14.76 40.47 -41.59
CA ASP B 830 -16.18 40.18 -41.71
C ASP B 830 -16.85 40.28 -40.34
N GLU B 831 -18.09 39.81 -40.25
CA GLU B 831 -18.89 39.94 -39.04
C GLU B 831 -18.43 38.93 -37.99
N TRP B 832 -18.29 39.41 -36.75
CA TRP B 832 -17.97 38.57 -35.61
C TRP B 832 -18.65 39.15 -34.38
N PRO B 833 -19.10 38.31 -33.45
CA PRO B 833 -19.76 38.83 -32.25
C PRO B 833 -18.80 39.60 -31.36
N LYS B 834 -19.36 40.54 -30.60
CA LYS B 834 -18.61 41.36 -29.67
C LYS B 834 -18.62 40.70 -28.28
N GLU B 835 -18.25 41.45 -27.25
CA GLU B 835 -18.34 41.12 -25.82
C GLU B 835 -17.20 40.23 -25.34
N TRP B 836 -16.20 39.96 -26.18
CA TRP B 836 -14.98 39.30 -25.70
C TRP B 836 -13.74 40.13 -26.00
N LEU B 837 -13.90 41.46 -26.03
CA LEU B 837 -12.78 42.38 -26.20
C LEU B 837 -12.22 42.87 -24.88
N GLU B 838 -12.77 42.42 -23.75
CA GLU B 838 -12.26 42.86 -22.46
C GLU B 838 -10.89 42.25 -22.16
N LYS B 839 -10.65 41.02 -22.61
CA LYS B 839 -9.38 40.34 -22.38
C LYS B 839 -8.42 40.49 -23.55
N LEU B 840 -8.86 40.18 -24.76
CA LEU B 840 -7.99 40.22 -25.92
C LEU B 840 -7.88 41.64 -26.48
N ASP B 841 -6.78 41.87 -27.20
CA ASP B 841 -6.55 43.14 -27.87
C ASP B 841 -6.82 42.99 -29.38
N GLU B 842 -6.58 44.08 -30.12
CA GLU B 842 -6.70 44.01 -31.56
C GLU B 842 -5.53 43.28 -32.21
N ASP B 843 -4.41 43.14 -31.50
CA ASP B 843 -3.25 42.44 -32.02
C ASP B 843 -3.34 40.93 -31.86
N GLY B 844 -4.31 40.43 -31.10
CA GLY B 844 -4.45 39.01 -30.86
C GLY B 844 -3.79 38.51 -29.59
N LEU B 845 -3.56 39.40 -28.61
CA LEU B 845 -2.93 39.05 -27.36
C LEU B 845 -3.76 39.56 -26.20
N PRO B 846 -3.77 38.87 -25.07
CA PRO B 846 -4.59 39.30 -23.94
C PRO B 846 -3.94 40.43 -23.15
N TYR B 847 -4.78 41.19 -22.45
CA TYR B 847 -4.28 42.25 -21.59
C TYR B 847 -3.53 41.67 -20.40
N ILE B 848 -2.56 42.44 -19.92
CA ILE B 848 -1.72 42.03 -18.79
C ILE B 848 -2.42 42.48 -17.51
N GLY B 849 -3.03 41.53 -16.80
CA GLY B 849 -3.65 41.80 -15.51
C GLY B 849 -5.11 41.44 -15.43
N THR B 850 -5.78 41.10 -16.53
CA THR B 850 -7.20 40.82 -16.50
C THR B 850 -7.50 39.54 -15.72
N TYR B 851 -8.72 39.45 -15.22
CA TYR B 851 -9.17 38.28 -14.46
C TYR B 851 -9.71 37.24 -15.43
N VAL B 852 -9.06 36.08 -15.47
CA VAL B 852 -9.38 35.02 -16.43
C VAL B 852 -9.73 33.78 -15.62
N GLU B 853 -11.03 33.47 -15.54
CA GLU B 853 -11.48 32.23 -14.90
C GLU B 853 -11.65 31.15 -15.95
N GLU B 854 -12.23 30.02 -15.56
CA GLU B 854 -12.43 28.92 -16.50
C GLU B 854 -13.47 29.31 -17.56
N GLY B 855 -13.11 29.12 -18.82
CA GLY B 855 -13.99 29.47 -19.91
C GLY B 855 -13.91 30.93 -20.31
N ASP B 856 -12.69 31.41 -20.55
CA ASP B 856 -12.43 32.79 -20.92
C ASP B 856 -11.47 32.84 -22.09
N PRO B 857 -11.56 33.88 -22.92
CA PRO B 857 -10.65 33.99 -24.08
C PRO B 857 -9.25 34.34 -23.65
N ILE B 858 -8.28 33.52 -24.05
CA ILE B 858 -6.87 33.81 -23.84
C ILE B 858 -6.20 34.30 -25.11
N CYS B 859 -6.51 33.68 -26.26
CA CYS B 859 -5.93 34.09 -27.52
C CYS B 859 -6.90 33.73 -28.65
N ALA B 860 -7.19 34.70 -29.51
CA ALA B 860 -8.06 34.51 -30.64
C ALA B 860 -7.23 34.48 -31.92
N TYR B 861 -7.59 33.58 -32.83
CA TYR B 861 -6.87 33.39 -34.08
C TYR B 861 -7.82 33.49 -35.27
N PHE B 862 -7.35 34.11 -36.34
CA PHE B 862 -8.11 34.28 -37.56
C PHE B 862 -7.57 33.34 -38.63
N ASP B 863 -8.42 32.41 -39.08
CA ASP B 863 -8.07 31.47 -40.12
C ASP B 863 -8.54 31.99 -41.47
N ASP B 864 -7.77 31.67 -42.52
CA ASP B 864 -8.15 32.10 -43.86
C ASP B 864 -8.92 31.02 -44.61
N THR B 865 -8.68 29.75 -44.28
CA THR B 865 -9.41 28.67 -44.94
C THR B 865 -10.89 28.69 -44.56
N LEU B 866 -11.21 29.19 -43.36
CA LEU B 866 -12.59 29.35 -42.93
C LEU B 866 -13.02 30.79 -42.81
N ASN B 867 -12.09 31.75 -42.84
CA ASN B 867 -12.38 33.17 -42.74
C ASN B 867 -13.16 33.49 -41.45
N LYS B 868 -12.73 32.88 -40.34
CA LYS B 868 -13.39 33.06 -39.06
C LYS B 868 -12.35 33.21 -37.97
N THR B 869 -12.71 33.97 -36.92
CA THR B 869 -11.86 34.16 -35.75
C THR B 869 -12.39 33.28 -34.63
N LYS B 870 -11.76 32.12 -34.44
CA LYS B 870 -12.11 31.22 -33.36
C LYS B 870 -11.23 31.49 -32.14
N ILE B 871 -11.82 31.36 -30.97
CA ILE B 871 -11.16 31.68 -29.70
C ILE B 871 -10.74 30.38 -29.03
N LYS B 872 -9.45 30.28 -28.73
CA LYS B 872 -8.94 29.16 -27.93
C LYS B 872 -9.32 29.40 -26.48
N THR B 873 -10.17 28.54 -25.92
CA THR B 873 -10.68 28.74 -24.58
C THR B 873 -9.61 28.38 -23.54
N TYR B 874 -9.92 28.67 -22.28
CA TYR B 874 -9.04 28.36 -21.16
C TYR B 874 -9.83 27.56 -20.13
N HIS B 875 -9.46 26.30 -19.94
CA HIS B 875 -10.13 25.40 -19.00
C HIS B 875 -9.09 24.89 -18.01
N SER B 876 -9.28 25.21 -16.73
CA SER B 876 -8.36 24.79 -15.69
C SER B 876 -9.15 24.66 -14.39
N SER B 877 -8.42 24.51 -13.28
CA SER B 877 -9.06 24.31 -11.98
C SER B 877 -9.45 25.63 -11.34
N GLU B 878 -8.50 26.55 -11.21
CA GLU B 878 -8.73 27.79 -10.48
C GLU B 878 -8.55 28.99 -11.40
N PRO B 879 -9.28 30.08 -11.16
CA PRO B 879 -9.07 31.30 -11.96
C PRO B 879 -7.69 31.87 -11.74
N ALA B 880 -7.14 32.48 -12.79
CA ALA B 880 -5.78 33.00 -12.77
C ALA B 880 -5.75 34.41 -13.32
N TYR B 881 -4.71 35.14 -12.93
CA TYR B 881 -4.44 36.49 -13.44
C TYR B 881 -3.25 36.43 -14.37
N ILE B 882 -3.37 37.10 -15.53
CA ILE B 882 -2.26 37.17 -16.47
C ILE B 882 -1.23 38.15 -15.97
N GLU B 883 0.05 37.77 -16.04
CA GLU B 883 1.14 38.63 -15.59
C GLU B 883 2.13 38.99 -16.68
N GLU B 884 2.33 38.14 -17.67
CA GLU B 884 3.23 38.47 -18.77
C GLU B 884 2.94 37.55 -19.94
N VAL B 885 3.13 38.08 -21.16
CA VAL B 885 2.91 37.34 -22.39
C VAL B 885 4.16 37.47 -23.25
N ASN B 886 4.81 36.34 -23.53
CA ASN B 886 6.01 36.33 -24.35
C ASN B 886 5.65 36.09 -25.81
N LEU B 887 6.44 36.67 -26.70
CA LEU B 887 6.30 36.48 -28.14
C LEU B 887 7.56 35.85 -28.69
N ILE B 888 7.40 34.82 -29.53
CA ILE B 888 8.52 34.03 -30.01
C ILE B 888 8.37 33.81 -31.50
N GLY B 889 9.44 34.09 -32.25
CA GLY B 889 9.47 33.87 -33.68
C GLY B 889 10.79 33.29 -34.15
N ASP B 890 10.74 32.18 -34.87
CA ASP B 890 11.95 31.51 -35.30
C ASP B 890 12.77 32.39 -36.23
N GLU B 891 14.08 32.42 -36.00
CA GLU B 891 14.98 33.26 -36.80
C GLU B 891 15.28 32.59 -38.13
N SER B 892 15.26 33.39 -39.20
CA SER B 892 15.56 32.91 -40.54
C SER B 892 15.93 34.10 -41.40
N ASN B 893 16.57 33.80 -42.53
CA ASN B 893 16.96 34.86 -43.47
C ASN B 893 15.73 35.57 -44.04
N LYS B 894 14.61 34.85 -44.14
CA LYS B 894 13.35 35.42 -44.62
C LYS B 894 12.48 35.81 -43.42
N PHE B 895 11.54 36.72 -43.68
CA PHE B 895 10.64 37.18 -42.64
C PHE B 895 9.60 36.10 -42.33
N GLN B 896 9.43 35.79 -41.06
CA GLN B 896 8.48 34.77 -40.62
C GLN B 896 7.58 35.36 -39.54
N GLU B 897 6.27 35.22 -39.73
CA GLU B 897 5.31 35.70 -38.75
C GLU B 897 5.34 34.82 -37.49
N LEU B 898 5.05 35.43 -36.35
CA LEU B 898 5.08 34.71 -35.08
C LEU B 898 4.01 33.61 -35.07
N GLN B 899 4.38 32.44 -34.55
CA GLN B 899 3.47 31.31 -34.48
C GLN B 899 3.51 30.61 -33.13
N THR B 900 4.21 31.17 -32.14
CA THR B 900 4.30 30.56 -30.81
C THR B 900 4.27 31.66 -29.77
N VAL B 901 3.34 31.57 -28.84
CA VAL B 901 3.15 32.55 -27.78
C VAL B 901 3.26 31.85 -26.44
N SER B 902 4.02 32.44 -25.52
CA SER B 902 4.21 31.91 -24.18
C SER B 902 3.58 32.88 -23.18
N ILE B 903 2.55 32.42 -22.48
CA ILE B 903 1.82 33.23 -21.52
C ILE B 903 2.03 32.64 -20.14
N LYS B 904 2.12 33.52 -19.14
CA LYS B 904 2.36 33.13 -17.76
C LYS B 904 1.23 33.65 -16.88
N TYR B 905 0.66 32.77 -16.07
CA TYR B 905 -0.43 33.11 -15.17
C TYR B 905 0.07 33.26 -13.73
N ARG B 906 -0.84 33.69 -12.87
CA ARG B 906 -0.62 33.73 -11.43
C ARG B 906 -1.95 33.54 -10.73
N ILE B 907 -1.95 32.77 -9.66
CA ILE B 907 -3.16 32.42 -8.93
C ILE B 907 -3.00 32.83 -7.49
N ARG B 908 -3.88 33.70 -7.01
CA ARG B 908 -3.88 34.11 -5.61
C ARG B 908 -4.38 32.95 -4.76
N ARG B 909 -3.45 32.26 -4.09
CA ARG B 909 -3.78 31.11 -3.25
C ARG B 909 -3.91 31.62 -1.81
N THR B 910 -5.12 32.04 -1.47
CA THR B 910 -5.39 32.46 -0.10
C THR B 910 -5.30 31.25 0.84
N PRO B 911 -4.59 31.35 1.95
CA PRO B 911 -4.45 30.19 2.84
C PRO B 911 -5.75 29.84 3.55
N GLN B 912 -6.38 28.76 3.12
CA GLN B 912 -7.62 28.28 3.70
C GLN B 912 -7.34 27.07 4.58
N ILE B 913 -8.41 26.49 5.14
CA ILE B 913 -8.25 25.31 5.98
C ILE B 913 -8.05 24.08 5.10
N GLY B 914 -7.45 23.05 5.70
CA GLY B 914 -7.10 21.85 4.98
C GLY B 914 -5.71 21.84 4.40
N ASP B 915 -4.98 22.96 4.50
CA ASP B 915 -3.60 23.01 4.03
C ASP B 915 -2.69 22.39 5.08
N LYS B 916 -1.71 21.61 4.61
CA LYS B 916 -0.82 20.87 5.51
C LYS B 916 0.22 21.83 6.10
N PHE B 917 -0.25 22.67 7.03
CA PHE B 917 0.66 23.50 7.80
C PHE B 917 1.44 22.64 8.78
N SER B 918 2.71 23.00 8.98
CA SER B 918 3.58 22.23 9.86
C SER B 918 4.73 23.13 10.30
N SER B 919 5.63 22.56 11.10
CA SER B 919 6.82 23.23 11.59
C SER B 919 8.05 22.49 11.07
N ARG B 920 9.22 22.86 11.60
CA ARG B 920 10.47 22.23 11.22
C ARG B 920 10.86 21.10 12.16
N HIS B 921 9.87 20.41 12.74
CA HIS B 921 10.12 19.29 13.63
C HIS B 921 9.41 18.00 13.20
N GLY B 922 8.53 18.05 12.22
CA GLY B 922 7.88 16.85 11.71
C GLY B 922 6.46 16.63 12.15
N GLN B 923 5.80 17.64 12.73
CA GLN B 923 4.41 17.51 13.14
C GLN B 923 3.50 18.03 12.03
N LYS B 924 3.19 17.16 11.09
CA LYS B 924 2.29 17.51 10.00
C LYS B 924 0.85 17.53 10.50
N GLY B 925 0.13 18.60 10.15
CA GLY B 925 -1.26 18.73 10.52
C GLY B 925 -2.03 19.52 9.48
N VAL B 926 -3.33 19.67 9.71
CA VAL B 926 -4.21 20.43 8.85
C VAL B 926 -4.95 21.45 9.71
N CYS B 927 -5.77 22.27 9.05
CA CYS B 927 -6.57 23.28 9.72
C CYS B 927 -8.03 22.84 9.77
N SER B 928 -8.62 22.86 10.96
CA SER B 928 -10.00 22.46 11.15
C SER B 928 -10.97 23.61 10.93
N ARG B 929 -10.72 24.74 11.58
CA ARG B 929 -11.58 25.91 11.45
C ARG B 929 -10.82 27.13 11.93
N LYS B 930 -11.00 28.25 11.23
CA LYS B 930 -10.33 29.50 11.59
C LYS B 930 -11.23 30.28 12.54
N TRP B 931 -10.85 30.34 13.81
CA TRP B 931 -11.62 31.00 14.84
C TRP B 931 -11.34 32.50 14.85
N PRO B 932 -12.33 33.31 15.21
CA PRO B 932 -12.10 34.75 15.36
C PRO B 932 -11.21 35.04 16.56
N THR B 933 -10.63 36.25 16.54
CA THR B 933 -9.72 36.65 17.62
C THR B 933 -10.48 36.85 18.93
N ILE B 934 -11.73 37.29 18.87
CA ILE B 934 -12.49 37.55 20.08
C ILE B 934 -12.95 36.27 20.76
N ASP B 935 -13.01 35.15 20.02
CA ASP B 935 -13.33 33.85 20.59
C ASP B 935 -12.08 33.02 20.86
N MET B 936 -10.89 33.60 20.68
CA MET B 936 -9.55 33.09 20.89
C MET B 936 -9.04 33.51 22.27
N PRO B 937 -8.39 32.60 23.00
CA PRO B 937 -7.86 32.97 24.32
C PRO B 937 -6.80 34.06 24.20
N PHE B 938 -6.90 35.05 25.08
CA PHE B 938 -5.99 36.20 25.08
C PHE B 938 -5.09 36.14 26.30
N SER B 939 -3.84 36.57 26.13
CA SER B 939 -2.85 36.54 27.20
C SER B 939 -3.06 37.72 28.14
N GLU B 940 -2.19 37.80 29.15
CA GLU B 940 -2.28 38.91 30.11
C GLU B 940 -1.88 40.23 29.47
N THR B 941 -0.90 40.20 28.56
CA THR B 941 -0.58 41.41 27.79
C THR B 941 -1.77 41.81 26.93
N GLY B 942 -2.40 40.85 26.26
CA GLY B 942 -3.53 41.13 25.41
C GLY B 942 -3.41 40.46 24.05
N ILE B 943 -2.26 39.82 23.81
CA ILE B 943 -2.06 39.12 22.54
C ILE B 943 -2.91 37.86 22.51
N GLN B 944 -3.27 37.45 21.30
CA GLN B 944 -4.01 36.20 21.09
C GLN B 944 -3.17 35.29 20.21
N PRO B 945 -2.71 34.15 20.71
CA PRO B 945 -1.91 33.23 19.87
C PRO B 945 -2.70 32.83 18.64
N ASP B 946 -2.18 33.22 17.47
CA ASP B 946 -2.87 32.95 16.22
C ASP B 946 -2.94 31.46 15.90
N ILE B 947 -2.04 30.66 16.45
CA ILE B 947 -2.00 29.22 16.20
C ILE B 947 -2.02 28.49 17.54
N ILE B 948 -2.82 27.43 17.61
CA ILE B 948 -2.86 26.54 18.77
C ILE B 948 -2.76 25.11 18.27
N ILE B 949 -1.74 24.40 18.73
CA ILE B 949 -1.52 23.00 18.37
C ILE B 949 -1.98 22.13 19.53
N ASN B 950 -2.38 20.90 19.21
CA ASN B 950 -2.90 19.99 20.23
C ASN B 950 -1.80 19.56 21.18
N PRO B 951 -1.99 19.71 22.49
CA PRO B 951 -1.00 19.20 23.45
C PRO B 951 -1.06 17.70 23.67
N HIS B 952 -2.02 17.02 23.03
CA HIS B 952 -2.17 15.58 23.21
C HIS B 952 -1.38 14.76 22.20
N ALA B 953 -0.83 15.39 21.16
CA ALA B 953 -0.02 14.70 20.18
C ALA B 953 1.43 14.52 20.61
N PHE B 954 1.84 15.17 21.69
CA PHE B 954 3.22 15.10 22.16
C PHE B 954 3.56 13.78 22.84
N PRO B 955 2.68 13.17 23.65
CA PRO B 955 3.00 11.86 24.20
C PRO B 955 3.13 10.77 23.14
N SER B 956 2.60 10.98 21.94
CA SER B 956 2.71 10.03 20.85
C SER B 956 3.75 10.41 19.81
N ARG B 957 3.68 11.65 19.30
CA ARG B 957 4.68 12.09 18.34
C ARG B 957 6.05 12.23 18.97
N MET B 958 6.10 12.47 20.29
CA MET B 958 7.35 12.59 21.04
C MET B 958 8.22 13.71 20.46
N THR B 959 7.59 14.83 20.12
CA THR B 959 8.28 15.98 19.54
C THR B 959 8.53 16.99 20.65
N ILE B 960 9.61 16.76 21.41
CA ILE B 960 10.02 17.71 22.44
C ILE B 960 10.71 18.92 21.84
N GLY B 961 11.17 18.83 20.59
CA GLY B 961 11.85 19.96 19.98
C GLY B 961 10.99 21.19 19.87
N MET B 962 9.69 21.03 19.64
CA MET B 962 8.79 22.16 19.57
C MET B 962 8.47 22.75 20.93
N PHE B 963 8.98 22.15 22.01
CA PHE B 963 8.88 22.73 23.35
C PHE B 963 10.15 23.50 23.72
N VAL B 964 11.32 22.91 23.52
CA VAL B 964 12.57 23.58 23.87
C VAL B 964 12.84 24.72 22.90
N GLU B 965 12.56 24.52 21.61
CA GLU B 965 12.70 25.60 20.64
C GLU B 965 11.67 26.70 20.89
N SER B 966 10.52 26.36 21.46
CA SER B 966 9.54 27.38 21.81
C SER B 966 10.02 28.23 22.97
N LEU B 967 10.83 27.68 23.87
CA LEU B 967 11.50 28.49 24.88
C LEU B 967 12.52 29.42 24.24
N ALA B 968 13.37 28.87 23.36
CA ALA B 968 14.39 29.68 22.71
C ALA B 968 13.79 30.71 21.77
N GLY B 969 12.63 30.41 21.20
CA GLY B 969 11.98 31.38 20.31
C GLY B 969 11.52 32.61 21.06
N LYS B 970 10.79 32.42 22.15
CA LYS B 970 10.33 33.55 22.94
C LYS B 970 11.48 34.27 23.63
N ALA B 971 12.44 33.49 24.15
CA ALA B 971 13.62 34.11 24.77
C ALA B 971 14.44 34.89 23.76
N GLY B 972 14.37 34.51 22.49
CA GLY B 972 15.08 35.25 21.45
C GLY B 972 14.33 36.49 20.98
N ALA B 973 13.00 36.42 20.95
CA ALA B 973 12.21 37.57 20.51
C ALA B 973 12.16 38.67 21.55
N LEU B 974 12.30 38.33 22.84
CA LEU B 974 12.25 39.35 23.89
C LEU B 974 13.50 40.21 23.87
N HIS B 975 14.68 39.60 23.78
CA HIS B 975 15.95 40.32 23.85
C HIS B 975 16.58 40.56 22.49
N GLY B 976 15.98 40.05 21.42
CA GLY B 976 16.51 40.29 20.09
C GLY B 976 17.60 39.31 19.67
N ILE B 977 18.42 38.89 20.63
CA ILE B 977 19.52 37.97 20.32
C ILE B 977 18.95 36.62 19.89
N ALA B 978 19.54 36.06 18.84
CA ALA B 978 19.10 34.77 18.31
C ALA B 978 20.00 33.66 18.84
N GLN B 979 19.38 32.61 19.36
CA GLN B 979 20.10 31.46 19.88
C GLN B 979 20.23 30.39 18.79
N ASP B 980 21.47 30.02 18.48
CA ASP B 980 21.69 28.99 17.46
C ASP B 980 21.27 27.62 17.99
N SER B 981 20.59 26.85 17.13
CA SER B 981 20.15 25.53 17.54
C SER B 981 21.32 24.57 17.67
N THR B 982 22.01 24.29 16.54
CA THR B 982 23.25 23.53 16.42
C THR B 982 23.27 22.35 17.40
N PRO B 983 22.49 21.31 17.14
CA PRO B 983 22.35 20.22 18.12
C PRO B 983 23.69 19.58 18.49
N TRP B 984 23.65 18.84 19.60
CA TRP B 984 24.82 18.16 20.16
C TRP B 984 25.86 19.18 20.66
N ILE B 985 25.37 20.18 21.38
CA ILE B 985 26.24 21.13 22.07
C ILE B 985 25.96 21.20 23.57
N PHE B 986 24.78 20.79 24.02
CA PHE B 986 24.41 20.82 25.43
C PHE B 986 24.64 19.45 26.06
N ASN B 987 24.27 19.34 27.33
CA ASN B 987 24.39 18.09 28.06
C ASN B 987 23.38 18.09 29.20
N GLU B 988 23.32 16.96 29.91
CA GLU B 988 22.41 16.85 31.05
C GLU B 988 22.76 17.82 32.17
N ASP B 989 24.03 18.27 32.24
CA ASP B 989 24.41 19.22 33.28
C ASP B 989 23.81 20.60 33.02
N ASP B 990 23.68 20.99 31.76
CA ASP B 990 23.12 22.28 31.38
C ASP B 990 21.92 22.04 30.48
N THR B 991 20.75 21.96 31.08
CA THR B 991 19.52 21.73 30.33
C THR B 991 19.15 22.98 29.54
N PRO B 992 18.82 22.85 28.24
CA PRO B 992 18.40 24.04 27.48
C PRO B 992 17.16 24.69 28.04
N ALA B 993 16.24 23.92 28.64
CA ALA B 993 15.09 24.52 29.30
C ALA B 993 15.50 25.39 30.47
N ASP B 994 16.64 25.10 31.09
CA ASP B 994 17.13 25.92 32.18
C ASP B 994 17.83 27.18 31.65
N TYR B 995 18.67 27.01 30.61
CA TYR B 995 19.37 28.16 30.04
C TYR B 995 18.40 29.13 29.37
N PHE B 996 17.38 28.59 28.69
CA PHE B 996 16.35 29.44 28.10
C PHE B 996 15.35 29.93 29.13
N GLY B 997 15.26 29.26 30.28
CA GLY B 997 14.37 29.67 31.35
C GLY B 997 14.88 30.86 32.13
N GLU B 998 16.18 30.89 32.42
CA GLU B 998 16.74 32.00 33.18
C GLU B 998 16.65 33.31 32.42
N GLN B 999 16.69 33.26 31.09
CA GLN B 999 16.52 34.48 30.30
C GLN B 999 15.10 35.03 30.45
N LEU B 1000 14.11 34.13 30.50
CA LEU B 1000 12.73 34.58 30.71
C LEU B 1000 12.52 35.06 32.15
N ALA B 1001 13.24 34.49 33.11
CA ALA B 1001 13.09 34.91 34.50
C ALA B 1001 13.58 36.34 34.69
N LYS B 1002 14.72 36.68 34.09
CA LYS B 1002 15.24 38.04 34.18
C LYS B 1002 14.58 38.99 33.18
N ALA B 1003 13.80 38.47 32.23
CA ALA B 1003 13.05 39.31 31.31
C ALA B 1003 11.65 39.65 31.82
N GLY B 1004 11.18 38.95 32.86
CA GLY B 1004 9.86 39.20 33.40
C GLY B 1004 8.99 37.97 33.45
N TYR B 1005 9.15 37.07 32.47
CA TYR B 1005 8.38 35.85 32.43
C TYR B 1005 8.82 34.91 33.56
N ASN B 1006 8.13 33.77 33.66
CA ASN B 1006 8.47 32.79 34.67
C ASN B 1006 9.63 31.92 34.19
N TYR B 1007 10.16 31.12 35.12
CA TYR B 1007 11.27 30.24 34.80
C TYR B 1007 10.84 29.03 33.97
N HIS B 1008 9.54 28.74 33.95
CA HIS B 1008 9.02 27.58 33.22
C HIS B 1008 8.46 27.94 31.85
N GLY B 1009 8.50 29.22 31.47
CA GLY B 1009 7.99 29.62 30.17
C GLY B 1009 6.49 29.52 30.01
N ASN B 1010 5.75 29.55 31.10
CA ASN B 1010 4.29 29.41 31.07
C ASN B 1010 3.64 30.75 31.37
N GLU B 1011 2.88 31.27 30.41
CA GLU B 1011 2.24 32.57 30.55
C GLU B 1011 0.76 32.38 30.88
N PRO B 1012 0.27 32.89 32.00
CA PRO B 1012 -1.17 32.77 32.29
C PRO B 1012 -2.00 33.57 31.29
N MET B 1013 -3.12 32.97 30.87
CA MET B 1013 -4.00 33.56 29.88
C MET B 1013 -5.45 33.43 30.34
N TYR B 1014 -6.37 33.89 29.51
CA TYR B 1014 -7.79 33.88 29.81
C TYR B 1014 -8.57 33.36 28.62
N SER B 1015 -9.70 32.70 28.90
CA SER B 1015 -10.55 32.16 27.86
C SER B 1015 -11.34 33.28 27.18
N GLY B 1016 -11.41 33.23 25.85
CA GLY B 1016 -12.12 34.27 25.12
C GLY B 1016 -13.63 34.14 25.14
N ALA B 1017 -14.13 32.91 25.27
CA ALA B 1017 -15.58 32.70 25.22
C ALA B 1017 -16.24 33.05 26.56
N THR B 1018 -15.82 32.37 27.64
CA THR B 1018 -16.44 32.60 28.93
C THR B 1018 -15.86 33.84 29.61
N GLY B 1019 -14.55 34.03 29.55
CA GLY B 1019 -13.93 35.20 30.14
C GLY B 1019 -13.48 34.99 31.57
N GLU B 1020 -12.85 33.84 31.84
CA GLU B 1020 -12.37 33.51 33.17
C GLU B 1020 -10.90 33.13 33.09
N GLU B 1021 -10.27 33.04 34.26
CA GLU B 1021 -8.88 32.63 34.35
C GLU B 1021 -8.79 31.11 34.31
N LEU B 1022 -7.87 30.59 33.49
CA LEU B 1022 -7.69 29.16 33.39
C LEU B 1022 -7.15 28.59 34.69
N ARG B 1023 -7.13 27.25 34.77
CA ARG B 1023 -6.75 26.58 36.01
C ARG B 1023 -5.32 26.90 36.39
N ALA B 1024 -4.37 26.51 35.54
CA ALA B 1024 -2.95 26.68 35.83
C ALA B 1024 -2.28 27.43 34.69
N ASP B 1025 -1.00 27.73 34.89
CA ASP B 1025 -0.21 28.43 33.88
C ASP B 1025 -0.09 27.56 32.63
N ILE B 1026 -0.35 28.17 31.48
CA ILE B 1026 -0.35 27.44 30.21
C ILE B 1026 0.88 27.83 29.41
N TYR B 1027 1.22 26.99 28.44
CA TYR B 1027 2.48 27.08 27.71
C TYR B 1027 2.27 27.79 26.39
N VAL B 1028 3.11 28.80 26.12
CA VAL B 1028 3.06 29.59 24.90
C VAL B 1028 4.47 29.68 24.32
N GLY B 1029 4.57 30.34 23.18
CA GLY B 1029 5.86 30.53 22.52
C GLY B 1029 5.69 30.58 21.01
N VAL B 1030 6.76 31.00 20.35
CA VAL B 1030 6.79 31.10 18.89
C VAL B 1030 7.61 29.93 18.35
N VAL B 1031 7.25 29.47 17.15
CA VAL B 1031 7.94 28.39 16.48
C VAL B 1031 7.94 28.65 14.98
N TYR B 1032 8.98 28.18 14.31
CA TYR B 1032 9.10 28.36 12.87
C TYR B 1032 8.15 27.41 12.15
N TYR B 1033 7.18 27.97 11.42
CA TYR B 1033 6.23 27.20 10.64
C TYR B 1033 6.68 27.09 9.20
N GLN B 1034 5.99 26.23 8.45
CA GLN B 1034 6.39 25.90 7.08
C GLN B 1034 5.16 25.47 6.31
N ARG B 1035 4.73 26.29 5.35
CA ARG B 1035 3.58 25.99 4.53
C ARG B 1035 4.00 25.14 3.33
N LEU B 1036 3.22 24.11 3.04
CA LEU B 1036 3.58 23.12 2.04
C LEU B 1036 2.85 23.35 0.72
N ARG B 1037 3.05 22.44 -0.21
CA ARG B 1037 2.43 22.45 -1.54
C ARG B 1037 1.16 21.62 -1.60
N HIS B 1038 0.67 21.15 -0.46
CA HIS B 1038 -0.39 20.13 -0.45
C HIS B 1038 -1.75 20.78 -0.74
N MET B 1039 -2.81 20.01 -0.52
CA MET B 1039 -4.12 20.33 -1.05
C MET B 1039 -4.67 21.62 -0.45
N VAL B 1040 -4.86 22.63 -1.30
CA VAL B 1040 -5.75 23.75 -1.03
C VAL B 1040 -7.05 23.60 -1.79
N ASN B 1041 -6.95 23.44 -3.11
CA ASN B 1041 -8.04 22.99 -3.96
C ASN B 1041 -7.53 21.93 -4.93
N ASP B 1042 -6.61 21.08 -4.44
CA ASP B 1042 -5.87 20.18 -5.32
C ASP B 1042 -6.50 18.80 -5.46
N LYS B 1043 -7.40 18.40 -4.55
CA LYS B 1043 -8.13 17.15 -4.71
C LYS B 1043 -9.52 17.39 -5.29
N PHE B 1044 -10.36 18.12 -4.56
CA PHE B 1044 -11.62 18.71 -5.05
C PHE B 1044 -12.33 17.80 -6.05
N GLN B 1045 -12.61 16.58 -5.62
CA GLN B 1045 -13.22 15.57 -6.47
C GLN B 1045 -14.72 15.50 -6.21
N VAL B 1046 -15.51 15.61 -7.27
CA VAL B 1046 -16.97 15.45 -7.21
C VAL B 1046 -17.48 15.24 -8.63
N ARG B 1047 -18.49 14.40 -8.79
CA ARG B 1047 -18.99 14.08 -10.11
C ARG B 1047 -20.39 13.50 -10.01
N SER B 1048 -21.31 14.00 -10.84
CA SER B 1048 -22.65 13.48 -10.94
C SER B 1048 -22.96 12.91 -12.32
N THR B 1049 -22.70 13.67 -13.38
CA THR B 1049 -22.89 13.22 -14.76
C THR B 1049 -21.70 13.72 -15.57
N GLY B 1050 -20.73 12.84 -15.81
CA GLY B 1050 -19.54 13.20 -16.55
C GLY B 1050 -19.40 12.45 -17.85
N PRO B 1051 -18.20 12.46 -18.42
CA PRO B 1051 -17.97 11.74 -19.68
C PRO B 1051 -17.85 10.25 -19.46
N VAL B 1052 -18.28 9.50 -20.47
CA VAL B 1052 -18.26 8.04 -20.43
C VAL B 1052 -17.21 7.52 -21.40
N ASN B 1053 -16.77 6.28 -21.14
CA ASN B 1053 -15.80 5.64 -22.01
C ASN B 1053 -16.47 5.20 -23.32
N SER B 1054 -15.64 4.87 -24.30
CA SER B 1054 -16.13 4.49 -25.62
C SER B 1054 -16.39 2.99 -25.73
N LEU B 1055 -15.37 2.18 -25.47
CA LEU B 1055 -15.49 0.73 -25.59
C LEU B 1055 -15.99 0.06 -24.31
N THR B 1056 -16.20 0.83 -23.25
CA THR B 1056 -16.71 0.28 -21.99
C THR B 1056 -17.92 1.01 -21.44
N MET B 1057 -18.15 2.27 -21.82
CA MET B 1057 -19.26 3.08 -21.32
C MET B 1057 -19.18 3.21 -19.79
N GLN B 1058 -18.02 3.69 -19.33
CA GLN B 1058 -17.76 3.91 -17.92
C GLN B 1058 -17.09 5.26 -17.75
N PRO B 1059 -17.13 5.83 -16.54
CA PRO B 1059 -16.40 7.09 -16.30
C PRO B 1059 -14.92 6.95 -16.59
N VAL B 1060 -14.32 8.08 -16.93
CA VAL B 1060 -12.90 8.14 -17.32
C VAL B 1060 -12.05 8.35 -16.08
N LYS B 1061 -10.80 7.88 -16.14
CA LYS B 1061 -9.87 8.05 -15.04
C LYS B 1061 -9.31 9.47 -15.02
N GLY B 1062 -9.10 10.00 -13.82
CA GLY B 1062 -8.58 11.34 -13.67
C GLY B 1062 -9.67 12.39 -13.68
N ARG B 1063 -9.65 13.30 -12.71
CA ARG B 1063 -10.69 14.30 -12.54
C ARG B 1063 -10.44 15.56 -13.39
N LYS B 1064 -9.63 15.45 -14.45
CA LYS B 1064 -9.07 16.83 -14.94
C LYS B 1064 -10.03 16.46 -16.06
N ARG B 1065 -10.13 15.20 -16.40
CA ARG B 1065 -11.04 14.85 -17.45
C ARG B 1065 -12.39 14.80 -16.78
N HIS B 1066 -12.48 15.29 -15.53
CA HIS B 1066 -13.77 15.12 -14.87
C HIS B 1066 -14.12 13.65 -14.59
N GLY B 1067 -13.22 12.99 -13.86
CA GLY B 1067 -13.38 11.58 -13.57
C GLY B 1067 -14.14 11.31 -12.27
N GLY B 1068 -14.45 10.02 -12.07
CA GLY B 1068 -15.18 9.59 -10.90
C GLY B 1068 -14.35 8.65 -10.03
N ILE B 1069 -14.83 8.43 -8.81
CA ILE B 1069 -14.15 7.55 -7.87
C ILE B 1069 -14.31 6.12 -8.31
N ARG B 1070 -13.24 5.34 -8.19
CA ARG B 1070 -13.25 3.92 -8.54
C ARG B 1070 -13.28 3.07 -7.27
N VAL B 1071 -14.22 2.13 -7.22
CA VAL B 1071 -14.28 1.18 -6.11
C VAL B 1071 -13.32 0.04 -6.39
N GLY B 1072 -12.76 -0.54 -5.32
CA GLY B 1072 -11.83 -1.64 -5.43
C GLY B 1072 -12.43 -2.95 -4.95
N GLU B 1073 -11.65 -4.02 -5.13
CA GLU B 1073 -12.08 -5.33 -4.66
C GLU B 1073 -12.19 -5.35 -3.14
N MET B 1074 -11.43 -4.49 -2.45
CA MET B 1074 -11.55 -4.39 -1.00
C MET B 1074 -12.87 -3.75 -0.58
N GLU B 1075 -13.50 -2.96 -1.46
CA GLU B 1075 -14.78 -2.36 -1.17
C GLU B 1075 -15.95 -3.22 -1.65
N ARG B 1076 -15.73 -4.04 -2.67
CA ARG B 1076 -16.79 -4.91 -3.18
C ARG B 1076 -17.30 -5.85 -2.09
N ASP B 1077 -16.38 -6.45 -1.32
CA ASP B 1077 -16.80 -7.32 -0.22
C ASP B 1077 -17.13 -6.52 1.03
N ALA B 1078 -16.53 -5.34 1.20
CA ALA B 1078 -16.85 -4.51 2.36
C ALA B 1078 -18.29 -4.01 2.32
N LEU B 1079 -18.83 -3.79 1.13
CA LEU B 1079 -20.21 -3.35 1.00
C LEU B 1079 -21.20 -4.49 1.20
N ILE B 1080 -20.83 -5.70 0.79
CA ILE B 1080 -21.69 -6.87 1.00
C ILE B 1080 -21.53 -7.47 2.39
N GLY B 1081 -20.47 -7.08 3.11
CA GLY B 1081 -20.31 -7.55 4.47
C GLY B 1081 -21.47 -7.17 5.38
N HIS B 1082 -22.06 -5.99 5.15
CA HIS B 1082 -23.25 -5.59 5.87
C HIS B 1082 -24.47 -6.41 5.48
N GLY B 1083 -24.38 -7.22 4.43
CA GLY B 1083 -25.50 -7.99 3.95
C GLY B 1083 -26.40 -7.27 2.97
N THR B 1084 -26.21 -5.97 2.79
CA THR B 1084 -27.04 -5.20 1.85
C THR B 1084 -26.61 -5.53 0.42
N SER B 1085 -27.53 -6.09 -0.36
CA SER B 1085 -27.28 -6.42 -1.75
C SER B 1085 -27.70 -5.33 -2.72
N PHE B 1086 -28.70 -4.52 -2.36
CA PHE B 1086 -29.15 -3.45 -3.24
C PHE B 1086 -28.09 -2.38 -3.42
N LEU B 1087 -27.19 -2.22 -2.45
CA LEU B 1087 -26.13 -1.23 -2.59
C LEU B 1087 -25.01 -1.73 -3.49
N LEU B 1088 -24.83 -3.04 -3.56
CA LEU B 1088 -23.78 -3.59 -4.42
C LEU B 1088 -24.25 -3.68 -5.87
N GLN B 1089 -25.50 -4.07 -6.08
CA GLN B 1089 -25.99 -4.28 -7.44
C GLN B 1089 -26.45 -2.98 -8.09
N ASP B 1090 -26.95 -2.03 -7.30
CA ASP B 1090 -27.42 -0.76 -7.85
C ASP B 1090 -26.33 0.29 -7.95
N ARG B 1091 -25.15 0.04 -7.40
CA ARG B 1091 -24.03 0.98 -7.50
C ARG B 1091 -22.97 0.55 -8.50
N LEU B 1092 -22.55 -0.72 -8.47
CA LEU B 1092 -21.54 -1.19 -9.39
C LEU B 1092 -22.10 -1.52 -10.78
N LEU B 1093 -23.41 -1.66 -10.91
CA LEU B 1093 -24.04 -1.96 -12.19
C LEU B 1093 -24.99 -0.88 -12.65
N ASN B 1094 -25.92 -0.45 -11.80
CA ASN B 1094 -26.97 0.48 -12.18
C ASN B 1094 -26.52 1.94 -12.21
N SER B 1095 -25.21 2.20 -12.11
CA SER B 1095 -24.69 3.56 -12.16
C SER B 1095 -23.96 3.86 -13.47
N SER B 1096 -23.08 2.96 -13.91
CA SER B 1096 -22.30 3.16 -15.12
C SER B 1096 -22.59 2.13 -16.19
N ASP B 1097 -22.56 0.85 -15.84
CA ASP B 1097 -22.69 -0.22 -16.82
C ASP B 1097 -24.12 -0.52 -17.23
N TYR B 1098 -25.11 0.10 -16.57
CA TYR B 1098 -26.51 -0.23 -16.81
C TYR B 1098 -26.91 0.19 -18.22
N THR B 1099 -27.11 -0.78 -19.10
CA THR B 1099 -27.66 -0.54 -20.43
C THR B 1099 -28.62 -1.67 -20.77
N GLN B 1100 -29.77 -1.30 -21.33
CA GLN B 1100 -30.81 -2.27 -21.68
C GLN B 1100 -30.59 -2.72 -23.12
N ALA B 1101 -29.79 -3.78 -23.28
CA ALA B 1101 -29.50 -4.32 -24.60
C ALA B 1101 -30.62 -5.25 -25.03
N SER B 1102 -30.45 -5.91 -26.17
CA SER B 1102 -31.44 -6.82 -26.73
C SER B 1102 -30.82 -8.21 -26.81
N VAL B 1103 -31.46 -9.18 -26.16
CA VAL B 1103 -30.97 -10.56 -26.10
C VAL B 1103 -31.92 -11.44 -26.89
N CYS B 1104 -31.35 -12.27 -27.77
CA CYS B 1104 -32.13 -13.24 -28.52
C CYS B 1104 -32.54 -14.41 -27.63
N ARG B 1105 -33.65 -15.05 -27.99
CA ARG B 1105 -34.20 -16.14 -27.17
C ARG B 1105 -33.67 -17.50 -27.61
N GLU B 1106 -33.85 -17.86 -28.88
CA GLU B 1106 -33.46 -19.19 -29.33
C GLU B 1106 -31.95 -19.33 -29.50
N CYS B 1107 -31.25 -18.25 -29.85
CA CYS B 1107 -29.80 -18.29 -29.95
C CYS B 1107 -29.12 -17.90 -28.65
N GLY B 1108 -29.67 -16.93 -27.93
CA GLY B 1108 -29.16 -16.55 -26.64
C GLY B 1108 -27.92 -15.67 -26.65
N SER B 1109 -27.72 -14.88 -27.70
CA SER B 1109 -26.59 -13.98 -27.79
C SER B 1109 -27.08 -12.55 -27.97
N ILE B 1110 -26.20 -11.60 -27.67
CA ILE B 1110 -26.55 -10.19 -27.65
C ILE B 1110 -25.97 -9.44 -28.84
N LEU B 1111 -24.73 -9.76 -29.23
CA LEU B 1111 -24.07 -8.99 -30.27
C LEU B 1111 -24.66 -9.22 -31.64
N THR B 1112 -25.24 -10.39 -31.89
CA THR B 1112 -25.66 -10.74 -33.24
C THR B 1112 -26.94 -10.03 -33.66
N THR B 1113 -27.81 -9.68 -32.72
CA THR B 1113 -29.05 -9.02 -33.09
C THR B 1113 -28.80 -7.58 -33.49
N GLN B 1114 -29.67 -7.05 -34.34
CA GLN B 1114 -29.50 -5.71 -34.89
C GLN B 1114 -30.87 -5.21 -35.35
N GLN B 1115 -30.89 -3.98 -35.85
CA GLN B 1115 -32.10 -3.33 -36.34
C GLN B 1115 -31.97 -3.13 -37.84
N SER B 1116 -32.84 -3.77 -38.61
CA SER B 1116 -32.80 -3.66 -40.05
C SER B 1116 -33.26 -2.27 -40.50
N VAL B 1117 -33.05 -1.98 -41.77
CA VAL B 1117 -33.48 -0.72 -42.37
C VAL B 1117 -34.93 -0.89 -42.83
N PRO B 1118 -35.90 -0.25 -42.18
CA PRO B 1118 -37.30 -0.43 -42.56
C PRO B 1118 -37.68 0.48 -43.71
N ARG B 1119 -38.96 0.44 -44.06
CA ARG B 1119 -39.49 1.25 -45.16
C ARG B 1119 -39.80 2.66 -44.65
N ILE B 1120 -40.48 3.46 -45.47
CA ILE B 1120 -40.83 4.81 -45.05
C ILE B 1120 -42.02 4.80 -44.11
N GLY B 1121 -42.91 3.83 -44.25
CA GLY B 1121 -44.05 3.72 -43.35
C GLY B 1121 -43.76 2.83 -42.16
N SER B 1122 -43.10 1.71 -42.41
CA SER B 1122 -42.74 0.78 -41.34
C SER B 1122 -41.54 1.30 -40.57
N ILE B 1123 -41.61 1.25 -39.24
CA ILE B 1123 -40.53 1.63 -38.36
C ILE B 1123 -40.46 0.61 -37.23
N SER B 1124 -39.46 0.76 -36.35
CA SER B 1124 -39.30 -0.07 -35.16
C SER B 1124 -39.15 -1.55 -35.52
N THR B 1125 -38.06 -1.86 -36.21
CA THR B 1125 -37.72 -3.22 -36.59
C THR B 1125 -36.46 -3.66 -35.86
N VAL B 1126 -36.48 -4.88 -35.34
CA VAL B 1126 -35.35 -5.45 -34.63
C VAL B 1126 -35.49 -6.97 -34.65
N CYS B 1127 -34.37 -7.66 -34.86
CA CYS B 1127 -34.38 -9.11 -34.98
C CYS B 1127 -32.97 -9.64 -34.78
N CYS B 1128 -32.88 -10.97 -34.68
CA CYS B 1128 -31.61 -11.68 -34.53
C CYS B 1128 -31.25 -12.29 -35.88
N ARG B 1129 -30.17 -11.80 -36.49
CA ARG B 1129 -29.79 -12.22 -37.82
C ARG B 1129 -28.91 -13.47 -37.86
N ARG B 1130 -28.60 -14.05 -36.70
CA ARG B 1130 -27.83 -15.30 -36.68
C ARG B 1130 -28.71 -16.49 -37.02
N CYS B 1131 -29.82 -16.65 -36.29
CA CYS B 1131 -30.73 -17.76 -36.54
C CYS B 1131 -31.50 -17.58 -37.85
N SER B 1132 -31.49 -16.38 -38.41
CA SER B 1132 -32.18 -16.13 -39.66
C SER B 1132 -31.41 -16.73 -40.84
N MET B 1133 -32.08 -16.82 -41.98
CA MET B 1133 -31.49 -17.37 -43.19
C MET B 1133 -31.93 -16.52 -44.37
N ARG B 1134 -31.15 -16.60 -45.45
CA ARG B 1134 -31.49 -15.86 -46.67
C ARG B 1134 -32.85 -16.30 -47.20
N PHE B 1135 -33.59 -15.33 -47.76
CA PHE B 1135 -34.94 -15.62 -48.23
C PHE B 1135 -34.93 -16.54 -49.43
N GLU B 1136 -34.00 -16.33 -50.37
CA GLU B 1136 -33.96 -17.16 -51.57
C GLU B 1136 -33.54 -18.59 -51.25
N ASP B 1137 -32.79 -18.79 -50.16
CA ASP B 1137 -32.38 -20.14 -49.77
C ASP B 1137 -33.48 -20.89 -49.03
N ALA B 1138 -34.42 -20.19 -48.40
CA ALA B 1138 -35.52 -20.82 -47.67
C ALA B 1138 -36.74 -20.88 -48.59
N LYS B 1139 -37.04 -22.07 -49.11
CA LYS B 1139 -38.17 -22.26 -49.99
C LYS B 1139 -38.75 -23.65 -49.76
N LYS B 1140 -39.99 -23.82 -50.19
CA LYS B 1140 -40.68 -25.11 -50.05
C LYS B 1140 -41.02 -25.70 -51.41
N GLY B 1148 -49.07 -30.21 -48.58
CA GLY B 1148 -47.79 -29.51 -48.51
C GLY B 1148 -47.54 -28.59 -49.68
N GLU B 1149 -48.45 -27.64 -49.88
CA GLU B 1149 -48.33 -26.67 -50.97
C GLU B 1149 -47.29 -25.62 -50.63
N LYS B 1150 -47.12 -24.66 -51.54
CA LYS B 1150 -46.16 -23.59 -51.33
C LYS B 1150 -46.63 -22.69 -50.18
N ILE B 1151 -45.77 -22.52 -49.18
CA ILE B 1151 -46.10 -21.72 -48.01
C ILE B 1151 -45.79 -20.26 -48.28
N PHE B 1152 -46.53 -19.38 -47.61
CA PHE B 1152 -46.35 -17.94 -47.76
C PHE B 1152 -46.37 -17.29 -46.39
N ILE B 1153 -45.56 -16.26 -46.21
CA ILE B 1153 -45.44 -15.57 -44.94
C ILE B 1153 -46.12 -14.21 -45.02
N ASP B 1154 -46.44 -13.65 -43.86
CA ASP B 1154 -47.18 -12.40 -43.71
C ASP B 1154 -46.36 -11.16 -44.03
N ASP B 1155 -45.15 -11.33 -44.59
CA ASP B 1155 -44.25 -10.26 -45.02
C ASP B 1155 -43.84 -9.33 -43.88
N SER B 1156 -44.28 -9.64 -42.66
CA SER B 1156 -43.74 -8.98 -41.47
C SER B 1156 -42.49 -9.68 -40.95
N GLN B 1157 -42.39 -10.98 -41.19
CA GLN B 1157 -41.16 -11.71 -40.88
C GLN B 1157 -40.00 -11.21 -41.72
N ILE B 1158 -40.26 -10.78 -42.95
CA ILE B 1158 -39.20 -10.36 -43.87
C ILE B 1158 -38.53 -9.10 -43.34
N TRP B 1159 -37.20 -9.09 -43.34
CA TRP B 1159 -36.43 -7.91 -43.02
C TRP B 1159 -35.21 -7.87 -43.93
N GLU B 1160 -34.68 -6.66 -44.13
CA GLU B 1160 -33.62 -6.43 -45.09
C GLU B 1160 -32.53 -5.57 -44.48
N ASP B 1161 -31.28 -5.92 -44.77
CA ASP B 1161 -30.14 -5.15 -44.30
C ASP B 1161 -29.87 -3.96 -45.22
N GLY B 1162 -28.98 -3.07 -44.76
CA GLY B 1162 -28.60 -1.93 -45.58
C GLY B 1162 -27.95 -2.32 -46.89
N GLN B 1163 -27.30 -3.49 -46.93
CA GLN B 1163 -26.69 -3.96 -48.16
C GLN B 1163 -27.71 -4.38 -49.21
N GLY B 1164 -28.98 -4.56 -48.80
CA GLY B 1164 -30.02 -4.96 -49.71
C GLY B 1164 -30.40 -6.42 -49.65
N ASN B 1165 -29.65 -7.24 -48.91
CA ASN B 1165 -29.92 -8.67 -48.86
C ASN B 1165 -31.20 -8.95 -48.09
N LYS B 1166 -31.95 -9.93 -48.56
CA LYS B 1166 -33.24 -10.29 -47.98
C LYS B 1166 -33.06 -11.50 -47.06
N PHE B 1167 -33.72 -11.45 -45.90
CA PHE B 1167 -33.60 -12.49 -44.88
C PHE B 1167 -34.97 -12.89 -44.36
N VAL B 1168 -34.99 -13.98 -43.60
CA VAL B 1168 -36.21 -14.51 -42.99
C VAL B 1168 -35.83 -15.30 -41.75
N GLY B 1169 -36.52 -15.04 -40.65
CA GLY B 1169 -36.33 -15.78 -39.41
C GLY B 1169 -35.65 -14.94 -38.34
N GLY B 1170 -35.33 -15.61 -37.24
CA GLY B 1170 -34.64 -14.99 -36.11
C GLY B 1170 -35.34 -13.77 -35.54
N ASN B 1171 -36.54 -13.96 -34.98
CA ASN B 1171 -37.34 -12.85 -34.46
C ASN B 1171 -37.40 -12.79 -32.95
N GLU B 1172 -37.40 -13.93 -32.26
CA GLU B 1172 -37.62 -13.96 -30.81
C GLU B 1172 -36.47 -13.27 -30.09
N THR B 1173 -36.73 -12.09 -29.55
CA THR B 1173 -35.75 -11.34 -28.77
C THR B 1173 -36.50 -10.41 -27.83
N THR B 1174 -35.78 -9.90 -26.84
CA THR B 1174 -36.36 -9.02 -25.84
C THR B 1174 -35.28 -8.09 -25.31
N THR B 1175 -35.69 -7.16 -24.45
CA THR B 1175 -34.79 -6.19 -23.83
C THR B 1175 -34.44 -6.67 -22.43
N VAL B 1176 -33.14 -6.68 -22.11
CA VAL B 1176 -32.64 -7.17 -20.83
C VAL B 1176 -31.61 -6.19 -20.31
N ALA B 1177 -31.72 -5.85 -19.02
CA ALA B 1177 -30.71 -5.03 -18.37
C ALA B 1177 -29.43 -5.83 -18.20
N ILE B 1178 -28.30 -5.26 -18.64
CA ILE B 1178 -27.05 -5.98 -18.69
C ILE B 1178 -25.90 -4.97 -18.69
N PRO B 1179 -24.77 -5.27 -18.03
CA PRO B 1179 -23.59 -4.41 -18.17
C PRO B 1179 -23.06 -4.46 -19.60
N PHE B 1180 -22.63 -3.30 -20.10
CA PHE B 1180 -22.11 -3.23 -21.46
C PHE B 1180 -20.77 -3.95 -21.59
N VAL B 1181 -19.99 -4.00 -20.51
CA VAL B 1181 -18.72 -4.71 -20.55
C VAL B 1181 -18.92 -6.21 -20.69
N LEU B 1182 -20.09 -6.73 -20.29
CA LEU B 1182 -20.39 -8.13 -20.56
C LEU B 1182 -20.62 -8.36 -22.05
N LYS B 1183 -21.23 -7.38 -22.73
CA LYS B 1183 -21.31 -7.44 -24.19
C LYS B 1183 -19.91 -7.38 -24.80
N TYR B 1184 -19.01 -6.61 -24.19
CA TYR B 1184 -17.62 -6.62 -24.62
C TYR B 1184 -16.98 -7.98 -24.41
N LEU B 1185 -17.35 -8.69 -23.34
CA LEU B 1185 -16.90 -10.06 -23.17
C LEU B 1185 -17.45 -10.96 -24.27
N ASP B 1186 -18.72 -10.79 -24.65
CA ASP B 1186 -19.29 -11.60 -25.72
C ASP B 1186 -18.57 -11.37 -27.04
N SER B 1187 -18.13 -10.13 -27.29
CA SER B 1187 -17.44 -9.81 -28.53
C SER B 1187 -15.98 -10.26 -28.49
N GLU B 1188 -15.27 -9.89 -27.42
CA GLU B 1188 -13.85 -10.21 -27.33
C GLU B 1188 -13.63 -11.71 -27.19
N LEU B 1189 -14.46 -12.40 -26.41
CA LEU B 1189 -14.31 -13.85 -26.26
C LEU B 1189 -14.74 -14.59 -27.52
N SER B 1190 -15.65 -14.01 -28.30
CA SER B 1190 -16.01 -14.61 -29.58
C SER B 1190 -14.85 -14.57 -30.56
N ALA B 1191 -13.95 -13.59 -30.42
CA ALA B 1191 -12.76 -13.54 -31.25
C ALA B 1191 -11.81 -14.70 -30.96
N MET B 1192 -11.88 -15.28 -29.76
CA MET B 1192 -11.08 -16.45 -29.44
C MET B 1192 -11.66 -17.74 -30.02
N GLY B 1193 -12.94 -17.74 -30.35
CA GLY B 1193 -13.63 -18.94 -30.79
C GLY B 1193 -14.64 -19.48 -29.80
N ILE B 1194 -14.70 -18.93 -28.60
CA ILE B 1194 -15.62 -19.37 -27.57
C ILE B 1194 -16.95 -18.64 -27.75
N ARG B 1195 -18.04 -19.33 -27.44
CA ARG B 1195 -19.38 -18.78 -27.61
C ARG B 1195 -20.11 -18.80 -26.27
N LEU B 1196 -20.75 -17.68 -25.95
CA LEU B 1196 -21.54 -17.54 -24.72
C LEU B 1196 -23.00 -17.35 -25.10
N ARG B 1197 -23.85 -18.30 -24.71
CA ARG B 1197 -25.28 -18.22 -24.96
C ARG B 1197 -26.02 -18.11 -23.62
N TYR B 1198 -26.95 -17.16 -23.54
CA TYR B 1198 -27.71 -16.91 -22.32
C TYR B 1198 -29.19 -17.13 -22.60
N ASN B 1199 -29.84 -17.95 -21.78
CA ASN B 1199 -31.26 -18.22 -21.91
C ASN B 1199 -32.03 -17.32 -20.94
N VAL B 1200 -32.83 -16.41 -21.48
CA VAL B 1200 -33.60 -15.48 -20.67
C VAL B 1200 -34.84 -16.18 -20.14
N GLU B 1201 -35.51 -15.54 -19.17
CA GLU B 1201 -36.74 -16.08 -18.59
C GLU B 1201 -37.94 -15.22 -19.00
N PRO B 1202 -39.10 -15.82 -19.31
CA PRO B 1202 -39.43 -17.25 -19.32
C PRO B 1202 -38.63 -18.09 -20.32
N LYS B 1203 -38.70 -19.40 -20.18
CA LYS B 1203 -37.89 -20.34 -20.97
C LYS B 1203 -36.41 -20.06 -20.79
N GLU C 30 -29.18 38.26 47.47
CA GLU C 30 -29.97 39.14 46.63
C GLU C 30 -29.09 40.22 46.01
N TRP C 31 -29.44 40.66 44.79
CA TRP C 31 -28.66 41.64 44.07
C TRP C 31 -29.61 42.52 43.25
N ASN C 32 -29.31 43.82 43.20
CA ASN C 32 -30.16 44.77 42.51
C ASN C 32 -29.28 45.86 41.90
N VAL C 33 -29.91 46.74 41.13
CA VAL C 33 -29.17 47.78 40.42
C VAL C 33 -28.55 48.77 41.39
N GLU C 34 -29.23 49.07 42.50
CA GLU C 34 -28.66 49.97 43.49
C GLU C 34 -27.58 49.28 44.32
N LYS C 35 -27.72 47.97 44.54
CA LYS C 35 -26.67 47.24 45.24
C LYS C 35 -25.37 47.23 44.44
N PHE C 36 -25.46 47.33 43.12
CA PHE C 36 -24.28 47.41 42.27
C PHE C 36 -23.83 48.84 42.02
N LYS C 37 -24.76 49.80 42.07
CA LYS C 37 -24.38 51.19 41.84
C LYS C 37 -23.57 51.75 43.00
N LYS C 38 -23.94 51.38 44.23
CA LYS C 38 -23.18 51.75 45.42
C LYS C 38 -21.97 50.85 45.65
N ASP C 39 -21.59 50.07 44.63
CA ASP C 39 -20.52 49.09 44.74
C ASP C 39 -19.51 49.15 43.61
N PHE C 40 -19.85 49.73 42.46
CA PHE C 40 -19.01 49.72 41.28
C PHE C 40 -18.31 51.07 41.13
N GLU C 41 -16.98 51.07 41.18
CA GLU C 41 -16.17 52.25 40.92
C GLU C 41 -15.03 51.86 39.99
N VAL C 42 -14.40 52.87 39.39
CA VAL C 42 -13.30 52.66 38.47
C VAL C 42 -12.19 53.66 38.80
N ASN C 43 -10.94 53.21 38.66
CA ASN C 43 -9.76 54.03 38.88
C ASN C 43 -9.00 54.22 37.56
N ILE C 44 -7.99 55.08 37.60
CA ILE C 44 -7.14 55.37 36.46
C ILE C 44 -5.68 55.26 36.86
N SER C 45 -4.89 54.54 36.07
CA SER C 45 -3.46 54.45 36.26
C SER C 45 -2.68 55.37 35.34
N SER C 46 -3.15 55.59 34.12
CA SER C 46 -2.49 56.46 33.17
C SER C 46 -3.53 57.00 32.18
N LEU C 47 -3.24 58.17 31.62
CA LEU C 47 -4.14 58.83 30.68
C LEU C 47 -3.31 59.34 29.51
N ASP C 48 -3.42 58.66 28.36
CA ASP C 48 -2.68 59.02 27.17
C ASP C 48 -3.64 59.18 25.99
N ALA C 49 -3.19 59.90 24.98
CA ALA C 49 -4.01 60.11 23.79
C ALA C 49 -4.21 58.84 22.99
N ARG C 50 -3.33 57.86 23.13
CA ARG C 50 -3.46 56.57 22.45
C ARG C 50 -3.67 55.42 23.41
N GLU C 51 -2.84 55.30 24.44
CA GLU C 51 -2.96 54.25 25.43
C GLU C 51 -3.89 54.70 26.56
N ALA C 52 -4.35 53.71 27.33
CA ALA C 52 -5.20 53.97 28.48
C ALA C 52 -5.14 52.77 29.40
N ASN C 53 -5.19 53.04 30.71
CA ASN C 53 -5.16 51.98 31.73
C ASN C 53 -6.06 52.43 32.87
N PHE C 54 -7.32 51.98 32.84
CA PHE C 54 -8.30 52.29 33.86
C PHE C 54 -8.82 51.00 34.46
N ASP C 55 -8.86 50.93 35.80
CA ASP C 55 -9.11 49.70 36.52
C ASP C 55 -10.57 49.64 36.96
N LEU C 56 -11.34 48.75 36.33
CA LEU C 56 -12.71 48.50 36.78
C LEU C 56 -12.70 47.74 38.09
N ILE C 57 -13.37 48.29 39.10
CA ILE C 57 -13.39 47.73 40.45
C ILE C 57 -14.78 47.16 40.72
N ASN C 58 -14.82 45.90 41.17
CA ASN C 58 -16.06 45.24 41.62
C ASN C 58 -17.08 45.14 40.48
N ILE C 59 -16.63 44.52 39.38
CA ILE C 59 -17.51 44.20 38.26
C ILE C 59 -17.29 42.73 37.90
N ASP C 60 -18.30 42.15 37.26
CA ASP C 60 -18.31 40.72 36.98
C ASP C 60 -17.56 40.41 35.69
N THR C 61 -17.04 39.19 35.60
CA THR C 61 -16.32 38.75 34.40
C THR C 61 -17.25 38.70 33.20
N SER C 62 -18.53 38.34 33.42
CA SER C 62 -19.48 38.22 32.32
C SER C 62 -19.75 39.56 31.64
N ILE C 63 -19.44 40.66 32.29
CA ILE C 63 -19.57 41.98 31.68
C ILE C 63 -18.22 42.51 31.21
N ALA C 64 -17.14 42.13 31.89
CA ALA C 64 -15.81 42.58 31.48
C ALA C 64 -15.45 42.02 30.11
N ASN C 65 -15.68 40.71 29.91
CA ASN C 65 -15.41 40.12 28.60
C ASN C 65 -16.35 40.64 27.52
N ALA C 66 -17.53 41.13 27.90
CA ALA C 66 -18.44 41.72 26.93
C ALA C 66 -17.90 43.05 26.42
N PHE C 67 -17.38 43.89 27.31
CA PHE C 67 -16.76 45.13 26.88
C PHE C 67 -15.53 44.86 26.03
N ARG C 68 -14.68 43.93 26.46
CA ARG C 68 -13.49 43.57 25.70
C ARG C 68 -13.88 42.98 24.35
N ARG C 69 -15.00 42.25 24.29
CA ARG C 69 -15.44 41.64 23.05
C ARG C 69 -15.87 42.69 22.03
N ILE C 70 -16.67 43.66 22.47
CA ILE C 70 -17.22 44.65 21.55
C ILE C 70 -16.13 45.62 21.08
N MET C 71 -15.19 45.95 21.97
CA MET C 71 -14.12 46.87 21.60
C MET C 71 -13.24 46.32 20.48
N ILE C 72 -13.28 45.01 20.24
CA ILE C 72 -12.48 44.40 19.18
C ILE C 72 -13.33 43.87 18.03
N SER C 73 -14.50 43.32 18.31
CA SER C 73 -15.31 42.65 17.28
C SER C 73 -16.44 43.51 16.72
N GLU C 74 -17.10 44.30 17.56
CA GLU C 74 -18.33 44.96 17.13
C GLU C 74 -18.26 46.48 17.32
N VAL C 75 -17.18 47.10 16.85
CA VAL C 75 -17.04 48.55 16.85
C VAL C 75 -16.73 48.98 15.41
N PRO C 76 -17.45 49.96 14.87
CA PRO C 76 -17.19 50.38 13.48
C PRO C 76 -15.84 51.09 13.34
N SER C 77 -15.25 50.93 12.17
CA SER C 77 -13.99 51.58 11.83
C SER C 77 -14.08 52.05 10.38
N VAL C 78 -12.94 52.46 9.82
CA VAL C 78 -12.86 52.90 8.43
C VAL C 78 -11.62 52.26 7.80
N ALA C 79 -11.83 51.56 6.69
CA ALA C 79 -10.73 50.91 5.98
C ALA C 79 -11.10 50.75 4.52
N ALA C 80 -10.08 50.69 3.67
CA ALA C 80 -10.28 50.56 2.23
C ALA C 80 -10.86 49.19 1.89
N GLU C 81 -12.00 49.17 1.22
CA GLU C 81 -12.66 47.93 0.82
C GLU C 81 -12.44 47.62 -0.66
N TYR C 82 -12.83 48.54 -1.53
CA TYR C 82 -12.73 48.36 -2.98
C TYR C 82 -11.59 49.21 -3.53
N VAL C 83 -10.75 48.59 -4.36
CA VAL C 83 -9.62 49.27 -4.99
C VAL C 83 -9.71 49.07 -6.49
N TYR C 84 -9.51 50.15 -7.24
CA TYR C 84 -9.54 50.12 -8.70
C TYR C 84 -8.17 50.54 -9.22
N PHE C 85 -7.44 49.59 -9.79
CA PHE C 85 -6.12 49.85 -10.32
C PHE C 85 -6.17 50.15 -11.83
N PHE C 86 -5.15 50.83 -12.32
CA PHE C 86 -5.03 51.16 -13.73
C PHE C 86 -3.78 50.60 -14.37
N ASN C 87 -2.63 50.68 -13.70
CA ASN C 87 -1.38 50.15 -14.25
C ASN C 87 -0.41 49.92 -13.11
N ASN C 88 0.09 48.69 -12.98
CA ASN C 88 1.04 48.32 -11.92
C ASN C 88 2.12 47.46 -12.54
N THR C 89 3.22 48.09 -12.95
CA THR C 89 4.37 47.38 -13.52
C THR C 89 5.44 47.07 -12.48
N SER C 90 5.16 47.31 -11.20
CA SER C 90 6.11 47.02 -10.13
C SER C 90 6.17 45.52 -9.86
N VAL C 91 7.12 45.13 -9.01
CA VAL C 91 7.28 43.72 -8.66
C VAL C 91 6.13 43.27 -7.77
N ILE C 92 5.79 44.06 -6.76
CA ILE C 92 4.66 43.73 -5.90
C ILE C 92 3.39 43.74 -6.73
N GLN C 93 2.65 42.63 -6.68
CA GLN C 93 1.51 42.45 -7.57
C GLN C 93 0.31 43.26 -7.11
N ASP C 94 -0.81 43.07 -7.81
CA ASP C 94 -1.97 43.94 -7.61
C ASP C 94 -2.70 43.60 -6.31
N GLU C 95 -3.08 42.33 -6.12
CA GLU C 95 -3.86 41.96 -4.95
C GLU C 95 -3.10 42.17 -3.65
N VAL C 96 -1.77 42.11 -3.71
CA VAL C 96 -0.97 42.38 -2.51
C VAL C 96 -0.93 43.88 -2.24
N LEU C 97 -0.80 44.69 -3.28
CA LEU C 97 -0.81 46.15 -3.11
C LEU C 97 -2.15 46.62 -2.58
N ALA C 98 -3.25 46.07 -3.10
CA ALA C 98 -4.57 46.40 -2.57
C ALA C 98 -4.71 45.95 -1.12
N HIS C 99 -4.10 44.82 -0.77
CA HIS C 99 -4.16 44.34 0.61
C HIS C 99 -3.38 45.25 1.54
N ARG C 100 -2.25 45.79 1.08
CA ARG C 100 -1.44 46.65 1.94
C ARG C 100 -2.10 48.01 2.14
N ILE C 101 -2.59 48.63 1.06
CA ILE C 101 -3.26 49.92 1.18
C ILE C 101 -4.57 49.78 1.94
N GLY C 102 -5.08 48.56 2.08
CA GLY C 102 -6.20 48.30 2.98
C GLY C 102 -5.74 48.25 4.43
N LEU C 103 -4.59 47.62 4.66
CA LEU C 103 -4.09 47.44 6.02
C LEU C 103 -3.71 48.77 6.68
N VAL C 104 -3.23 49.73 5.91
CA VAL C 104 -2.80 51.00 6.49
C VAL C 104 -4.01 51.75 7.03
N PRO C 105 -3.98 52.21 8.28
CA PRO C 105 -5.13 52.91 8.85
C PRO C 105 -5.22 54.34 8.33
N LEU C 106 -6.36 54.96 8.61
CA LEU C 106 -6.61 56.35 8.25
C LEU C 106 -7.08 57.11 9.48
N LYS C 107 -6.50 58.29 9.70
CA LYS C 107 -6.86 59.12 10.85
C LYS C 107 -8.12 59.93 10.51
N VAL C 108 -9.22 59.19 10.36
CA VAL C 108 -10.52 59.76 10.06
C VAL C 108 -11.48 59.38 11.17
N ASP C 109 -12.28 60.34 11.62
CA ASP C 109 -13.20 60.10 12.73
C ASP C 109 -14.48 59.44 12.23
N PRO C 110 -14.94 58.36 12.87
CA PRO C 110 -16.21 57.74 12.48
C PRO C 110 -17.40 58.62 12.82
N ASP C 111 -18.61 58.10 12.59
CA ASP C 111 -19.89 58.76 12.81
C ASP C 111 -20.14 59.91 11.83
N MET C 112 -19.20 60.19 10.94
CA MET C 112 -19.39 61.18 9.89
C MET C 112 -19.84 60.56 8.57
N LEU C 113 -20.12 59.26 8.57
CA LEU C 113 -20.50 58.54 7.36
C LEU C 113 -21.17 57.24 7.76
N THR C 114 -22.30 56.95 7.14
CA THR C 114 -23.13 55.82 7.53
C THR C 114 -22.74 54.57 6.74
N TRP C 115 -23.53 53.50 6.90
CA TRP C 115 -23.24 52.22 6.28
C TRP C 115 -23.83 52.13 4.88
N VAL C 116 -23.12 51.43 4.00
CA VAL C 116 -23.60 51.17 2.64
C VAL C 116 -24.55 49.98 2.66
N ASP C 117 -25.27 49.78 1.56
CA ASP C 117 -26.14 48.63 1.38
C ASP C 117 -25.53 47.73 0.31
N SER C 118 -25.28 46.46 0.67
CA SER C 118 -24.50 45.59 -0.20
C SER C 118 -25.32 45.13 -1.40
N ASN C 119 -26.63 44.89 -1.22
CA ASN C 119 -27.43 44.35 -2.31
C ASN C 119 -27.69 45.36 -3.42
N LEU C 120 -27.43 46.64 -3.18
CA LEU C 120 -27.56 47.64 -4.22
C LEU C 120 -26.38 47.57 -5.18
N PRO C 121 -26.57 47.99 -6.44
CA PRO C 121 -25.44 48.01 -7.39
C PRO C 121 -24.39 49.04 -7.01
N ASP C 122 -23.21 48.95 -7.64
CA ASP C 122 -22.08 49.77 -7.22
C ASP C 122 -22.35 51.26 -7.41
N ASP C 123 -22.96 51.64 -8.54
CA ASP C 123 -23.19 53.05 -8.82
C ASP C 123 -24.15 53.67 -7.80
N GLU C 124 -25.12 52.89 -7.32
CA GLU C 124 -26.05 53.35 -6.30
C GLU C 124 -25.60 53.01 -4.89
N LYS C 125 -24.47 52.30 -4.75
CA LYS C 125 -23.96 51.92 -3.44
C LYS C 125 -22.96 52.94 -2.89
N PHE C 126 -22.07 53.45 -3.75
CA PHE C 126 -21.01 54.37 -3.33
C PHE C 126 -21.51 55.80 -3.54
N THR C 127 -22.22 56.33 -2.55
CA THR C 127 -22.67 57.70 -2.56
C THR C 127 -21.64 58.58 -1.86
N ASP C 128 -21.99 59.83 -1.59
CA ASP C 128 -21.09 60.75 -0.91
C ASP C 128 -21.23 60.71 0.61
N GLU C 129 -22.39 60.29 1.12
CA GLU C 129 -22.59 60.19 2.56
C GLU C 129 -21.92 58.98 3.17
N ASN C 130 -21.43 58.06 2.37
CA ASN C 130 -20.85 56.82 2.88
C ASN C 130 -19.43 56.55 2.40
N THR C 131 -19.11 56.91 1.17
CA THR C 131 -17.84 56.54 0.55
C THR C 131 -16.87 57.71 0.56
N ILE C 132 -15.62 57.43 0.92
CA ILE C 132 -14.52 58.39 0.87
C ILE C 132 -13.48 57.84 -0.09
N VAL C 133 -13.06 58.66 -1.05
CA VAL C 133 -12.22 58.24 -2.15
C VAL C 133 -10.82 58.83 -1.97
N LEU C 134 -9.81 57.97 -2.06
CA LEU C 134 -8.41 58.39 -2.03
C LEU C 134 -7.70 57.86 -3.28
N SER C 135 -6.77 58.65 -3.79
CA SER C 135 -6.03 58.31 -5.00
C SER C 135 -4.54 58.22 -4.71
N LEU C 136 -3.83 57.49 -5.56
CA LEU C 136 -2.39 57.31 -5.44
C LEU C 136 -1.77 57.26 -6.83
N ASN C 137 -0.93 58.24 -7.15
CA ASN C 137 -0.24 58.30 -8.43
C ASN C 137 1.24 58.55 -8.19
N VAL C 138 2.09 57.71 -8.77
CA VAL C 138 3.54 57.85 -8.61
C VAL C 138 4.21 57.28 -9.86
N LYS C 139 5.25 57.96 -10.32
CA LYS C 139 6.03 57.54 -11.49
C LYS C 139 7.50 57.79 -11.18
N CYS C 140 8.22 56.73 -10.85
CA CYS C 140 9.63 56.84 -10.54
C CYS C 140 10.43 57.19 -11.80
N THR C 141 11.56 57.86 -11.60
CA THR C 141 12.43 58.25 -12.71
C THR C 141 13.88 58.22 -12.25
N ARG C 142 14.78 58.44 -13.19
CA ARG C 142 16.21 58.40 -12.94
C ARG C 142 16.72 59.78 -12.55
N ASN C 143 17.69 59.80 -11.63
CA ASN C 143 18.31 61.05 -11.17
C ASN C 143 19.82 60.88 -11.24
N PRO C 144 20.53 61.66 -12.05
CA PRO C 144 21.99 61.50 -12.13
C PRO C 144 22.66 61.95 -10.84
N ASP C 145 23.53 61.09 -10.31
CA ASP C 145 24.25 61.38 -9.08
C ASP C 145 25.50 60.53 -9.04
N ALA C 146 26.47 60.98 -8.26
CA ALA C 146 27.74 60.27 -8.13
C ALA C 146 27.54 58.98 -7.35
N PRO C 147 27.85 57.80 -7.91
CA PRO C 147 27.70 56.51 -7.25
C PRO C 147 28.54 56.40 -5.98
N SER C 150 25.90 50.80 -3.74
CA SER C 150 26.02 51.40 -2.42
C SER C 150 25.16 52.66 -2.30
N THR C 151 24.79 53.21 -3.44
CA THR C 151 23.98 54.43 -3.46
C THR C 151 22.54 54.11 -3.10
N ASP C 152 21.97 54.88 -2.18
CA ASP C 152 20.59 54.69 -1.79
C ASP C 152 19.64 55.09 -2.92
N PRO C 153 18.45 54.48 -2.98
CA PRO C 153 17.51 54.84 -4.05
C PRO C 153 16.99 56.27 -3.96
N LYS C 154 17.16 56.94 -2.82
CA LYS C 154 16.72 58.33 -2.71
C LYS C 154 17.62 59.25 -3.52
N GLU C 155 18.93 58.99 -3.52
CA GLU C 155 19.84 59.79 -4.33
C GLU C 155 19.91 59.28 -5.76
N LEU C 156 19.89 57.96 -5.94
CA LEU C 156 20.04 57.38 -7.27
C LEU C 156 18.77 57.51 -8.12
N TYR C 157 17.61 57.64 -7.49
CA TYR C 157 16.35 57.74 -8.22
C TYR C 157 15.47 58.80 -7.59
N ASN C 158 14.35 59.09 -8.26
CA ASN C 158 13.35 60.02 -7.76
C ASN C 158 12.02 59.30 -7.68
N ASN C 159 11.32 59.48 -6.56
CA ASN C 159 10.06 58.78 -6.28
C ASN C 159 10.27 57.27 -6.28
N ALA C 160 11.36 56.82 -5.64
CA ALA C 160 11.66 55.40 -5.60
C ALA C 160 10.74 54.67 -4.62
N HIS C 161 10.55 55.23 -3.43
CA HIS C 161 9.70 54.63 -2.41
C HIS C 161 8.34 55.32 -2.38
N VAL C 162 7.32 54.54 -2.04
CA VAL C 162 5.95 55.03 -1.92
C VAL C 162 5.57 54.97 -0.44
N TYR C 163 5.29 56.13 0.15
CA TYR C 163 4.95 56.22 1.55
C TYR C 163 3.44 56.37 1.73
N ALA C 164 3.02 56.50 2.99
CA ALA C 164 1.59 56.59 3.29
C ALA C 164 1.01 57.96 2.95
N ARG C 165 1.78 59.02 3.17
CA ARG C 165 1.28 60.37 2.91
C ARG C 165 1.07 60.64 1.43
N ASP C 166 1.55 59.77 0.54
CA ASP C 166 1.28 59.93 -0.87
C ASP C 166 -0.17 59.63 -1.25
N LEU C 167 -0.93 59.01 -0.34
CA LEU C 167 -2.34 58.72 -0.58
C LEU C 167 -3.13 60.03 -0.48
N LYS C 168 -3.41 60.64 -1.63
CA LYS C 168 -4.08 61.93 -1.66
C LYS C 168 -5.58 61.74 -1.54
N PHE C 169 -6.16 62.20 -0.43
CA PHE C 169 -7.60 62.15 -0.25
C PHE C 169 -8.27 63.18 -1.14
N GLU C 170 -9.36 62.78 -1.78
CA GLU C 170 -10.09 63.64 -2.70
C GLU C 170 -11.56 63.67 -2.30
N PRO C 171 -12.10 64.82 -1.89
CA PRO C 171 -13.53 64.89 -1.56
C PRO C 171 -14.40 65.19 -2.78
N GLN C 172 -15.57 64.56 -2.80
CA GLN C 172 -16.55 64.77 -3.87
C GLN C 172 -17.93 64.85 -3.24
N GLY C 173 -18.95 64.79 -4.09
CA GLY C 173 -20.32 64.74 -3.64
C GLY C 173 -20.84 66.05 -3.05
N ARG C 174 -21.94 65.93 -2.30
CA ARG C 174 -22.64 67.09 -1.78
C ARG C 174 -21.88 67.81 -0.68
N GLN C 175 -20.96 67.13 0.01
CA GLN C 175 -20.20 67.73 1.11
C GLN C 175 -18.71 67.61 0.79
N SER C 176 -18.09 68.75 0.46
CA SER C 176 -16.65 68.82 0.27
C SER C 176 -15.97 69.73 1.28
N THR C 177 -16.73 70.34 2.19
CA THR C 177 -16.17 71.22 3.21
C THR C 177 -16.20 70.62 4.60
N THR C 178 -16.94 69.54 4.82
CA THR C 178 -17.01 68.92 6.14
C THR C 178 -15.70 68.23 6.54
N PHE C 179 -14.77 68.06 5.60
CA PHE C 179 -13.45 67.50 5.89
C PHE C 179 -12.34 68.52 5.68
N ALA C 180 -12.68 69.81 5.62
CA ALA C 180 -11.67 70.84 5.45
C ALA C 180 -10.79 70.95 6.69
N ASP C 181 -11.41 71.01 7.87
CA ASP C 181 -10.68 71.03 9.12
C ASP C 181 -10.24 69.66 9.59
N CYS C 182 -10.77 68.59 8.98
CA CYS C 182 -10.40 67.21 9.31
C CYS C 182 -9.97 66.52 8.02
N PRO C 183 -8.76 66.80 7.53
CA PRO C 183 -8.32 66.17 6.28
C PRO C 183 -8.03 64.69 6.48
N VAL C 184 -8.58 63.87 5.60
CA VAL C 184 -8.36 62.43 5.65
C VAL C 184 -6.89 62.14 5.38
N VAL C 185 -6.20 61.60 6.38
CA VAL C 185 -4.76 61.33 6.30
C VAL C 185 -4.49 60.02 7.04
N PRO C 186 -3.64 59.14 6.53
CA PRO C 186 -3.29 57.93 7.28
C PRO C 186 -2.67 58.28 8.62
N ALA C 187 -3.13 57.58 9.66
CA ALA C 187 -2.67 57.85 11.03
C ALA C 187 -1.18 57.61 11.20
N ASP C 188 -0.55 56.88 10.27
CA ASP C 188 0.88 56.64 10.29
C ASP C 188 1.43 57.03 8.93
N PRO C 189 1.84 58.30 8.76
CA PRO C 189 2.25 58.78 7.43
C PRO C 189 3.51 58.15 6.90
N ASP C 190 4.28 57.43 7.72
CA ASP C 190 5.55 56.85 7.30
C ASP C 190 5.42 55.38 6.90
N ILE C 191 4.19 54.89 6.74
CA ILE C 191 4.01 53.49 6.36
C ILE C 191 4.58 53.24 4.97
N LEU C 192 5.42 52.22 4.86
CA LEU C 192 6.01 51.85 3.58
C LEU C 192 5.00 51.05 2.77
N LEU C 193 4.83 51.42 1.50
CA LEU C 193 3.90 50.74 0.61
C LEU C 193 4.61 49.88 -0.43
N ALA C 194 5.55 50.45 -1.17
CA ALA C 194 6.27 49.71 -2.20
C ALA C 194 7.53 50.47 -2.58
N LYS C 195 8.46 49.74 -3.21
CA LYS C 195 9.70 50.31 -3.72
C LYS C 195 9.70 50.19 -5.24
N LEU C 196 9.89 51.32 -5.92
CA LEU C 196 9.78 51.39 -7.37
C LEU C 196 11.14 51.68 -7.99
N ARG C 197 11.18 51.62 -9.32
CA ARG C 197 12.36 51.87 -10.13
C ARG C 197 11.94 52.67 -11.36
N PRO C 198 12.89 53.27 -12.10
CA PRO C 198 12.51 54.00 -13.31
C PRO C 198 11.80 53.10 -14.31
N GLY C 199 10.78 53.65 -14.96
CA GLY C 199 9.92 52.91 -15.86
C GLY C 199 8.64 52.44 -15.21
N GLN C 200 8.68 52.09 -13.93
CA GLN C 200 7.48 51.65 -13.23
C GLN C 200 6.57 52.84 -12.91
N GLU C 201 5.27 52.57 -12.95
CA GLU C 201 4.28 53.59 -12.65
C GLU C 201 3.09 52.94 -11.95
N ILE C 202 2.48 53.68 -11.03
CA ILE C 202 1.34 53.21 -10.26
C ILE C 202 0.27 54.30 -10.23
N SER C 203 -0.95 53.93 -10.61
CA SER C 203 -2.08 54.87 -10.60
C SER C 203 -3.31 54.10 -10.15
N LEU C 204 -3.79 54.37 -8.95
CA LEU C 204 -4.93 53.66 -8.40
C LEU C 204 -5.91 54.63 -7.75
N LYS C 205 -7.17 54.23 -7.70
CA LYS C 205 -8.23 55.00 -7.06
C LYS C 205 -9.02 54.05 -6.18
N ALA C 206 -8.88 54.19 -4.86
CA ALA C 206 -9.46 53.26 -3.89
C ALA C 206 -10.53 53.96 -3.07
N HIS C 207 -11.47 53.16 -2.57
CA HIS C 207 -12.55 53.63 -1.71
C HIS C 207 -12.42 52.97 -0.34
N CYS C 208 -12.71 53.73 0.71
CA CYS C 208 -12.72 53.22 2.07
C CYS C 208 -14.13 53.27 2.63
N ILE C 209 -14.49 52.29 3.45
CA ILE C 209 -15.85 52.12 3.94
C ILE C 209 -15.78 51.63 5.39
N LEU C 210 -16.94 51.58 6.04
CA LEU C 210 -17.04 51.17 7.43
C LEU C 210 -16.96 49.64 7.54
N GLY C 211 -17.04 49.15 8.76
CA GLY C 211 -17.00 47.72 9.01
C GLY C 211 -16.73 47.43 10.47
N ILE C 212 -17.14 46.24 10.88
CA ILE C 212 -16.96 45.79 12.26
C ILE C 212 -15.73 44.91 12.34
N GLY C 213 -15.12 44.85 13.52
CA GLY C 213 -13.94 44.02 13.71
C GLY C 213 -14.17 42.54 13.46
N GLY C 214 -15.43 42.08 13.55
CA GLY C 214 -15.73 40.70 13.24
C GLY C 214 -15.79 40.38 11.76
N ASP C 215 -15.97 41.40 10.91
CA ASP C 215 -16.03 41.17 9.48
C ASP C 215 -14.64 40.99 8.88
N HIS C 216 -13.70 41.88 9.26
CA HIS C 216 -12.35 41.82 8.73
C HIS C 216 -11.40 42.44 9.74
N ALA C 217 -10.11 42.17 9.57
CA ALA C 217 -9.10 42.66 10.51
C ALA C 217 -8.79 44.14 10.33
N LYS C 218 -9.02 44.69 9.14
CA LYS C 218 -8.72 46.10 8.93
C LYS C 218 -9.72 47.01 9.64
N PHE C 219 -10.92 46.51 9.93
CA PHE C 219 -11.97 47.29 10.56
C PHE C 219 -11.93 47.21 12.09
N SER C 220 -10.77 46.88 12.66
CA SER C 220 -10.62 46.84 14.11
C SER C 220 -9.87 48.09 14.56
N PRO C 221 -10.55 49.11 15.08
CA PRO C 221 -9.87 50.36 15.46
C PRO C 221 -9.09 50.28 16.77
N VAL C 222 -8.93 49.10 17.36
CA VAL C 222 -8.21 48.92 18.61
C VAL C 222 -7.06 47.96 18.37
N SER C 223 -5.85 48.36 18.77
CA SER C 223 -4.69 47.49 18.63
C SER C 223 -4.78 46.29 19.55
N THR C 224 -4.85 46.53 20.85
CA THR C 224 -4.88 45.45 21.84
C THR C 224 -5.72 45.89 23.03
N ALA C 225 -6.81 45.17 23.28
CA ALA C 225 -7.69 45.42 24.41
C ALA C 225 -7.95 44.11 25.13
N SER C 226 -7.61 44.06 26.41
CA SER C 226 -7.79 42.86 27.21
C SER C 226 -7.98 43.27 28.67
N TYR C 227 -7.92 42.31 29.57
CA TYR C 227 -8.06 42.57 31.00
C TYR C 227 -7.44 41.43 31.80
N ARG C 228 -6.72 41.78 32.84
CA ARG C 228 -6.14 40.83 33.79
C ARG C 228 -6.80 41.01 35.15
N LEU C 229 -6.34 40.22 36.12
CA LEU C 229 -6.87 40.26 37.47
C LEU C 229 -5.79 40.66 38.45
N LEU C 230 -6.20 41.33 39.53
CA LEU C 230 -5.28 41.80 40.55
C LEU C 230 -4.70 40.61 41.32
N PRO C 231 -3.38 40.40 41.28
CA PRO C 231 -2.80 39.31 42.07
C PRO C 231 -2.81 39.62 43.56
N GLN C 232 -3.68 38.95 44.30
CA GLN C 232 -3.83 39.18 45.73
C GLN C 232 -2.75 38.36 46.46
N ILE C 233 -1.62 39.01 46.73
CA ILE C 233 -0.49 38.36 47.41
C ILE C 233 -0.78 38.44 48.91
N ASN C 234 -1.24 37.35 49.49
CA ASN C 234 -1.57 37.29 50.91
C ASN C 234 -0.42 36.63 51.67
N ILE C 235 0.20 37.39 52.57
CA ILE C 235 1.29 36.87 53.39
C ILE C 235 0.71 36.13 54.58
N LEU C 236 1.26 34.95 54.87
CA LEU C 236 0.74 34.08 55.92
C LEU C 236 1.66 33.95 57.12
N GLN C 237 2.97 34.11 56.95
CA GLN C 237 3.95 33.88 58.00
C GLN C 237 4.81 35.11 58.18
N PRO C 238 5.47 35.24 59.34
CA PRO C 238 6.40 36.37 59.55
C PRO C 238 7.70 36.19 58.78
N ILE C 239 7.70 36.62 57.52
CA ILE C 239 8.83 36.42 56.62
C ILE C 239 9.83 37.56 56.78
N LYS C 240 9.66 38.35 57.84
CA LYS C 240 10.57 39.46 58.11
C LYS C 240 12.00 38.96 58.27
N GLY C 241 12.95 39.76 57.79
CA GLY C 241 14.35 39.39 57.85
C GLY C 241 15.01 39.40 56.49
N GLU C 242 16.14 38.70 56.36
CA GLU C 242 16.82 38.60 55.06
C GLU C 242 15.97 37.87 54.03
N SER C 243 14.98 37.10 54.46
CA SER C 243 14.06 36.48 53.52
C SER C 243 13.27 37.53 52.75
N ALA C 244 12.87 38.61 53.43
CA ALA C 244 12.19 39.71 52.75
C ALA C 244 13.12 40.41 51.77
N ARG C 245 14.42 40.43 52.08
CA ARG C 245 15.39 40.99 51.14
C ARG C 245 15.44 40.17 49.86
N ARG C 246 15.19 38.86 49.95
CA ARG C 246 15.08 38.00 48.78
C ARG C 246 13.66 37.91 48.24
N PHE C 247 12.70 38.59 48.87
CA PHE C 247 11.35 38.71 48.34
C PHE C 247 11.19 39.92 47.43
N GLN C 248 11.77 41.06 47.82
CA GLN C 248 11.64 42.28 47.03
C GLN C 248 12.36 42.17 45.69
N LYS C 249 13.35 41.29 45.58
CA LYS C 249 14.10 41.16 44.33
C LYS C 249 13.32 40.36 43.29
N CYS C 250 12.57 39.35 43.73
CA CYS C 250 11.82 38.52 42.79
C CYS C 250 10.70 39.30 42.14
N PHE C 251 9.76 39.80 42.94
CA PHE C 251 8.69 40.63 42.41
C PHE C 251 9.25 41.96 41.90
N PRO C 252 8.49 42.67 41.06
CA PRO C 252 8.95 43.98 40.58
C PRO C 252 9.27 44.91 41.74
N PRO C 253 10.16 45.88 41.53
CA PRO C 253 10.61 46.72 42.66
C PRO C 253 9.50 47.48 43.34
N GLY C 254 8.49 47.93 42.61
CA GLY C 254 7.42 48.70 43.21
C GLY C 254 6.27 47.87 43.71
N VAL C 255 6.58 46.68 44.23
CA VAL C 255 5.54 45.78 44.73
C VAL C 255 5.78 45.46 46.21
N ILE C 256 6.91 44.85 46.50
CA ILE C 256 7.24 44.42 47.86
C ILE C 256 7.93 45.59 48.58
N GLY C 257 7.37 46.00 49.71
CA GLY C 257 7.95 47.05 50.51
C GLY C 257 8.01 46.66 51.97
N ILE C 258 8.84 47.39 52.71
CA ILE C 258 9.01 47.18 54.14
C ILE C 258 9.23 48.53 54.81
N ASP C 259 8.76 48.66 56.05
CA ASP C 259 9.02 49.87 56.82
C ASP C 259 10.46 49.88 57.33
N GLU C 260 10.88 48.79 57.97
CA GLU C 260 12.27 48.59 58.38
C GLU C 260 12.63 47.15 58.06
N GLY C 261 13.77 46.71 58.58
CA GLY C 261 14.17 45.32 58.43
C GLY C 261 13.20 44.33 59.04
N SER C 262 12.32 44.78 59.92
CA SER C 262 11.38 43.92 60.62
C SER C 262 10.06 44.66 60.80
N ASP C 263 9.21 44.09 61.66
CA ASP C 263 7.92 44.64 62.08
C ASP C 263 6.86 44.64 60.99
N GLU C 264 7.22 44.27 59.76
CA GLU C 264 6.26 44.01 58.69
C GLU C 264 7.01 43.58 57.44
N ALA C 265 6.29 42.87 56.57
CA ALA C 265 6.71 42.61 55.19
C ALA C 265 5.45 42.71 54.33
N TYR C 266 5.17 43.90 53.83
CA TYR C 266 3.91 44.20 53.16
C TYR C 266 4.13 44.40 51.67
N VAL C 267 3.04 44.68 50.96
CA VAL C 267 3.05 44.94 49.53
C VAL C 267 2.70 46.41 49.30
N LYS C 268 3.48 47.08 48.46
CA LYS C 268 3.23 48.49 48.18
C LYS C 268 2.12 48.67 47.14
N ASP C 269 2.31 48.11 45.95
CA ASP C 269 1.33 48.21 44.87
C ASP C 269 1.10 46.82 44.30
N ALA C 270 -0.14 46.36 44.33
CA ALA C 270 -0.49 45.04 43.83
C ALA C 270 -0.78 45.03 42.33
N ARG C 271 -0.58 46.15 41.64
CA ARG C 271 -0.79 46.22 40.21
C ARG C 271 0.50 46.11 39.40
N LYS C 272 1.64 46.50 39.98
CA LYS C 272 2.92 46.41 39.30
C LYS C 272 3.42 44.98 39.18
N ASP C 273 2.97 44.09 40.06
CA ASP C 273 3.51 42.74 40.12
C ASP C 273 3.14 41.94 38.88
N THR C 274 3.78 40.79 38.73
CA THR C 274 3.53 39.86 37.65
C THR C 274 3.17 38.50 38.22
N VAL C 275 2.17 37.86 37.62
CA VAL C 275 1.75 36.52 38.05
C VAL C 275 2.66 35.53 37.30
N SER C 276 3.80 35.23 37.92
CA SER C 276 4.76 34.31 37.35
C SER C 276 5.06 33.10 38.23
N ARG C 277 4.68 33.15 39.52
CA ARG C 277 4.91 32.06 40.45
C ARG C 277 6.40 31.70 40.57
N GLU C 278 7.27 32.71 40.43
CA GLU C 278 8.70 32.47 40.58
C GLU C 278 9.04 32.19 42.04
N VAL C 279 8.30 32.79 42.97
CA VAL C 279 8.50 32.49 44.38
C VAL C 279 8.10 31.07 44.72
N LEU C 280 7.36 30.40 43.83
CA LEU C 280 6.91 29.04 44.11
C LEU C 280 8.05 28.03 43.94
N ARG C 281 9.02 28.32 43.10
CA ARG C 281 10.17 27.42 42.92
C ARG C 281 11.30 27.75 43.88
N TYR C 282 10.96 27.82 45.16
CA TYR C 282 11.93 28.03 46.23
C TYR C 282 11.52 27.19 47.43
N GLU C 283 12.44 26.36 47.92
CA GLU C 283 12.13 25.50 49.06
C GLU C 283 11.80 26.29 50.32
N GLU C 284 12.24 27.54 50.41
CA GLU C 284 11.96 28.37 51.57
C GLU C 284 10.65 29.12 51.44
N PHE C 285 10.24 29.49 50.23
CA PHE C 285 9.05 30.29 50.00
C PHE C 285 7.94 29.48 49.33
N ALA C 286 7.90 28.16 49.60
CA ALA C 286 6.93 27.30 48.93
C ALA C 286 5.53 27.47 49.52
N ASP C 287 5.43 27.45 50.85
CA ASP C 287 4.14 27.50 51.53
C ASP C 287 3.93 28.77 52.35
N LYS C 288 4.96 29.60 52.50
CA LYS C 288 4.82 30.81 53.31
C LYS C 288 3.95 31.88 52.65
N VAL C 289 3.62 31.73 51.37
CA VAL C 289 2.79 32.70 50.67
C VAL C 289 2.14 32.00 49.50
N LYS C 290 0.93 32.45 49.14
CA LYS C 290 0.18 31.90 48.02
C LYS C 290 -0.22 33.02 47.08
N LEU C 291 -0.11 32.76 45.78
CA LEU C 291 -0.55 33.70 44.76
C LEU C 291 -2.03 33.45 44.47
N GLY C 292 -2.87 34.42 44.80
CA GLY C 292 -4.31 34.28 44.70
C GLY C 292 -4.87 35.01 43.51
N ARG C 293 -6.05 35.61 43.71
CA ARG C 293 -6.79 36.25 42.64
C ARG C 293 -7.95 37.03 43.25
N VAL C 294 -8.34 38.11 42.58
CA VAL C 294 -9.47 38.92 42.98
C VAL C 294 -10.55 38.78 41.91
N ARG C 295 -11.70 38.22 42.31
CA ARG C 295 -12.80 37.96 41.39
C ARG C 295 -13.50 39.22 40.91
N ASN C 296 -13.07 40.41 41.34
CA ASN C 296 -13.78 41.63 41.00
C ASN C 296 -12.88 42.79 40.61
N HIS C 297 -11.56 42.63 40.62
CA HIS C 297 -10.63 43.70 40.27
C HIS C 297 -10.08 43.45 38.87
N PHE C 298 -10.52 44.27 37.92
CA PHE C 298 -10.06 44.17 36.54
C PHE C 298 -9.41 45.48 36.12
N ILE C 299 -8.56 45.41 35.11
CA ILE C 299 -7.93 46.58 34.50
C ILE C 299 -8.10 46.50 33.00
N PHE C 300 -8.27 47.65 32.37
CA PHE C 300 -8.45 47.74 30.92
C PHE C 300 -7.30 48.52 30.32
N ASN C 301 -6.62 47.91 29.34
CA ASN C 301 -5.53 48.54 28.61
C ASN C 301 -5.93 48.60 27.14
N VAL C 302 -6.33 49.79 26.68
CA VAL C 302 -6.82 49.99 25.33
C VAL C 302 -5.86 50.92 24.60
N GLU C 303 -5.45 50.51 23.40
CA GLU C 303 -4.56 51.30 22.54
C GLU C 303 -5.27 51.52 21.21
N SER C 304 -5.83 52.71 21.02
CA SER C 304 -6.56 53.01 19.80
C SER C 304 -5.62 53.07 18.60
N ALA C 305 -6.19 52.86 17.41
CA ALA C 305 -5.44 52.88 16.17
C ALA C 305 -5.32 54.27 15.56
N GLY C 306 -5.82 55.31 16.24
CA GLY C 306 -5.75 56.66 15.76
C GLY C 306 -7.07 57.25 15.32
N ALA C 307 -8.03 56.42 14.93
CA ALA C 307 -9.32 56.92 14.45
C ALA C 307 -10.09 57.61 15.58
N MET C 308 -9.97 57.10 16.80
CA MET C 308 -10.66 57.67 17.96
C MET C 308 -9.71 57.61 19.16
N THR C 309 -10.24 57.99 20.33
CA THR C 309 -9.51 57.98 21.57
C THR C 309 -9.81 56.72 22.37
N PRO C 310 -8.88 56.28 23.24
CA PRO C 310 -9.11 55.04 24.00
C PRO C 310 -10.25 55.16 25.02
N GLU C 311 -10.81 56.35 25.16
CA GLU C 311 -11.97 56.57 26.01
C GLU C 311 -13.27 56.58 25.20
N GLU C 312 -13.29 57.32 24.08
CA GLU C 312 -14.46 57.31 23.20
C GLU C 312 -14.72 55.91 22.66
N ILE C 313 -13.69 55.10 22.49
CA ILE C 313 -13.88 53.72 22.05
C ILE C 313 -14.61 52.92 23.12
N PHE C 314 -14.50 53.32 24.38
CA PHE C 314 -15.20 52.63 25.45
C PHE C 314 -16.64 53.12 25.58
N PHE C 315 -16.86 54.43 25.39
CA PHE C 315 -18.22 54.96 25.41
C PHE C 315 -19.05 54.36 24.27
N LYS C 316 -18.46 54.26 23.08
CA LYS C 316 -19.19 53.70 21.95
C LYS C 316 -19.39 52.19 22.10
N SER C 317 -18.45 51.51 22.76
CA SER C 317 -18.59 50.07 22.96
C SER C 317 -19.74 49.76 23.90
N VAL C 318 -19.81 50.46 25.03
CA VAL C 318 -20.91 50.24 25.97
C VAL C 318 -22.21 50.80 25.41
N ARG C 319 -22.12 51.77 24.48
CA ARG C 319 -23.33 52.27 23.84
C ARG C 319 -23.90 51.25 22.87
N ILE C 320 -23.03 50.55 22.14
CA ILE C 320 -23.49 49.49 21.24
C ILE C 320 -24.08 48.34 22.04
N LEU C 321 -23.51 48.04 23.22
CA LEU C 321 -24.07 47.01 24.07
C LEU C 321 -25.45 47.42 24.60
N LYS C 322 -25.58 48.68 25.03
CA LYS C 322 -26.89 49.17 25.48
C LYS C 322 -27.89 49.18 24.32
N ASN C 323 -27.45 49.59 23.13
CA ASN C 323 -28.33 49.55 21.96
C ASN C 323 -28.65 48.11 21.58
N LYS C 324 -27.72 47.18 21.83
CA LYS C 324 -28.01 45.77 21.58
C LYS C 324 -29.13 45.28 22.48
N ALA C 325 -29.19 45.78 23.72
CA ALA C 325 -30.28 45.43 24.61
C ALA C 325 -31.56 46.14 24.21
N GLU C 326 -31.44 47.34 23.63
CA GLU C 326 -32.62 48.07 23.18
C GLU C 326 -33.30 47.36 22.01
N TYR C 327 -32.51 46.77 21.11
CA TYR C 327 -33.08 46.12 19.94
C TYR C 327 -33.89 44.88 20.32
N LEU C 328 -33.46 44.16 21.35
CA LEU C 328 -34.23 43.00 21.80
C LEU C 328 -35.36 43.39 22.75
N LYS C 329 -35.21 44.50 23.47
CA LYS C 329 -36.28 44.94 24.36
C LYS C 329 -37.50 45.40 23.58
N ASN C 330 -37.31 46.29 22.60
CA ASN C 330 -38.41 46.79 21.78
C ASN C 330 -38.46 45.95 20.50
N CYS C 331 -39.00 44.74 20.64
CA CYS C 331 -39.14 43.82 19.52
C CYS C 331 -40.20 42.78 19.83
N PRO C 332 -41.14 42.53 18.93
CA PRO C 332 -42.18 41.54 19.20
C PRO C 332 -41.70 40.12 18.98
N ILE C 333 -42.35 39.19 19.67
CA ILE C 333 -42.03 37.77 19.54
C ILE C 333 -42.84 37.18 18.38
N THR C 334 -42.40 36.02 17.91
CA THR C 334 -43.03 35.35 16.78
C THR C 334 -43.13 33.86 17.05
N GLN C 335 -44.25 33.26 16.66
CA GLN C 335 -44.48 31.83 16.80
C GLN C 335 -44.39 31.38 18.27
N THR D 12 -44.58 3.66 -26.10
CA THR D 12 -44.73 2.92 -27.34
C THR D 12 -43.60 1.92 -27.53
N ALA D 13 -43.97 0.67 -27.81
CA ALA D 13 -43.02 -0.42 -28.02
C ALA D 13 -42.09 -0.58 -26.81
N THR D 14 -42.70 -0.70 -25.63
CA THR D 14 -41.96 -0.86 -24.39
C THR D 14 -42.66 -1.89 -23.52
N THR D 15 -41.91 -2.47 -22.60
CA THR D 15 -42.47 -3.46 -21.67
C THR D 15 -43.61 -2.89 -20.85
N LEU D 16 -43.66 -1.57 -20.65
CA LEU D 16 -44.77 -0.96 -19.93
C LEU D 16 -46.07 -1.05 -20.72
N ASN D 17 -45.99 -1.05 -22.05
CA ASN D 17 -47.18 -1.06 -22.91
C ASN D 17 -47.43 -2.40 -23.58
N THR D 18 -46.37 -3.13 -23.95
CA THR D 18 -46.54 -4.40 -24.65
C THR D 18 -46.13 -5.56 -23.75
N PRO D 19 -46.81 -6.71 -23.86
CA PRO D 19 -46.43 -7.87 -23.06
C PRO D 19 -45.05 -8.38 -23.43
N VAL D 20 -44.39 -9.01 -22.44
CA VAL D 20 -43.06 -9.56 -22.67
C VAL D 20 -43.15 -10.85 -23.48
N VAL D 21 -43.92 -11.82 -23.00
CA VAL D 21 -44.09 -13.12 -23.65
C VAL D 21 -45.57 -13.40 -23.79
N ILE D 22 -45.98 -13.83 -24.98
CA ILE D 22 -47.38 -14.12 -25.27
C ILE D 22 -47.46 -15.47 -25.97
N HIS D 23 -48.47 -16.26 -25.63
CA HIS D 23 -48.66 -17.59 -26.22
C HIS D 23 -50.15 -17.89 -26.30
N ALA D 24 -50.62 -18.22 -27.51
CA ALA D 24 -52.00 -18.63 -27.69
C ALA D 24 -52.25 -19.97 -27.00
N THR D 25 -53.03 -19.94 -25.92
CA THR D 25 -53.14 -21.11 -25.04
C THR D 25 -53.60 -22.36 -25.79
N GLN D 26 -54.78 -22.31 -26.37
CA GLN D 26 -55.37 -23.47 -27.04
C GLN D 26 -55.60 -23.15 -28.51
N LEU D 27 -55.68 -24.22 -29.32
CA LEU D 27 -55.90 -24.14 -30.76
C LEU D 27 -57.16 -23.33 -31.07
N PRO D 28 -57.20 -22.64 -32.20
CA PRO D 28 -58.38 -21.79 -32.50
C PRO D 28 -59.64 -22.60 -32.72
N GLN D 29 -60.59 -22.48 -31.79
CA GLN D 29 -61.91 -23.09 -31.94
C GLN D 29 -62.87 -22.07 -32.53
N HIS D 30 -63.49 -22.43 -33.65
CA HIS D 30 -64.29 -21.48 -34.41
C HIS D 30 -65.53 -21.05 -33.65
N VAL D 31 -65.90 -19.78 -33.83
CA VAL D 31 -67.14 -19.23 -33.30
C VAL D 31 -67.94 -18.64 -34.47
N SER D 32 -69.25 -18.82 -34.42
CA SER D 32 -70.11 -18.40 -35.51
C SER D 32 -70.51 -16.93 -35.35
N THR D 33 -71.34 -16.45 -36.28
CA THR D 33 -71.76 -15.05 -36.26
C THR D 33 -72.57 -14.74 -35.01
N ASP D 34 -73.30 -15.73 -34.47
CA ASP D 34 -74.09 -15.51 -33.27
C ASP D 34 -73.18 -15.24 -32.06
N GLU D 35 -72.12 -16.03 -31.91
CA GLU D 35 -71.17 -15.79 -30.83
C GLU D 35 -70.46 -14.46 -31.00
N VAL D 36 -70.13 -14.10 -32.25
CA VAL D 36 -69.47 -12.81 -32.50
C VAL D 36 -70.43 -11.66 -32.19
N LEU D 37 -71.69 -11.81 -32.56
CA LEU D 37 -72.68 -10.76 -32.28
C LEU D 37 -72.91 -10.60 -30.79
N GLN D 38 -73.04 -11.72 -30.06
CA GLN D 38 -73.18 -11.64 -28.62
C GLN D 38 -71.93 -11.07 -27.97
N PHE D 39 -70.76 -11.37 -28.55
CA PHE D 39 -69.50 -10.86 -28.01
C PHE D 39 -69.41 -9.36 -28.17
N LEU D 40 -69.72 -8.86 -29.37
CA LEU D 40 -69.63 -7.42 -29.61
C LEU D 40 -70.67 -6.65 -28.82
N GLU D 41 -71.91 -7.15 -28.78
CA GLU D 41 -72.96 -6.47 -28.02
C GLU D 41 -72.72 -6.51 -26.52
N SER D 42 -71.92 -7.47 -26.03
CA SER D 42 -71.66 -7.57 -24.61
C SER D 42 -70.58 -6.57 -24.17
N PHE D 43 -69.42 -6.61 -24.81
CA PHE D 43 -68.28 -5.79 -24.42
C PHE D 43 -68.16 -4.52 -25.25
N ILE D 44 -69.29 -3.99 -25.72
CA ILE D 44 -69.39 -2.58 -26.09
C ILE D 44 -70.12 -1.80 -25.01
N ASP D 45 -71.17 -2.39 -24.45
CA ASP D 45 -71.77 -1.85 -23.23
C ASP D 45 -70.84 -1.98 -22.03
N GLU D 46 -69.92 -2.95 -22.07
CA GLU D 46 -69.01 -3.21 -20.97
C GLU D 46 -67.60 -2.63 -21.23
N LYS D 47 -67.51 -1.57 -22.02
CA LYS D 47 -66.24 -0.88 -22.22
C LYS D 47 -66.31 0.62 -21.98
N GLU D 48 -67.48 1.24 -22.06
CA GLU D 48 -67.64 2.66 -21.76
C GLU D 48 -68.24 2.89 -20.38
N ASN D 49 -67.90 2.03 -19.43
CA ASN D 49 -68.42 2.13 -18.06
C ASN D 49 -67.81 3.34 -17.35
N THR D 80 -58.23 7.31 -23.09
CA THR D 80 -58.67 8.30 -24.07
C THR D 80 -58.65 7.72 -25.48
N ASN D 81 -57.62 6.91 -25.77
CA ASN D 81 -57.47 6.29 -27.07
C ASN D 81 -58.42 5.11 -27.28
N LEU D 82 -59.20 4.75 -26.26
CA LEU D 82 -60.12 3.62 -26.39
C LEU D 82 -61.34 3.98 -27.23
N SER D 83 -61.71 5.27 -27.28
CA SER D 83 -62.88 5.68 -28.04
C SER D 83 -62.70 5.45 -29.53
N SER D 84 -61.48 5.71 -30.04
CA SER D 84 -61.21 5.46 -31.44
C SER D 84 -61.30 3.98 -31.78
N SER D 85 -61.05 3.11 -30.80
CA SER D 85 -61.17 1.67 -31.02
C SER D 85 -62.62 1.20 -30.91
N ILE D 86 -63.36 1.76 -29.95
CA ILE D 86 -64.77 1.41 -29.81
C ILE D 86 -65.55 1.83 -31.05
N SER D 87 -65.20 2.98 -31.63
CA SER D 87 -65.84 3.42 -32.86
C SER D 87 -65.60 2.46 -34.02
N GLN D 88 -64.51 1.68 -33.97
CA GLN D 88 -64.26 0.68 -34.98
C GLN D 88 -64.94 -0.65 -34.66
N LEU D 89 -65.18 -0.93 -33.37
CA LEU D 89 -66.00 -2.08 -33.01
C LEU D 89 -67.45 -1.90 -33.44
N LYS D 90 -67.92 -0.65 -33.49
CA LYS D 90 -69.29 -0.40 -33.91
C LYS D 90 -69.49 -0.73 -35.39
N ARG D 91 -68.45 -0.56 -36.21
CA ARG D 91 -68.59 -0.83 -37.63
C ARG D 91 -68.78 -2.32 -37.89
N ILE D 92 -67.93 -3.17 -37.30
CA ILE D 92 -68.10 -4.61 -37.45
C ILE D 92 -69.36 -5.10 -36.75
N GLN D 93 -69.87 -4.33 -35.79
CA GLN D 93 -71.11 -4.71 -35.12
C GLN D 93 -72.33 -4.38 -35.96
N ARG D 94 -72.27 -3.31 -36.77
CA ARG D 94 -73.39 -2.95 -37.61
C ARG D 94 -73.43 -3.78 -38.89
N ASP D 95 -72.27 -4.03 -39.50
CA ASP D 95 -72.23 -4.72 -40.80
C ASP D 95 -72.69 -6.17 -40.67
N PHE D 96 -72.21 -6.88 -39.64
CA PHE D 96 -72.64 -8.26 -39.42
C PHE D 96 -74.06 -8.35 -38.89
N LYS D 97 -74.72 -7.23 -38.62
CA LYS D 97 -76.10 -7.21 -38.15
C LYS D 97 -77.05 -6.54 -39.12
N GLY D 98 -76.60 -5.50 -39.81
CA GLY D 98 -77.44 -4.77 -40.75
C GLY D 98 -76.63 -4.26 -41.92
N LEU D 99 -77.12 -3.18 -42.53
CA LEU D 99 -76.48 -2.58 -43.69
C LEU D 99 -76.13 -1.12 -43.39
N PRO D 100 -74.90 -0.68 -43.63
CA PRO D 100 -74.48 0.70 -43.40
C PRO D 100 -75.17 1.69 -44.32
N ASP E 2 14.98 -61.40 27.03
CA ASP E 2 13.97 -60.64 26.31
C ASP E 2 14.59 -59.45 25.59
N GLN E 3 14.82 -59.60 24.28
CA GLN E 3 15.39 -58.56 23.45
C GLN E 3 14.34 -57.87 22.58
N GLU E 4 13.55 -58.63 21.83
CA GLU E 4 12.51 -58.08 20.97
C GLU E 4 11.16 -58.78 21.08
N ASN E 5 11.11 -60.01 21.61
CA ASN E 5 9.84 -60.72 21.70
C ASN E 5 8.91 -60.06 22.72
N GLU E 6 9.48 -59.50 23.80
CA GLU E 6 8.67 -58.80 24.79
C GLU E 6 7.99 -57.56 24.20
N ARG E 7 8.53 -57.02 23.11
CA ARG E 7 7.93 -55.88 22.42
C ARG E 7 6.97 -56.33 21.33
N ASN E 8 7.24 -57.47 20.69
CA ASN E 8 6.35 -57.98 19.66
C ASN E 8 5.03 -58.44 20.26
N ILE E 9 5.09 -59.17 21.38
CA ILE E 9 3.87 -59.62 22.05
C ILE E 9 3.07 -58.42 22.54
N SER E 10 3.75 -57.37 22.99
CA SER E 10 3.06 -56.18 23.45
C SER E 10 2.36 -55.46 22.31
N ARG E 11 3.03 -55.35 21.15
CA ARG E 11 2.41 -54.70 20.00
C ARG E 11 1.24 -55.52 19.47
N LEU E 12 1.40 -56.84 19.37
CA LEU E 12 0.29 -57.69 18.95
C LEU E 12 -0.86 -57.64 19.95
N TRP E 13 -0.55 -57.47 21.23
CA TRP E 13 -1.59 -57.31 22.23
C TRP E 13 -2.29 -55.95 22.09
N ARG E 14 -1.56 -54.94 21.61
CA ARG E 14 -2.20 -53.64 21.36
C ARG E 14 -3.14 -53.73 20.17
N ALA E 15 -2.73 -54.41 19.10
CA ALA E 15 -3.60 -54.58 17.94
C ALA E 15 -4.80 -55.45 18.28
N PHE E 16 -4.57 -56.57 18.97
CA PHE E 16 -5.66 -57.43 19.40
C PHE E 16 -6.58 -56.74 20.40
N ARG E 17 -6.11 -55.66 21.04
CA ARG E 17 -6.96 -54.87 21.91
C ARG E 17 -7.78 -53.85 21.12
N THR E 18 -7.16 -53.20 20.13
CA THR E 18 -7.86 -52.18 19.36
C THR E 18 -8.97 -52.77 18.50
N VAL E 19 -8.80 -54.01 18.04
CA VAL E 19 -9.85 -54.66 17.27
C VAL E 19 -11.08 -54.97 18.12
N LYS E 20 -10.92 -55.01 19.45
CA LYS E 20 -12.07 -55.22 20.32
C LYS E 20 -13.02 -54.03 20.27
N GLU E 21 -12.49 -52.83 20.51
CA GLU E 21 -13.32 -51.63 20.38
C GLU E 21 -13.72 -51.39 18.93
N MET E 22 -12.91 -51.86 17.98
CA MET E 22 -13.27 -51.73 16.56
C MET E 22 -14.52 -52.53 16.25
N VAL E 23 -14.70 -53.68 16.89
CA VAL E 23 -15.90 -54.48 16.68
C VAL E 23 -17.04 -53.96 17.54
N LYS E 24 -16.75 -53.53 18.77
CA LYS E 24 -17.79 -53.00 19.64
C LYS E 24 -18.41 -51.74 19.05
N ASP E 25 -17.58 -50.85 18.50
CA ASP E 25 -18.10 -49.64 17.87
C ASP E 25 -18.98 -49.97 16.67
N ARG E 26 -18.70 -51.06 15.98
CA ARG E 26 -19.57 -51.48 14.89
C ARG E 26 -20.94 -51.92 15.41
N GLY E 27 -20.98 -52.62 16.53
CA GLY E 27 -22.24 -52.98 17.15
C GLY E 27 -22.43 -54.47 17.40
N TYR E 28 -21.36 -55.24 17.29
CA TYR E 28 -21.44 -56.68 17.50
C TYR E 28 -21.28 -57.01 18.98
N PHE E 29 -21.71 -58.21 19.36
CA PHE E 29 -21.79 -58.62 20.75
C PHE E 29 -20.40 -59.00 21.24
N ILE E 30 -19.69 -58.02 21.80
CA ILE E 30 -18.39 -58.23 22.45
C ILE E 30 -18.42 -57.43 23.74
N THR E 31 -18.50 -58.12 24.88
CA THR E 31 -18.57 -57.44 26.16
C THR E 31 -17.21 -56.87 26.54
N GLN E 32 -17.16 -56.16 27.67
CA GLN E 32 -15.96 -55.46 28.09
C GLN E 32 -14.89 -56.38 28.65
N GLU E 33 -15.21 -57.66 28.89
CA GLU E 33 -14.22 -58.58 29.45
C GLU E 33 -13.10 -58.86 28.45
N GLU E 34 -13.45 -59.15 27.19
CA GLU E 34 -12.43 -59.39 26.19
C GLU E 34 -11.77 -58.09 25.74
N VAL E 35 -12.48 -56.96 25.84
CA VAL E 35 -11.91 -55.68 25.47
C VAL E 35 -10.79 -55.28 26.43
N GLU E 36 -11.10 -55.25 27.72
CA GLU E 36 -10.11 -54.91 28.74
C GLU E 36 -9.44 -56.18 29.27
N LEU E 37 -8.85 -56.93 28.33
CA LEU E 37 -8.19 -58.18 28.67
C LEU E 37 -6.75 -57.90 29.07
N PRO E 38 -6.31 -58.31 30.27
CA PRO E 38 -4.93 -58.03 30.69
C PRO E 38 -3.93 -58.79 29.85
N LEU E 39 -2.69 -58.31 29.90
CA LEU E 39 -1.60 -58.97 29.17
C LEU E 39 -1.27 -60.33 29.76
N GLU E 40 -1.52 -60.53 31.05
CA GLU E 40 -1.26 -61.82 31.67
C GLU E 40 -2.18 -62.90 31.10
N ASP E 41 -3.43 -62.54 30.79
CA ASP E 41 -4.33 -63.49 30.16
C ASP E 41 -4.07 -63.61 28.67
N PHE E 42 -3.58 -62.55 28.03
CA PHE E 42 -3.23 -62.63 26.62
C PHE E 42 -2.04 -63.55 26.40
N LYS E 43 -1.14 -63.64 27.38
CA LYS E 43 0.00 -64.54 27.27
C LYS E 43 -0.33 -65.94 27.77
N ALA E 44 -1.23 -66.05 28.75
CA ALA E 44 -1.55 -67.36 29.30
C ALA E 44 -2.45 -68.14 28.36
N LYS E 45 -3.36 -67.46 27.66
CA LYS E 45 -4.32 -68.14 26.81
C LYS E 45 -4.00 -68.03 25.32
N TYR E 46 -3.39 -66.92 24.89
CA TYR E 46 -3.09 -66.71 23.48
C TYR E 46 -1.61 -66.80 23.17
N CYS E 47 -0.84 -67.53 23.97
CA CYS E 47 0.58 -67.73 23.71
C CYS E 47 0.97 -69.15 24.13
N ASP E 48 2.03 -69.65 23.52
CA ASP E 48 2.51 -71.01 23.77
C ASP E 48 3.47 -71.02 24.96
N SER E 49 4.12 -72.16 25.18
CA SER E 49 5.06 -72.27 26.28
C SER E 49 6.40 -71.62 25.96
N MET E 50 6.86 -71.76 24.71
CA MET E 50 8.14 -71.18 24.31
C MET E 50 8.11 -69.66 24.30
N GLY E 51 6.93 -69.05 24.13
CA GLY E 51 6.83 -67.61 24.11
C GLY E 51 6.72 -67.05 22.70
N ARG E 52 6.05 -67.79 21.81
CA ARG E 52 5.86 -67.36 20.43
C ARG E 52 4.38 -67.20 20.15
N PRO E 53 3.89 -66.00 19.91
CA PRO E 53 2.45 -65.81 19.68
C PRO E 53 2.03 -66.35 18.32
N GLN E 54 0.97 -67.16 18.31
CA GLN E 54 0.41 -67.70 17.09
C GLN E 54 -0.84 -66.91 16.72
N ARG E 55 -0.96 -66.53 15.45
CA ARG E 55 -2.04 -65.68 14.98
C ARG E 55 -3.11 -66.43 14.21
N LYS E 56 -2.95 -67.75 14.03
CA LYS E 56 -3.96 -68.51 13.29
C LYS E 56 -5.23 -68.68 14.11
N MET E 57 -5.10 -69.12 15.36
CA MET E 57 -6.26 -69.34 16.21
C MET E 57 -6.83 -68.05 16.80
N MET E 58 -6.16 -66.92 16.61
CA MET E 58 -6.69 -65.65 17.09
C MET E 58 -7.97 -65.23 16.36
N SER E 59 -8.24 -65.84 15.21
CA SER E 59 -9.45 -65.52 14.46
C SER E 59 -10.69 -65.91 15.27
N PHE E 60 -11.75 -65.12 15.13
CA PHE E 60 -12.98 -65.37 15.86
C PHE E 60 -14.15 -64.77 15.07
N GLN E 61 -15.35 -65.06 15.55
CA GLN E 61 -16.59 -64.60 14.92
C GLN E 61 -17.31 -63.63 15.86
N ALA E 62 -18.01 -62.66 15.27
CA ALA E 62 -18.76 -61.66 16.03
C ALA E 62 -20.17 -61.58 15.49
N ASN E 63 -21.15 -61.69 16.38
CA ASN E 63 -22.56 -61.61 16.02
C ASN E 63 -23.16 -60.29 16.48
N PRO E 64 -24.08 -59.72 15.71
CA PRO E 64 -24.68 -58.43 16.10
C PRO E 64 -25.53 -58.57 17.36
N THR E 65 -25.71 -57.44 18.04
CA THR E 65 -26.51 -57.38 19.25
C THR E 65 -28.00 -57.25 18.90
N GLU E 66 -28.84 -57.24 19.92
CA GLU E 66 -30.26 -57.04 19.70
C GLU E 66 -30.56 -55.61 19.25
N GLU E 67 -29.80 -54.64 19.77
CA GLU E 67 -29.96 -53.26 19.31
C GLU E 67 -29.40 -53.08 17.91
N SER E 68 -28.31 -53.79 17.58
CA SER E 68 -27.74 -53.69 16.25
C SER E 68 -28.67 -54.30 15.20
N ILE E 69 -29.31 -55.42 15.53
CA ILE E 69 -30.26 -56.02 14.60
C ILE E 69 -31.48 -55.11 14.42
N SER E 70 -31.96 -54.52 15.51
CA SER E 70 -33.08 -53.59 15.42
C SER E 70 -32.67 -52.30 14.70
N LYS E 71 -31.38 -52.00 14.61
CA LYS E 71 -30.94 -50.83 13.87
C LYS E 71 -31.22 -51.00 12.38
N PHE E 72 -30.64 -52.03 11.76
CA PHE E 72 -31.04 -52.45 10.43
C PHE E 72 -30.82 -53.96 10.38
N PRO E 73 -31.85 -54.73 10.01
CA PRO E 73 -31.78 -56.19 10.13
C PRO E 73 -30.83 -56.87 9.14
N ASP E 74 -30.20 -56.13 8.23
CA ASP E 74 -29.34 -56.72 7.22
C ASP E 74 -27.92 -57.01 7.74
N MET E 75 -27.71 -56.99 9.05
CA MET E 75 -26.39 -57.20 9.62
C MET E 75 -26.06 -58.69 9.58
N GLY E 76 -25.13 -59.06 8.70
CA GLY E 76 -24.62 -60.41 8.66
C GLY E 76 -23.61 -60.67 9.75
N SER E 77 -23.07 -61.89 9.75
CA SER E 77 -22.06 -62.27 10.72
C SER E 77 -20.71 -61.67 10.37
N LEU E 78 -19.96 -61.32 11.41
CA LEU E 78 -18.63 -60.72 11.25
C LEU E 78 -17.55 -61.76 11.52
N TRP E 79 -16.48 -61.70 10.74
CA TRP E 79 -15.35 -62.61 10.89
C TRP E 79 -14.05 -61.83 10.92
N VAL E 80 -13.13 -62.28 11.78
CA VAL E 80 -11.83 -61.64 11.93
C VAL E 80 -10.76 -62.67 11.55
N GLU E 81 -9.64 -62.19 11.01
CA GLU E 81 -8.56 -63.06 10.56
C GLU E 81 -7.22 -62.43 10.84
N PHE E 82 -6.39 -63.12 11.60
CA PHE E 82 -4.98 -62.82 11.74
C PHE E 82 -4.16 -63.91 11.07
N CYS E 83 -2.93 -63.59 10.70
CA CYS E 83 -2.05 -64.54 10.03
C CYS E 83 -0.64 -64.45 10.58
N ASP E 84 0.01 -65.60 10.72
CA ASP E 84 1.35 -65.66 11.28
C ASP E 84 2.41 -65.36 10.23
N GLU E 85 2.16 -65.71 8.97
CA GLU E 85 3.14 -65.48 7.92
C GLU E 85 3.33 -63.99 7.69
N PRO E 86 4.57 -63.48 7.70
CA PRO E 86 4.79 -62.05 7.49
C PRO E 86 4.41 -61.60 6.08
N SER E 87 4.89 -62.33 5.07
CA SER E 87 4.58 -62.05 3.68
C SER E 87 3.33 -62.83 3.31
N VAL E 88 2.18 -62.17 3.43
CA VAL E 88 0.89 -62.82 3.17
C VAL E 88 0.71 -63.02 1.67
N GLY E 89 0.90 -64.25 1.21
CA GLY E 89 0.78 -64.55 -0.20
C GLY E 89 -0.67 -64.79 -0.62
N VAL E 90 -0.84 -64.98 -1.93
CA VAL E 90 -2.17 -65.20 -2.50
C VAL E 90 -2.74 -66.54 -2.06
N LYS E 91 -1.90 -67.47 -1.62
CA LYS E 91 -2.39 -68.78 -1.20
C LYS E 91 -3.31 -68.68 0.01
N THR E 92 -3.15 -67.64 0.83
CA THR E 92 -4.06 -67.40 1.94
C THR E 92 -5.24 -66.52 1.55
N MET E 93 -5.11 -65.71 0.50
CA MET E 93 -6.25 -64.93 0.01
C MET E 93 -7.33 -65.83 -0.57
N LYS E 94 -6.93 -66.83 -1.37
CA LYS E 94 -7.90 -67.78 -1.90
C LYS E 94 -8.59 -68.55 -0.78
N THR E 95 -7.81 -69.00 0.20
CA THR E 95 -8.39 -69.74 1.33
C THR E 95 -9.34 -68.87 2.13
N PHE E 96 -9.04 -67.58 2.27
CA PHE E 96 -9.89 -66.70 3.06
C PHE E 96 -11.15 -66.30 2.30
N VAL E 97 -11.04 -66.06 0.99
CA VAL E 97 -12.22 -65.74 0.19
C VAL E 97 -13.18 -66.93 0.16
N ILE E 98 -12.63 -68.14 -0.01
CA ILE E 98 -13.48 -69.34 0.04
C ILE E 98 -14.04 -69.55 1.44
N HIS E 99 -13.27 -69.17 2.46
CA HIS E 99 -13.75 -69.29 3.84
C HIS E 99 -14.96 -68.40 4.08
N ILE E 100 -15.03 -67.25 3.39
CA ILE E 100 -16.21 -66.39 3.52
C ILE E 100 -17.36 -66.92 2.67
N GLN E 101 -17.07 -67.37 1.45
CA GLN E 101 -18.12 -67.84 0.56
C GLN E 101 -18.84 -69.06 1.12
N GLU E 102 -18.07 -70.03 1.62
CA GLU E 102 -18.67 -71.25 2.14
C GLU E 102 -19.42 -71.00 3.45
N LYS E 103 -18.83 -70.22 4.35
CA LYS E 103 -19.45 -69.89 5.62
C LYS E 103 -20.42 -68.72 5.53
N ASN E 104 -20.79 -68.32 4.31
CA ASN E 104 -21.76 -67.26 4.01
C ASN E 104 -21.62 -66.03 4.91
N PHE E 105 -20.40 -65.62 5.21
CA PHE E 105 -20.19 -64.39 5.97
C PHE E 105 -20.50 -63.18 5.11
N GLN E 106 -21.00 -62.13 5.77
CA GLN E 106 -21.31 -60.87 5.10
C GLN E 106 -20.20 -59.85 5.21
N THR E 107 -19.44 -59.86 6.31
CA THR E 107 -18.34 -58.92 6.51
C THR E 107 -17.19 -59.64 7.18
N GLY E 108 -16.00 -59.53 6.60
CA GLY E 108 -14.82 -60.16 7.17
C GLY E 108 -13.59 -59.28 7.09
N ILE E 109 -12.97 -59.02 8.24
CA ILE E 109 -11.81 -58.14 8.33
C ILE E 109 -10.55 -59.00 8.33
N PHE E 110 -9.54 -58.57 7.58
CA PHE E 110 -8.28 -59.28 7.48
C PHE E 110 -7.14 -58.32 7.86
N VAL E 111 -6.23 -58.79 8.71
CA VAL E 111 -5.12 -57.99 9.20
C VAL E 111 -3.82 -58.59 8.67
N TYR E 112 -2.99 -57.74 8.05
CA TYR E 112 -1.73 -58.17 7.49
C TYR E 112 -0.61 -58.03 8.52
N GLN E 113 0.61 -58.37 8.12
CA GLN E 113 1.77 -58.27 8.98
C GLN E 113 2.80 -57.28 8.45
N ASN E 114 3.24 -57.43 7.20
CA ASN E 114 4.20 -56.51 6.60
C ASN E 114 3.64 -55.77 5.40
N ASN E 115 3.08 -56.48 4.43
CA ASN E 115 2.58 -55.85 3.20
C ASN E 115 1.57 -56.80 2.56
N ILE E 116 1.13 -56.45 1.36
CA ILE E 116 0.15 -57.23 0.61
C ILE E 116 0.72 -57.53 -0.77
N THR E 117 0.35 -58.69 -1.31
CA THR E 117 0.75 -59.05 -2.66
C THR E 117 -0.03 -58.24 -3.68
N PRO E 118 0.63 -57.60 -4.66
CA PRO E 118 -0.13 -56.84 -5.67
C PRO E 118 -1.14 -57.67 -6.41
N SER E 119 -0.84 -58.93 -6.72
CA SER E 119 -1.81 -59.80 -7.35
C SER E 119 -2.98 -60.13 -6.42
N ALA E 120 -2.71 -60.18 -5.11
CA ALA E 120 -3.78 -60.41 -4.15
C ALA E 120 -4.70 -59.21 -3.99
N MET E 121 -4.22 -58.00 -4.34
CA MET E 121 -5.04 -56.80 -4.22
C MET E 121 -6.22 -56.79 -5.18
N LYS E 122 -6.22 -57.68 -6.18
CA LYS E 122 -7.34 -57.80 -7.10
C LYS E 122 -8.40 -58.78 -6.62
N LEU E 123 -8.20 -59.39 -5.44
CA LEU E 123 -9.12 -60.39 -4.92
C LEU E 123 -10.06 -59.85 -3.86
N VAL E 124 -9.99 -58.56 -3.53
CA VAL E 124 -10.86 -57.99 -2.51
C VAL E 124 -12.21 -57.57 -3.09
N PRO E 125 -12.32 -57.05 -4.36
CA PRO E 125 -13.64 -56.87 -4.99
C PRO E 125 -14.08 -58.09 -5.79
N SER E 126 -14.08 -59.25 -5.15
CA SER E 126 -14.33 -60.51 -5.83
C SER E 126 -15.64 -61.18 -5.47
N ILE E 127 -16.10 -61.07 -4.23
CA ILE E 127 -17.29 -61.78 -3.79
C ILE E 127 -18.38 -60.80 -3.38
N PRO E 128 -19.30 -60.44 -4.28
CA PRO E 128 -20.45 -59.64 -3.89
C PRO E 128 -21.56 -60.52 -3.31
N PRO E 129 -22.36 -59.99 -2.37
CA PRO E 129 -22.25 -58.66 -1.80
C PRO E 129 -21.40 -58.63 -0.53
N ALA E 130 -20.58 -59.65 -0.34
CA ALA E 130 -19.73 -59.72 0.85
C ALA E 130 -18.74 -58.56 0.87
N THR E 131 -18.40 -58.11 2.08
CA THR E 131 -17.53 -56.96 2.28
C THR E 131 -16.27 -57.40 3.02
N ILE E 132 -15.12 -56.98 2.51
CA ILE E 132 -13.83 -57.28 3.12
C ILE E 132 -13.11 -55.96 3.38
N GLU E 133 -12.32 -55.94 4.45
CA GLU E 133 -11.62 -54.74 4.90
C GLU E 133 -10.12 -54.93 4.79
N THR E 134 -9.37 -53.94 5.27
CA THR E 134 -7.92 -53.94 5.18
C THR E 134 -7.35 -53.24 6.40
N PHE E 135 -6.51 -53.96 7.14
CA PHE E 135 -5.89 -53.41 8.34
C PHE E 135 -4.48 -54.00 8.50
N ASN E 136 -3.60 -53.22 9.11
CA ASN E 136 -2.24 -53.64 9.38
C ASN E 136 -2.01 -53.72 10.89
N GLU E 137 -0.97 -54.46 11.27
CA GLU E 137 -0.63 -54.57 12.69
C GLU E 137 -0.08 -53.26 13.24
N ALA E 138 0.56 -52.45 12.41
CA ALA E 138 1.07 -51.16 12.85
C ALA E 138 -0.01 -50.09 12.81
N ALA E 139 -0.96 -50.20 11.90
CA ALA E 139 -2.04 -49.22 11.78
C ALA E 139 -3.10 -49.38 12.88
N LEU E 140 -3.03 -50.43 13.68
CA LEU E 140 -4.00 -50.66 14.75
C LEU E 140 -3.32 -50.77 16.11
N VAL E 141 -2.14 -50.16 16.26
CA VAL E 141 -1.47 -50.17 17.56
C VAL E 141 -2.25 -49.32 18.55
N VAL E 142 -2.79 -48.19 18.11
CA VAL E 142 -3.54 -47.28 18.96
C VAL E 142 -4.85 -46.94 18.26
N ASN E 143 -5.96 -47.10 18.99
CA ASN E 143 -7.27 -46.74 18.44
C ASN E 143 -7.36 -45.23 18.30
N ILE E 144 -7.70 -44.77 17.10
CA ILE E 144 -7.74 -43.33 16.84
C ILE E 144 -8.93 -42.69 17.53
N THR E 145 -10.05 -43.43 17.66
CA THR E 145 -11.25 -42.86 18.25
C THR E 145 -11.11 -42.57 19.74
N HIS E 146 -10.04 -43.03 20.38
CA HIS E 146 -9.80 -42.78 21.79
C HIS E 146 -9.01 -41.49 22.02
N HIS E 147 -8.67 -40.76 20.97
CA HIS E 147 -7.94 -39.51 21.12
C HIS E 147 -8.89 -38.41 21.63
N GLU E 148 -8.32 -37.24 21.92
CA GLU E 148 -9.08 -36.14 22.50
C GLU E 148 -9.74 -35.26 21.45
N LEU E 149 -9.07 -35.02 20.32
CA LEU E 149 -9.57 -34.07 19.33
C LEU E 149 -10.56 -34.68 18.35
N VAL E 150 -10.74 -36.00 18.37
CA VAL E 150 -11.68 -36.68 17.48
C VAL E 150 -12.96 -36.95 18.26
N PRO E 151 -14.10 -36.44 17.83
CA PRO E 151 -15.36 -36.75 18.53
C PRO E 151 -15.85 -38.17 18.24
N LYS E 152 -17.04 -38.50 18.74
CA LYS E 152 -17.57 -39.86 18.63
C LYS E 152 -18.22 -40.06 17.27
N HIS E 153 -17.56 -40.81 16.39
CA HIS E 153 -18.13 -41.17 15.10
C HIS E 153 -19.11 -42.33 15.28
N ILE E 154 -20.37 -42.12 14.90
CA ILE E 154 -21.40 -43.15 14.96
C ILE E 154 -22.25 -43.04 13.70
N ARG E 155 -22.31 -44.12 12.93
CA ARG E 155 -23.05 -44.11 11.67
C ARG E 155 -24.55 -44.12 11.93
N LEU E 156 -25.30 -43.58 10.96
CA LEU E 156 -26.75 -43.51 11.03
C LEU E 156 -27.35 -44.76 10.38
N SER E 157 -28.68 -44.79 10.28
CA SER E 157 -29.40 -45.89 9.66
C SER E 157 -30.08 -45.40 8.38
N SER E 158 -30.67 -46.35 7.65
CA SER E 158 -31.37 -46.01 6.42
C SER E 158 -32.61 -45.17 6.67
N ASP E 159 -33.19 -45.24 7.86
CA ASP E 159 -34.34 -44.41 8.21
C ASP E 159 -33.91 -43.06 8.78
N GLU E 160 -32.84 -43.04 9.58
CA GLU E 160 -32.37 -41.77 10.14
C GLU E 160 -31.82 -40.85 9.06
N LYS E 161 -31.20 -41.42 8.02
CA LYS E 161 -30.74 -40.60 6.90
C LYS E 161 -31.92 -40.08 6.08
N ARG E 162 -33.01 -40.85 6.01
CA ARG E 162 -34.21 -40.38 5.33
C ARG E 162 -34.85 -39.21 6.08
N GLU E 163 -34.87 -39.29 7.41
CA GLU E 163 -35.37 -38.17 8.21
C GLU E 163 -34.41 -36.99 8.18
N LEU E 164 -33.13 -37.23 7.90
CA LEU E 164 -32.20 -36.12 7.73
C LEU E 164 -32.47 -35.37 6.42
N LEU E 165 -32.54 -36.11 5.32
CA LEU E 165 -32.87 -35.51 4.03
C LEU E 165 -34.27 -34.91 4.01
N LYS E 166 -35.14 -35.35 4.91
CA LYS E 166 -36.45 -34.72 5.06
C LYS E 166 -36.37 -33.51 5.99
N ARG E 167 -35.42 -33.49 6.92
CA ARG E 167 -35.29 -32.38 7.85
C ARG E 167 -34.77 -31.13 7.16
N TYR E 168 -33.63 -31.24 6.49
CA TYR E 168 -32.97 -30.09 5.86
C TYR E 168 -33.24 -30.00 4.36
N ARG E 169 -33.95 -30.98 3.78
CA ARG E 169 -34.26 -30.99 2.35
C ARG E 169 -32.99 -30.93 1.50
N LEU E 170 -32.18 -31.96 1.63
CA LEU E 170 -30.87 -32.02 0.99
C LEU E 170 -30.76 -33.24 0.10
N LYS E 171 -29.79 -33.19 -0.81
CA LYS E 171 -29.42 -34.33 -1.64
C LYS E 171 -28.18 -35.01 -1.05
N GLU E 172 -27.98 -36.28 -1.41
CA GLU E 172 -26.89 -37.06 -0.85
C GLU E 172 -25.52 -36.46 -1.16
N SER E 173 -25.41 -35.64 -2.20
CA SER E 173 -24.14 -35.05 -2.60
C SER E 173 -23.93 -33.64 -2.05
N GLN E 174 -24.95 -33.03 -1.46
CA GLN E 174 -24.85 -31.66 -0.96
C GLN E 174 -24.34 -31.58 0.47
N LEU E 175 -24.19 -32.70 1.16
CA LEU E 175 -23.71 -32.70 2.53
C LEU E 175 -22.18 -32.64 2.56
N PRO E 176 -21.60 -32.22 3.69
CA PRO E 176 -20.13 -32.26 3.82
C PRO E 176 -19.60 -33.67 3.59
N ARG E 177 -18.78 -33.81 2.56
CA ARG E 177 -18.29 -35.11 2.13
C ARG E 177 -16.99 -35.45 2.85
N ILE E 178 -16.85 -36.73 3.21
CA ILE E 178 -15.65 -37.26 3.84
C ILE E 178 -15.18 -38.47 3.03
N GLN E 179 -13.89 -38.51 2.72
CA GLN E 179 -13.34 -39.64 1.98
C GLN E 179 -13.46 -40.92 2.78
N ARG E 180 -13.62 -42.04 2.07
CA ARG E 180 -13.71 -43.35 2.69
C ARG E 180 -12.37 -44.07 2.72
N ALA E 181 -11.26 -43.34 2.61
CA ALA E 181 -9.93 -43.91 2.66
C ALA E 181 -9.17 -43.53 3.92
N ASP E 182 -9.77 -42.76 4.82
CA ASP E 182 -9.14 -42.38 6.06
C ASP E 182 -9.36 -43.45 7.13
N PRO E 183 -8.49 -43.52 8.14
CA PRO E 183 -8.65 -44.56 9.18
C PRO E 183 -9.96 -44.49 9.94
N VAL E 184 -10.70 -43.38 9.86
CA VAL E 184 -12.00 -43.30 10.52
C VAL E 184 -13.04 -44.11 9.76
N ALA E 185 -13.14 -43.90 8.45
CA ALA E 185 -14.08 -44.67 7.65
C ALA E 185 -13.71 -46.14 7.64
N LEU E 186 -12.40 -46.44 7.63
CA LEU E 186 -11.96 -47.83 7.72
C LEU E 186 -12.30 -48.43 9.08
N TYR E 187 -12.26 -47.62 10.13
CA TYR E 187 -12.54 -48.11 11.48
C TYR E 187 -14.00 -48.54 11.61
N LEU E 188 -14.93 -47.68 11.20
CA LEU E 188 -16.35 -48.00 11.28
C LEU E 188 -16.83 -48.89 10.15
N GLY E 189 -16.02 -49.08 9.11
CA GLY E 189 -16.45 -49.87 7.96
C GLY E 189 -17.57 -49.20 7.20
N LEU E 190 -17.30 -47.99 6.70
CA LEU E 190 -18.33 -47.18 6.06
C LEU E 190 -18.52 -47.60 4.60
N LYS E 191 -19.77 -47.59 4.16
CA LYS E 191 -20.12 -47.85 2.77
C LYS E 191 -20.71 -46.59 2.15
N ARG E 192 -20.49 -46.42 0.85
CA ARG E 192 -20.96 -45.22 0.16
C ARG E 192 -22.47 -45.11 0.25
N GLY E 193 -22.96 -43.94 0.65
CA GLY E 193 -24.38 -43.64 0.71
C GLY E 193 -24.87 -43.32 2.12
N GLU E 194 -24.22 -43.86 3.14
CA GLU E 194 -24.67 -43.67 4.51
C GLU E 194 -24.07 -42.40 5.11
N VAL E 195 -24.80 -41.80 6.03
CA VAL E 195 -24.38 -40.57 6.71
C VAL E 195 -23.90 -40.93 8.11
N VAL E 196 -22.85 -40.24 8.56
CA VAL E 196 -22.20 -40.52 9.84
C VAL E 196 -22.54 -39.39 10.80
N LYS E 197 -23.08 -39.75 11.97
CA LYS E 197 -23.36 -38.78 13.02
C LYS E 197 -22.15 -38.60 13.91
N ILE E 198 -21.93 -37.37 14.36
CA ILE E 198 -20.83 -37.05 15.26
C ILE E 198 -21.23 -35.87 16.13
N ILE E 199 -20.69 -35.83 17.34
CA ILE E 199 -20.99 -34.78 18.32
C ILE E 199 -19.66 -34.09 18.65
N ARG E 200 -19.40 -32.97 17.98
CA ARG E 200 -18.16 -32.23 18.21
C ARG E 200 -18.28 -31.39 19.47
N LYS E 201 -17.17 -31.27 20.20
CA LYS E 201 -17.12 -30.50 21.43
C LYS E 201 -16.52 -29.13 21.15
N SER E 202 -17.37 -28.21 20.72
CA SER E 202 -16.94 -26.83 20.50
C SER E 202 -16.71 -26.15 21.85
N GLU E 203 -15.67 -25.31 21.91
CA GLU E 203 -15.32 -24.63 23.15
C GLU E 203 -16.38 -23.61 23.55
N THR E 204 -17.16 -23.11 22.60
CA THR E 204 -18.18 -22.09 22.87
C THR E 204 -19.56 -22.67 23.12
N SER E 205 -19.93 -23.75 22.42
CA SER E 205 -21.27 -24.32 22.51
C SER E 205 -21.30 -25.68 23.21
N GLY E 206 -20.16 -26.17 23.69
CA GLY E 206 -20.13 -27.48 24.31
C GLY E 206 -20.39 -28.60 23.32
N ARG E 207 -21.49 -29.32 23.50
CA ARG E 207 -21.86 -30.39 22.59
C ARG E 207 -22.58 -29.82 21.37
N TYR E 208 -22.26 -30.37 20.20
CA TYR E 208 -22.83 -29.89 18.95
C TYR E 208 -22.88 -31.04 17.95
N ALA E 209 -24.04 -31.19 17.30
CA ALA E 209 -24.25 -32.27 16.35
C ALA E 209 -23.81 -31.87 14.96
N SER E 210 -23.21 -32.80 14.23
CA SER E 210 -22.80 -32.59 12.85
C SER E 210 -22.74 -33.93 12.14
N TYR E 211 -23.03 -33.93 10.85
CA TYR E 211 -23.02 -35.14 10.04
C TYR E 211 -22.02 -35.01 8.91
N ARG E 212 -21.50 -36.16 8.48
CA ARG E 212 -20.57 -36.23 7.35
C ARG E 212 -20.86 -37.51 6.58
N ILE E 213 -21.21 -37.37 5.30
CA ILE E 213 -21.52 -38.52 4.46
C ILE E 213 -20.25 -38.97 3.75
N CYS E 214 -20.00 -40.28 3.77
CA CYS E 214 -18.78 -40.85 3.20
C CYS E 214 -18.98 -41.16 1.72
N MET E 215 -17.95 -40.86 0.93
CA MET E 215 -17.97 -41.16 -0.50
C MET E 215 -16.67 -41.83 -0.92
N PRO F 55 -49.18 -24.53 -29.71
CA PRO F 55 -50.33 -24.57 -28.81
C PRO F 55 -50.40 -25.86 -28.00
N GLU F 56 -49.38 -26.70 -28.13
CA GLU F 56 -49.33 -27.98 -27.42
C GLU F 56 -48.06 -28.10 -26.60
N ASP F 57 -46.95 -27.54 -27.10
CA ASP F 57 -45.67 -27.70 -26.43
C ASP F 57 -45.63 -26.92 -25.11
N PHE F 58 -45.97 -25.63 -25.15
CA PHE F 58 -45.94 -24.84 -23.93
C PHE F 58 -47.10 -25.15 -22.99
N GLN F 59 -48.13 -25.87 -23.45
CA GLN F 59 -49.19 -26.31 -22.54
C GLN F 59 -48.65 -27.32 -21.54
N GLN F 60 -47.90 -28.30 -22.02
CA GLN F 60 -47.22 -29.22 -21.10
C GLN F 60 -46.17 -28.48 -20.29
N HIS F 61 -45.48 -27.52 -20.91
CA HIS F 61 -44.50 -26.71 -20.18
C HIS F 61 -45.18 -25.86 -19.10
N GLU F 62 -46.37 -25.35 -19.39
CA GLU F 62 -47.12 -24.60 -18.39
C GLU F 62 -47.56 -25.49 -17.24
N GLN F 63 -48.04 -26.69 -17.55
CA GLN F 63 -48.42 -27.63 -16.49
C GLN F 63 -47.21 -28.09 -15.70
N ILE F 64 -46.03 -28.14 -16.33
CA ILE F 64 -44.81 -28.43 -15.58
C ILE F 64 -44.46 -27.26 -14.66
N ARG F 65 -44.65 -26.02 -15.14
CA ARG F 65 -44.39 -24.86 -14.29
C ARG F 65 -45.32 -24.84 -13.09
N ARG F 66 -46.61 -25.10 -13.31
CA ARG F 66 -47.56 -25.06 -12.21
C ARG F 66 -47.37 -26.24 -11.26
N LYS F 67 -47.06 -27.42 -11.79
CA LYS F 67 -46.88 -28.58 -10.93
C LYS F 67 -45.61 -28.46 -10.10
N THR F 68 -44.51 -28.01 -10.71
CA THR F 68 -43.27 -27.84 -9.94
C THR F 68 -43.40 -26.72 -8.93
N LEU F 69 -44.06 -25.62 -9.29
CA LEU F 69 -44.26 -24.53 -8.35
C LEU F 69 -45.13 -24.97 -7.18
N LYS F 70 -46.20 -25.72 -7.45
CA LYS F 70 -47.04 -26.23 -6.38
C LYS F 70 -46.29 -27.27 -5.55
N GLU F 71 -45.34 -27.98 -6.16
CA GLU F 71 -44.56 -28.95 -5.40
C GLU F 71 -43.56 -28.24 -4.48
N LYS F 72 -42.98 -27.13 -4.95
CA LYS F 72 -42.08 -26.37 -4.10
C LYS F 72 -42.83 -25.63 -3.01
N ALA F 73 -44.08 -25.25 -3.26
CA ALA F 73 -44.88 -24.52 -2.28
C ALA F 73 -45.20 -25.42 -1.10
N ILE F 74 -44.77 -25.01 0.09
CA ILE F 74 -45.05 -25.74 1.32
C ILE F 74 -46.36 -25.20 1.91
N PRO F 75 -47.24 -26.06 2.42
CA PRO F 75 -48.52 -25.56 2.94
C PRO F 75 -48.39 -24.62 4.13
N LYS F 76 -49.52 -24.07 4.58
CA LYS F 76 -49.50 -23.05 5.61
C LYS F 76 -49.10 -23.63 6.98
N ASP F 77 -49.61 -24.80 7.31
CA ASP F 77 -49.39 -25.38 8.63
C ASP F 77 -48.06 -26.11 8.76
N GLN F 78 -47.28 -26.22 7.69
CA GLN F 78 -46.03 -26.97 7.72
C GLN F 78 -44.80 -26.09 7.84
N ARG F 79 -44.94 -24.77 7.71
CA ARG F 79 -43.79 -23.88 7.82
C ARG F 79 -43.19 -23.94 9.21
N ALA F 80 -41.87 -24.15 9.28
CA ALA F 80 -41.14 -24.33 10.52
C ALA F 80 -39.89 -23.47 10.55
N THR F 81 -40.04 -22.20 10.18
CA THR F 81 -38.94 -21.24 10.21
C THR F 81 -39.17 -20.22 11.32
N THR F 82 -38.26 -19.27 11.43
CA THR F 82 -38.35 -18.28 12.49
C THR F 82 -39.53 -17.36 12.26
N PRO F 83 -40.32 -17.06 13.29
CA PRO F 83 -41.47 -16.16 13.13
C PRO F 83 -41.18 -14.69 13.38
N TYR F 84 -39.93 -14.31 13.61
CA TYR F 84 -39.57 -12.93 13.91
C TYR F 84 -39.15 -12.21 12.64
N MET F 85 -39.49 -10.92 12.57
CA MET F 85 -39.13 -10.10 11.41
C MET F 85 -37.63 -9.89 11.35
N THR F 86 -37.00 -10.42 10.30
CA THR F 86 -35.56 -10.23 10.13
C THR F 86 -35.25 -8.80 9.74
N LYS F 87 -34.04 -8.36 10.07
CA LYS F 87 -33.62 -7.00 9.72
C LYS F 87 -33.42 -6.85 8.21
N TYR F 88 -33.17 -7.94 7.49
CA TYR F 88 -33.07 -7.86 6.04
C TYR F 88 -34.46 -7.69 5.40
N GLU F 89 -35.42 -8.50 5.85
CA GLU F 89 -36.79 -8.29 5.41
C GLU F 89 -37.33 -6.95 5.88
N ARG F 90 -36.87 -6.47 7.03
CA ARG F 90 -37.27 -5.14 7.49
C ARG F 90 -36.65 -4.06 6.63
N ALA F 91 -35.36 -4.19 6.29
CA ALA F 91 -34.73 -3.23 5.41
C ALA F 91 -35.31 -3.29 4.00
N ARG F 92 -35.86 -4.45 3.61
CA ARG F 92 -36.47 -4.59 2.30
C ARG F 92 -37.95 -4.20 2.30
N ILE F 93 -38.65 -4.35 3.42
CA ILE F 93 -40.03 -3.86 3.46
C ILE F 93 -40.04 -2.34 3.58
N LEU F 94 -39.03 -1.75 4.25
CA LEU F 94 -38.94 -0.29 4.28
C LEU F 94 -38.43 0.26 2.96
N GLY F 95 -37.57 -0.50 2.27
CA GLY F 95 -37.05 -0.07 0.99
C GLY F 95 -38.04 -0.24 -0.15
N THR F 96 -38.71 -1.40 -0.19
CA THR F 96 -39.68 -1.64 -1.25
C THR F 96 -40.93 -0.78 -1.08
N ARG F 97 -41.41 -0.62 0.15
CA ARG F 97 -42.61 0.18 0.38
C ARG F 97 -42.35 1.68 0.15
N ALA F 98 -41.19 2.19 0.56
CA ALA F 98 -40.85 3.57 0.27
C ALA F 98 -40.72 3.78 -1.24
N LEU F 99 -40.08 2.84 -1.92
CA LEU F 99 -40.01 2.90 -3.38
C LEU F 99 -41.37 2.59 -4.01
N GLN F 100 -42.25 1.88 -3.29
CA GLN F 100 -43.60 1.63 -3.78
C GLN F 100 -44.46 2.88 -3.64
N ILE F 101 -44.47 3.49 -2.45
CA ILE F 101 -45.28 4.68 -2.22
C ILE F 101 -44.75 5.87 -3.01
N SER F 102 -43.48 5.83 -3.44
CA SER F 102 -42.93 6.91 -4.24
C SER F 102 -43.60 7.02 -5.61
N MET F 103 -44.27 5.96 -6.06
CA MET F 103 -44.98 5.95 -7.33
C MET F 103 -46.46 6.31 -7.19
N ASN F 104 -46.81 7.08 -6.15
CA ASN F 104 -48.19 7.49 -5.88
C ASN F 104 -49.09 6.27 -5.69
N ALA F 105 -48.77 5.47 -4.68
CA ALA F 105 -49.53 4.29 -4.33
C ALA F 105 -50.64 4.65 -3.35
N PRO F 106 -51.71 3.84 -3.28
CA PRO F 106 -52.77 4.10 -2.30
C PRO F 106 -52.25 3.93 -0.88
N VAL F 107 -52.42 4.96 -0.07
CA VAL F 107 -51.91 4.98 1.30
C VAL F 107 -52.95 4.34 2.22
N PHE F 108 -52.45 3.64 3.25
CA PHE F 108 -53.31 2.98 4.22
C PHE F 108 -53.14 3.54 5.63
N VAL F 109 -52.49 4.69 5.78
CA VAL F 109 -52.27 5.31 7.08
C VAL F 109 -52.29 6.82 6.90
N ASP F 110 -52.49 7.53 8.00
CA ASP F 110 -52.59 8.99 7.97
C ASP F 110 -51.21 9.61 7.83
N LEU F 111 -51.07 10.52 6.88
CA LEU F 111 -49.82 11.24 6.64
C LEU F 111 -50.06 12.73 6.85
N GLU F 112 -49.32 13.32 7.79
CA GLU F 112 -49.49 14.72 8.15
C GLU F 112 -48.14 15.44 8.00
N GLY F 113 -48.00 16.21 6.93
CA GLY F 113 -46.83 17.05 6.75
C GLY F 113 -45.52 16.29 6.62
N GLU F 114 -45.55 15.03 6.22
CA GLU F 114 -44.35 14.23 6.07
C GLU F 114 -43.99 14.12 4.60
N THR F 115 -42.68 14.12 4.31
CA THR F 115 -42.19 14.10 2.94
C THR F 115 -41.18 13.00 2.66
N ASP F 116 -40.61 12.36 3.67
CA ASP F 116 -39.61 11.32 3.46
C ASP F 116 -40.29 9.98 3.25
N PRO F 117 -40.25 9.41 2.05
CA PRO F 117 -40.91 8.11 1.83
C PRO F 117 -40.32 6.99 2.66
N LEU F 118 -39.04 7.08 3.02
CA LEU F 118 -38.43 6.05 3.87
C LEU F 118 -39.08 6.01 5.24
N ARG F 119 -39.28 7.18 5.86
CA ARG F 119 -39.94 7.23 7.15
C ARG F 119 -41.43 6.92 7.03
N ILE F 120 -42.03 7.18 5.86
CA ILE F 120 -43.41 6.81 5.63
C ILE F 120 -43.57 5.30 5.72
N ALA F 121 -42.63 4.56 5.11
CA ALA F 121 -42.66 3.10 5.22
C ALA F 121 -42.41 2.64 6.64
N MET F 122 -41.63 3.41 7.41
CA MET F 122 -41.41 3.06 8.81
C MET F 122 -42.69 3.20 9.62
N LYS F 123 -43.53 4.19 9.28
CA LYS F 123 -44.82 4.31 9.94
C LYS F 123 -45.79 3.25 9.45
N GLU F 124 -45.69 2.87 8.18
CA GLU F 124 -46.53 1.80 7.65
C GLU F 124 -46.23 0.48 8.36
N LEU F 125 -44.95 0.17 8.53
CA LEU F 125 -44.57 -1.04 9.27
C LEU F 125 -44.88 -0.92 10.75
N ALA F 126 -44.87 0.30 11.29
CA ALA F 126 -45.20 0.50 12.69
C ALA F 126 -46.67 0.22 12.97
N GLU F 127 -47.54 0.44 11.98
CA GLU F 127 -48.97 0.20 12.14
C GLU F 127 -49.44 -1.03 11.38
N LYS F 128 -48.56 -1.68 10.61
CA LYS F 128 -48.87 -2.90 9.88
C LYS F 128 -50.06 -2.70 8.93
N LYS F 129 -49.85 -1.81 7.95
CA LYS F 129 -50.85 -1.47 6.95
C LYS F 129 -50.25 -1.52 5.55
N ILE F 130 -49.49 -2.57 5.26
CA ILE F 130 -48.86 -2.77 3.96
C ILE F 130 -49.37 -4.07 3.38
N PRO F 131 -49.82 -4.10 2.09
CA PRO F 131 -50.20 -5.37 1.44
C PRO F 131 -49.01 -6.06 0.79
N LEU F 132 -48.14 -6.62 1.63
CA LEU F 132 -46.91 -7.24 1.14
C LEU F 132 -46.61 -8.47 1.96
N VAL F 133 -46.11 -9.51 1.29
CA VAL F 133 -45.79 -10.79 1.92
C VAL F 133 -44.37 -11.18 1.50
N ILE F 134 -43.59 -11.65 2.48
CA ILE F 134 -42.21 -12.04 2.22
C ILE F 134 -42.17 -13.44 1.62
N ARG F 135 -41.39 -13.61 0.56
CA ARG F 135 -41.23 -14.89 -0.11
C ARG F 135 -39.86 -15.45 0.29
N ARG F 136 -39.84 -16.25 1.36
CA ARG F 136 -38.61 -16.82 1.89
C ARG F 136 -38.29 -18.10 1.16
N TYR F 137 -37.16 -18.12 0.45
CA TYR F 137 -36.75 -19.26 -0.34
C TYR F 137 -35.89 -20.23 0.49
N LEU F 138 -35.92 -21.50 0.09
CA LEU F 138 -35.05 -22.53 0.64
C LEU F 138 -34.00 -22.91 -0.40
N PRO F 139 -32.81 -23.33 0.04
CA PRO F 139 -31.78 -23.74 -0.93
C PRO F 139 -32.19 -24.94 -1.78
N ASP F 140 -33.11 -25.77 -1.31
CA ASP F 140 -33.61 -26.88 -2.11
C ASP F 140 -34.59 -26.42 -3.19
N GLY F 141 -35.25 -25.29 -3.00
CA GLY F 141 -36.17 -24.77 -3.99
C GLY F 141 -37.55 -24.47 -3.44
N SER F 142 -37.84 -24.94 -2.23
CA SER F 142 -39.11 -24.66 -1.60
C SER F 142 -39.15 -23.22 -1.07
N PHE F 143 -40.33 -22.77 -0.71
CA PHE F 143 -40.50 -21.39 -0.27
C PHE F 143 -41.73 -21.28 0.63
N GLU F 144 -41.64 -20.39 1.62
CA GLU F 144 -42.76 -20.05 2.48
C GLU F 144 -43.25 -18.64 2.19
N ASP F 145 -44.54 -18.42 2.41
CA ASP F 145 -45.15 -17.10 2.25
C ASP F 145 -45.49 -16.58 3.64
N TRP F 146 -44.59 -15.76 4.20
CA TRP F 146 -44.76 -15.21 5.53
C TRP F 146 -45.32 -13.80 5.41
N SER F 147 -46.56 -13.62 5.87
CA SER F 147 -47.18 -12.30 5.85
C SER F 147 -46.52 -11.39 6.88
N VAL F 148 -46.26 -10.14 6.48
CA VAL F 148 -45.61 -9.19 7.38
C VAL F 148 -46.49 -8.88 8.57
N GLU F 149 -47.81 -8.93 8.40
CA GLU F 149 -48.73 -8.65 9.51
C GLU F 149 -48.57 -9.69 10.62
N GLU F 150 -48.29 -10.93 10.26
CA GLU F 150 -48.09 -11.97 11.26
C GLU F 150 -46.74 -11.86 11.95
N LEU F 151 -45.72 -11.37 11.24
CA LEU F 151 -44.39 -11.25 11.83
C LEU F 151 -44.36 -10.14 12.87
N ILE F 152 -43.63 -10.39 13.95
CA ILE F 152 -43.50 -9.43 15.05
C ILE F 152 -42.20 -8.68 14.89
N VAL F 153 -42.17 -7.44 15.40
CA VAL F 153 -40.99 -6.59 15.33
C VAL F 153 -40.61 -6.16 16.73
N ASP F 154 -39.40 -5.62 16.84
CA ASP F 154 -38.89 -5.14 18.13
C ASP F 154 -38.52 -3.66 18.03
N ASN G 8 -23.75 -35.95 -41.62
CA ASN G 8 -23.18 -34.63 -41.43
C ASN G 8 -24.20 -33.55 -41.73
N GLU G 9 -24.75 -33.56 -42.94
CA GLU G 9 -25.75 -32.58 -43.32
C GLU G 9 -27.05 -32.79 -42.55
N ASN G 10 -27.51 -34.04 -42.48
CA ASN G 10 -28.74 -34.34 -41.75
C ASN G 10 -28.58 -34.03 -40.26
N ARG G 11 -27.39 -34.26 -39.72
CA ARG G 11 -27.15 -33.95 -38.31
C ARG G 11 -27.16 -32.45 -38.07
N GLU G 12 -26.67 -31.67 -39.03
CA GLU G 12 -26.69 -30.22 -38.88
C GLU G 12 -28.09 -29.67 -39.03
N THR G 13 -28.94 -30.32 -39.81
CA THR G 13 -30.34 -29.92 -39.87
C THR G 13 -31.05 -30.25 -38.56
N ALA G 14 -30.63 -31.31 -37.88
CA ALA G 14 -31.15 -31.58 -36.54
C ALA G 14 -30.70 -30.51 -35.56
N ARG G 15 -29.49 -29.98 -35.73
CA ARG G 15 -29.03 -28.85 -34.92
C ARG G 15 -29.82 -27.60 -35.23
N PHE G 16 -30.23 -27.42 -36.50
CA PHE G 16 -30.94 -26.21 -36.89
C PHE G 16 -32.41 -26.27 -36.50
N ILE G 17 -33.03 -27.45 -36.53
CA ILE G 17 -34.44 -27.55 -36.17
C ILE G 17 -34.62 -27.42 -34.67
N LYS G 18 -33.63 -27.86 -33.89
CA LYS G 18 -33.69 -27.68 -32.44
C LYS G 18 -33.20 -26.31 -32.00
N LYS G 19 -32.59 -25.54 -32.91
CA LYS G 19 -32.24 -24.16 -32.60
C LYS G 19 -33.49 -23.35 -32.26
N HIS G 20 -34.55 -23.53 -33.03
CA HIS G 20 -35.80 -22.83 -32.79
C HIS G 20 -36.56 -23.38 -31.58
N LYS G 21 -36.31 -24.63 -31.20
CA LYS G 21 -37.00 -25.23 -30.07
C LYS G 21 -36.56 -24.60 -28.75
N CYS G 37 -64.85 -15.60 -40.32
CA CYS G 37 -63.45 -15.21 -40.36
C CYS G 37 -62.99 -14.65 -39.01
N ILE G 38 -63.89 -14.70 -38.02
CA ILE G 38 -63.59 -14.27 -36.66
C ILE G 38 -63.59 -15.51 -35.77
N VAL G 39 -62.45 -15.79 -35.16
CA VAL G 39 -62.27 -16.97 -34.32
C VAL G 39 -61.75 -16.53 -32.95
N ARG G 40 -62.19 -17.23 -31.91
CA ARG G 40 -61.76 -16.93 -30.55
C ARG G 40 -60.57 -17.80 -30.17
N VAL G 41 -59.58 -17.19 -29.52
CA VAL G 41 -58.38 -17.90 -29.10
C VAL G 41 -58.02 -17.50 -27.68
N PRO G 42 -57.72 -18.46 -26.80
CA PRO G 42 -57.19 -18.10 -25.47
C PRO G 42 -55.69 -17.87 -25.54
N ILE G 43 -55.24 -16.84 -24.84
CA ILE G 43 -53.82 -16.47 -24.83
C ILE G 43 -53.36 -16.30 -23.38
N ALA G 44 -52.08 -16.57 -23.17
CA ALA G 44 -51.43 -16.39 -21.87
C ALA G 44 -50.35 -15.33 -22.02
N LEU G 45 -50.47 -14.24 -21.27
CA LEU G 45 -49.55 -13.11 -21.37
C LEU G 45 -48.90 -12.86 -20.02
N TYR G 46 -47.93 -11.94 -20.01
CA TYR G 46 -47.10 -11.67 -18.84
C TYR G 46 -46.76 -10.18 -18.85
N VAL G 47 -47.54 -9.39 -18.11
CA VAL G 47 -47.42 -7.93 -18.16
C VAL G 47 -47.15 -7.37 -16.76
N SER G 48 -47.02 -6.05 -16.68
CA SER G 48 -46.72 -5.34 -15.44
C SER G 48 -48.02 -4.85 -14.80
N LEU G 49 -47.87 -4.07 -13.73
CA LEU G 49 -49.02 -3.53 -13.01
C LEU G 49 -48.58 -2.31 -12.21
N ALA G 50 -49.32 -1.19 -12.37
CA ALA G 50 -48.93 0.05 -11.72
C ALA G 50 -49.33 0.04 -10.25
N PRO G 51 -48.59 0.78 -9.41
CA PRO G 51 -48.96 0.85 -7.99
C PRO G 51 -50.30 1.52 -7.74
N MET G 52 -50.67 2.50 -8.58
CA MET G 52 -51.97 3.16 -8.43
C MET G 52 -53.12 2.19 -8.68
N TYR G 53 -52.85 1.04 -9.29
CA TYR G 53 -53.85 -0.01 -9.48
C TYR G 53 -53.58 -1.20 -8.58
N LEU G 54 -53.07 -0.96 -7.37
CA LEU G 54 -52.76 -2.04 -6.45
C LEU G 54 -54.05 -2.74 -5.98
N GLU G 55 -54.98 -1.97 -5.43
CA GLU G 55 -56.25 -2.52 -4.99
C GLU G 55 -57.23 -2.77 -6.14
N ASN G 56 -56.86 -2.40 -7.36
CA ASN G 56 -57.70 -2.62 -8.54
C ASN G 56 -56.80 -3.06 -9.69
N PRO G 57 -56.30 -4.29 -9.66
CA PRO G 57 -55.31 -4.70 -10.66
C PRO G 57 -55.91 -4.98 -12.03
N LEU G 58 -57.13 -5.52 -12.08
CA LEU G 58 -57.72 -5.89 -13.36
C LEU G 58 -57.97 -4.67 -14.23
N GLN G 59 -58.40 -3.56 -13.63
CA GLN G 59 -58.63 -2.34 -14.40
C GLN G 59 -57.31 -1.77 -14.90
N GLY G 60 -56.24 -1.90 -14.11
CA GLY G 60 -54.93 -1.43 -14.56
C GLY G 60 -54.45 -2.18 -15.78
N VAL G 61 -54.50 -3.52 -15.75
CA VAL G 61 -54.08 -4.32 -16.89
C VAL G 61 -54.92 -3.99 -18.12
N MET G 62 -56.21 -3.75 -17.92
CA MET G 62 -57.08 -3.40 -19.04
C MET G 62 -56.68 -2.07 -19.67
N LYS G 63 -56.36 -1.08 -18.84
CA LYS G 63 -56.02 0.26 -19.31
C LYS G 63 -54.55 0.43 -19.65
N GLN G 64 -53.76 -0.65 -19.61
CA GLN G 64 -52.35 -0.57 -19.94
C GLN G 64 -51.93 -1.52 -21.06
N HIS G 65 -52.53 -2.71 -21.15
CA HIS G 65 -52.15 -3.67 -22.18
C HIS G 65 -53.33 -4.21 -22.98
N LEU G 66 -54.57 -3.92 -22.58
CA LEU G 66 -55.76 -4.42 -23.28
C LEU G 66 -56.44 -3.37 -24.13
N ASN G 67 -56.59 -2.15 -23.61
CA ASN G 67 -57.24 -1.08 -24.37
C ASN G 67 -56.40 -0.64 -25.57
N PRO G 68 -55.09 -0.45 -25.46
CA PRO G 68 -54.29 -0.14 -26.64
C PRO G 68 -53.98 -1.33 -27.54
N LEU G 69 -54.63 -2.48 -27.32
CA LEU G 69 -54.40 -3.67 -28.12
C LEU G 69 -55.54 -3.99 -29.08
N VAL G 70 -56.77 -3.59 -28.75
CA VAL G 70 -57.90 -3.90 -29.59
C VAL G 70 -57.83 -3.11 -30.89
N MET G 71 -58.24 -3.73 -31.99
CA MET G 71 -58.15 -3.17 -33.34
C MET G 71 -56.70 -2.83 -33.70
N LYS G 72 -55.75 -3.55 -33.13
CA LYS G 72 -54.34 -3.45 -33.50
C LYS G 72 -53.83 -4.84 -33.84
N TYR G 73 -53.17 -4.96 -34.98
CA TYR G 73 -52.67 -6.25 -35.42
C TYR G 73 -51.64 -6.79 -34.43
N ASN G 74 -51.77 -8.07 -34.11
CA ASN G 74 -50.85 -8.75 -33.21
C ASN G 74 -50.08 -9.82 -33.98
N ASN G 75 -48.79 -9.94 -33.67
CA ASN G 75 -47.93 -10.86 -34.41
C ASN G 75 -48.17 -12.31 -33.99
N LYS G 76 -48.41 -12.56 -32.70
CA LYS G 76 -48.56 -13.92 -32.22
C LYS G 76 -49.83 -14.56 -32.77
N VAL G 77 -50.98 -13.94 -32.53
CA VAL G 77 -52.23 -14.52 -33.01
C VAL G 77 -52.35 -14.36 -34.52
N GLY G 78 -51.77 -13.30 -35.09
CA GLY G 78 -51.82 -13.09 -36.52
C GLY G 78 -53.17 -12.58 -36.99
N GLY G 79 -53.55 -11.39 -36.54
CA GLY G 79 -54.83 -10.83 -36.91
C GLY G 79 -55.15 -9.62 -36.06
N VAL G 80 -56.39 -9.15 -36.20
CA VAL G 80 -56.88 -7.95 -35.54
C VAL G 80 -57.67 -8.35 -34.31
N VAL G 81 -57.33 -7.78 -33.16
CA VAL G 81 -58.05 -8.06 -31.93
C VAL G 81 -59.38 -7.32 -31.94
N LEU G 82 -60.45 -7.99 -31.52
CA LEU G 82 -61.79 -7.43 -31.53
C LEU G 82 -62.43 -7.42 -30.14
N GLY G 83 -61.63 -7.50 -29.08
CA GLY G 83 -62.15 -7.40 -27.75
C GLY G 83 -61.33 -8.24 -26.79
N TYR G 84 -62.02 -8.87 -25.84
CA TYR G 84 -61.40 -9.68 -24.80
C TYR G 84 -62.51 -10.46 -24.08
N GLU G 85 -62.10 -11.50 -23.35
CA GLU G 85 -63.03 -12.29 -22.56
C GLU G 85 -62.24 -13.20 -21.63
N GLY G 86 -62.76 -13.40 -20.43
CA GLY G 86 -62.14 -14.28 -19.48
C GLY G 86 -60.99 -13.65 -18.71
N LEU G 87 -61.28 -12.53 -18.05
CA LEU G 87 -60.26 -11.78 -17.32
C LEU G 87 -59.91 -12.53 -16.04
N LYS G 88 -59.05 -13.54 -16.19
CA LYS G 88 -58.61 -14.37 -15.07
C LYS G 88 -57.13 -14.11 -14.84
N ILE G 89 -56.81 -13.47 -13.73
CA ILE G 89 -55.42 -13.20 -13.38
C ILE G 89 -54.84 -14.44 -12.68
N LEU G 90 -53.76 -14.98 -13.25
CA LEU G 90 -53.14 -16.17 -12.69
C LEU G 90 -52.53 -15.87 -11.33
N ASP G 91 -52.72 -16.78 -10.39
CA ASP G 91 -52.26 -16.59 -9.02
C ASP G 91 -50.89 -17.23 -8.84
N ALA G 92 -50.03 -16.56 -8.07
CA ALA G 92 -48.68 -17.06 -7.82
C ALA G 92 -48.65 -18.15 -6.76
N ASP G 93 -49.65 -18.19 -5.87
CA ASP G 93 -49.71 -19.21 -4.82
C ASP G 93 -50.88 -20.15 -5.08
N PRO G 94 -50.64 -21.36 -5.57
CA PRO G 94 -51.74 -22.31 -5.78
C PRO G 94 -52.35 -22.77 -4.48
N LEU G 95 -53.59 -22.38 -4.21
CA LEU G 95 -54.27 -22.75 -2.97
C LEU G 95 -54.99 -24.09 -3.12
N ASP G 99 -59.96 -20.55 -1.44
CA ASP G 99 -60.90 -20.05 -2.44
C ASP G 99 -61.33 -18.62 -2.11
N THR G 100 -60.38 -17.69 -2.18
CA THR G 100 -60.64 -16.29 -1.89
C THR G 100 -60.16 -15.43 -3.06
N SER G 101 -60.85 -14.30 -3.24
CA SER G 101 -60.50 -13.38 -4.31
C SER G 101 -59.23 -12.59 -4.02
N GLU G 102 -58.71 -12.66 -2.80
CA GLU G 102 -57.50 -11.94 -2.41
C GLU G 102 -56.29 -12.70 -2.94
N LYS G 103 -55.94 -12.44 -4.20
CA LYS G 103 -54.78 -13.04 -4.83
C LYS G 103 -53.53 -12.25 -4.46
N LEU G 104 -52.42 -12.52 -5.14
CA LEU G 104 -51.17 -11.79 -4.89
C LEU G 104 -50.39 -11.68 -6.18
N ILE G 105 -49.65 -10.59 -6.31
CA ILE G 105 -48.87 -10.28 -7.50
C ILE G 105 -47.39 -10.19 -7.10
N LYS G 106 -46.52 -10.58 -8.03
CA LYS G 106 -45.09 -10.58 -7.78
C LYS G 106 -44.49 -9.26 -8.27
N ILE G 107 -43.92 -8.49 -7.35
CA ILE G 107 -43.28 -7.22 -7.67
C ILE G 107 -41.80 -7.46 -7.90
N THR G 108 -41.27 -6.88 -8.97
CA THR G 108 -39.86 -7.03 -9.28
C THR G 108 -39.02 -6.30 -8.21
N PRO G 109 -37.80 -6.76 -7.97
CA PRO G 109 -36.94 -6.12 -6.96
C PRO G 109 -36.34 -4.80 -7.39
N ASP G 110 -36.74 -4.23 -8.52
CA ASP G 110 -36.19 -2.97 -9.00
C ASP G 110 -37.22 -1.90 -9.32
N THR G 111 -38.46 -2.27 -9.63
CA THR G 111 -39.52 -1.31 -9.92
C THR G 111 -40.78 -1.73 -9.17
N PRO G 112 -41.62 -0.77 -8.79
CA PRO G 112 -42.86 -1.12 -8.05
C PRO G 112 -43.86 -1.89 -8.90
N PHE G 113 -43.63 -2.04 -10.19
CA PHE G 113 -44.58 -2.76 -11.03
C PHE G 113 -44.56 -4.26 -10.72
N GLY G 114 -45.70 -4.90 -10.96
CA GLY G 114 -45.87 -6.31 -10.65
C GLY G 114 -46.07 -7.13 -11.93
N PHE G 115 -45.14 -8.05 -12.17
CA PHE G 115 -45.19 -8.94 -13.31
C PHE G 115 -46.05 -10.15 -12.94
N THR G 116 -47.17 -10.33 -13.64
CA THR G 116 -48.11 -11.40 -13.35
C THR G 116 -48.62 -12.02 -14.63
N TRP G 117 -48.79 -13.34 -14.61
CA TRP G 117 -49.42 -14.06 -15.71
C TRP G 117 -50.93 -13.93 -15.62
N CYS G 118 -51.59 -14.09 -16.77
CA CYS G 118 -53.05 -14.14 -16.81
C CYS G 118 -53.48 -14.61 -18.19
N HIS G 119 -54.62 -15.30 -18.23
CA HIS G 119 -55.19 -15.82 -19.46
C HIS G 119 -56.41 -15.00 -19.83
N VAL G 120 -56.63 -14.83 -21.14
CA VAL G 120 -57.75 -14.04 -21.64
C VAL G 120 -58.09 -14.53 -23.04
N ASN G 121 -59.39 -14.62 -23.33
CA ASN G 121 -59.87 -15.02 -24.64
C ASN G 121 -60.06 -13.81 -25.53
N LEU G 122 -59.62 -13.91 -26.78
CA LEU G 122 -59.71 -12.83 -27.74
C LEU G 122 -60.41 -13.30 -29.00
N TYR G 123 -61.43 -12.54 -29.43
CA TYR G 123 -62.06 -12.75 -30.73
C TYR G 123 -61.18 -12.03 -31.76
N VAL G 124 -60.48 -12.80 -32.58
CA VAL G 124 -59.53 -12.24 -33.54
C VAL G 124 -60.08 -12.41 -34.95
N TRP G 125 -59.81 -11.42 -35.79
CA TRP G 125 -60.17 -11.45 -37.21
C TRP G 125 -58.90 -11.66 -38.01
N GLN G 126 -58.74 -12.85 -38.59
CA GLN G 126 -57.52 -13.24 -39.29
C GLN G 126 -57.86 -13.70 -40.70
N PRO G 127 -57.81 -12.78 -41.68
CA PRO G 127 -58.01 -13.18 -43.08
C PRO G 127 -56.75 -13.83 -43.64
N GLN G 128 -56.89 -15.06 -44.13
CA GLN G 128 -55.78 -15.81 -44.68
C GLN G 128 -55.78 -15.71 -46.20
N VAL G 129 -54.67 -16.16 -46.80
CA VAL G 129 -54.53 -16.11 -48.25
C VAL G 129 -55.41 -17.19 -48.88
N GLY G 130 -56.15 -16.82 -49.92
CA GLY G 130 -57.04 -17.71 -50.60
C GLY G 130 -58.50 -17.59 -50.20
N ASP G 131 -58.78 -16.97 -49.06
CA ASP G 131 -60.15 -16.84 -48.60
C ASP G 131 -60.89 -15.77 -49.40
N VAL G 132 -62.19 -15.97 -49.57
CA VAL G 132 -63.05 -15.06 -50.30
C VAL G 132 -63.80 -14.19 -49.29
N LEU G 133 -63.73 -12.88 -49.46
CA LEU G 133 -64.34 -11.94 -48.52
C LEU G 133 -65.08 -10.86 -49.27
N GLU G 134 -66.05 -10.25 -48.59
CA GLU G 134 -66.87 -9.19 -49.13
C GLU G 134 -66.20 -7.83 -48.92
N GLY G 135 -66.57 -6.86 -49.75
CA GLY G 135 -66.00 -5.53 -49.66
C GLY G 135 -67.00 -4.47 -50.02
N TYR G 136 -66.74 -3.26 -49.51
CA TYR G 136 -67.58 -2.08 -49.75
C TYR G 136 -66.73 -1.04 -50.46
N ILE G 137 -67.17 -0.61 -51.65
CA ILE G 137 -66.39 0.32 -52.45
C ILE G 137 -66.24 1.65 -51.72
N PHE G 138 -65.00 2.11 -51.60
CA PHE G 138 -64.69 3.40 -50.99
C PHE G 138 -63.85 4.30 -51.90
N ILE G 139 -62.95 3.72 -52.69
CA ILE G 139 -62.09 4.48 -53.60
C ILE G 139 -62.13 3.79 -54.95
N GLN G 140 -62.33 4.58 -56.02
CA GLN G 140 -62.33 4.09 -57.39
C GLN G 140 -61.36 4.96 -58.19
N SER G 141 -60.09 4.55 -58.22
CA SER G 141 -59.05 5.27 -58.93
C SER G 141 -58.78 4.61 -60.28
N ALA G 142 -57.78 5.13 -60.99
CA ALA G 142 -57.45 4.62 -62.31
C ALA G 142 -56.70 3.30 -62.27
N SER G 143 -55.99 3.00 -61.18
CA SER G 143 -55.19 1.78 -61.09
C SER G 143 -55.37 1.02 -59.78
N HIS G 144 -56.18 1.54 -58.85
CA HIS G 144 -56.34 0.88 -57.56
C HIS G 144 -57.77 1.07 -57.07
N ILE G 145 -58.23 0.12 -56.27
CA ILE G 145 -59.54 0.19 -55.62
C ILE G 145 -59.30 0.13 -54.11
N GLY G 146 -59.74 1.17 -53.41
CA GLY G 146 -59.75 1.18 -51.97
C GLY G 146 -61.14 0.85 -51.46
N LEU G 147 -61.24 -0.22 -50.67
CA LEU G 147 -62.52 -0.70 -50.20
C LEU G 147 -62.44 -1.00 -48.71
N LEU G 148 -63.57 -0.84 -48.03
CA LEU G 148 -63.68 -1.08 -46.59
C LEU G 148 -64.47 -2.36 -46.38
N ILE G 149 -63.77 -3.43 -46.04
CA ILE G 149 -64.42 -4.72 -45.77
C ILE G 149 -65.13 -4.62 -44.43
N HIS G 150 -66.46 -4.67 -44.46
CA HIS G 150 -67.30 -4.56 -43.27
C HIS G 150 -67.08 -3.24 -42.55
N ASP G 151 -66.75 -2.20 -43.32
CA ASP G 151 -66.70 -0.81 -42.87
C ASP G 151 -65.64 -0.55 -41.80
N ALA G 152 -64.72 -1.47 -41.58
CA ALA G 152 -63.73 -1.30 -40.51
C ALA G 152 -62.30 -1.41 -40.98
N PHE G 153 -62.00 -2.31 -41.92
CA PHE G 153 -60.63 -2.57 -42.35
C PHE G 153 -60.41 -2.01 -43.75
N ASN G 154 -59.14 -1.99 -44.15
CA ASN G 154 -58.72 -1.46 -45.43
C ASN G 154 -58.26 -2.58 -46.35
N ALA G 155 -58.48 -2.40 -47.65
CA ALA G 155 -58.07 -3.37 -48.66
C ALA G 155 -57.70 -2.63 -49.93
N SER G 156 -56.87 -3.28 -50.75
CA SER G 156 -56.37 -2.67 -51.98
C SER G 156 -56.26 -3.72 -53.07
N ILE G 157 -56.36 -3.25 -54.31
CA ILE G 157 -56.21 -4.09 -55.50
C ILE G 157 -55.37 -3.32 -56.50
N LYS G 158 -54.18 -3.84 -56.82
CA LYS G 158 -53.25 -3.13 -57.69
C LYS G 158 -53.68 -3.26 -59.15
N LYS G 159 -52.92 -2.60 -60.03
CA LYS G 159 -53.26 -2.61 -61.44
C LYS G 159 -53.01 -3.97 -62.07
N ASN G 160 -51.97 -4.68 -61.62
CA ASN G 160 -51.70 -6.02 -62.12
C ASN G 160 -52.81 -7.01 -61.78
N ASN G 161 -53.70 -6.67 -60.86
CA ASN G 161 -54.83 -7.51 -60.49
C ASN G 161 -56.13 -7.03 -61.13
N ILE G 162 -56.05 -6.38 -62.28
CA ILE G 162 -57.22 -5.90 -63.03
C ILE G 162 -57.40 -6.78 -64.24
N PRO G 163 -58.59 -7.34 -64.48
CA PRO G 163 -58.79 -8.17 -65.66
C PRO G 163 -58.61 -7.37 -66.95
N VAL G 164 -58.17 -8.07 -68.00
CA VAL G 164 -57.97 -7.41 -69.29
C VAL G 164 -59.30 -6.96 -69.88
N ASP G 165 -60.37 -7.70 -69.61
CA ASP G 165 -61.68 -7.31 -70.14
C ASP G 165 -62.21 -6.06 -69.46
N TRP G 166 -61.80 -5.80 -68.23
CA TRP G 166 -62.26 -4.62 -67.50
C TRP G 166 -61.52 -3.38 -67.98
N THR G 167 -62.26 -2.30 -68.19
CA THR G 167 -61.70 -1.04 -68.69
C THR G 167 -62.10 0.10 -67.75
N PHE G 168 -61.15 0.98 -67.47
CA PHE G 168 -61.39 2.14 -66.62
C PHE G 168 -61.82 3.33 -67.45
N VAL G 169 -62.79 4.08 -66.93
CA VAL G 169 -63.27 5.31 -67.55
C VAL G 169 -63.13 6.44 -66.54
N HIS G 170 -62.57 7.56 -67.00
CA HIS G 170 -62.34 8.72 -66.15
C HIS G 170 -63.40 9.79 -66.41
N ASN G 171 -63.86 10.43 -65.33
CA ASN G 171 -64.88 11.47 -65.43
C ASN G 171 -64.20 12.83 -65.58
N ASP G 172 -64.63 13.59 -66.59
CA ASP G 172 -64.07 14.92 -66.83
C ASP G 172 -64.78 16.01 -66.04
N VAL G 173 -66.01 15.77 -65.60
CA VAL G 173 -66.73 16.78 -64.82
C VAL G 173 -66.08 16.96 -63.45
N GLU G 174 -65.86 15.86 -62.74
CA GLU G 174 -65.23 15.91 -61.43
C GLU G 174 -64.53 14.60 -61.10
N LEU G 214 -61.79 11.66 -59.85
CA LEU G 214 -62.59 10.46 -59.60
C LEU G 214 -62.97 9.78 -60.92
N GLY G 215 -63.24 8.48 -60.85
CA GLY G 215 -63.61 7.71 -62.02
C GLY G 215 -64.43 6.48 -61.68
N HIS G 216 -64.67 5.64 -62.68
CA HIS G 216 -65.43 4.42 -62.49
C HIS G 216 -64.83 3.31 -63.33
N TRP G 217 -65.16 2.07 -62.98
CA TRP G 217 -64.67 0.89 -63.67
C TRP G 217 -65.80 0.21 -64.43
N VAL G 218 -65.46 -0.44 -65.52
CA VAL G 218 -66.41 -1.14 -66.38
C VAL G 218 -65.99 -2.60 -66.46
N ASP G 219 -66.91 -3.50 -66.14
CA ASP G 219 -66.62 -4.93 -66.13
C ASP G 219 -66.65 -5.48 -67.55
N SER G 220 -66.55 -6.81 -67.68
CA SER G 220 -66.58 -7.43 -69.00
C SER G 220 -67.93 -7.28 -69.67
N ASN G 221 -69.01 -7.22 -68.88
CA ASN G 221 -70.34 -7.10 -69.46
C ASN G 221 -70.57 -5.73 -70.08
N GLY G 222 -69.89 -4.70 -69.58
CA GLY G 222 -70.02 -3.37 -70.12
C GLY G 222 -70.91 -2.46 -69.30
N GLU G 223 -70.86 -2.60 -67.99
CA GLU G 223 -71.66 -1.81 -67.07
C GLU G 223 -70.83 -1.49 -65.84
N PRO G 224 -71.16 -0.41 -65.13
CA PRO G 224 -70.45 -0.10 -63.88
C PRO G 224 -70.65 -1.19 -62.84
N ILE G 225 -69.76 -1.21 -61.86
CA ILE G 225 -69.78 -2.20 -60.80
C ILE G 225 -70.63 -1.71 -59.65
N ASP G 226 -71.18 -2.65 -58.89
CA ASP G 226 -72.03 -2.33 -57.75
C ASP G 226 -71.19 -2.11 -56.51
N GLY G 227 -71.81 -1.48 -55.50
CA GLY G 227 -71.10 -1.20 -54.27
C GLY G 227 -70.58 -2.45 -53.58
N LYS G 228 -71.45 -3.43 -53.40
CA LYS G 228 -71.04 -4.71 -52.83
C LYS G 228 -70.13 -5.43 -53.81
N LEU G 229 -68.85 -5.56 -53.46
CA LEU G 229 -67.83 -6.12 -54.34
C LEU G 229 -67.05 -7.17 -53.57
N ARG G 230 -67.17 -8.42 -53.99
CA ARG G 230 -66.54 -9.55 -53.33
C ARG G 230 -65.31 -10.01 -54.13
N PHE G 231 -64.22 -10.28 -53.42
CA PHE G 231 -62.98 -10.72 -54.04
C PHE G 231 -62.31 -11.75 -53.15
N THR G 232 -61.07 -12.10 -53.47
CA THR G 232 -60.30 -13.10 -52.76
C THR G 232 -59.01 -12.48 -52.24
N VAL G 233 -58.62 -12.87 -51.02
CA VAL G 233 -57.45 -12.29 -50.37
C VAL G 233 -56.19 -12.70 -51.12
N ARG G 234 -55.31 -11.72 -51.38
CA ARG G 234 -54.01 -11.97 -51.99
C ARG G 234 -52.89 -11.98 -50.96
N ASN G 235 -52.74 -10.90 -50.20
CA ASN G 235 -51.71 -10.80 -49.18
C ASN G 235 -52.15 -9.80 -48.13
N VAL G 236 -51.78 -10.07 -46.88
CA VAL G 236 -52.12 -9.22 -45.75
C VAL G 236 -50.90 -8.40 -45.36
N HIS G 237 -51.05 -7.08 -45.31
CA HIS G 237 -49.96 -6.18 -44.95
C HIS G 237 -50.02 -5.88 -43.46
N THR G 238 -48.88 -6.04 -42.78
CA THR G 238 -48.79 -5.85 -41.33
C THR G 238 -47.97 -4.62 -40.95
N THR G 239 -46.81 -4.44 -41.57
CA THR G 239 -45.89 -3.37 -41.18
C THR G 239 -46.44 -1.98 -41.47
N GLY G 240 -47.54 -1.86 -42.20
CA GLY G 240 -48.12 -0.57 -42.51
C GLY G 240 -48.83 0.03 -41.30
N ARG G 241 -49.50 1.16 -41.57
CA ARG G 241 -50.26 1.84 -40.52
C ARG G 241 -51.50 1.05 -40.16
N VAL G 242 -52.39 0.83 -41.12
CA VAL G 242 -53.60 0.04 -40.92
C VAL G 242 -53.50 -1.22 -41.77
N VAL G 243 -54.12 -2.29 -41.29
CA VAL G 243 -54.06 -3.57 -41.98
C VAL G 243 -54.72 -3.44 -43.35
N SER G 244 -53.96 -3.69 -44.40
CA SER G 244 -54.43 -3.63 -45.77
C SER G 244 -54.40 -5.03 -46.38
N VAL G 245 -55.51 -5.44 -46.98
CA VAL G 245 -55.67 -6.78 -47.54
C VAL G 245 -55.64 -6.67 -49.05
N ASP G 246 -54.63 -7.28 -49.68
CA ASP G 246 -54.54 -7.30 -51.13
C ASP G 246 -55.52 -8.33 -51.70
N GLY G 247 -56.00 -8.04 -52.90
CA GLY G 247 -57.00 -8.87 -53.56
C GLY G 247 -56.47 -9.48 -54.86
N THR G 248 -56.99 -10.66 -55.20
CA THR G 248 -56.70 -11.33 -56.45
C THR G 248 -57.84 -11.13 -57.44
N LEU G 249 -57.63 -11.60 -58.66
CA LEU G 249 -58.63 -11.48 -59.72
C LEU G 249 -58.95 -12.82 -60.36
N ILE G 250 -57.97 -13.71 -60.51
CA ILE G 250 -58.14 -14.97 -61.22
C ILE G 250 -57.59 -16.09 -60.34
N SER G 251 -58.36 -17.17 -60.21
CA SER G 251 -57.95 -18.32 -59.42
C SER G 251 -57.74 -19.54 -60.32
N ASN H 3 -36.80 13.79 60.38
CA ASN H 3 -36.42 13.80 61.78
C ASN H 3 -34.99 13.30 61.95
N THR H 4 -34.34 13.71 63.05
CA THR H 4 -32.97 13.29 63.32
C THR H 4 -32.91 11.79 63.55
N LEU H 5 -31.95 11.13 62.90
CA LEU H 5 -31.77 9.70 63.01
C LEU H 5 -30.50 9.30 63.74
N PHE H 6 -29.59 10.24 64.01
CA PHE H 6 -28.34 9.92 64.68
C PHE H 6 -27.78 11.19 65.31
N ASP H 7 -27.23 11.05 66.51
CA ASP H 7 -26.65 12.17 67.24
C ASP H 7 -25.42 11.67 68.01
N ASP H 8 -24.29 12.35 67.82
CA ASP H 8 -23.07 12.00 68.50
C ASP H 8 -22.08 13.15 68.38
N ILE H 9 -21.05 13.11 69.22
CA ILE H 9 -19.97 14.10 69.20
C ILE H 9 -18.67 13.35 69.01
N PHE H 10 -18.03 13.55 67.86
CA PHE H 10 -16.80 12.86 67.52
C PHE H 10 -15.60 13.76 67.78
N GLN H 11 -14.40 13.20 67.57
CA GLN H 11 -13.16 13.94 67.68
C GLN H 11 -12.24 13.52 66.55
N VAL H 12 -11.58 14.50 65.93
CA VAL H 12 -10.74 14.23 64.76
C VAL H 12 -9.41 13.65 65.22
N SER H 13 -8.95 12.62 64.52
CA SER H 13 -7.68 11.98 64.82
C SER H 13 -6.57 12.36 63.84
N GLU H 14 -6.92 12.71 62.60
CA GLU H 14 -5.93 13.07 61.61
C GLU H 14 -6.61 13.84 60.48
N VAL H 15 -5.84 14.70 59.81
CA VAL H 15 -6.32 15.49 58.68
C VAL H 15 -5.28 15.38 57.58
N ASP H 16 -5.70 14.87 56.42
CA ASP H 16 -4.77 14.70 55.30
C ASP H 16 -5.42 15.17 54.00
N PRO H 17 -4.80 16.14 53.30
CA PRO H 17 -5.37 16.57 52.02
C PRO H 17 -5.40 15.47 50.96
N GLY H 18 -4.31 14.71 50.85
CA GLY H 18 -4.26 13.62 49.89
C GLY H 18 -4.20 14.07 48.46
N ARG H 19 -3.13 14.78 48.08
CA ARG H 19 -2.82 15.25 46.74
C ARG H 19 -3.81 16.30 46.24
N TYR H 20 -4.81 16.67 47.04
CA TYR H 20 -5.84 17.60 46.61
C TYR H 20 -5.53 19.00 47.14
N ASN H 21 -6.45 19.93 46.88
CA ASN H 21 -6.30 21.32 47.32
C ASN H 21 -7.53 21.90 47.98
N LYS H 22 -8.67 21.20 47.97
CA LYS H 22 -9.90 21.70 48.55
C LYS H 22 -10.60 20.74 49.50
N VAL H 23 -10.31 19.44 49.43
CA VAL H 23 -10.95 18.45 50.30
C VAL H 23 -9.88 17.65 51.01
N CYS H 24 -10.30 16.97 52.08
CA CYS H 24 -9.42 16.13 52.88
C CYS H 24 -10.20 14.89 53.31
N ARG H 25 -9.61 14.11 54.21
CA ARG H 25 -10.27 12.96 54.82
C ARG H 25 -10.15 13.06 56.32
N ILE H 26 -11.24 12.75 57.01
CA ILE H 26 -11.33 12.91 58.47
C ILE H 26 -11.63 11.56 59.08
N GLU H 27 -10.68 11.04 59.86
CA GLU H 27 -10.87 9.83 60.65
C GLU H 27 -11.20 10.25 62.08
N ALA H 28 -12.43 9.99 62.50
CA ALA H 28 -12.92 10.44 63.79
C ALA H 28 -13.19 9.25 64.71
N ALA H 29 -13.49 9.57 65.97
CA ALA H 29 -13.80 8.56 66.97
C ALA H 29 -14.84 9.13 67.93
N SER H 30 -15.68 8.25 68.46
CA SER H 30 -16.76 8.69 69.33
C SER H 30 -16.27 8.98 70.74
N THR H 31 -16.91 9.95 71.39
CA THR H 31 -16.60 10.30 72.77
C THR H 31 -17.52 9.61 73.76
N THR H 32 -18.69 9.14 73.33
CA THR H 32 -19.62 8.40 74.18
C THR H 32 -19.57 6.90 73.93
N GLN H 33 -19.50 6.48 72.67
CA GLN H 33 -19.36 5.07 72.34
C GLN H 33 -17.89 4.67 72.32
N ASP H 34 -17.67 3.36 72.41
CA ASP H 34 -16.31 2.81 72.49
C ASP H 34 -15.77 2.35 71.15
N GLN H 35 -16.62 1.76 70.30
CA GLN H 35 -16.17 1.19 69.03
C GLN H 35 -16.50 2.05 67.83
N CYS H 36 -17.37 3.06 67.98
CA CYS H 36 -17.78 3.87 66.84
C CYS H 36 -16.60 4.62 66.24
N LYS H 37 -16.59 4.72 64.92
CA LYS H 37 -15.52 5.38 64.19
C LYS H 37 -16.09 5.96 62.90
N LEU H 38 -15.58 7.12 62.51
CA LEU H 38 -16.05 7.84 61.34
C LEU H 38 -14.91 8.06 60.35
N THR H 39 -15.23 7.98 59.06
CA THR H 39 -14.29 8.30 57.98
C THR H 39 -15.03 9.19 56.99
N LEU H 40 -14.86 10.51 57.14
CA LEU H 40 -15.60 11.48 56.36
C LEU H 40 -14.63 12.31 55.53
N ASP H 41 -15.06 12.67 54.31
CA ASP H 41 -14.27 13.49 53.40
C ASP H 41 -14.83 14.90 53.43
N ILE H 42 -14.22 15.77 54.24
CA ILE H 42 -14.68 17.15 54.37
C ILE H 42 -13.91 18.02 53.38
N ASN H 43 -14.50 19.17 53.05
CA ASN H 43 -13.88 20.16 52.18
C ASN H 43 -13.47 21.34 53.05
N VAL H 44 -12.16 21.61 53.11
CA VAL H 44 -11.64 22.70 53.93
C VAL H 44 -11.78 24.06 53.26
N GLU H 45 -12.35 24.11 52.06
CA GLU H 45 -12.53 25.39 51.39
C GLU H 45 -13.68 26.21 51.98
N LEU H 46 -14.65 25.54 52.60
CA LEU H 46 -15.74 26.21 53.29
C LEU H 46 -15.88 25.82 54.75
N PHE H 47 -15.44 24.62 55.14
CA PHE H 47 -15.56 24.13 56.51
C PHE H 47 -14.20 23.61 56.94
N PRO H 48 -13.32 24.50 57.41
CA PRO H 48 -11.98 24.06 57.82
C PRO H 48 -12.02 23.33 59.15
N VAL H 49 -11.17 22.31 59.27
CA VAL H 49 -11.07 21.50 60.47
C VAL H 49 -9.60 21.30 60.83
N ALA H 50 -9.37 20.85 62.06
CA ALA H 50 -8.02 20.59 62.56
C ALA H 50 -8.05 19.32 63.39
N ALA H 51 -6.90 18.97 63.96
CA ALA H 51 -6.80 17.77 64.77
C ALA H 51 -7.43 17.98 66.13
N GLN H 52 -7.80 16.86 66.76
CA GLN H 52 -8.47 16.80 68.06
C GLN H 52 -9.50 17.92 68.23
N ASP H 53 -10.45 17.94 67.31
CA ASP H 53 -11.56 18.89 67.34
C ASP H 53 -12.86 18.12 67.60
N SER H 54 -13.66 18.64 68.52
CA SER H 54 -14.92 18.00 68.91
C SER H 54 -15.96 18.24 67.82
N LEU H 55 -15.82 17.47 66.73
CA LEU H 55 -16.71 17.60 65.58
C LEU H 55 -18.01 16.85 65.88
N THR H 56 -19.09 17.61 66.10
CA THR H 56 -20.39 17.00 66.38
C THR H 56 -21.07 16.62 65.08
N VAL H 57 -21.53 15.37 64.99
CA VAL H 57 -22.15 14.83 63.78
C VAL H 57 -23.60 14.51 64.10
N THR H 58 -24.50 14.92 63.20
CA THR H 58 -25.93 14.68 63.35
C THR H 58 -26.49 14.26 62.00
N ILE H 59 -27.14 13.10 61.95
CA ILE H 59 -27.73 12.56 60.74
C ILE H 59 -29.24 12.65 60.86
N ALA H 60 -29.87 13.25 59.85
CA ALA H 60 -31.32 13.41 59.81
C ALA H 60 -31.86 12.95 58.46
N SER H 61 -33.18 12.80 58.40
CA SER H 61 -33.84 12.36 57.17
C SER H 61 -34.34 13.52 56.32
N SER H 62 -34.70 14.63 56.95
CA SER H 62 -35.19 15.80 56.22
C SER H 62 -34.91 17.04 57.06
N LEU H 63 -35.45 18.18 56.62
CA LEU H 63 -35.27 19.45 57.30
C LEU H 63 -36.63 19.93 57.79
N ASN H 64 -36.73 20.19 59.10
CA ASN H 64 -37.97 20.63 59.71
C ASN H 64 -37.75 21.91 60.52
N ALA H 75 -44.16 17.33 51.68
CA ALA H 75 -43.65 16.86 50.40
C ALA H 75 -42.94 17.98 49.64
N THR H 76 -41.62 17.86 49.53
CA THR H 76 -40.80 18.85 48.84
C THR H 76 -40.59 18.42 47.39
N ARG H 77 -40.87 19.32 46.45
CA ARG H 77 -40.68 19.03 45.04
C ARG H 77 -39.20 18.82 44.72
N SER H 78 -38.39 19.86 44.95
CA SER H 78 -36.96 19.80 44.70
C SER H 78 -36.30 20.89 45.54
N TRP H 79 -35.01 21.12 45.29
CA TRP H 79 -34.28 22.13 46.05
C TRP H 79 -34.60 23.52 45.51
N ARG H 80 -34.72 24.48 46.44
CA ARG H 80 -34.97 25.87 46.12
C ARG H 80 -33.93 26.74 46.80
N PRO H 81 -33.40 27.75 46.11
CA PRO H 81 -32.44 28.67 46.75
C PRO H 81 -33.04 29.32 47.98
N PRO H 82 -32.29 29.45 49.06
CA PRO H 82 -32.84 29.96 50.32
C PRO H 82 -33.27 31.42 50.18
N GLN H 83 -34.57 31.66 50.38
CA GLN H 83 -35.14 32.99 50.32
C GLN H 83 -35.41 33.50 51.75
N ALA H 84 -35.87 34.74 51.84
CA ALA H 84 -36.16 35.35 53.12
C ALA H 84 -37.46 34.78 53.71
N GLY H 85 -37.44 34.55 55.03
CA GLY H 85 -38.61 34.05 55.71
C GLY H 85 -38.70 32.55 55.86
N ASP H 86 -37.61 31.83 55.60
CA ASP H 86 -37.59 30.37 55.70
C ASP H 86 -36.65 29.94 56.81
N ARG H 87 -37.06 28.94 57.57
CA ARG H 87 -36.27 28.39 58.66
C ARG H 87 -36.06 26.90 58.43
N SER H 88 -34.88 26.40 58.81
CA SER H 88 -34.54 25.00 58.64
C SER H 88 -33.74 24.52 59.84
N LEU H 89 -33.71 23.20 60.02
CA LEU H 89 -32.94 22.62 61.10
C LEU H 89 -31.44 22.86 60.93
N ALA H 90 -30.99 23.09 59.69
CA ALA H 90 -29.58 23.39 59.44
C ALA H 90 -29.18 24.78 59.92
N ASP H 91 -30.14 25.64 60.23
CA ASP H 91 -29.81 26.99 60.70
C ASP H 91 -29.06 26.95 62.02
N ASP H 92 -29.33 25.94 62.86
CA ASP H 92 -28.61 25.79 64.12
C ASP H 92 -27.22 25.19 63.94
N TYR H 93 -26.85 24.78 62.73
CA TYR H 93 -25.57 24.14 62.45
C TYR H 93 -24.77 25.02 61.50
N ASP H 94 -23.63 24.49 61.05
CA ASP H 94 -22.71 25.24 60.21
C ASP H 94 -22.44 24.63 58.85
N TYR H 95 -22.66 23.33 58.68
CA TYR H 95 -22.33 22.67 57.42
C TYR H 95 -23.20 21.44 57.25
N VAL H 96 -23.86 21.32 56.10
CA VAL H 96 -24.81 20.24 55.83
C VAL H 96 -24.62 19.74 54.41
N MET H 97 -24.90 18.45 54.20
CA MET H 97 -24.79 17.84 52.89
C MET H 97 -25.96 16.89 52.63
N TYR H 98 -25.89 16.12 51.55
CA TYR H 98 -26.98 15.22 51.18
C TYR H 98 -26.45 14.13 50.26
N GLY H 99 -26.73 12.87 50.61
CA GLY H 99 -26.29 11.75 49.81
C GLY H 99 -27.31 10.65 49.67
N THR H 100 -26.86 9.40 49.54
CA THR H 100 -27.75 8.26 49.35
C THR H 100 -27.02 6.99 49.76
N ALA H 101 -27.73 6.11 50.48
CA ALA H 101 -27.14 4.87 50.95
C ALA H 101 -27.10 3.84 49.82
N TYR H 102 -25.97 3.14 49.71
CA TYR H 102 -25.81 2.12 48.68
C TYR H 102 -25.13 0.84 49.16
N LYS H 103 -24.68 0.77 50.41
CA LYS H 103 -24.01 -0.43 50.91
C LYS H 103 -24.20 -0.54 52.41
N PHE H 104 -24.43 -1.77 52.88
CA PHE H 104 -24.47 -2.10 54.30
C PHE H 104 -23.44 -3.18 54.57
N GLU H 105 -22.34 -2.80 55.22
CA GLU H 105 -21.28 -3.75 55.55
C GLU H 105 -21.54 -4.37 56.91
N GLU H 106 -21.27 -5.67 57.03
CA GLU H 106 -21.52 -6.43 58.24
C GLU H 106 -20.19 -6.78 58.90
N VAL H 107 -19.78 -5.96 59.86
CA VAL H 107 -18.64 -6.26 60.74
C VAL H 107 -19.08 -7.38 61.67
N SER H 108 -18.13 -7.92 62.44
CA SER H 108 -18.44 -8.99 63.39
C SER H 108 -19.67 -8.67 64.23
N LYS H 109 -20.34 -9.73 64.68
CA LYS H 109 -21.69 -9.64 65.27
C LYS H 109 -21.83 -8.45 66.21
N ASP H 110 -22.96 -7.76 66.07
CA ASP H 110 -23.33 -6.57 66.85
C ASP H 110 -22.51 -5.34 66.47
N LEU H 111 -21.85 -5.37 65.31
CA LEU H 111 -21.14 -4.22 64.77
C LEU H 111 -21.54 -4.06 63.30
N ILE H 112 -22.21 -2.97 62.98
CA ILE H 112 -22.72 -2.72 61.63
C ILE H 112 -22.08 -1.45 61.11
N ALA H 113 -21.50 -1.51 59.92
CA ALA H 113 -20.87 -0.38 59.25
C ALA H 113 -21.64 -0.07 57.98
N VAL H 114 -22.07 1.17 57.83
CA VAL H 114 -22.83 1.61 56.66
C VAL H 114 -21.91 2.37 55.73
N TYR H 115 -22.10 2.19 54.43
CA TYR H 115 -21.32 2.86 53.39
C TYR H 115 -22.26 3.68 52.53
N TYR H 116 -22.08 5.00 52.55
CA TYR H 116 -22.83 5.89 51.67
C TYR H 116 -21.99 7.13 51.40
N SER H 117 -22.40 7.89 50.40
CA SER H 117 -21.58 9.01 49.92
C SER H 117 -22.49 10.12 49.39
N PHE H 118 -21.94 11.33 49.38
CA PHE H 118 -22.60 12.48 48.77
C PHE H 118 -22.21 12.62 47.30
N GLY H 119 -22.37 11.55 46.53
CA GLY H 119 -21.91 11.52 45.16
C GLY H 119 -20.44 11.85 45.02
N GLY H 120 -19.58 11.04 45.65
CA GLY H 120 -18.14 11.25 45.60
C GLY H 120 -17.50 11.64 46.91
N LEU H 121 -18.27 11.68 48.01
CA LEU H 121 -17.73 12.00 49.33
C LEU H 121 -18.07 10.84 50.26
N LEU H 122 -17.16 9.89 50.38
CA LEU H 122 -17.44 8.62 51.04
C LEU H 122 -17.62 8.82 52.56
N MET H 123 -18.19 7.79 53.18
CA MET H 123 -18.41 7.79 54.62
C MET H 123 -18.26 6.37 55.14
N ARG H 124 -18.05 6.26 56.45
CA ARG H 124 -17.89 4.96 57.09
C ARG H 124 -18.25 5.10 58.56
N LEU H 125 -19.40 4.56 58.95
CA LEU H 125 -19.84 4.55 60.34
C LEU H 125 -19.55 3.19 60.95
N GLU H 126 -19.84 3.07 62.26
CA GLU H 126 -19.61 1.82 62.98
C GLU H 126 -20.33 1.91 64.31
N GLY H 127 -20.95 0.80 64.72
CA GLY H 127 -21.64 0.75 65.98
C GLY H 127 -22.65 -0.38 65.99
N ASN H 128 -23.53 -0.32 67.00
CA ASN H 128 -24.54 -1.35 67.21
C ASN H 128 -25.96 -0.81 67.13
N TYR H 129 -26.27 0.27 67.85
CA TYR H 129 -27.65 0.73 68.04
C TYR H 129 -28.22 1.45 66.83
N ARG H 130 -27.54 1.44 65.68
CA ARG H 130 -28.03 2.11 64.48
C ARG H 130 -28.72 1.14 63.51
N ASN H 131 -29.22 0.01 64.03
CA ASN H 131 -29.85 -0.98 63.17
C ASN H 131 -31.25 -0.59 62.71
N LEU H 132 -31.88 0.38 63.37
CA LEU H 132 -33.25 0.76 63.06
C LEU H 132 -33.39 2.09 62.33
N ASN H 133 -32.41 3.00 62.48
CA ASN H 133 -32.53 4.33 61.89
C ASN H 133 -31.87 4.43 60.52
N ASN H 134 -30.77 3.73 60.29
CA ASN H 134 -30.03 3.81 59.04
C ASN H 134 -30.50 2.72 58.10
N LEU H 135 -31.22 3.11 57.04
CA LEU H 135 -31.72 2.20 56.02
C LEU H 135 -31.29 2.71 54.65
N LYS H 136 -31.72 2.00 53.61
CA LYS H 136 -31.46 2.41 52.23
C LYS H 136 -32.44 3.52 51.84
N GLN H 137 -32.25 4.68 52.47
CA GLN H 137 -33.11 5.83 52.23
C GLN H 137 -32.52 6.71 51.13
N GLU H 138 -33.38 7.17 50.23
CA GLU H 138 -32.94 8.02 49.13
C GLU H 138 -32.48 9.38 49.64
N ASN H 139 -33.11 9.89 50.70
CA ASN H 139 -32.77 11.19 51.27
C ASN H 139 -32.22 10.98 52.67
N ALA H 140 -30.95 11.36 52.86
CA ALA H 140 -30.28 11.24 54.16
C ALA H 140 -29.38 12.46 54.31
N TYR H 141 -29.88 13.49 54.98
CA TYR H 141 -29.12 14.71 55.22
C TYR H 141 -28.12 14.49 56.34
N LEU H 142 -26.86 14.84 56.07
CA LEU H 142 -25.81 14.80 57.09
C LEU H 142 -25.54 16.23 57.55
N LEU H 143 -25.47 16.42 58.87
CA LEU H 143 -25.36 17.75 59.46
C LEU H 143 -24.23 17.76 60.47
N ILE H 144 -23.43 18.82 60.43
CA ILE H 144 -22.24 18.95 61.26
C ILE H 144 -22.30 20.26 62.04
N ARG H 145 -21.88 20.21 63.31
CA ARG H 145 -21.82 21.40 64.14
C ARG H 145 -20.41 21.99 64.10
N ARG H 146 -20.21 23.03 64.92
CA ARG H 146 -18.93 23.75 65.08
C ARG H 146 -18.09 23.89 63.81
N SER I 2 60.82 -29.46 -12.51
CA SER I 2 60.72 -29.21 -11.08
C SER I 2 59.56 -29.99 -10.47
N VAL I 3 59.87 -30.81 -9.47
CA VAL I 3 58.86 -31.63 -8.79
C VAL I 3 58.41 -30.88 -7.55
N VAL I 4 57.15 -30.44 -7.54
CA VAL I 4 56.56 -29.72 -6.41
C VAL I 4 55.22 -30.37 -6.11
N GLY I 5 55.12 -31.00 -4.94
CA GLY I 5 53.87 -31.66 -4.57
C GLY I 5 53.54 -32.78 -5.52
N SER I 6 52.35 -32.71 -6.11
CA SER I 6 51.90 -33.70 -7.08
C SER I 6 52.16 -33.26 -8.52
N LEU I 7 52.77 -32.10 -8.72
CA LEU I 7 53.04 -31.57 -10.05
C LEU I 7 54.52 -31.68 -10.38
N ILE I 8 54.81 -31.93 -11.66
CA ILE I 8 56.18 -32.02 -12.16
C ILE I 8 56.28 -31.15 -13.40
N PHE I 9 57.20 -30.19 -13.39
CA PHE I 9 57.35 -29.22 -14.46
C PHE I 9 58.70 -29.42 -15.16
N CYS I 10 58.74 -29.04 -16.44
CA CYS I 10 59.99 -29.00 -17.15
C CYS I 10 60.76 -27.74 -16.79
N LEU I 11 62.05 -27.75 -17.13
CA LEU I 11 62.93 -26.64 -16.77
C LEU I 11 63.57 -25.96 -17.97
N ASP I 12 63.97 -26.71 -18.99
CA ASP I 12 64.56 -26.10 -20.18
C ASP I 12 63.57 -25.20 -20.89
N CYS I 13 62.30 -25.61 -20.96
CA CYS I 13 61.25 -24.77 -21.51
C CYS I 13 60.26 -24.27 -20.47
N GLY I 14 60.34 -24.77 -19.24
CA GLY I 14 59.46 -24.32 -18.18
C GLY I 14 58.00 -24.56 -18.45
N ASP I 15 57.60 -25.83 -18.57
CA ASP I 15 56.23 -26.17 -18.91
C ASP I 15 55.76 -27.35 -18.06
N LEU I 16 54.45 -27.43 -17.88
CA LEU I 16 53.84 -28.52 -17.12
C LEU I 16 53.53 -29.65 -18.09
N LEU I 17 54.31 -30.72 -18.02
CA LEU I 17 54.21 -31.83 -18.96
C LEU I 17 53.04 -32.74 -18.58
N GLU I 18 52.95 -33.88 -19.25
CA GLU I 18 51.80 -34.77 -19.11
C GLU I 18 51.88 -35.59 -17.84
N ASN I 19 50.87 -36.44 -17.63
CA ASN I 19 50.74 -37.35 -16.51
C ASN I 19 51.34 -38.70 -16.87
N PRO I 20 52.33 -39.20 -16.12
CA PRO I 20 52.94 -40.50 -16.45
C PRO I 20 51.98 -41.67 -16.36
N ASN I 21 50.73 -41.43 -15.93
CA ASN I 21 49.73 -42.48 -15.84
C ASN I 21 48.74 -42.46 -16.99
N ALA I 22 48.61 -41.34 -17.71
CA ALA I 22 47.70 -41.25 -18.84
C ALA I 22 48.39 -41.45 -20.18
N VAL I 23 49.72 -41.32 -20.24
CA VAL I 23 50.47 -41.47 -21.48
C VAL I 23 51.34 -42.71 -21.32
N LEU I 24 52.04 -43.10 -22.38
CA LEU I 24 52.93 -44.26 -22.33
C LEU I 24 53.92 -44.14 -21.18
N GLY I 25 54.26 -45.28 -20.57
CA GLY I 25 55.10 -45.28 -19.40
C GLY I 25 56.58 -45.37 -19.72
N SER I 26 57.38 -45.35 -18.66
CA SER I 26 58.84 -45.41 -18.67
C SER I 26 59.49 -44.19 -19.31
N ASN I 27 58.70 -43.25 -19.83
CA ASN I 27 59.20 -42.04 -20.46
C ASN I 27 58.02 -41.11 -20.71
N VAL I 28 58.28 -39.80 -20.64
CA VAL I 28 57.30 -38.77 -20.90
C VAL I 28 57.96 -37.65 -21.70
N GLU I 29 57.12 -36.79 -22.27
CA GLU I 29 57.61 -35.71 -23.12
C GLU I 29 56.69 -34.50 -22.96
N CYS I 30 57.28 -33.32 -23.11
CA CYS I 30 56.54 -32.07 -23.00
C CYS I 30 55.76 -31.79 -24.28
N SER I 31 54.96 -30.74 -24.24
CA SER I 31 54.12 -30.36 -25.38
C SER I 31 54.84 -29.39 -26.31
N GLN I 32 55.48 -28.35 -25.75
CA GLN I 32 56.18 -27.37 -26.56
C GLN I 32 57.33 -28.02 -27.33
N CYS I 33 58.28 -28.60 -26.60
CA CYS I 33 59.42 -29.29 -27.18
C CYS I 33 59.57 -30.66 -26.52
N LYS I 34 59.84 -31.66 -27.34
CA LYS I 34 59.93 -33.05 -26.87
C LYS I 34 61.22 -33.23 -26.10
N ALA I 35 61.13 -33.20 -24.77
CA ALA I 35 62.28 -33.40 -23.89
C ALA I 35 62.34 -34.85 -23.44
N ILE I 36 63.56 -35.32 -23.19
CA ILE I 36 63.78 -36.70 -22.75
C ILE I 36 63.56 -36.78 -21.25
N TYR I 37 62.33 -37.07 -20.84
CA TYR I 37 61.93 -37.19 -19.45
C TYR I 37 61.28 -38.54 -19.20
N PRO I 38 61.30 -39.03 -17.95
CA PRO I 38 61.98 -38.47 -16.78
C PRO I 38 63.30 -39.18 -16.50
N LYS I 39 63.92 -38.84 -15.36
CA LYS I 39 65.11 -39.56 -14.91
C LYS I 39 64.76 -40.78 -14.06
N SER I 40 63.50 -40.93 -13.66
CA SER I 40 63.04 -42.06 -12.85
C SER I 40 63.81 -42.15 -11.53
N GLN I 41 64.24 -41.01 -11.00
CA GLN I 41 65.01 -40.99 -9.76
C GLN I 41 64.57 -39.88 -8.81
N PHE I 42 63.45 -39.20 -9.07
CA PHE I 42 63.09 -38.05 -8.27
C PHE I 42 62.48 -38.45 -6.93
N SER I 43 61.32 -39.10 -6.96
CA SER I 43 60.60 -39.48 -5.75
C SER I 43 59.34 -40.27 -6.10
N ASN I 44 58.64 -40.76 -5.08
CA ASN I 44 57.33 -41.35 -5.23
C ASN I 44 56.25 -40.34 -4.83
N LEU I 45 55.04 -40.57 -5.33
CA LEU I 45 53.96 -39.64 -5.05
C LEU I 45 53.49 -39.77 -3.61
N LYS I 46 53.28 -38.63 -2.96
CA LYS I 46 52.88 -38.60 -1.56
C LYS I 46 52.34 -37.21 -1.24
N VAL I 47 51.14 -37.15 -0.69
CA VAL I 47 50.52 -35.87 -0.35
C VAL I 47 49.63 -36.08 0.87
N VAL I 48 49.65 -35.11 1.77
CA VAL I 48 48.81 -35.12 2.96
C VAL I 48 47.72 -34.06 2.80
N THR I 49 46.55 -34.34 3.39
CA THR I 49 45.44 -33.41 3.31
C THR I 49 44.62 -33.52 4.60
N THR I 50 44.22 -32.36 5.13
CA THR I 50 43.43 -32.28 6.34
C THR I 50 41.99 -31.88 5.98
N THR I 51 41.11 -31.99 6.97
CA THR I 51 39.71 -31.61 6.80
C THR I 51 39.57 -30.09 6.96
N ALA I 52 38.33 -29.61 6.98
CA ALA I 52 38.06 -28.18 7.09
C ALA I 52 37.71 -27.73 8.50
N ASP I 53 37.23 -28.64 9.35
CA ASP I 53 36.83 -28.37 10.73
C ASP I 53 35.66 -27.39 10.83
N ASP I 54 35.08 -27.00 9.69
CA ASP I 54 33.90 -26.13 9.68
C ASP I 54 32.65 -26.83 9.20
N ALA I 55 32.78 -27.97 8.50
CA ALA I 55 31.64 -28.74 8.01
C ALA I 55 31.12 -29.73 9.06
N PHE I 56 31.41 -29.50 10.34
CA PHE I 56 30.96 -30.37 11.43
C PHE I 56 30.04 -29.57 12.34
N PRO I 57 28.78 -29.35 11.94
CA PRO I 57 27.82 -28.67 12.83
C PRO I 57 27.28 -29.62 13.88
N SER I 58 27.71 -29.42 15.12
CA SER I 58 27.33 -30.31 16.21
C SER I 58 27.23 -29.49 17.49
N SER I 59 26.83 -30.16 18.58
CA SER I 59 26.67 -29.52 19.88
C SER I 59 27.88 -29.68 20.78
N LEU I 60 28.62 -30.79 20.66
CA LEU I 60 29.78 -30.99 21.53
C LEU I 60 30.94 -30.09 21.14
N ARG I 61 31.05 -29.73 19.86
CA ARG I 61 32.08 -28.78 19.44
C ARG I 61 31.82 -27.39 20.00
N ALA I 62 30.54 -27.06 20.25
CA ALA I 62 30.23 -25.81 20.92
C ALA I 62 30.70 -25.81 22.37
N LYS I 63 30.77 -26.99 22.99
CA LYS I 63 31.30 -27.10 24.34
C LYS I 63 32.82 -27.16 24.36
N LYS I 64 33.45 -27.49 23.24
CA LYS I 64 34.90 -27.51 23.14
C LYS I 64 35.49 -26.14 22.84
N SER I 65 34.66 -25.11 22.73
CA SER I 65 35.14 -23.76 22.44
C SER I 65 35.71 -23.11 23.70
N MET J 1 9.08 39.59 1.93
CA MET J 1 9.47 40.46 0.84
C MET J 1 9.25 41.92 1.21
N ILE J 2 8.01 42.28 1.52
CA ILE J 2 7.65 43.65 1.88
C ILE J 2 7.29 43.68 3.36
N VAL J 3 7.48 44.83 3.99
CA VAL J 3 7.26 45.00 5.42
C VAL J 3 5.79 44.77 5.74
N PRO J 4 5.47 43.80 6.60
CA PRO J 4 4.05 43.56 6.95
C PRO J 4 3.53 44.64 7.88
N VAL J 5 2.52 45.36 7.41
CA VAL J 5 1.84 46.38 8.22
C VAL J 5 0.74 45.70 9.02
N ARG J 6 0.43 46.25 10.19
CA ARG J 6 -0.61 45.72 11.08
C ARG J 6 -0.31 44.26 11.46
N CYS J 7 0.73 44.12 12.27
CA CYS J 7 1.20 42.83 12.78
C CYS J 7 0.04 41.91 13.11
N PHE J 8 0.16 40.65 12.69
CA PHE J 8 -0.96 39.72 12.72
C PHE J 8 -1.51 39.54 14.14
N SER J 9 -0.63 39.26 15.10
CA SER J 9 -1.08 38.98 16.47
C SER J 9 -1.61 40.24 17.14
N CYS J 10 -0.77 41.28 17.26
CA CYS J 10 -1.19 42.48 17.96
C CYS J 10 -2.14 43.33 17.12
N GLY J 11 -1.66 43.83 15.99
CA GLY J 11 -2.49 44.69 15.15
C GLY J 11 -1.92 46.10 15.03
N LYS J 12 -0.75 46.33 15.59
CA LYS J 12 -0.11 47.63 15.54
C LYS J 12 0.63 47.81 14.23
N VAL J 13 0.71 49.06 13.76
CA VAL J 13 1.40 49.37 12.52
C VAL J 13 2.89 49.09 12.67
N VAL J 14 3.48 48.48 11.64
CA VAL J 14 4.87 48.04 11.70
C VAL J 14 5.65 48.63 10.53
N GLY J 15 4.94 48.94 9.44
CA GLY J 15 5.61 49.35 8.21
C GLY J 15 6.45 50.61 8.35
N ASP J 16 6.01 51.54 9.19
CA ASP J 16 6.71 52.82 9.30
C ASP J 16 8.04 52.68 10.03
N LYS J 17 8.18 51.67 10.89
CA LYS J 17 9.33 51.56 11.77
C LYS J 17 10.48 50.76 11.16
N TRP J 18 10.38 50.36 9.90
CA TRP J 18 11.48 49.63 9.27
C TRP J 18 12.63 50.55 8.92
N GLU J 19 12.35 51.67 8.24
CA GLU J 19 13.40 52.61 7.88
C GLU J 19 14.04 53.22 9.12
N SER J 20 13.23 53.50 10.15
CA SER J 20 13.77 54.01 11.41
C SER J 20 14.63 52.96 12.11
N TYR J 21 14.26 51.69 11.98
CA TYR J 21 15.06 50.62 12.57
C TYR J 21 16.43 50.55 11.92
N LEU J 22 16.49 50.60 10.58
CA LEU J 22 17.77 50.58 9.88
C LEU J 22 18.60 51.81 10.23
N ASN J 23 17.95 52.96 10.43
CA ASN J 23 18.67 54.17 10.80
C ASN J 23 19.29 54.03 12.19
N LEU J 24 18.58 53.40 13.12
CA LEU J 24 19.13 53.19 14.45
C LEU J 24 20.29 52.21 14.43
N LEU J 25 20.31 51.29 13.47
CA LEU J 25 21.38 50.31 13.35
C LEU J 25 22.56 50.80 12.52
N GLN J 26 22.42 51.92 11.82
CA GLN J 26 23.48 52.45 10.96
C GLN J 26 24.13 53.69 11.53
N GLU J 27 23.35 54.71 11.90
CA GLU J 27 23.90 56.00 12.32
C GLU J 27 24.24 56.05 13.81
N ASP J 28 23.64 55.20 14.63
CA ASP J 28 23.84 55.28 16.08
C ASP J 28 24.57 54.08 16.66
N GLU J 29 24.90 53.06 15.86
CA GLU J 29 25.58 51.86 16.34
C GLU J 29 24.82 51.23 17.50
N LEU J 30 23.50 51.10 17.34
CA LEU J 30 22.64 50.61 18.40
C LEU J 30 22.33 49.13 18.16
N ASP J 31 22.20 48.39 19.26
CA ASP J 31 22.05 46.94 19.19
C ASP J 31 20.60 46.59 18.85
N GLU J 32 20.26 45.30 18.98
CA GLU J 32 18.97 44.80 18.52
C GLU J 32 17.86 45.10 19.52
N GLY J 33 18.04 44.67 20.77
CA GLY J 33 16.95 44.75 21.74
C GLY J 33 16.57 46.18 22.08
N THR J 34 17.56 47.01 22.42
CA THR J 34 17.28 48.40 22.79
C THR J 34 16.68 49.17 21.62
N ALA J 35 16.97 48.75 20.38
CA ALA J 35 16.37 49.41 19.23
C ALA J 35 14.86 49.25 19.23
N LEU J 36 14.38 48.02 19.38
CA LEU J 36 12.93 47.78 19.37
C LEU J 36 12.25 48.43 20.57
N SER J 37 12.97 48.59 21.68
CA SER J 37 12.38 49.24 22.85
C SER J 37 12.19 50.73 22.62
N ARG J 38 13.22 51.41 22.15
CA ARG J 38 13.11 52.84 21.87
C ARG J 38 12.24 53.10 20.64
N LEU J 39 12.24 52.17 19.68
CA LEU J 39 11.43 52.34 18.48
C LEU J 39 9.94 52.20 18.76
N GLY J 40 9.56 51.66 19.91
CA GLY J 40 8.16 51.52 20.26
C GLY J 40 7.57 50.16 19.97
N LEU J 41 8.29 49.10 20.35
CA LEU J 41 7.80 47.73 20.23
C LEU J 41 7.92 47.07 21.60
N LYS J 42 6.78 46.85 22.25
CA LYS J 42 6.74 46.29 23.60
C LYS J 42 6.43 44.80 23.59
N ARG J 43 5.29 44.42 23.02
CA ARG J 43 4.88 43.02 23.02
C ARG J 43 5.70 42.22 22.02
N TYR J 44 6.14 41.03 22.43
CA TYR J 44 6.96 40.19 21.57
C TYR J 44 6.20 39.67 20.36
N CYS J 45 4.87 39.77 20.36
CA CYS J 45 4.11 39.43 19.17
C CYS J 45 4.49 40.33 18.01
N CYS J 46 4.69 41.62 18.29
CA CYS J 46 4.99 42.61 17.27
C CYS J 46 6.47 42.95 17.18
N ARG J 47 7.26 42.61 18.20
CA ARG J 47 8.70 42.78 18.10
C ARG J 47 9.29 41.88 17.03
N ARG J 48 8.77 40.67 16.89
CA ARG J 48 9.26 39.70 15.90
C ARG J 48 8.87 40.06 14.47
N MET J 49 8.28 41.23 14.21
CA MET J 49 7.99 41.64 12.85
C MET J 49 9.15 42.43 12.25
N ILE J 50 9.64 43.44 12.96
CA ILE J 50 10.82 44.16 12.51
C ILE J 50 12.07 43.34 12.78
N LEU J 51 12.13 42.68 13.94
CA LEU J 51 13.32 41.91 14.32
C LEU J 51 13.58 40.73 13.39
N THR J 52 12.57 40.29 12.63
CA THR J 52 12.69 39.11 11.81
C THR J 52 12.53 39.36 10.32
N HIS J 53 12.10 40.55 9.91
CA HIS J 53 11.84 40.81 8.50
C HIS J 53 13.11 40.68 7.68
N VAL J 54 12.94 40.25 6.42
CA VAL J 54 14.05 40.01 5.52
C VAL J 54 14.22 41.13 4.51
N ASP J 55 13.12 41.73 4.08
CA ASP J 55 13.13 42.82 3.08
C ASP J 55 13.79 42.36 1.79
N LEU J 56 13.15 41.37 1.14
CA LEU J 56 13.62 40.85 -0.13
C LEU J 56 13.18 41.69 -1.32
N ILE J 57 12.28 42.66 -1.10
CA ILE J 57 11.76 43.46 -2.21
C ILE J 57 12.88 44.25 -2.88
N GLU J 58 13.91 44.63 -2.13
CA GLU J 58 15.03 45.34 -2.73
C GLU J 58 15.81 44.44 -3.68
N LYS J 59 15.89 43.15 -3.36
CA LYS J 59 16.56 42.21 -4.26
C LYS J 59 15.69 41.93 -5.49
N PHE J 60 14.37 42.08 -5.37
CA PHE J 60 13.49 41.87 -6.51
C PHE J 60 13.69 42.93 -7.58
N LEU J 61 13.75 44.19 -7.18
CA LEU J 61 13.83 45.32 -8.13
C LEU J 61 15.19 45.44 -8.81
N ARG J 62 16.14 44.53 -8.61
CA ARG J 62 17.43 44.61 -9.27
C ARG J 62 17.36 44.20 -10.74
N TYR J 63 16.23 43.69 -11.21
CA TYR J 63 16.07 43.25 -12.59
C TYR J 63 14.87 43.99 -13.18
N ASN J 64 15.15 45.07 -13.92
CA ASN J 64 14.11 45.89 -14.53
C ASN J 64 14.10 45.66 -16.04
N PRO J 65 13.17 44.86 -16.56
CA PRO J 65 13.10 44.62 -18.01
C PRO J 65 12.56 45.79 -18.81
N LEU J 66 12.30 46.94 -18.18
CA LEU J 66 11.74 48.10 -18.87
C LEU J 66 12.79 49.16 -19.16
N GLU J 67 14.07 48.85 -18.96
CA GLU J 67 15.14 49.81 -19.23
C GLU J 67 16.44 49.03 -19.45
N LYS J 68 17.30 49.59 -20.30
CA LYS J 68 18.56 48.93 -20.62
C LYS J 68 19.44 48.86 -19.38
N ARG J 69 20.09 47.71 -19.20
CA ARG J 69 20.91 47.43 -18.01
C ARG J 69 20.12 47.64 -16.73
N ASP K 43 -38.93 43.81 14.21
CA ASP K 43 -38.18 42.78 13.50
C ASP K 43 -38.93 41.45 13.52
N ARG K 44 -38.56 40.54 12.63
CA ARG K 44 -39.23 39.25 12.52
C ARG K 44 -38.23 38.10 12.61
N GLU K 45 -37.00 38.34 12.18
CA GLU K 45 -35.98 37.30 12.13
C GLU K 45 -35.01 37.34 13.31
N LYS K 46 -34.98 38.43 14.07
CA LYS K 46 -34.04 38.53 15.18
C LYS K 46 -34.40 37.54 16.29
N ILE K 47 -35.58 37.71 16.88
CA ILE K 47 -36.06 36.81 17.93
C ILE K 47 -37.11 35.89 17.33
N LYS K 48 -37.05 34.61 17.70
CA LYS K 48 -37.98 33.61 17.20
C LYS K 48 -38.31 32.64 18.33
N LEU K 49 -39.50 32.80 18.92
CA LEU K 49 -39.98 31.89 19.94
C LEU K 49 -40.44 30.61 19.25
N LEU K 50 -39.60 29.59 19.29
CA LEU K 50 -39.89 28.31 18.64
C LEU K 50 -40.44 27.34 19.67
N THR K 51 -41.58 26.72 19.34
CA THR K 51 -42.32 25.88 20.27
C THR K 51 -41.82 24.44 20.33
N GLN K 52 -40.63 24.16 19.83
CA GLN K 52 -40.11 22.80 19.86
C GLN K 52 -39.64 22.38 21.25
N ALA K 53 -39.50 23.31 22.18
CA ALA K 53 -39.06 23.00 23.54
C ALA K 53 -39.86 23.66 24.63
N THR K 54 -40.67 24.66 24.33
CA THR K 54 -41.40 25.38 25.36
C THR K 54 -42.51 24.53 25.96
N SER K 55 -42.95 24.92 27.15
CA SER K 55 -44.03 24.23 27.85
C SER K 55 -45.37 24.88 27.50
N GLU K 56 -46.42 24.50 28.23
CA GLU K 56 -47.76 25.03 27.96
C GLU K 56 -48.06 26.28 28.78
N ASP K 57 -47.50 26.38 29.99
CA ASP K 57 -48.14 27.60 30.90
C ASP K 57 -46.86 28.15 30.28
N GLY K 58 -45.79 27.37 30.35
CA GLY K 58 -44.50 27.77 29.78
C GLY K 58 -43.83 28.20 30.92
N THR K 59 -43.70 27.43 31.99
CA THR K 59 -42.63 27.64 32.96
C THR K 59 -41.26 27.32 32.40
N SER K 60 -41.18 26.62 31.28
CA SER K 60 -39.92 26.30 30.63
C SER K 60 -40.04 26.59 29.14
N ALA K 61 -39.04 27.27 28.59
CA ALA K 61 -39.07 27.65 27.19
C ALA K 61 -37.65 27.82 26.67
N SER K 62 -37.51 27.69 25.35
CA SER K 62 -36.25 27.90 24.65
C SER K 62 -36.45 28.97 23.59
N PHE K 63 -35.49 29.89 23.49
CA PHE K 63 -35.56 31.00 22.56
C PHE K 63 -34.40 30.91 21.57
N GLN K 64 -34.63 31.45 20.37
CA GLN K 64 -33.64 31.45 19.30
C GLN K 64 -33.41 32.89 18.86
N ILE K 65 -32.16 33.34 18.92
CA ILE K 65 -31.78 34.69 18.53
C ILE K 65 -30.65 34.62 17.53
N VAL K 66 -30.84 35.21 16.36
CA VAL K 66 -29.86 35.18 15.28
C VAL K 66 -28.79 36.23 15.53
N GLU K 67 -27.70 36.13 14.75
CA GLU K 67 -26.59 37.09 14.76
C GLU K 67 -26.19 37.52 16.18
N GLU K 68 -26.00 36.53 17.04
CA GLU K 68 -25.51 36.77 18.39
C GLU K 68 -24.48 35.71 18.76
N ASP K 69 -23.85 35.91 19.90
CA ASP K 69 -22.75 35.07 20.35
C ASP K 69 -22.61 35.23 21.86
N HIS K 70 -21.49 34.78 22.41
CA HIS K 70 -21.22 34.93 23.84
C HIS K 70 -21.30 36.38 24.31
N THR K 71 -21.25 37.34 23.37
CA THR K 71 -21.41 38.75 23.73
C THR K 71 -22.66 38.98 24.56
N LEU K 72 -23.83 38.66 23.98
CA LEU K 72 -25.09 38.73 24.71
C LEU K 72 -25.40 37.45 25.45
N GLY K 73 -24.83 36.32 25.03
CA GLY K 73 -25.04 35.05 25.71
C GLY K 73 -24.58 35.06 27.14
N ASN K 74 -23.30 35.36 27.38
CA ASN K 74 -22.77 35.38 28.74
C ASN K 74 -23.39 36.52 29.55
N ALA K 75 -23.53 37.70 28.95
CA ALA K 75 -24.03 38.86 29.67
C ALA K 75 -25.47 38.64 30.13
N LEU K 76 -26.36 38.33 29.20
CA LEU K 76 -27.76 38.13 29.56
C LEU K 76 -27.95 36.94 30.48
N ARG K 77 -27.12 35.91 30.35
CA ARG K 77 -27.18 34.76 31.26
C ARG K 77 -26.95 35.19 32.70
N TYR K 78 -25.83 35.89 32.94
CA TYR K 78 -25.50 36.33 34.29
C TYR K 78 -26.54 37.30 34.85
N VAL K 79 -27.31 37.97 34.00
CA VAL K 79 -28.30 38.91 34.49
C VAL K 79 -29.59 38.19 34.88
N ILE K 80 -30.05 37.25 34.04
CA ILE K 80 -31.31 36.56 34.34
C ILE K 80 -31.12 35.51 35.43
N MET K 81 -29.92 34.92 35.53
CA MET K 81 -29.70 33.87 36.52
C MET K 81 -29.84 34.38 37.94
N LYS K 82 -29.61 35.67 38.18
CA LYS K 82 -29.72 36.24 39.51
C LYS K 82 -31.16 36.57 39.89
N ASN K 83 -32.11 36.31 39.01
CA ASN K 83 -33.53 36.47 39.35
C ASN K 83 -33.99 35.26 40.16
N PRO K 84 -34.44 35.44 41.39
CA PRO K 84 -34.81 34.29 42.24
C PRO K 84 -36.01 33.49 41.72
N ASP K 85 -36.65 33.91 40.63
CA ASP K 85 -37.77 33.20 40.05
C ASP K 85 -37.36 32.25 38.93
N VAL K 86 -36.06 32.12 38.68
CA VAL K 86 -35.56 31.33 37.55
C VAL K 86 -35.26 29.91 38.02
N GLU K 87 -35.86 28.92 37.33
CA GLU K 87 -35.58 27.52 37.62
C GLU K 87 -34.29 27.07 36.97
N PHE K 88 -34.14 27.32 35.68
CA PHE K 88 -33.01 26.81 34.90
C PHE K 88 -32.77 27.74 33.72
N CYS K 89 -31.50 28.02 33.43
CA CYS K 89 -31.15 28.90 32.33
C CYS K 89 -29.77 28.55 31.82
N GLY K 90 -29.57 28.77 30.53
CA GLY K 90 -28.28 28.50 29.91
C GLY K 90 -28.34 28.82 28.43
N TYR K 91 -27.17 29.06 27.87
CA TYR K 91 -27.01 29.35 26.45
C TYR K 91 -26.29 28.19 25.77
N SER K 92 -26.62 27.96 24.51
CA SER K 92 -26.01 26.89 23.73
C SER K 92 -25.95 27.31 22.28
N ILE K 93 -24.76 27.29 21.69
CA ILE K 93 -24.58 27.64 20.28
C ILE K 93 -24.79 26.40 19.43
N PRO K 94 -25.61 26.47 18.38
CA PRO K 94 -25.79 25.28 17.53
C PRO K 94 -24.52 24.85 16.83
N HIS K 95 -23.85 25.77 16.15
CA HIS K 95 -22.58 25.49 15.48
C HIS K 95 -21.85 26.80 15.22
N PRO K 96 -20.56 26.89 15.58
CA PRO K 96 -19.84 28.16 15.39
C PRO K 96 -19.79 28.63 13.95
N SER K 97 -19.87 27.72 12.98
CA SER K 97 -19.92 28.15 11.58
C SER K 97 -21.18 28.94 11.29
N GLU K 98 -22.30 28.53 11.88
CA GLU K 98 -23.54 29.28 11.78
C GLU K 98 -23.56 30.39 12.83
N ASN K 99 -24.39 31.40 12.61
CA ASN K 99 -24.51 32.53 13.51
C ASN K 99 -25.89 32.45 14.18
N LEU K 100 -25.96 31.69 15.26
CA LEU K 100 -27.21 31.49 16.00
C LEU K 100 -26.88 31.35 17.49
N LEU K 101 -27.91 31.54 18.32
CA LEU K 101 -27.77 31.38 19.75
C LEU K 101 -29.10 30.97 20.35
N ASN K 102 -29.09 29.89 21.13
CA ASN K 102 -30.29 29.38 21.79
C ASN K 102 -30.18 29.65 23.28
N ILE K 103 -31.13 30.40 23.82
CA ILE K 103 -31.14 30.78 25.23
C ILE K 103 -32.26 30.01 25.92
N ARG K 104 -31.88 29.11 26.83
CA ARG K 104 -32.84 28.39 27.63
C ARG K 104 -33.27 29.23 28.83
N ILE K 105 -34.57 29.24 29.11
CA ILE K 105 -35.12 30.01 30.22
C ILE K 105 -36.23 29.18 30.88
N GLN K 106 -35.97 28.71 32.09
CA GLN K 106 -36.98 28.06 32.92
C GLN K 106 -37.23 28.92 34.15
N THR K 107 -38.47 28.89 34.64
CA THR K 107 -38.84 29.75 35.75
C THR K 107 -39.88 29.03 36.61
N TYR K 108 -39.98 29.48 37.86
CA TYR K 108 -40.99 28.98 38.77
C TYR K 108 -42.37 29.50 38.34
N GLY K 109 -43.40 29.12 39.10
CA GLY K 109 -44.74 29.57 38.81
C GLY K 109 -44.90 31.07 39.03
N GLU K 110 -46.15 31.52 38.88
CA GLU K 110 -46.62 32.89 39.07
C GLU K 110 -46.03 33.87 38.05
N THR K 111 -45.14 33.41 37.16
CA THR K 111 -44.52 34.29 36.17
C THR K 111 -44.02 33.43 35.02
N THR K 112 -44.27 33.89 33.80
CA THR K 112 -43.86 33.16 32.61
C THR K 112 -42.37 33.37 32.36
N ALA K 113 -41.88 32.84 31.23
CA ALA K 113 -40.47 32.94 30.89
C ALA K 113 -40.15 34.17 30.07
N VAL K 114 -41.08 34.60 29.20
CA VAL K 114 -40.84 35.79 28.38
C VAL K 114 -40.72 37.02 29.25
N ASP K 115 -41.54 37.11 30.31
CA ASP K 115 -41.46 38.25 31.22
C ASP K 115 -40.11 38.28 31.93
N ALA K 116 -39.59 37.11 32.30
CA ALA K 116 -38.26 37.05 32.92
C ALA K 116 -37.19 37.54 31.95
N LEU K 117 -37.32 37.20 30.67
CA LEU K 117 -36.36 37.69 29.68
C LEU K 117 -36.41 39.21 29.57
N GLN K 118 -37.61 39.79 29.68
CA GLN K 118 -37.73 41.25 29.62
C GLN K 118 -37.07 41.91 30.82
N LYS K 119 -37.25 41.33 32.01
CA LYS K 119 -36.57 41.85 33.20
C LYS K 119 -35.06 41.69 33.08
N GLY K 120 -34.60 40.65 32.39
CA GLY K 120 -33.17 40.51 32.17
C GLY K 120 -32.62 41.56 31.23
N LEU K 121 -33.36 41.89 30.17
CA LEU K 121 -32.92 42.93 29.25
C LEU K 121 -32.93 44.29 29.92
N LYS K 122 -33.93 44.55 30.77
CA LYS K 122 -34.01 45.83 31.46
C LYS K 122 -32.91 45.95 32.52
N ASP K 123 -32.63 44.85 33.24
CA ASP K 123 -31.58 44.89 34.25
C ASP K 123 -30.21 45.04 33.61
N LEU K 124 -29.98 44.36 32.48
CA LEU K 124 -28.72 44.51 31.77
C LEU K 124 -28.59 45.92 31.18
N MET K 125 -29.71 46.50 30.75
CA MET K 125 -29.69 47.86 30.23
C MET K 125 -29.33 48.87 31.32
N ASP K 126 -29.98 48.75 32.48
CA ASP K 126 -29.61 49.60 33.61
C ASP K 126 -28.19 49.33 34.07
N LEU K 127 -27.71 48.08 33.91
CA LEU K 127 -26.32 47.77 34.22
C LEU K 127 -25.39 48.55 33.30
N CYS K 128 -25.68 48.56 32.00
CA CYS K 128 -24.89 49.37 31.07
C CYS K 128 -25.03 50.85 31.37
N ASP K 129 -26.18 51.27 31.93
CA ASP K 129 -26.38 52.68 32.24
C ASP K 129 -25.49 53.13 33.38
N VAL K 130 -25.36 52.31 34.42
CA VAL K 130 -24.59 52.72 35.59
C VAL K 130 -23.08 52.61 35.34
N VAL K 131 -22.66 51.61 34.56
CA VAL K 131 -21.24 51.48 34.26
C VAL K 131 -20.78 52.51 33.25
N GLU K 132 -21.72 53.12 32.51
CA GLU K 132 -21.37 54.19 31.58
C GLU K 132 -21.48 55.56 32.23
N SER K 133 -22.51 55.80 33.03
CA SER K 133 -22.65 57.08 33.71
C SER K 133 -21.56 57.28 34.74
N LYS K 134 -21.23 56.24 35.51
CA LYS K 134 -20.14 56.34 36.48
C LYS K 134 -18.82 56.62 35.77
N PHE K 135 -18.54 55.88 34.70
CA PHE K 135 -17.32 56.12 33.93
C PHE K 135 -17.30 57.50 33.30
N THR K 136 -18.47 58.12 33.09
CA THR K 136 -18.52 59.48 32.55
C THR K 136 -18.14 60.50 33.62
N GLU K 137 -18.74 60.42 34.80
CA GLU K 137 -18.42 61.33 35.89
C GLU K 137 -17.09 60.99 36.58
N LYS K 138 -16.42 59.92 36.16
CA LYS K 138 -15.16 59.52 36.76
C LYS K 138 -13.96 60.06 36.02
N ILE K 139 -14.05 60.22 34.70
CA ILE K 139 -12.94 60.76 33.93
C ILE K 139 -12.65 62.21 34.30
N LYS K 140 -13.64 62.93 34.85
CA LYS K 140 -13.43 64.31 35.24
C LYS K 140 -12.78 64.44 36.61
N SER K 141 -12.79 63.39 37.42
CA SER K 141 -12.25 63.43 38.78
C SER K 141 -10.76 63.12 38.82
N MET K 142 -10.06 63.22 37.70
CA MET K 142 -8.63 62.95 37.67
C MET K 142 -7.85 64.04 38.42
N LYS L 28 3.20 48.21 -28.44
CA LYS L 28 2.84 47.70 -27.12
C LYS L 28 3.83 46.64 -26.65
N TYR L 29 4.88 46.44 -27.44
CA TYR L 29 5.89 45.42 -27.14
C TYR L 29 7.15 46.05 -26.59
N ILE L 30 7.91 45.25 -25.84
CA ILE L 30 9.16 45.67 -25.23
C ILE L 30 10.22 44.63 -25.54
N CYS L 31 11.40 45.09 -25.96
CA CYS L 31 12.49 44.17 -26.27
C CYS L 31 12.96 43.47 -25.00
N ALA L 32 13.52 42.27 -25.19
CA ALA L 32 14.01 41.47 -24.07
C ALA L 32 15.45 41.82 -23.69
N GLU L 33 16.29 42.13 -24.68
CA GLU L 33 17.69 42.47 -24.43
C GLU L 33 17.92 43.97 -24.47
N CYS L 34 17.56 44.63 -25.56
CA CYS L 34 17.76 46.07 -25.69
C CYS L 34 16.75 46.87 -24.86
N SER L 35 15.63 46.27 -24.47
CA SER L 35 14.62 46.94 -23.65
C SER L 35 14.11 48.22 -24.33
N SER L 36 13.97 48.16 -25.65
CA SER L 36 13.50 49.30 -26.44
C SER L 36 12.03 49.05 -26.80
N LYS L 37 11.15 49.88 -26.26
CA LYS L 37 9.72 49.74 -26.51
C LYS L 37 9.39 50.22 -27.92
N LEU L 38 8.78 49.36 -28.73
CA LEU L 38 8.40 49.70 -30.09
C LEU L 38 7.37 48.69 -30.57
N SER L 39 6.25 49.19 -31.10
CA SER L 39 5.21 48.31 -31.59
C SER L 39 5.65 47.62 -32.89
N LEU L 40 4.81 46.68 -33.35
CA LEU L 40 5.10 45.94 -34.56
C LEU L 40 3.79 45.64 -35.27
N SER L 41 3.76 45.87 -36.58
CA SER L 41 2.58 45.67 -37.39
C SER L 41 2.60 44.30 -38.04
N ARG L 42 1.64 44.04 -38.92
CA ARG L 42 1.56 42.76 -39.61
C ARG L 42 2.67 42.63 -40.64
N THR L 43 2.71 41.45 -41.29
CA THR L 43 3.65 41.08 -42.35
C THR L 43 5.07 41.58 -42.08
N ASP L 44 5.51 41.50 -40.82
CA ASP L 44 6.84 41.93 -40.44
C ASP L 44 7.52 40.81 -39.67
N ALA L 45 8.85 40.71 -39.85
CA ALA L 45 9.61 39.68 -39.18
C ALA L 45 9.67 39.93 -37.68
N VAL L 46 9.77 38.83 -36.92
CA VAL L 46 9.87 38.92 -35.46
C VAL L 46 11.32 39.22 -35.09
N ARG L 47 11.65 40.50 -34.99
CA ARG L 47 13.02 40.94 -34.72
C ARG L 47 12.99 42.41 -34.34
N CYS L 48 13.72 42.77 -33.29
CA CYS L 48 13.74 44.15 -32.83
C CYS L 48 14.50 45.03 -33.82
N LYS L 49 14.03 46.27 -33.96
CA LYS L 49 14.63 47.22 -34.89
C LYS L 49 15.95 47.80 -34.40
N ASP L 50 16.39 47.44 -33.20
CA ASP L 50 17.63 47.96 -32.63
C ASP L 50 18.65 46.89 -32.34
N CYS L 51 18.23 45.73 -31.82
CA CYS L 51 19.15 44.64 -31.51
C CYS L 51 18.65 43.36 -32.18
N GLY L 52 19.60 42.50 -32.53
CA GLY L 52 19.29 41.27 -33.22
C GLY L 52 18.85 40.13 -32.32
N HIS L 53 17.66 40.24 -31.75
CA HIS L 53 17.10 39.21 -30.90
C HIS L 53 15.72 38.80 -31.42
N ARG L 54 15.16 37.76 -30.80
CA ARG L 54 13.93 37.16 -31.27
C ARG L 54 12.81 37.15 -30.24
N ILE L 55 13.09 37.46 -28.99
CA ILE L 55 12.08 37.46 -27.94
C ILE L 55 11.49 38.86 -27.83
N LEU L 56 10.15 38.94 -27.78
CA LEU L 56 9.44 40.21 -27.70
C LEU L 56 8.48 40.17 -26.51
N LEU L 57 8.78 40.94 -25.48
CA LEU L 57 7.88 41.04 -24.35
C LEU L 57 6.67 41.91 -24.70
N LYS L 58 5.66 41.90 -23.84
CA LYS L 58 4.44 42.68 -24.03
C LYS L 58 4.24 43.57 -22.82
N ALA L 59 4.01 44.86 -23.05
CA ALA L 59 3.78 45.81 -21.98
C ALA L 59 2.32 45.77 -21.53
N ARG L 60 2.06 46.38 -20.38
CA ARG L 60 0.73 46.42 -19.81
C ARG L 60 0.00 47.68 -20.26
N THR L 61 -1.29 47.54 -20.55
CA THR L 61 -2.13 48.64 -21.00
C THR L 61 -2.98 49.14 -19.84
N LYS L 62 -3.12 50.46 -19.76
CA LYS L 62 -3.88 51.09 -18.67
C LYS L 62 -5.37 50.86 -18.87
N ARG L 63 -5.96 50.01 -18.03
CA ARG L 63 -7.40 49.76 -18.07
C ARG L 63 -7.99 49.83 -16.67
N LEU L 64 -9.28 49.52 -16.55
CA LEU L 64 -9.95 49.49 -15.25
C LEU L 64 -9.94 48.05 -14.74
N VAL L 65 -9.14 47.80 -13.71
CA VAL L 65 -8.99 46.48 -13.12
C VAL L 65 -9.46 46.55 -11.67
N GLN L 66 -10.53 45.82 -11.35
CA GLN L 66 -11.10 45.85 -10.02
C GLN L 66 -10.44 44.81 -9.13
N PHE L 67 -10.25 45.17 -7.85
CA PHE L 67 -9.67 44.26 -6.87
C PHE L 67 -10.31 44.53 -5.51
N GLU L 68 -9.98 43.66 -4.57
CA GLU L 68 -10.41 43.79 -3.18
C GLU L 68 -9.20 43.89 -2.27
N ALA L 69 -9.36 44.56 -1.15
CA ALA L 69 -8.27 44.71 -0.18
C ALA L 69 -8.18 43.49 0.72
N ARG L 70 -8.10 42.31 0.14
CA ARG L 70 -8.01 41.07 0.90
C ARG L 70 -6.99 40.12 0.31
N SER M 8 75.56 -4.32 15.46
CA SER M 8 76.92 -4.56 14.98
C SER M 8 77.22 -3.71 13.74
N GLU M 9 77.72 -2.50 13.96
CA GLU M 9 78.05 -1.61 12.86
C GLU M 9 79.20 -2.18 12.05
N ILE M 10 79.01 -2.26 10.73
CA ILE M 10 80.00 -2.80 9.83
C ILE M 10 80.56 -1.67 8.97
N GLU M 11 81.67 -1.96 8.29
CA GLU M 11 82.38 -0.98 7.49
C GLU M 11 82.25 -1.31 6.01
N ILE M 12 82.25 -0.26 5.17
CA ILE M 12 82.17 -0.39 3.73
C ILE M 12 83.57 -0.22 3.14
N GLU M 13 83.90 -1.03 2.13
CA GLU M 13 85.21 -1.02 1.52
C GLU M 13 85.19 -0.56 0.07
N SER M 14 84.34 -1.16 -0.76
CA SER M 14 84.31 -0.87 -2.19
C SER M 14 82.89 -0.56 -2.64
N VAL M 15 82.78 0.37 -3.58
CA VAL M 15 81.50 0.76 -4.18
C VAL M 15 81.70 0.83 -5.69
N GLN M 16 80.90 0.08 -6.43
CA GLN M 16 80.99 0.04 -7.89
C GLN M 16 79.83 0.78 -8.52
N ASP M 17 80.02 1.15 -9.78
CA ASP M 17 79.02 1.91 -10.54
C ASP M 17 78.51 1.15 -11.76
N GLN M 18 79.39 0.54 -12.54
CA GLN M 18 79.00 -0.11 -13.78
C GLN M 18 78.33 -1.46 -13.51
N PRO M 19 77.43 -1.89 -14.38
CA PRO M 19 76.75 -3.18 -14.17
C PRO M 19 77.71 -4.35 -14.32
N SER M 20 77.91 -5.07 -13.22
CA SER M 20 78.81 -6.22 -13.18
C SER M 20 78.10 -7.52 -12.87
N VAL M 21 77.31 -7.55 -11.80
CA VAL M 21 76.62 -8.75 -11.34
C VAL M 21 75.12 -8.52 -11.42
N ALA M 22 74.39 -9.57 -11.76
CA ALA M 22 72.94 -9.51 -11.88
C ALA M 22 72.31 -10.78 -11.35
N VAL M 23 70.99 -10.83 -11.38
CA VAL M 23 70.23 -11.98 -10.91
C VAL M 23 68.88 -11.99 -11.60
N GLY M 24 68.46 -13.17 -12.07
CA GLY M 24 67.22 -13.33 -12.80
C GLY M 24 66.17 -14.03 -11.94
N SER M 25 64.92 -13.59 -12.08
CA SER M 25 63.78 -14.16 -11.37
C SER M 25 62.91 -14.88 -12.39
N PHE M 26 63.16 -16.18 -12.55
CA PHE M 26 62.40 -17.00 -13.49
C PHE M 26 61.32 -17.82 -12.80
N PHE M 27 61.72 -18.70 -11.89
CA PHE M 27 60.84 -19.54 -11.09
C PHE M 27 61.70 -20.24 -10.04
N LYS M 28 61.09 -21.17 -9.31
CA LYS M 28 61.80 -21.92 -8.28
C LYS M 28 62.29 -23.24 -8.84
N GLY M 29 63.59 -23.52 -8.66
CA GLY M 29 64.15 -24.81 -9.03
C GLY M 29 64.43 -25.00 -10.51
N PHE M 30 65.35 -24.20 -11.05
CA PHE M 30 65.81 -24.33 -12.43
C PHE M 30 67.24 -24.87 -12.40
N ARG M 31 67.42 -26.10 -12.88
CA ARG M 31 68.71 -26.76 -12.73
C ARG M 31 69.83 -26.09 -13.51
N ALA M 32 69.50 -25.28 -14.51
CA ALA M 32 70.47 -24.43 -15.22
C ALA M 32 71.68 -25.22 -15.71
N PRO M 33 71.55 -26.00 -16.79
CA PRO M 33 72.68 -26.80 -17.28
C PRO M 33 73.99 -26.03 -17.38
N SER M 34 73.94 -24.72 -17.66
CA SER M 34 75.10 -23.84 -17.62
C SER M 34 76.18 -24.28 -18.60
N ASP M 35 75.80 -24.41 -19.87
CA ASP M 35 76.75 -24.74 -20.92
C ASP M 35 76.59 -23.87 -22.16
N THR M 36 75.61 -22.97 -22.19
CA THR M 36 75.40 -22.07 -23.32
C THR M 36 75.53 -20.63 -22.83
N THR M 37 76.16 -19.80 -23.65
CA THR M 37 76.39 -18.40 -23.28
C THR M 37 75.09 -17.61 -23.30
N PHE M 38 75.07 -16.54 -22.50
CA PHE M 38 73.96 -15.60 -22.47
C PHE M 38 74.50 -14.19 -22.61
N ASP M 39 73.73 -13.35 -23.29
CA ASP M 39 74.15 -11.98 -23.58
C ASP M 39 73.61 -11.02 -22.53
N LEU M 40 74.19 -9.83 -22.50
CA LEU M 40 73.77 -8.77 -21.58
C LEU M 40 73.92 -7.43 -22.29
N TYR M 41 72.79 -6.76 -22.53
CA TYR M 41 72.77 -5.47 -23.21
C TYR M 41 72.68 -4.34 -22.20
N LYS M 42 72.78 -3.10 -22.70
CA LYS M 42 72.70 -1.91 -21.89
C LYS M 42 71.97 -0.82 -22.67
N LYS M 43 71.84 0.35 -22.06
CA LYS M 43 71.23 1.52 -22.68
C LYS M 43 72.08 2.73 -22.33
N LYS M 44 71.52 3.92 -22.58
CA LYS M 44 72.22 5.19 -22.33
C LYS M 44 73.51 5.28 -23.13
N GLU M 47 66.87 8.77 -18.15
CA GLU M 47 67.04 8.18 -16.83
C GLU M 47 68.25 7.26 -16.78
N LYS M 48 68.21 6.28 -15.87
CA LYS M 48 69.31 5.35 -15.67
C LYS M 48 68.75 3.94 -15.53
N ASP M 49 69.63 2.99 -15.26
CA ASP M 49 69.32 1.58 -14.97
C ASP M 49 68.22 1.04 -15.88
N GLU M 50 68.49 1.06 -17.18
CA GLU M 50 67.63 0.43 -18.18
C GLU M 50 68.46 -0.62 -18.91
N PHE M 51 68.31 -1.88 -18.52
CA PHE M 51 69.10 -2.97 -19.07
C PHE M 51 68.20 -4.06 -19.65
N VAL M 52 68.76 -4.83 -20.58
CA VAL M 52 68.07 -5.96 -21.19
C VAL M 52 69.08 -7.07 -21.44
N LEU M 53 68.60 -8.22 -21.94
CA LEU M 53 69.48 -9.34 -22.25
C LEU M 53 68.80 -10.21 -23.30
N HIS M 54 69.52 -11.25 -23.73
CA HIS M 54 69.01 -12.23 -24.68
C HIS M 54 69.90 -13.45 -24.64
N GLY M 55 69.29 -14.63 -24.43
CA GLY M 55 70.04 -15.86 -24.34
C GLY M 55 69.44 -16.95 -25.21
N GLU M 56 70.18 -18.05 -25.32
CA GLU M 56 69.76 -19.21 -26.10
C GLU M 56 70.21 -20.47 -25.39
N ASN M 57 69.75 -21.61 -25.90
CA ASN M 57 70.09 -22.93 -25.38
C ASN M 57 69.63 -23.95 -26.41
N GLU M 58 69.69 -25.23 -26.05
CA GLU M 58 69.24 -26.28 -26.97
C GLU M 58 67.74 -26.14 -27.25
N ARG M 59 66.95 -25.80 -26.23
CA ARG M 59 65.52 -25.60 -26.42
C ARG M 59 65.01 -24.37 -25.67
N LEU M 60 65.89 -23.54 -25.13
CA LEU M 60 65.51 -22.36 -24.36
C LEU M 60 65.98 -21.10 -25.06
N GLU M 61 65.18 -20.04 -24.95
CA GLU M 61 65.54 -18.71 -25.43
C GLU M 61 65.34 -17.75 -24.25
N TYR M 62 66.43 -17.38 -23.60
CA TYR M 62 66.37 -16.62 -22.36
C TYR M 62 65.98 -15.18 -22.65
N GLU M 63 64.76 -14.81 -22.28
CA GLU M 63 64.27 -13.45 -22.42
C GLU M 63 64.15 -12.80 -21.04
N GLY M 64 64.25 -11.48 -21.01
CA GLY M 64 64.17 -10.77 -19.75
C GLY M 64 64.06 -9.28 -19.96
N TYR M 65 63.84 -8.58 -18.86
CA TYR M 65 63.74 -7.12 -18.86
C TYR M 65 64.03 -6.63 -17.44
N THR M 66 64.31 -5.33 -17.33
CA THR M 66 64.66 -4.71 -16.06
C THR M 66 63.53 -3.79 -15.61
N ASP M 67 62.53 -4.39 -14.94
CA ASP M 67 61.56 -3.70 -14.08
C ASP M 67 61.15 -2.34 -14.64
N SER M 68 60.55 -2.37 -15.84
CA SER M 68 60.15 -1.14 -16.52
C SER M 68 59.33 -0.23 -15.62
N SER M 69 58.34 -0.80 -14.92
CA SER M 69 57.46 0.00 -14.09
C SER M 69 58.19 0.50 -12.84
N SER M 70 58.84 -0.41 -12.11
CA SER M 70 59.41 -0.10 -10.80
C SER M 70 60.88 -0.55 -10.73
N GLN M 71 61.78 0.28 -11.24
CA GLN M 71 63.21 0.08 -11.03
C GLN M 71 63.90 1.38 -10.62
N ALA M 72 63.37 2.51 -11.08
CA ALA M 72 64.08 3.78 -10.96
C ALA M 72 64.07 4.35 -9.55
N SER M 73 63.16 3.89 -8.68
CA SER M 73 63.05 4.45 -7.34
C SER M 73 63.74 3.60 -6.28
N ASN M 74 64.18 2.39 -6.62
CA ASN M 74 64.85 1.52 -5.66
C ASN M 74 65.59 0.44 -6.43
N GLN M 75 66.84 0.19 -6.06
CA GLN M 75 67.67 -0.79 -6.74
C GLN M 75 68.24 -1.80 -5.77
N TYR M 76 69.15 -2.65 -6.24
CA TYR M 76 69.67 -3.76 -5.46
C TYR M 76 71.19 -3.71 -5.43
N VAL M 77 71.77 -4.22 -4.33
CA VAL M 77 73.21 -4.30 -4.18
C VAL M 77 73.57 -5.64 -3.54
N VAL M 78 74.79 -6.09 -3.82
CA VAL M 78 75.30 -7.37 -3.34
C VAL M 78 76.63 -7.14 -2.65
N GLY M 79 76.94 -7.94 -1.63
CA GLY M 79 78.21 -7.86 -0.95
C GLY M 79 78.80 -9.22 -0.60
N LEU M 80 79.89 -9.22 0.15
CA LEU M 80 80.52 -10.46 0.62
C LEU M 80 80.98 -10.25 2.06
N PHE M 81 81.19 -11.36 2.76
CA PHE M 81 81.79 -11.32 4.08
C PHE M 81 82.43 -12.66 4.39
N ASN M 82 83.65 -12.62 4.93
CA ASN M 82 84.38 -13.78 5.38
C ASN M 82 84.51 -13.75 6.91
N PRO M 83 84.76 -14.89 7.55
CA PRO M 83 84.86 -14.89 9.02
C PRO M 83 86.18 -14.37 9.53
N GLU M 84 86.68 -13.28 8.94
CA GLU M 84 87.85 -12.58 9.45
C GLU M 84 87.71 -11.06 9.42
N LYS M 85 86.78 -10.49 8.66
CA LYS M 85 86.67 -9.06 8.47
C LYS M 85 85.36 -8.49 8.97
N LYS M 86 84.24 -9.16 8.69
CA LYS M 86 82.90 -8.70 9.07
C LYS M 86 82.60 -7.33 8.49
N SER M 87 83.06 -7.09 7.27
CA SER M 87 82.79 -5.87 6.52
C SER M 87 82.06 -6.22 5.22
N ILE M 88 81.66 -5.18 4.48
CA ILE M 88 80.93 -5.35 3.23
C ILE M 88 81.50 -4.41 2.19
N GLN M 89 81.19 -4.71 0.93
CA GLN M 89 81.47 -3.84 -0.20
C GLN M 89 80.21 -3.72 -1.04
N LEU M 90 79.91 -2.50 -1.48
CA LEU M 90 78.66 -2.23 -2.20
C LEU M 90 78.85 -2.57 -3.68
N TYR M 91 78.23 -3.65 -4.13
CA TYR M 91 78.24 -4.06 -5.53
C TYR M 91 76.84 -3.87 -6.09
N LYS M 92 76.66 -2.78 -6.85
CA LYS M 92 75.36 -2.51 -7.47
C LYS M 92 75.01 -3.62 -8.45
N ALA M 93 73.83 -4.20 -8.26
CA ALA M 93 73.42 -5.37 -9.02
C ALA M 93 71.99 -5.19 -9.52
N PRO M 94 71.76 -5.09 -10.83
CA PRO M 94 70.39 -5.07 -11.34
C PRO M 94 69.74 -6.43 -11.21
N VAL M 95 68.41 -6.44 -11.33
CA VAL M 95 67.61 -7.66 -11.25
C VAL M 95 66.77 -7.77 -12.50
N LEU M 96 66.74 -8.95 -13.09
CA LEU M 96 66.03 -9.21 -14.34
C LEU M 96 64.82 -10.11 -14.08
N VAL M 97 63.70 -9.77 -14.69
CA VAL M 97 62.53 -10.65 -14.70
C VAL M 97 62.62 -11.54 -15.94
N SER M 98 62.64 -12.85 -15.73
CA SER M 98 62.97 -13.81 -16.77
C SER M 98 61.71 -14.39 -17.40
N LYS M 99 61.76 -14.61 -18.71
CA LYS M 99 60.72 -15.28 -19.46
C LYS M 99 61.36 -16.35 -20.33
N VAL M 100 60.96 -17.60 -20.13
CA VAL M 100 61.52 -18.73 -20.86
C VAL M 100 60.55 -19.14 -21.95
N VAL M 101 61.01 -19.13 -23.20
CA VAL M 101 60.18 -19.46 -24.35
C VAL M 101 60.95 -20.42 -25.25
N SER M 102 60.20 -21.15 -26.06
CA SER M 102 60.74 -22.07 -27.05
C SER M 102 60.31 -21.63 -28.44
N LYS M 103 60.61 -22.45 -29.43
CA LYS M 103 60.30 -22.17 -30.84
C LYS M 103 59.14 -23.05 -31.28
N SER M 104 57.91 -22.57 -31.03
CA SER M 104 56.71 -23.25 -31.50
C SER M 104 55.70 -22.26 -32.06
N SER M 105 56.14 -21.09 -32.48
CA SER M 105 55.26 -20.02 -32.94
C SER M 105 55.04 -20.12 -34.45
N LYS M 106 54.51 -19.05 -35.04
CA LYS M 106 54.29 -18.94 -36.48
C LYS M 106 53.27 -19.97 -36.97
N ASN M 107 52.10 -19.94 -36.35
CA ASN M 107 50.95 -20.75 -36.76
C ASN M 107 49.73 -19.87 -36.82
N LEU M 108 49.06 -19.84 -37.97
CA LEU M 108 47.90 -18.98 -38.16
C LEU M 108 47.01 -19.58 -39.24
N ARG M 109 45.72 -19.26 -39.16
CA ARG M 109 44.74 -19.72 -40.13
C ARG M 109 44.67 -18.75 -41.31
N GLY M 110 44.56 -19.30 -42.51
CA GLY M 110 44.48 -18.50 -43.71
C GLY M 110 43.12 -17.85 -43.92
N SER N 24 69.30 -9.45 -31.64
CA SER N 24 69.72 -8.07 -31.39
C SER N 24 68.52 -7.18 -31.07
N ILE N 25 67.80 -7.58 -30.05
CA ILE N 25 66.59 -6.89 -29.59
C ILE N 25 66.87 -6.39 -28.17
N PRO N 26 66.63 -5.10 -27.87
CA PRO N 26 66.15 -4.07 -28.80
C PRO N 26 67.26 -3.48 -29.66
N ASP N 27 66.98 -2.30 -30.23
CA ASP N 27 67.91 -1.57 -31.09
C ASP N 27 68.58 -0.42 -30.35
N GLY N 28 68.92 -0.62 -29.08
CA GLY N 28 69.36 0.49 -28.25
C GLY N 28 70.83 0.82 -28.33
N PHE N 29 71.50 0.84 -27.16
CA PHE N 29 72.85 1.42 -27.10
C PHE N 29 73.91 0.44 -27.59
N LYS N 30 74.13 -0.65 -26.86
CA LYS N 30 75.16 -1.63 -27.20
C LYS N 30 75.17 -2.81 -26.22
N LYS N 31 76.02 -3.79 -26.50
CA LYS N 31 76.27 -4.89 -25.58
C LYS N 31 77.43 -4.54 -24.64
N CYS N 32 77.46 -5.19 -23.48
CA CYS N 32 78.46 -4.89 -22.47
C CYS N 32 79.86 -5.25 -22.95
N LYS N 33 80.80 -4.32 -22.75
CA LYS N 33 82.20 -4.54 -23.08
C LYS N 33 83.10 -4.54 -21.85
N HIS N 34 82.54 -4.43 -20.65
CA HIS N 34 83.31 -4.30 -19.43
C HIS N 34 82.88 -5.37 -18.44
N LEU N 35 83.82 -5.76 -17.57
CA LEU N 35 83.55 -6.79 -16.58
C LEU N 35 84.57 -6.65 -15.45
N LYS N 36 84.12 -6.92 -14.23
CA LYS N 36 84.96 -6.80 -13.04
C LYS N 36 85.10 -8.16 -12.36
N ASN N 37 86.26 -8.37 -11.74
CA ASN N 37 86.53 -9.61 -11.03
C ASN N 37 85.88 -9.58 -9.65
N PHE N 38 85.32 -10.72 -9.25
CA PHE N 38 84.64 -10.84 -7.97
C PHE N 38 85.21 -12.01 -7.19
N PRO N 39 85.61 -11.80 -5.93
CA PRO N 39 86.13 -12.91 -5.12
C PRO N 39 84.99 -13.83 -4.68
N LEU N 40 85.11 -15.11 -5.02
CA LEU N 40 84.14 -16.12 -4.62
C LEU N 40 84.88 -17.41 -4.38
N ASN N 41 84.94 -17.86 -3.12
CA ASN N 41 85.70 -19.05 -2.76
C ASN N 41 84.85 -20.32 -2.81
N GLY N 42 83.69 -20.30 -2.17
CA GLY N 42 82.88 -21.50 -2.07
C GLY N 42 83.42 -22.45 -1.02
N ASP N 43 83.74 -21.91 0.16
CA ASP N 43 84.35 -22.70 1.21
C ASP N 43 83.40 -23.80 1.68
N ASN N 44 83.99 -24.89 2.18
CA ASN N 44 83.23 -26.04 2.66
C ASN N 44 82.41 -25.68 3.88
N LYS N 49 83.63 -19.49 9.75
CA LYS N 49 83.69 -20.77 9.05
C LYS N 49 83.03 -20.66 7.67
N GLN N 50 82.12 -19.71 7.53
CA GLN N 50 81.34 -19.54 6.31
C GLN N 50 81.59 -18.18 5.69
N GLN N 51 81.57 -18.14 4.37
CA GLN N 51 81.71 -16.90 3.61
C GLN N 51 80.54 -16.81 2.65
N GLN N 52 79.68 -15.79 2.84
CA GLN N 52 78.43 -15.71 2.11
C GLN N 52 78.25 -14.31 1.53
N VAL N 53 77.37 -14.21 0.54
CA VAL N 53 77.06 -12.96 -0.15
C VAL N 53 76.08 -12.14 0.69
N TRP N 54 75.87 -10.89 0.29
CA TRP N 54 74.83 -10.03 0.86
C TRP N 54 73.84 -9.65 -0.23
N LEU N 55 72.57 -9.52 0.15
CA LEU N 55 71.52 -9.07 -0.76
C LEU N 55 70.60 -8.12 0.02
N ILE N 56 70.82 -6.82 -0.15
CA ILE N 56 70.04 -5.81 0.55
C ILE N 56 69.48 -4.82 -0.46
N LYS N 57 68.40 -4.14 -0.06
CA LYS N 57 67.71 -3.17 -0.89
C LYS N 57 68.13 -1.75 -0.53
N PHE N 58 67.80 -0.81 -1.41
CA PHE N 58 68.02 0.61 -1.15
C PHE N 58 67.22 1.46 -2.15
N PRO N 59 66.48 2.46 -1.66
CA PRO N 59 65.73 3.34 -2.58
C PRO N 59 66.65 4.23 -3.42
N SER N 60 66.05 5.15 -4.18
CA SER N 60 66.84 5.96 -5.11
C SER N 60 67.58 7.09 -4.40
N ASN N 61 66.84 8.00 -3.77
CA ASN N 61 67.43 9.21 -3.17
C ASN N 61 68.05 8.87 -1.81
N VAL N 62 69.18 8.17 -1.87
CA VAL N 62 69.90 7.73 -0.68
C VAL N 62 71.36 8.09 -0.83
N ASP N 63 72.19 7.65 0.11
CA ASP N 63 73.62 7.95 0.19
C ASP N 63 74.47 6.83 -0.38
N ILE N 64 74.01 6.22 -1.48
CA ILE N 64 74.60 5.00 -2.04
C ILE N 64 76.11 5.10 -2.21
N SER N 65 76.65 6.30 -2.37
CA SER N 65 78.08 6.50 -2.58
C SER N 65 78.76 7.23 -1.43
N LYS N 66 78.11 8.20 -0.81
CA LYS N 66 78.70 8.96 0.28
C LYS N 66 78.55 8.27 1.63
N LEU N 67 77.95 7.08 1.67
CA LEU N 67 77.78 6.37 2.94
C LEU N 67 79.12 5.84 3.44
N LYS N 68 79.36 5.99 4.73
CA LYS N 68 80.60 5.53 5.37
C LYS N 68 80.45 4.21 6.08
N SER N 69 79.34 3.99 6.77
CA SER N 69 79.11 2.75 7.51
C SER N 69 77.62 2.56 7.71
N LEU N 70 77.24 1.30 7.98
CA LEU N 70 75.84 0.94 8.17
C LEU N 70 75.75 -0.12 9.26
N PRO N 71 74.83 0.05 10.21
CA PRO N 71 74.69 -0.95 11.29
C PRO N 71 73.76 -2.10 10.93
N VAL N 72 74.24 -3.33 11.11
CA VAL N 72 73.43 -4.52 10.91
C VAL N 72 73.48 -5.35 12.19
N ASP N 73 72.43 -6.14 12.39
CA ASP N 73 72.25 -6.84 13.65
C ASP N 73 71.29 -8.01 13.44
N PHE N 74 70.75 -8.54 14.53
CA PHE N 74 69.79 -9.63 14.51
C PHE N 74 68.45 -9.07 14.03
N GLU N 75 67.38 -9.86 14.18
CA GLU N 75 66.04 -9.51 13.69
C GLU N 75 65.69 -8.07 14.00
N SER N 76 64.86 -7.45 13.17
CA SER N 76 64.93 -6.02 12.93
C SER N 76 64.54 -5.19 14.14
N SER N 77 65.55 -4.80 14.94
CA SER N 77 65.43 -3.76 15.96
C SER N 77 66.70 -2.93 15.87
N THR N 78 66.70 -1.91 15.04
CA THR N 78 67.89 -1.11 14.76
C THR N 78 67.45 0.20 14.10
N THR N 79 68.42 0.98 13.64
CA THR N 79 68.15 2.26 13.00
C THR N 79 69.28 2.57 12.03
N MET N 80 69.27 3.79 11.49
CA MET N 80 70.31 4.25 10.58
C MET N 80 70.28 5.77 10.58
N THR N 81 71.44 6.39 10.81
CA THR N 81 71.54 7.83 11.04
C THR N 81 72.37 8.48 9.94
N ILE N 82 71.69 9.09 8.96
CA ILE N 82 72.32 9.90 7.93
C ILE N 82 71.49 11.17 7.75
N ASP N 83 71.81 11.96 6.72
CA ASP N 83 71.31 13.33 6.56
C ASP N 83 69.84 13.51 6.93
N LYS N 84 68.93 12.77 6.28
CA LYS N 84 67.51 12.95 6.55
C LYS N 84 66.99 12.05 7.66
N HIS N 85 67.65 10.91 7.91
CA HIS N 85 67.45 10.09 9.10
C HIS N 85 66.00 9.61 9.21
N ASP N 86 65.61 8.76 8.26
CA ASP N 86 64.36 8.00 8.35
C ASP N 86 64.60 6.66 7.66
N TYR N 87 65.00 5.65 8.42
CA TYR N 87 65.36 4.36 7.86
C TYR N 87 65.04 3.27 8.88
N LYS N 88 64.79 2.06 8.35
CA LYS N 88 64.58 0.88 9.18
C LYS N 88 64.83 -0.34 8.32
N ILE N 89 65.86 -1.11 8.65
CA ILE N 89 66.24 -2.28 7.87
C ILE N 89 65.35 -3.45 8.26
N MET N 90 64.67 -4.03 7.28
CA MET N 90 63.79 -5.16 7.50
C MET N 90 64.53 -6.48 7.25
N ASP N 91 64.13 -7.51 7.98
CA ASP N 91 64.75 -8.82 7.89
C ASP N 91 63.83 -9.80 7.16
N ASP N 92 64.43 -10.84 6.60
CA ASP N 92 63.70 -11.86 5.88
C ASP N 92 64.40 -13.20 6.08
N THR N 93 63.60 -14.26 6.15
CA THR N 93 64.11 -15.62 6.31
C THR N 93 63.84 -16.51 5.11
N ASP N 94 62.60 -16.50 4.61
CA ASP N 94 62.25 -17.30 3.45
C ASP N 94 61.92 -16.41 2.26
N ASN N 106 63.46 -19.17 -6.99
CA ASN N 106 63.58 -17.89 -6.28
C ASN N 106 64.36 -16.88 -7.13
N MET N 107 65.59 -16.60 -6.70
CA MET N 107 66.46 -15.64 -7.39
C MET N 107 67.87 -16.21 -7.43
N THR N 108 68.29 -16.69 -8.60
CA THR N 108 69.61 -17.29 -8.78
C THR N 108 70.58 -16.22 -9.27
N LEU N 109 71.53 -15.85 -8.42
CA LEU N 109 72.51 -14.83 -8.74
C LEU N 109 73.55 -15.38 -9.71
N LEU N 110 73.77 -14.68 -10.81
CA LEU N 110 74.82 -15.04 -11.76
C LEU N 110 76.13 -14.40 -11.33
N VAL N 111 77.22 -15.16 -11.47
CA VAL N 111 78.53 -14.71 -11.00
C VAL N 111 79.54 -14.71 -12.14
N PRO N 112 79.84 -13.58 -12.73
CA PRO N 112 80.80 -13.53 -13.85
C PRO N 112 82.26 -13.66 -13.41
N SER N 113 82.69 -14.91 -13.22
CA SER N 113 84.08 -15.15 -12.84
C SER N 113 85.03 -14.89 -14.00
N GLU N 114 84.58 -15.10 -15.22
CA GLU N 114 85.36 -14.79 -16.42
C GLU N 114 84.75 -13.60 -17.14
N SER N 115 85.36 -13.24 -18.27
CA SER N 115 84.96 -12.04 -19.01
C SER N 115 84.57 -12.30 -20.46
N LYS N 116 85.02 -13.40 -21.07
CA LYS N 116 84.75 -13.64 -22.48
C LYS N 116 83.27 -13.96 -22.75
N GLU N 117 82.52 -14.37 -21.73
CA GLU N 117 81.10 -14.63 -21.89
C GLU N 117 80.22 -13.94 -20.86
N SER N 118 80.80 -13.43 -19.76
CA SER N 118 80.26 -12.41 -18.86
C SER N 118 79.25 -12.90 -17.83
N LEU N 119 78.96 -14.19 -17.69
CA LEU N 119 78.05 -14.64 -16.65
C LEU N 119 78.16 -16.14 -16.44
N LYS N 120 78.32 -16.55 -15.19
CA LYS N 120 78.32 -17.96 -14.79
C LYS N 120 77.15 -18.21 -13.85
N ILE N 121 77.10 -19.42 -13.32
CA ILE N 121 76.07 -19.84 -12.37
C ILE N 121 76.69 -19.96 -10.99
N ALA N 122 75.95 -19.53 -9.97
CA ALA N 122 76.38 -19.68 -8.58
C ALA N 122 75.92 -21.04 -8.08
N SER N 123 76.87 -21.93 -7.82
CA SER N 123 76.56 -23.27 -7.35
C SER N 123 77.78 -23.85 -6.66
N THR N 124 77.52 -24.69 -5.66
CA THR N 124 78.58 -25.36 -4.91
C THR N 124 78.60 -26.87 -5.08
N ALA N 125 77.48 -27.49 -5.44
CA ALA N 125 77.42 -28.93 -5.62
C ALA N 125 76.88 -29.28 -7.00
N PRO N 130 71.05 -24.66 -8.29
CA PRO N 130 71.68 -23.34 -8.19
C PRO N 130 72.25 -23.07 -6.80
N LEU N 131 71.84 -21.95 -6.21
CA LEU N 131 72.29 -21.58 -4.87
C LEU N 131 71.29 -20.61 -4.28
N GLN N 132 70.64 -21.00 -3.19
CA GLN N 132 69.66 -20.16 -2.53
C GLN N 132 70.38 -19.14 -1.64
N PHE N 133 69.61 -18.41 -0.83
CA PHE N 133 70.19 -17.40 0.04
C PHE N 133 69.27 -17.21 1.25
N ASP N 134 69.86 -16.70 2.33
CA ASP N 134 69.18 -16.65 3.62
C ASP N 134 68.82 -15.24 4.08
N LYS N 135 69.77 -14.31 4.07
CA LYS N 135 69.61 -13.01 4.71
C LYS N 135 69.42 -11.92 3.65
N VAL N 136 68.17 -11.73 3.24
CA VAL N 136 67.81 -10.68 2.30
C VAL N 136 67.16 -9.54 3.08
N PHE N 137 67.75 -8.36 3.00
CA PHE N 137 67.27 -7.19 3.72
C PHE N 137 66.60 -6.21 2.76
N SER N 138 65.71 -5.38 3.32
CA SER N 138 65.02 -4.35 2.55
C SER N 138 64.95 -3.09 3.41
N VAL N 139 65.47 -1.99 2.88
CA VAL N 139 65.47 -0.72 3.61
C VAL N 139 64.09 -0.09 3.50
N SER N 140 63.53 0.28 4.66
CA SER N 140 62.20 0.87 4.74
C SER N 140 62.33 2.31 5.25
N GLU N 141 61.78 3.25 4.50
CA GLU N 141 61.79 4.66 4.88
C GLU N 141 60.68 4.88 5.89
N THR N 142 61.01 4.69 7.17
CA THR N 142 60.05 4.80 8.27
C THR N 142 60.28 6.13 8.96
N ALA N 143 59.52 7.15 8.54
CA ALA N 143 59.60 8.45 9.17
C ALA N 143 59.06 8.41 10.59
N LYS N 144 59.66 9.21 11.46
CA LYS N 144 59.22 9.26 12.86
C LYS N 144 57.80 9.81 12.95
N ILE N 145 56.98 9.16 13.77
CA ILE N 145 55.58 9.54 13.96
C ILE N 145 55.53 10.51 15.14
N PRO N 146 55.19 11.78 14.92
CA PRO N 146 55.09 12.73 16.05
C PRO N 146 53.92 12.40 16.97
N ALA N 147 54.13 11.86 18.15
CA ALA N 147 52.93 11.49 18.91
C ALA N 147 52.76 11.72 20.40
N ILE N 148 51.49 11.65 20.79
CA ILE N 148 51.01 11.72 22.16
C ILE N 148 50.75 13.03 22.93
N ASP N 149 50.70 14.22 22.35
CA ASP N 149 50.44 15.29 23.32
C ASP N 149 48.92 15.48 23.39
N TYR N 150 48.30 14.80 24.34
CA TYR N 150 46.86 14.91 24.56
C TYR N 150 46.56 15.91 25.68
N SER N 151 46.98 17.15 25.45
CA SER N 151 46.74 18.23 26.38
C SER N 151 46.11 19.46 25.73
N LYS N 152 46.50 19.78 24.49
CA LYS N 152 46.00 20.98 23.83
C LYS N 152 44.63 20.79 23.22
N VAL N 153 44.20 19.55 23.01
CA VAL N 153 42.90 19.28 22.39
C VAL N 153 41.83 18.88 23.40
N ARG N 154 42.22 18.37 24.57
CA ARG N 154 41.27 17.96 25.61
C ARG N 154 41.18 19.07 26.64
N VAL N 155 40.17 19.92 26.49
CA VAL N 155 39.89 21.00 27.44
C VAL N 155 38.46 20.79 27.94
N PRO N 156 38.17 21.07 29.21
CA PRO N 156 36.78 21.00 29.67
C PRO N 156 35.85 21.78 28.75
N ARG N 157 34.81 21.09 28.27
CA ARG N 157 33.97 21.63 27.22
C ARG N 157 33.27 22.91 27.67
N LYS N 158 33.03 23.80 26.71
CA LYS N 158 32.30 25.03 26.98
C LYS N 158 30.83 24.69 27.20
N ASP N 159 30.29 25.11 28.35
CA ASP N 159 28.91 24.77 28.69
C ASP N 159 27.94 25.52 27.80
N VAL N 160 27.92 26.85 27.91
CA VAL N 160 27.07 27.70 27.07
C VAL N 160 27.55 29.14 27.20
N PRO N 161 27.58 29.93 26.12
CA PRO N 161 27.87 31.36 26.24
C PRO N 161 26.61 32.13 26.62
N LYS N 162 26.59 32.64 27.85
CA LYS N 162 25.44 33.37 28.33
C LYS N 162 25.41 34.79 27.76
N VAL N 163 24.20 35.32 27.59
CA VAL N 163 24.03 36.66 27.05
C VAL N 163 24.54 37.68 28.05
N GLU N 164 24.98 38.84 27.55
CA GLU N 164 25.50 39.91 28.37
C GLU N 164 24.63 41.16 28.20
N GLY N 165 24.44 41.88 29.30
CA GLY N 165 23.69 43.12 29.27
C GLY N 165 22.21 42.93 28.98
N LEU N 166 21.50 42.27 29.89
CA LEU N 166 20.08 41.99 29.74
C LEU N 166 19.26 42.89 30.66
N LYS N 167 17.99 43.04 30.33
CA LYS N 167 17.08 43.88 31.08
C LYS N 167 15.68 43.24 31.04
N LEU N 168 14.68 43.99 31.50
CA LEU N 168 13.31 43.49 31.56
C LEU N 168 12.36 44.47 30.90
N GLU N 169 11.36 43.92 30.20
CA GLU N 169 10.30 44.70 29.57
C GLU N 169 9.09 43.79 29.53
N HIS N 170 8.12 44.04 30.40
CA HIS N 170 7.18 42.99 30.82
C HIS N 170 5.91 43.67 31.35
N PHE N 171 5.13 42.92 32.13
CA PHE N 171 3.79 43.31 32.58
C PHE N 171 3.78 44.64 33.33
N ALA N 172 2.57 45.10 33.69
CA ALA N 172 2.28 46.49 34.01
C ALA N 172 2.54 47.35 32.80
N THR N 173 1.79 47.08 31.72
CA THR N 173 1.94 47.75 30.43
C THR N 173 1.36 49.15 30.40
N GLY N 174 0.91 49.68 31.54
CA GLY N 174 0.39 51.04 31.57
C GLY N 174 1.43 52.04 31.99
N TYR N 175 2.60 51.54 32.38
CA TYR N 175 3.75 52.37 32.72
C TYR N 175 5.01 51.53 32.75
N ASP N 176 6.04 51.94 32.01
CA ASP N 176 7.28 51.17 31.95
C ASP N 176 8.16 51.43 33.17
N ALA N 177 8.48 52.70 33.42
CA ALA N 177 9.31 53.07 34.56
C ALA N 177 8.48 53.74 35.65
ZN ZN R . -4.86 -49.52 -33.66
ZN ZN S . -24.26 -0.95 -37.93
ZN ZN T . -31.12 -15.87 -32.59
ZN ZN U . 58.92 -29.23 -22.01
ZN ZN V . 2.71 42.51 17.24
ZN ZN W . 15.50 44.38 -29.45
#